data_1WGP
#
_entry.id   1WGP
#
_entity_poly.entity_id   1
_entity_poly.type   'polypeptide(L)'
_entity_poly.pdbx_seq_one_letter_code
;GSSGSSGVRRVPLFENMDERLLDAICERLKPCLFTEKSYLVREGDPVNEMLFIIRGRLESVTTDGGRSGFYNRSLLKEGD
FCGDELLTWALDPKSGSNLPSSTRTVKALTEVEAFALIADELKFVASQFRRSGPSSG
;
_entity_poly.pdbx_strand_id   A
#
# COMPACT_ATOMS: atom_id res chain seq x y z
N GLY A 1 8.52 19.10 -0.03
CA GLY A 1 9.59 18.26 -0.54
C GLY A 1 10.11 18.78 -1.88
N SER A 2 9.55 18.24 -2.95
CA SER A 2 9.94 18.64 -4.29
C SER A 2 8.75 18.50 -5.25
N SER A 3 8.24 17.28 -5.33
CA SER A 3 7.11 17.01 -6.20
C SER A 3 7.53 17.15 -7.66
N GLY A 4 7.84 16.01 -8.27
CA GLY A 4 8.26 16.00 -9.66
C GLY A 4 7.68 14.79 -10.40
N SER A 5 8.47 13.74 -10.45
CA SER A 5 8.05 12.51 -11.11
C SER A 5 7.56 11.50 -10.09
N SER A 6 6.31 11.10 -10.24
CA SER A 6 5.70 10.14 -9.34
C SER A 6 6.13 8.72 -9.72
N GLY A 7 6.24 7.88 -8.70
CA GLY A 7 6.64 6.49 -8.91
C GLY A 7 5.64 5.77 -9.81
N VAL A 8 5.17 4.63 -9.33
CA VAL A 8 4.23 3.82 -10.08
C VAL A 8 4.52 3.96 -11.57
N ARG A 9 5.79 3.89 -11.90
CA ARG A 9 6.22 4.01 -13.29
C ARG A 9 5.68 2.84 -14.11
N ARG A 10 6.11 1.64 -13.73
CA ARG A 10 5.67 0.43 -14.42
C ARG A 10 5.20 -0.61 -13.41
N VAL A 11 4.43 -0.15 -12.44
CA VAL A 11 3.90 -1.03 -11.41
C VAL A 11 2.71 -1.80 -11.97
N PRO A 12 2.65 -3.11 -11.60
CA PRO A 12 1.57 -3.97 -12.06
C PRO A 12 0.28 -3.67 -11.30
N LEU A 13 0.43 -3.28 -10.04
CA LEU A 13 -0.71 -2.96 -9.20
C LEU A 13 -1.72 -2.15 -10.01
N PHE A 14 -1.26 -1.00 -10.49
CA PHE A 14 -2.11 -0.13 -11.28
C PHE A 14 -2.17 -0.59 -12.74
N GLU A 15 -2.61 -1.84 -12.91
CA GLU A 15 -2.72 -2.41 -14.24
C GLU A 15 -4.12 -2.21 -14.80
N ASN A 16 -5.10 -2.52 -13.97
CA ASN A 16 -6.50 -2.37 -14.35
C ASN A 16 -6.94 -0.92 -14.13
N MET A 17 -6.36 -0.31 -13.11
CA MET A 17 -6.68 1.06 -12.77
C MET A 17 -6.55 1.96 -14.01
N ASP A 18 -7.31 3.05 -13.99
CA ASP A 18 -7.29 4.00 -15.10
C ASP A 18 -6.63 5.30 -14.63
N GLU A 19 -6.14 6.05 -15.59
CA GLU A 19 -5.49 7.32 -15.30
C GLU A 19 -6.34 8.14 -14.34
N ARG A 20 -7.59 8.36 -14.73
CA ARG A 20 -8.51 9.13 -13.92
C ARG A 20 -8.50 8.61 -12.48
N LEU A 21 -8.35 7.30 -12.36
CA LEU A 21 -8.32 6.67 -11.04
C LEU A 21 -6.98 6.98 -10.36
N LEU A 22 -5.97 7.14 -11.18
CA LEU A 22 -4.64 7.43 -10.68
C LEU A 22 -4.62 8.85 -10.07
N ASP A 23 -4.91 9.82 -10.92
CA ASP A 23 -4.93 11.21 -10.50
C ASP A 23 -5.77 11.31 -9.21
N ALA A 24 -6.96 10.75 -9.27
CA ALA A 24 -7.86 10.77 -8.13
C ALA A 24 -7.14 10.25 -6.89
N ILE A 25 -6.56 9.06 -7.05
CA ILE A 25 -5.83 8.44 -5.96
C ILE A 25 -4.63 9.32 -5.57
N CYS A 26 -4.05 9.93 -6.58
CA CYS A 26 -2.90 10.80 -6.37
C CYS A 26 -3.36 12.00 -5.54
N GLU A 27 -4.46 12.60 -5.97
CA GLU A 27 -5.01 13.75 -5.30
C GLU A 27 -5.26 13.42 -3.82
N ARG A 28 -5.39 12.13 -3.55
CA ARG A 28 -5.62 11.66 -2.19
C ARG A 28 -4.33 11.70 -1.38
N LEU A 29 -3.22 11.46 -2.07
CA LEU A 29 -1.92 11.47 -1.43
C LEU A 29 -1.84 12.64 -0.45
N LYS A 30 -1.46 12.32 0.78
CA LYS A 30 -1.34 13.34 1.81
C LYS A 30 0.13 13.50 2.19
N PRO A 31 0.47 14.73 2.67
CA PRO A 31 1.83 15.03 3.07
C PRO A 31 2.16 14.37 4.41
N CYS A 32 3.01 13.36 4.35
CA CYS A 32 3.42 12.65 5.54
C CYS A 32 4.78 12.00 5.28
N LEU A 33 5.51 11.76 6.36
CA LEU A 33 6.82 11.15 6.26
C LEU A 33 7.02 10.16 7.42
N PHE A 34 7.86 9.17 7.19
CA PHE A 34 8.14 8.16 8.19
C PHE A 34 9.52 8.39 8.83
N THR A 35 9.57 8.20 10.14
CA THR A 35 10.80 8.39 10.87
C THR A 35 11.25 7.07 11.51
N GLU A 36 12.27 7.16 12.35
CA GLU A 36 12.80 5.98 13.01
C GLU A 36 11.73 5.36 13.91
N LYS A 37 11.63 4.04 13.85
CA LYS A 37 10.66 3.32 14.65
C LYS A 37 9.26 3.60 14.11
N SER A 38 9.18 3.73 12.80
CA SER A 38 7.91 4.00 12.15
C SER A 38 7.41 2.72 11.44
N TYR A 39 6.29 2.22 11.92
CA TYR A 39 5.71 1.02 11.35
C TYR A 39 4.70 1.37 10.27
N LEU A 40 4.97 0.88 9.06
CA LEU A 40 4.09 1.14 7.93
C LEU A 40 2.97 0.10 7.91
N VAL A 41 3.38 -1.16 7.85
CA VAL A 41 2.42 -2.26 7.83
C VAL A 41 2.81 -3.29 8.89
N ARG A 42 1.80 -3.97 9.41
CA ARG A 42 2.03 -4.98 10.42
C ARG A 42 1.31 -6.28 10.04
N GLU A 43 2.06 -7.37 10.07
CA GLU A 43 1.52 -8.68 9.73
C GLU A 43 0.56 -9.14 10.82
N GLY A 44 -0.66 -9.47 10.39
CA GLY A 44 -1.66 -9.94 11.33
C GLY A 44 -2.63 -8.81 11.70
N ASP A 45 -2.10 -7.60 11.70
CA ASP A 45 -2.89 -6.43 12.04
C ASP A 45 -3.56 -5.90 10.77
N PRO A 46 -4.66 -5.12 10.99
CA PRO A 46 -5.40 -4.54 9.88
C PRO A 46 -4.64 -3.36 9.27
N VAL A 47 -5.10 -2.94 8.11
CA VAL A 47 -4.48 -1.83 7.41
C VAL A 47 -5.48 -0.68 7.29
N ASN A 48 -5.09 0.46 7.85
CA ASN A 48 -5.95 1.64 7.82
C ASN A 48 -5.64 2.44 6.55
N GLU A 49 -4.36 2.56 6.25
CA GLU A 49 -3.93 3.29 5.07
C GLU A 49 -2.69 2.63 4.45
N MET A 50 -2.55 2.85 3.15
CA MET A 50 -1.41 2.28 2.43
C MET A 50 -0.31 3.32 2.24
N LEU A 51 0.92 2.83 2.18
CA LEU A 51 2.06 3.71 1.99
C LEU A 51 2.79 3.32 0.70
N PHE A 52 2.86 4.29 -0.20
CA PHE A 52 3.51 4.07 -1.48
C PHE A 52 4.94 4.59 -1.46
N ILE A 53 5.88 3.66 -1.37
CA ILE A 53 7.29 4.01 -1.33
C ILE A 53 7.64 4.80 -2.60
N ILE A 54 8.08 6.03 -2.39
CA ILE A 54 8.45 6.90 -3.49
C ILE A 54 9.97 6.83 -3.70
N ARG A 55 10.69 7.00 -2.59
CA ARG A 55 12.14 6.96 -2.64
C ARG A 55 12.71 6.92 -1.21
N GLY A 56 13.26 5.75 -0.87
CA GLY A 56 13.83 5.56 0.45
C GLY A 56 14.24 4.11 0.66
N ARG A 57 14.31 3.73 1.93
CA ARG A 57 14.70 2.36 2.28
C ARG A 57 13.83 1.87 3.45
N LEU A 58 13.79 0.55 3.59
CA LEU A 58 13.02 -0.07 4.65
C LEU A 58 13.52 -1.50 4.88
N GLU A 59 13.02 -2.11 5.93
CA GLU A 59 13.40 -3.47 6.27
C GLU A 59 12.17 -4.35 6.46
N SER A 60 12.18 -5.50 5.81
CA SER A 60 11.07 -6.43 5.89
C SER A 60 11.39 -7.53 6.89
N VAL A 61 10.44 -7.77 7.79
CA VAL A 61 10.61 -8.79 8.81
C VAL A 61 9.31 -9.60 8.93
N THR A 62 9.48 -10.89 9.19
CA THR A 62 8.33 -11.78 9.34
C THR A 62 8.36 -12.44 10.71
N THR A 63 7.20 -12.96 11.10
CA THR A 63 7.06 -13.64 12.37
C THR A 63 6.57 -15.07 12.18
N ASP A 64 5.49 -15.19 11.43
CA ASP A 64 4.90 -16.49 11.16
C ASP A 64 5.78 -17.24 10.15
N GLY A 65 5.94 -18.53 10.41
CA GLY A 65 6.75 -19.37 9.55
C GLY A 65 8.25 -19.12 9.80
N GLY A 66 8.96 -18.85 8.71
CA GLY A 66 10.39 -18.60 8.80
C GLY A 66 11.18 -19.88 8.51
N ARG A 67 12.50 -19.76 8.66
CA ARG A 67 13.38 -20.89 8.43
C ARG A 67 14.79 -20.57 8.94
N SER A 68 15.39 -21.57 9.58
CA SER A 68 16.72 -21.41 10.11
C SER A 68 16.79 -20.17 11.02
N GLY A 69 16.59 -20.41 12.30
CA GLY A 69 16.63 -19.32 13.27
C GLY A 69 15.21 -18.78 13.53
N PHE A 70 15.12 -17.46 13.57
CA PHE A 70 13.84 -16.81 13.81
C PHE A 70 13.79 -15.43 13.14
N TYR A 71 12.58 -15.01 12.81
CA TYR A 71 12.38 -13.73 12.17
C TYR A 71 13.34 -13.55 10.99
N ASN A 72 12.82 -13.82 9.80
CA ASN A 72 13.61 -13.69 8.58
C ASN A 72 13.67 -12.22 8.17
N ARG A 73 14.83 -11.63 8.37
CA ARG A 73 15.03 -10.23 8.02
C ARG A 73 15.40 -10.11 6.53
N SER A 74 14.92 -9.02 5.94
CA SER A 74 15.18 -8.78 4.53
C SER A 74 15.02 -7.28 4.22
N LEU A 75 15.39 -6.91 3.01
CA LEU A 75 15.30 -5.53 2.58
C LEU A 75 14.45 -5.44 1.32
N LEU A 76 13.84 -4.28 1.12
CA LEU A 76 12.99 -4.07 -0.04
C LEU A 76 13.71 -3.12 -1.02
N LYS A 77 13.43 -3.32 -2.29
CA LYS A 77 14.04 -2.49 -3.33
C LYS A 77 13.23 -1.20 -3.47
N GLU A 78 13.59 -0.43 -4.49
CA GLU A 78 12.92 0.82 -4.76
C GLU A 78 11.58 0.56 -5.47
N GLY A 79 10.55 1.28 -5.03
CA GLY A 79 9.23 1.14 -5.61
C GLY A 79 8.46 -0.01 -4.95
N ASP A 80 9.04 -0.52 -3.87
CA ASP A 80 8.42 -1.61 -3.14
C ASP A 80 7.21 -1.07 -2.35
N PHE A 81 6.09 -1.76 -2.51
CA PHE A 81 4.87 -1.37 -1.83
C PHE A 81 4.48 -2.40 -0.77
N CYS A 82 3.93 -1.90 0.33
CA CYS A 82 3.51 -2.76 1.42
C CYS A 82 1.98 -2.70 1.51
N GLY A 83 1.43 -3.61 2.30
CA GLY A 83 -0.01 -3.67 2.48
C GLY A 83 -0.75 -3.44 1.17
N ASP A 84 -0.12 -3.90 0.09
CA ASP A 84 -0.71 -3.75 -1.23
C ASP A 84 -2.10 -4.39 -1.25
N GLU A 85 -2.29 -5.32 -0.33
CA GLU A 85 -3.57 -6.01 -0.23
C GLU A 85 -4.71 -5.00 -0.16
N LEU A 86 -4.41 -3.85 0.43
CA LEU A 86 -5.40 -2.80 0.57
C LEU A 86 -5.91 -2.40 -0.82
N LEU A 87 -4.98 -2.19 -1.71
CA LEU A 87 -5.32 -1.79 -3.08
C LEU A 87 -6.43 -2.72 -3.60
N THR A 88 -6.19 -4.01 -3.47
CA THR A 88 -7.15 -5.00 -3.92
C THR A 88 -8.42 -4.94 -3.07
N TRP A 89 -8.21 -4.80 -1.76
CA TRP A 89 -9.33 -4.73 -0.83
C TRP A 89 -10.36 -3.75 -1.40
N ALA A 90 -9.89 -2.52 -1.61
CA ALA A 90 -10.75 -1.48 -2.14
C ALA A 90 -11.32 -1.93 -3.48
N LEU A 91 -10.47 -2.57 -4.27
CA LEU A 91 -10.88 -3.07 -5.57
C LEU A 91 -11.88 -4.21 -5.40
N ASP A 92 -11.94 -4.71 -4.17
CA ASP A 92 -12.84 -5.80 -3.85
C ASP A 92 -13.84 -5.34 -2.79
N PRO A 93 -15.04 -4.93 -3.27
CA PRO A 93 -16.09 -4.47 -2.37
C PRO A 93 -16.75 -5.63 -1.65
N LYS A 94 -16.83 -6.76 -2.34
CA LYS A 94 -17.42 -7.96 -1.77
C LYS A 94 -16.74 -8.29 -0.45
N SER A 95 -15.43 -8.04 -0.41
CA SER A 95 -14.66 -8.30 0.78
C SER A 95 -14.95 -7.24 1.84
N GLY A 96 -15.92 -7.54 2.69
CA GLY A 96 -16.31 -6.61 3.74
C GLY A 96 -16.08 -7.23 5.12
N SER A 97 -14.88 -7.78 5.29
CA SER A 97 -14.53 -8.42 6.56
C SER A 97 -13.42 -7.61 7.24
N ASN A 98 -13.77 -6.39 7.63
CA ASN A 98 -12.82 -5.52 8.30
C ASN A 98 -11.65 -5.23 7.36
N LEU A 99 -10.82 -4.28 7.77
CA LEU A 99 -9.67 -3.90 6.97
C LEU A 99 -8.85 -5.15 6.64
N PRO A 100 -8.04 -5.03 5.54
CA PRO A 100 -7.21 -6.14 5.11
C PRO A 100 -5.99 -6.32 6.03
N SER A 101 -5.15 -7.27 5.67
CA SER A 101 -3.96 -7.53 6.45
C SER A 101 -2.71 -7.36 5.58
N SER A 102 -1.58 -7.15 6.25
CA SER A 102 -0.33 -6.97 5.54
C SER A 102 0.30 -8.33 5.24
N THR A 103 1.26 -8.32 4.33
CA THR A 103 1.95 -9.53 3.94
C THR A 103 3.16 -9.77 4.84
N ARG A 104 3.72 -8.67 5.33
CA ARG A 104 4.87 -8.74 6.20
C ARG A 104 4.97 -7.48 7.07
N THR A 105 5.93 -7.49 7.98
CA THR A 105 6.14 -6.37 8.86
C THR A 105 7.34 -5.54 8.41
N VAL A 106 7.05 -4.32 7.98
CA VAL A 106 8.08 -3.42 7.52
C VAL A 106 8.22 -2.26 8.51
N LYS A 107 9.44 -1.74 8.60
CA LYS A 107 9.72 -0.63 9.50
C LYS A 107 10.61 0.38 8.78
N ALA A 108 10.81 1.53 9.43
CA ALA A 108 11.63 2.57 8.87
C ALA A 108 12.91 2.71 9.70
N LEU A 109 14.03 2.34 9.09
CA LEU A 109 15.31 2.42 9.76
C LEU A 109 15.99 3.74 9.41
N THR A 110 15.61 4.28 8.26
CA THR A 110 16.18 5.54 7.79
C THR A 110 15.07 6.45 7.25
N GLU A 111 15.42 7.72 7.10
CA GLU A 111 14.47 8.70 6.60
C GLU A 111 13.86 8.23 5.28
N VAL A 112 12.56 7.96 5.32
CA VAL A 112 11.85 7.50 4.15
C VAL A 112 11.00 8.64 3.58
N GLU A 113 10.78 8.59 2.28
CA GLU A 113 9.98 9.61 1.61
C GLU A 113 8.89 8.96 0.77
N ALA A 114 7.66 9.09 1.26
CA ALA A 114 6.52 8.52 0.56
C ALA A 114 5.24 9.19 1.05
N PHE A 115 4.14 8.84 0.41
CA PHE A 115 2.84 9.40 0.77
C PHE A 115 1.94 8.34 1.41
N ALA A 116 0.81 8.81 1.91
CA ALA A 116 -0.14 7.91 2.55
C ALA A 116 -1.41 7.81 1.69
N LEU A 117 -2.13 6.72 1.88
CA LEU A 117 -3.36 6.50 1.14
C LEU A 117 -4.36 5.77 2.03
N ILE A 118 -5.52 6.40 2.19
CA ILE A 118 -6.58 5.82 3.02
C ILE A 118 -7.44 4.91 2.15
N ALA A 119 -7.88 3.81 2.76
CA ALA A 119 -8.71 2.85 2.06
C ALA A 119 -10.03 3.50 1.68
N ASP A 120 -10.65 4.14 2.68
CA ASP A 120 -11.92 4.81 2.47
C ASP A 120 -11.88 5.53 1.12
N GLU A 121 -11.08 6.58 1.07
CA GLU A 121 -10.96 7.37 -0.15
C GLU A 121 -10.70 6.45 -1.35
N LEU A 122 -9.92 5.40 -1.10
CA LEU A 122 -9.59 4.45 -2.15
C LEU A 122 -10.87 3.75 -2.62
N LYS A 123 -11.41 2.92 -1.73
CA LYS A 123 -12.62 2.19 -2.04
C LYS A 123 -13.62 3.12 -2.74
N PHE A 124 -13.79 4.30 -2.15
CA PHE A 124 -14.70 5.28 -2.70
C PHE A 124 -14.44 5.50 -4.19
N VAL A 125 -13.23 5.96 -4.49
CA VAL A 125 -12.84 6.21 -5.86
C VAL A 125 -12.84 4.88 -6.64
N ALA A 126 -12.61 3.80 -5.90
CA ALA A 126 -12.58 2.48 -6.50
C ALA A 126 -13.98 2.12 -7.00
N SER A 127 -14.91 2.08 -6.06
CA SER A 127 -16.29 1.76 -6.37
C SER A 127 -16.84 2.75 -7.41
N GLN A 128 -16.71 4.03 -7.08
CA GLN A 128 -17.18 5.08 -7.97
C GLN A 128 -16.91 4.71 -9.42
N PHE A 129 -15.69 4.26 -9.67
CA PHE A 129 -15.29 3.87 -11.01
C PHE A 129 -15.89 2.52 -11.40
N ARG A 130 -15.62 1.52 -10.56
CA ARG A 130 -16.13 0.18 -10.80
C ARG A 130 -16.04 -0.16 -12.29
N ARG A 131 -14.87 -0.68 -12.66
CA ARG A 131 -14.63 -1.05 -14.05
C ARG A 131 -14.03 -2.45 -14.12
N SER A 132 -14.91 -3.43 -14.32
CA SER A 132 -14.49 -4.81 -14.40
C SER A 132 -15.29 -5.54 -15.48
N GLY A 133 -16.60 -5.50 -15.32
CA GLY A 133 -17.50 -6.15 -16.26
C GLY A 133 -17.53 -7.66 -16.05
N PRO A 134 -18.24 -8.37 -16.96
CA PRO A 134 -18.35 -9.82 -16.87
C PRO A 134 -17.05 -10.50 -17.32
N SER A 135 -15.97 -10.13 -16.64
CA SER A 135 -14.67 -10.69 -16.95
C SER A 135 -14.52 -10.85 -18.47
N SER A 136 -14.05 -9.77 -19.10
CA SER A 136 -13.86 -9.78 -20.54
C SER A 136 -12.36 -9.81 -20.87
N GLY A 137 -12.01 -10.70 -21.79
CA GLY A 137 -10.62 -10.84 -22.19
C GLY A 137 -10.29 -12.30 -22.50
N GLY A 1 6.22 20.40 -5.98
CA GLY A 1 6.76 19.31 -6.77
C GLY A 1 5.84 18.99 -7.96
N SER A 2 6.43 19.02 -9.14
CA SER A 2 5.68 18.74 -10.36
C SER A 2 6.63 18.67 -11.56
N SER A 3 7.29 17.53 -11.69
CA SER A 3 8.22 17.32 -12.77
C SER A 3 8.43 15.82 -13.01
N GLY A 4 8.88 15.15 -11.96
CA GLY A 4 9.12 13.71 -12.04
C GLY A 4 9.04 13.06 -10.66
N SER A 5 8.45 11.87 -10.62
CA SER A 5 8.32 11.14 -9.38
C SER A 5 9.21 9.90 -9.40
N SER A 6 8.94 9.04 -10.38
CA SER A 6 9.71 7.81 -10.53
C SER A 6 9.40 6.86 -9.36
N GLY A 7 9.27 5.59 -9.70
CA GLY A 7 8.97 4.58 -8.69
C GLY A 7 8.03 3.51 -9.26
N VAL A 8 6.82 3.94 -9.57
CA VAL A 8 5.82 3.04 -10.11
C VAL A 8 6.19 2.67 -11.55
N ARG A 9 7.14 1.75 -11.68
CA ARG A 9 7.58 1.32 -12.99
C ARG A 9 6.65 0.23 -13.53
N ARG A 10 5.47 0.67 -13.95
CA ARG A 10 4.48 -0.24 -14.49
C ARG A 10 4.28 -1.43 -13.54
N VAL A 11 3.80 -1.12 -12.34
CA VAL A 11 3.56 -2.15 -11.34
C VAL A 11 2.28 -2.91 -11.71
N PRO A 12 2.17 -4.14 -11.14
CA PRO A 12 1.01 -4.99 -11.39
C PRO A 12 -0.21 -4.47 -10.61
N LEU A 13 0.04 -3.51 -9.75
CA LEU A 13 -1.02 -2.93 -8.94
C LEU A 13 -1.99 -2.16 -9.84
N PHE A 14 -1.45 -1.13 -10.48
CA PHE A 14 -2.25 -0.32 -11.38
C PHE A 14 -2.34 -0.95 -12.77
N GLU A 15 -2.79 -2.19 -12.79
CA GLU A 15 -2.93 -2.92 -14.04
C GLU A 15 -4.16 -2.43 -14.80
N ASN A 16 -5.28 -2.44 -14.12
CA ASN A 16 -6.54 -1.99 -14.72
C ASN A 16 -6.85 -0.57 -14.25
N MET A 17 -5.83 0.08 -13.72
CA MET A 17 -5.98 1.45 -13.23
C MET A 17 -5.99 2.45 -14.39
N ASP A 18 -6.87 3.44 -14.26
CA ASP A 18 -6.99 4.45 -15.29
C ASP A 18 -6.44 5.78 -14.75
N GLU A 19 -5.95 6.60 -15.67
CA GLU A 19 -5.39 7.89 -15.30
C GLU A 19 -6.32 8.60 -14.32
N ARG A 20 -7.61 8.58 -14.64
CA ARG A 20 -8.61 9.22 -13.80
C ARG A 20 -8.51 8.70 -12.38
N LEU A 21 -8.16 7.42 -12.27
CA LEU A 21 -8.03 6.79 -10.96
C LEU A 21 -6.68 7.17 -10.35
N LEU A 22 -5.72 7.42 -11.23
CA LEU A 22 -4.38 7.79 -10.79
C LEU A 22 -4.42 9.18 -10.15
N ASP A 23 -4.90 10.15 -10.92
CA ASP A 23 -5.00 11.51 -10.45
C ASP A 23 -5.81 11.54 -9.15
N ALA A 24 -7.00 10.95 -9.22
CA ALA A 24 -7.87 10.90 -8.06
C ALA A 24 -7.11 10.33 -6.87
N ILE A 25 -6.67 9.10 -7.01
CA ILE A 25 -5.93 8.43 -5.96
C ILE A 25 -4.73 9.29 -5.57
N CYS A 26 -4.16 9.96 -6.57
CA CYS A 26 -3.01 10.81 -6.35
C CYS A 26 -3.45 11.98 -5.46
N GLU A 27 -4.61 12.53 -5.80
CA GLU A 27 -5.14 13.65 -5.05
C GLU A 27 -5.36 13.26 -3.59
N ARG A 28 -5.40 11.95 -3.37
CA ARG A 28 -5.60 11.44 -2.02
C ARG A 28 -4.28 11.42 -1.25
N LEU A 29 -3.21 11.15 -1.99
CA LEU A 29 -1.89 11.10 -1.40
C LEU A 29 -1.72 12.27 -0.43
N LYS A 30 -1.43 11.94 0.81
CA LYS A 30 -1.25 12.96 1.84
C LYS A 30 0.25 13.08 2.16
N PRO A 31 0.63 14.29 2.64
CA PRO A 31 2.01 14.56 2.99
C PRO A 31 2.38 13.88 4.31
N CYS A 32 3.21 12.85 4.19
CA CYS A 32 3.65 12.10 5.37
C CYS A 32 5.07 11.58 5.11
N LEU A 33 5.77 11.30 6.20
CA LEU A 33 7.13 10.79 6.10
C LEU A 33 7.34 9.71 7.17
N PHE A 34 8.27 8.81 6.86
CA PHE A 34 8.57 7.73 7.78
C PHE A 34 9.92 7.96 8.47
N THR A 35 9.85 8.21 9.77
CA THR A 35 11.04 8.45 10.55
C THR A 35 11.56 7.14 11.16
N GLU A 36 12.50 7.28 12.08
CA GLU A 36 13.08 6.12 12.74
C GLU A 36 12.08 5.51 13.71
N LYS A 37 12.05 4.18 13.73
CA LYS A 37 11.15 3.46 14.61
C LYS A 37 9.70 3.68 14.15
N SER A 38 9.56 3.94 12.86
CA SER A 38 8.25 4.16 12.27
C SER A 38 7.79 2.91 11.52
N TYR A 39 6.69 2.35 12.00
CA TYR A 39 6.12 1.16 11.39
C TYR A 39 5.09 1.52 10.32
N LEU A 40 5.29 0.98 9.14
CA LEU A 40 4.39 1.23 8.02
C LEU A 40 3.25 0.21 8.06
N VAL A 41 3.65 -1.05 8.14
CA VAL A 41 2.67 -2.14 8.17
C VAL A 41 3.09 -3.15 9.23
N ARG A 42 2.11 -3.92 9.70
CA ARG A 42 2.36 -4.93 10.71
C ARG A 42 1.70 -6.25 10.31
N GLU A 43 2.24 -7.33 10.86
CA GLU A 43 1.72 -8.66 10.56
C GLU A 43 0.71 -9.08 11.64
N GLY A 44 -0.55 -9.02 11.27
CA GLY A 44 -1.62 -9.39 12.18
C GLY A 44 -2.60 -8.23 12.39
N ASP A 45 -2.07 -7.02 12.21
CA ASP A 45 -2.89 -5.83 12.36
C ASP A 45 -3.52 -5.47 11.03
N PRO A 46 -4.66 -4.72 11.10
CA PRO A 46 -5.37 -4.31 9.91
C PRO A 46 -4.63 -3.16 9.21
N VAL A 47 -5.06 -2.89 7.98
CA VAL A 47 -4.45 -1.83 7.19
C VAL A 47 -5.45 -0.69 7.03
N ASN A 48 -5.22 0.37 7.79
CA ASN A 48 -6.09 1.53 7.75
C ASN A 48 -5.80 2.33 6.47
N GLU A 49 -4.53 2.50 6.19
CA GLU A 49 -4.11 3.23 5.00
C GLU A 49 -2.90 2.56 4.36
N MET A 50 -2.81 2.71 3.05
CA MET A 50 -1.71 2.12 2.30
C MET A 50 -0.57 3.12 2.10
N LEU A 51 0.65 2.62 2.19
CA LEU A 51 1.82 3.45 2.02
C LEU A 51 2.51 3.10 0.70
N PHE A 52 2.81 4.15 -0.06
CA PHE A 52 3.47 3.97 -1.34
C PHE A 52 4.91 4.51 -1.31
N ILE A 53 5.84 3.58 -1.17
CA ILE A 53 7.25 3.95 -1.13
C ILE A 53 7.63 4.66 -2.43
N ILE A 54 7.99 5.93 -2.29
CA ILE A 54 8.38 6.73 -3.43
C ILE A 54 9.89 6.61 -3.65
N ARG A 55 10.62 6.69 -2.54
CA ARG A 55 12.06 6.59 -2.60
C ARG A 55 12.65 6.59 -1.19
N GLY A 56 13.33 5.51 -0.86
CA GLY A 56 13.94 5.38 0.46
C GLY A 56 14.36 3.93 0.73
N ARG A 57 14.59 3.64 2.00
CA ARG A 57 14.99 2.30 2.40
C ARG A 57 14.13 1.82 3.57
N LEU A 58 14.03 0.50 3.70
CA LEU A 58 13.25 -0.10 4.75
C LEU A 58 13.73 -1.53 4.99
N GLU A 59 13.21 -2.13 6.06
CA GLU A 59 13.58 -3.48 6.41
C GLU A 59 12.33 -4.36 6.54
N SER A 60 12.36 -5.49 5.85
CA SER A 60 11.24 -6.42 5.88
C SER A 60 11.49 -7.50 6.94
N VAL A 61 10.53 -7.63 7.83
CA VAL A 61 10.62 -8.62 8.90
C VAL A 61 9.30 -9.38 9.00
N THR A 62 9.41 -10.67 9.29
CA THR A 62 8.24 -11.51 9.42
C THR A 62 8.52 -12.67 10.39
N THR A 63 7.47 -13.10 11.07
CA THR A 63 7.58 -14.19 12.02
C THR A 63 6.25 -14.94 12.15
N ASP A 64 6.13 -15.99 11.36
CA ASP A 64 4.92 -16.80 11.37
C ASP A 64 4.88 -17.65 12.65
N GLY A 65 3.69 -17.77 13.19
CA GLY A 65 3.50 -18.55 14.41
C GLY A 65 3.91 -20.01 14.20
N GLY A 66 3.55 -20.84 15.17
CA GLY A 66 3.88 -22.25 15.11
C GLY A 66 5.14 -22.57 15.91
N ARG A 67 6.25 -22.08 15.40
CA ARG A 67 7.54 -22.30 16.05
C ARG A 67 8.37 -21.02 16.03
N SER A 68 8.12 -20.17 17.03
CA SER A 68 8.84 -18.91 17.14
C SER A 68 10.34 -19.17 17.23
N GLY A 69 11.10 -18.34 16.54
CA GLY A 69 12.55 -18.47 16.54
C GLY A 69 13.14 -18.07 15.18
N PHE A 70 14.34 -17.51 15.22
CA PHE A 70 15.01 -17.08 14.02
C PHE A 70 14.09 -16.23 13.15
N TYR A 71 14.27 -14.92 13.25
CA TYR A 71 13.47 -13.98 12.48
C TYR A 71 14.01 -13.83 11.07
N ASN A 72 13.09 -13.76 10.11
CA ASN A 72 13.47 -13.61 8.71
C ASN A 72 13.47 -12.13 8.34
N ARG A 73 14.67 -11.57 8.30
CA ARG A 73 14.82 -10.16 7.97
C ARG A 73 15.14 -10.00 6.49
N SER A 74 14.75 -8.85 5.95
CA SER A 74 14.99 -8.56 4.54
C SER A 74 15.00 -7.05 4.32
N LEU A 75 15.36 -6.67 3.10
CA LEU A 75 15.41 -5.26 2.74
C LEU A 75 14.63 -5.05 1.44
N LEU A 76 14.20 -3.80 1.24
CA LEU A 76 13.44 -3.45 0.06
C LEU A 76 14.16 -2.31 -0.68
N LYS A 77 13.75 -2.10 -1.92
CA LYS A 77 14.34 -1.05 -2.73
C LYS A 77 13.22 -0.12 -3.23
N GLU A 78 13.61 0.79 -4.11
CA GLU A 78 12.68 1.75 -4.66
C GLU A 78 11.78 1.08 -5.70
N GLY A 79 10.49 1.07 -5.40
CA GLY A 79 9.51 0.46 -6.29
C GLY A 79 8.65 -0.55 -5.54
N ASP A 80 9.16 -0.99 -4.40
CA ASP A 80 8.44 -1.95 -3.59
C ASP A 80 7.44 -1.22 -2.69
N PHE A 81 6.23 -1.76 -2.63
CA PHE A 81 5.18 -1.17 -1.82
C PHE A 81 4.79 -2.09 -0.66
N CYS A 82 4.00 -1.54 0.24
CA CYS A 82 3.56 -2.30 1.41
C CYS A 82 2.03 -2.20 1.48
N GLY A 83 1.46 -3.09 2.29
CA GLY A 83 0.02 -3.11 2.46
C GLY A 83 -0.70 -2.91 1.13
N ASP A 84 -0.30 -3.71 0.15
CA ASP A 84 -0.89 -3.63 -1.18
C ASP A 84 -2.30 -4.23 -1.13
N GLU A 85 -2.44 -5.28 -0.35
CA GLU A 85 -3.73 -5.94 -0.21
C GLU A 85 -4.85 -4.91 -0.13
N LEU A 86 -4.53 -3.79 0.52
CA LEU A 86 -5.51 -2.72 0.67
C LEU A 86 -6.07 -2.34 -0.71
N LEU A 87 -5.15 -2.16 -1.65
CA LEU A 87 -5.54 -1.79 -3.00
C LEU A 87 -6.64 -2.73 -3.48
N THR A 88 -6.34 -4.02 -3.42
CA THR A 88 -7.29 -5.03 -3.85
C THR A 88 -8.54 -5.00 -2.96
N TRP A 89 -8.30 -4.85 -1.66
CA TRP A 89 -9.38 -4.80 -0.70
C TRP A 89 -10.44 -3.83 -1.23
N ALA A 90 -9.99 -2.61 -1.50
CA ALA A 90 -10.87 -1.58 -2.01
C ALA A 90 -11.46 -2.02 -3.35
N LEU A 91 -10.62 -2.68 -4.14
CA LEU A 91 -11.03 -3.16 -5.45
C LEU A 91 -11.93 -4.39 -5.26
N ASP A 92 -12.06 -4.81 -4.02
CA ASP A 92 -12.89 -5.96 -3.70
C ASP A 92 -13.86 -5.59 -2.58
N PRO A 93 -15.05 -5.07 -3.00
CA PRO A 93 -16.07 -4.68 -2.05
C PRO A 93 -16.78 -5.90 -1.46
N LYS A 94 -16.81 -6.97 -2.26
CA LYS A 94 -17.44 -8.20 -1.82
C LYS A 94 -16.82 -8.66 -0.50
N SER A 95 -15.53 -8.40 -0.38
CA SER A 95 -14.80 -8.77 0.82
C SER A 95 -15.67 -8.54 2.06
N GLY A 96 -15.89 -7.28 2.36
CA GLY A 96 -16.70 -6.90 3.51
C GLY A 96 -15.88 -6.95 4.80
N SER A 97 -15.19 -8.07 4.99
CA SER A 97 -14.37 -8.25 6.17
C SER A 97 -13.65 -6.93 6.51
N ASN A 98 -13.26 -6.82 7.77
CA ASN A 98 -12.57 -5.63 8.23
C ASN A 98 -11.36 -5.36 7.32
N LEU A 99 -10.70 -4.24 7.59
CA LEU A 99 -9.54 -3.85 6.81
C LEU A 99 -8.62 -5.07 6.63
N PRO A 100 -7.79 -5.01 5.56
CA PRO A 100 -6.87 -6.09 5.26
C PRO A 100 -5.68 -6.08 6.22
N SER A 101 -4.89 -7.13 6.15
CA SER A 101 -3.73 -7.26 7.00
C SER A 101 -2.46 -7.39 6.15
N SER A 102 -1.39 -6.76 6.64
CA SER A 102 -0.12 -6.79 5.94
C SER A 102 0.39 -8.24 5.84
N THR A 103 1.32 -8.44 4.92
CA THR A 103 1.90 -9.76 4.73
C THR A 103 3.24 -9.87 5.45
N ARG A 104 3.75 -8.72 5.86
CA ARG A 104 5.02 -8.68 6.55
C ARG A 104 5.09 -7.43 7.44
N THR A 105 6.13 -7.39 8.27
CA THR A 105 6.32 -6.27 9.17
C THR A 105 7.54 -5.44 8.74
N VAL A 106 7.25 -4.30 8.13
CA VAL A 106 8.30 -3.41 7.67
C VAL A 106 8.48 -2.27 8.66
N LYS A 107 9.69 -1.73 8.69
CA LYS A 107 10.01 -0.63 9.59
C LYS A 107 10.84 0.42 8.85
N ALA A 108 11.01 1.55 9.50
CA ALA A 108 11.78 2.64 8.91
C ALA A 108 13.10 2.78 9.66
N LEU A 109 14.18 2.47 8.95
CA LEU A 109 15.51 2.57 9.55
C LEU A 109 16.13 3.91 9.18
N THR A 110 15.69 4.45 8.05
CA THR A 110 16.20 5.73 7.57
C THR A 110 15.05 6.59 7.04
N GLU A 111 15.37 7.85 6.80
CA GLU A 111 14.39 8.78 6.29
C GLU A 111 13.84 8.30 4.93
N VAL A 112 12.53 8.12 4.88
CA VAL A 112 11.89 7.68 3.66
C VAL A 112 10.77 8.66 3.29
N GLU A 113 10.77 9.04 2.01
CA GLU A 113 9.77 9.97 1.52
C GLU A 113 8.70 9.23 0.72
N ALA A 114 7.48 9.31 1.21
CA ALA A 114 6.36 8.65 0.56
C ALA A 114 5.05 9.30 1.02
N PHE A 115 3.96 8.85 0.42
CA PHE A 115 2.65 9.37 0.74
C PHE A 115 1.75 8.28 1.32
N ALA A 116 0.66 8.72 1.93
CA ALA A 116 -0.29 7.79 2.52
C ALA A 116 -1.52 7.65 1.61
N LEU A 117 -2.34 6.66 1.92
CA LEU A 117 -3.54 6.42 1.14
C LEU A 117 -4.57 5.70 2.01
N ILE A 118 -5.72 6.35 2.18
CA ILE A 118 -6.78 5.79 2.99
C ILE A 118 -7.60 4.81 2.14
N ALA A 119 -8.04 3.75 2.79
CA ALA A 119 -8.83 2.74 2.10
C ALA A 119 -10.15 3.35 1.65
N ASP A 120 -10.82 4.00 2.58
CA ASP A 120 -12.10 4.62 2.29
C ASP A 120 -12.02 5.30 0.93
N GLU A 121 -11.27 6.40 0.88
CA GLU A 121 -11.11 7.14 -0.35
C GLU A 121 -10.81 6.20 -1.52
N LEU A 122 -9.90 5.28 -1.26
CA LEU A 122 -9.52 4.30 -2.28
C LEU A 122 -10.76 3.58 -2.77
N LYS A 123 -11.50 3.02 -1.82
CA LYS A 123 -12.71 2.29 -2.14
C LYS A 123 -13.68 3.21 -2.90
N PHE A 124 -13.90 4.38 -2.33
CA PHE A 124 -14.79 5.36 -2.93
C PHE A 124 -14.48 5.53 -4.42
N VAL A 125 -13.25 5.95 -4.68
CA VAL A 125 -12.81 6.16 -6.05
C VAL A 125 -12.83 4.83 -6.80
N ALA A 126 -12.57 3.76 -6.06
CA ALA A 126 -12.57 2.44 -6.64
C ALA A 126 -13.98 2.09 -7.14
N SER A 127 -14.95 2.29 -6.26
CA SER A 127 -16.33 2.00 -6.60
C SER A 127 -16.83 3.01 -7.63
N GLN A 128 -16.69 4.28 -7.29
CA GLN A 128 -17.12 5.35 -8.19
C GLN A 128 -16.81 4.99 -9.63
N PHE A 129 -15.58 4.54 -9.84
CA PHE A 129 -15.13 4.16 -11.18
C PHE A 129 -15.75 2.83 -11.60
N ARG A 130 -15.50 1.81 -10.78
CA ARG A 130 -16.02 0.48 -11.05
C ARG A 130 -15.82 0.13 -12.53
N ARG A 131 -14.67 -0.46 -12.81
CA ARG A 131 -14.35 -0.84 -14.17
C ARG A 131 -13.26 -1.93 -14.16
N SER A 132 -13.51 -2.99 -14.92
CA SER A 132 -12.57 -4.09 -15.01
C SER A 132 -13.02 -5.07 -16.10
N GLY A 133 -12.05 -5.79 -16.63
CA GLY A 133 -12.33 -6.76 -17.67
C GLY A 133 -12.97 -8.02 -17.09
N PRO A 134 -13.26 -9.00 -18.00
CA PRO A 134 -13.88 -10.24 -17.60
C PRO A 134 -12.86 -11.16 -16.89
N SER A 135 -12.68 -10.90 -15.61
CA SER A 135 -11.74 -11.69 -14.82
C SER A 135 -12.17 -11.70 -13.35
N SER A 136 -12.27 -10.50 -12.79
CA SER A 136 -12.66 -10.36 -11.40
C SER A 136 -14.16 -10.64 -11.25
N GLY A 137 -14.95 -9.85 -11.96
CA GLY A 137 -16.40 -10.00 -11.92
C GLY A 137 -16.82 -11.36 -12.52
N GLY A 1 1.74 22.05 -4.36
CA GLY A 1 2.50 22.39 -3.16
C GLY A 1 3.67 21.41 -2.97
N SER A 2 3.32 20.15 -2.79
CA SER A 2 4.33 19.11 -2.60
C SER A 2 3.82 17.79 -3.17
N SER A 3 4.26 17.49 -4.38
CA SER A 3 3.87 16.26 -5.03
C SER A 3 5.11 15.47 -5.45
N GLY A 4 4.92 14.16 -5.61
CA GLY A 4 6.00 13.29 -6.01
C GLY A 4 6.19 13.29 -7.53
N SER A 5 6.06 12.11 -8.11
CA SER A 5 6.20 11.96 -9.55
C SER A 5 5.37 10.78 -10.04
N SER A 6 5.75 9.60 -9.58
CA SER A 6 5.05 8.38 -9.98
C SER A 6 5.89 7.16 -9.61
N GLY A 7 5.23 6.20 -8.97
CA GLY A 7 5.89 4.97 -8.58
C GLY A 7 5.24 3.75 -9.22
N VAL A 8 4.43 4.02 -10.24
CA VAL A 8 3.74 2.95 -10.94
C VAL A 8 4.64 2.43 -12.06
N ARG A 9 5.81 1.92 -11.67
CA ARG A 9 6.75 1.39 -12.63
C ARG A 9 6.32 0.00 -13.08
N ARG A 10 5.45 -0.03 -14.08
CA ARG A 10 4.95 -1.28 -14.61
C ARG A 10 4.41 -2.16 -13.48
N VAL A 11 3.76 -1.51 -12.54
CA VAL A 11 3.18 -2.21 -11.39
C VAL A 11 1.95 -3.00 -11.86
N PRO A 12 1.82 -4.24 -11.31
CA PRO A 12 0.69 -5.09 -11.66
C PRO A 12 -0.59 -4.62 -10.97
N LEU A 13 -0.42 -4.06 -9.78
CA LEU A 13 -1.55 -3.56 -9.02
C LEU A 13 -2.51 -2.83 -9.96
N PHE A 14 -2.02 -1.73 -10.53
CA PHE A 14 -2.81 -0.94 -11.44
C PHE A 14 -2.89 -1.60 -12.82
N GLU A 15 -3.40 -2.83 -12.83
CA GLU A 15 -3.53 -3.56 -14.07
C GLU A 15 -4.74 -3.07 -14.87
N ASN A 16 -5.88 -3.03 -14.19
CA ASN A 16 -7.11 -2.58 -14.82
C ASN A 16 -7.40 -1.14 -14.39
N MET A 17 -6.69 -0.71 -13.35
CA MET A 17 -6.86 0.63 -12.84
C MET A 17 -6.46 1.68 -13.88
N ASP A 18 -7.45 2.42 -14.34
CA ASP A 18 -7.22 3.45 -15.33
C ASP A 18 -6.52 4.64 -14.67
N GLU A 19 -5.80 5.38 -15.49
CA GLU A 19 -5.07 6.55 -15.01
C GLU A 19 -5.98 7.40 -14.12
N ARG A 20 -7.17 7.68 -14.65
CA ARG A 20 -8.14 8.49 -13.93
C ARG A 20 -8.22 8.05 -12.47
N LEU A 21 -8.09 6.74 -12.27
CA LEU A 21 -8.15 6.18 -10.93
C LEU A 21 -6.83 6.46 -10.21
N LEU A 22 -5.75 6.38 -10.97
CA LEU A 22 -4.42 6.63 -10.43
C LEU A 22 -4.33 8.08 -9.96
N ASP A 23 -4.61 8.99 -10.87
CA ASP A 23 -4.56 10.41 -10.57
C ASP A 23 -5.45 10.69 -9.36
N ALA A 24 -6.65 10.14 -9.40
CA ALA A 24 -7.61 10.32 -8.32
C ALA A 24 -7.00 9.80 -7.01
N ILE A 25 -6.26 8.71 -7.14
CA ILE A 25 -5.62 8.09 -6.00
C ILE A 25 -4.39 8.91 -5.61
N CYS A 26 -3.80 9.54 -6.62
CA CYS A 26 -2.61 10.35 -6.39
C CYS A 26 -3.01 11.60 -5.60
N GLU A 27 -3.99 12.32 -6.15
CA GLU A 27 -4.47 13.52 -5.50
C GLU A 27 -4.81 13.24 -4.03
N ARG A 28 -5.18 11.99 -3.77
CA ARG A 28 -5.54 11.58 -2.43
C ARG A 28 -4.30 11.57 -1.53
N LEU A 29 -3.17 11.19 -2.13
CA LEU A 29 -1.92 11.13 -1.40
C LEU A 29 -1.83 12.34 -0.46
N LYS A 30 -1.59 12.04 0.81
CA LYS A 30 -1.47 13.07 1.81
C LYS A 30 0.00 13.24 2.20
N PRO A 31 0.33 14.47 2.68
CA PRO A 31 1.69 14.78 3.08
C PRO A 31 2.02 14.13 4.42
N CYS A 32 2.84 13.10 4.37
CA CYS A 32 3.25 12.38 5.57
C CYS A 32 4.64 11.80 5.35
N LEU A 33 5.32 11.52 6.45
CA LEU A 33 6.66 10.97 6.38
C LEU A 33 6.83 9.95 7.51
N PHE A 34 7.71 8.99 7.26
CA PHE A 34 7.98 7.94 8.25
C PHE A 34 9.30 8.21 8.96
N THR A 35 9.20 8.48 10.25
CA THR A 35 10.38 8.74 11.06
C THR A 35 10.96 7.43 11.60
N GLU A 36 11.89 7.57 12.54
CA GLU A 36 12.53 6.41 13.13
C GLU A 36 11.55 5.68 14.05
N LYS A 37 11.67 4.37 14.06
CA LYS A 37 10.82 3.54 14.89
C LYS A 37 9.36 3.71 14.43
N SER A 38 9.19 3.77 13.12
CA SER A 38 7.86 3.93 12.55
C SER A 38 7.46 2.67 11.79
N TYR A 39 6.32 2.11 12.19
CA TYR A 39 5.83 0.90 11.56
C TYR A 39 4.78 1.24 10.49
N LEU A 40 5.14 0.94 9.25
CA LEU A 40 4.25 1.20 8.13
C LEU A 40 3.10 0.19 8.15
N VAL A 41 3.49 -1.08 8.08
CA VAL A 41 2.50 -2.15 8.08
C VAL A 41 2.91 -3.21 9.11
N ARG A 42 1.94 -3.99 9.54
CA ARG A 42 2.18 -5.03 10.52
C ARG A 42 1.53 -6.34 10.06
N GLU A 43 2.12 -7.45 10.49
CA GLU A 43 1.62 -8.76 10.14
C GLU A 43 0.65 -9.26 11.22
N GLY A 44 -0.63 -9.22 10.88
CA GLY A 44 -1.66 -9.66 11.80
C GLY A 44 -2.65 -8.53 12.10
N ASP A 45 -2.15 -7.30 12.01
CA ASP A 45 -2.97 -6.14 12.26
C ASP A 45 -3.62 -5.68 10.96
N PRO A 46 -4.74 -4.92 11.11
CA PRO A 46 -5.46 -4.43 9.96
C PRO A 46 -4.72 -3.25 9.31
N VAL A 47 -5.17 -2.89 8.12
CA VAL A 47 -4.56 -1.79 7.38
C VAL A 47 -5.55 -0.64 7.27
N ASN A 48 -5.19 0.47 7.91
CA ASN A 48 -6.05 1.65 7.88
C ASN A 48 -5.76 2.46 6.62
N GLU A 49 -4.48 2.58 6.31
CA GLU A 49 -4.05 3.32 5.13
C GLU A 49 -2.85 2.64 4.48
N MET A 50 -2.73 2.85 3.17
CA MET A 50 -1.64 2.27 2.42
C MET A 50 -0.49 3.26 2.26
N LEU A 51 0.72 2.74 2.33
CA LEU A 51 1.91 3.56 2.20
C LEU A 51 2.60 3.25 0.88
N PHE A 52 2.80 4.30 0.09
CA PHE A 52 3.45 4.16 -1.20
C PHE A 52 4.88 4.67 -1.16
N ILE A 53 5.80 3.72 -1.07
CA ILE A 53 7.22 4.06 -1.01
C ILE A 53 7.61 4.80 -2.30
N ILE A 54 8.09 6.02 -2.11
CA ILE A 54 8.50 6.85 -3.23
C ILE A 54 10.02 6.73 -3.42
N ARG A 55 10.73 6.89 -2.31
CA ARG A 55 12.18 6.81 -2.34
C ARG A 55 12.73 6.73 -0.91
N GLY A 56 13.80 5.97 -0.77
CA GLY A 56 14.44 5.81 0.54
C GLY A 56 14.79 4.35 0.80
N ARG A 57 14.75 3.97 2.06
CA ARG A 57 15.07 2.61 2.45
C ARG A 57 14.19 2.18 3.64
N LEU A 58 14.05 0.88 3.79
CA LEU A 58 13.24 0.34 4.87
C LEU A 58 13.69 -1.10 5.15
N GLU A 59 13.16 -1.65 6.24
CA GLU A 59 13.49 -3.01 6.63
C GLU A 59 12.22 -3.85 6.77
N SER A 60 12.15 -4.89 5.94
CA SER A 60 11.00 -5.77 5.95
C SER A 60 11.33 -7.04 6.73
N VAL A 61 10.36 -7.49 7.52
CA VAL A 61 10.53 -8.69 8.31
C VAL A 61 9.21 -9.45 8.38
N THR A 62 9.31 -10.77 8.54
CA THR A 62 8.14 -11.61 8.63
C THR A 62 8.34 -12.70 9.68
N THR A 63 7.22 -13.16 10.22
CA THR A 63 7.25 -14.20 11.23
C THR A 63 5.84 -14.68 11.56
N ASP A 64 5.15 -15.11 10.52
CA ASP A 64 3.78 -15.60 10.67
C ASP A 64 3.82 -17.06 11.15
N GLY A 65 3.38 -17.25 12.38
CA GLY A 65 3.36 -18.58 12.96
C GLY A 65 4.74 -19.23 12.91
N GLY A 66 5.38 -19.25 14.09
CA GLY A 66 6.71 -19.83 14.19
C GLY A 66 6.69 -21.06 15.10
N ARG A 67 7.85 -21.37 15.66
CA ARG A 67 7.99 -22.51 16.54
C ARG A 67 9.41 -22.60 17.08
N SER A 68 10.36 -22.61 16.16
CA SER A 68 11.77 -22.69 16.54
C SER A 68 12.34 -21.29 16.73
N GLY A 69 12.24 -20.50 15.67
CA GLY A 69 12.74 -19.14 15.70
C GLY A 69 13.54 -18.81 14.43
N PHE A 70 12.81 -18.44 13.39
CA PHE A 70 13.43 -18.11 12.12
C PHE A 70 12.71 -16.92 11.45
N TYR A 71 13.34 -15.76 11.57
CA TYR A 71 12.78 -14.55 10.99
C TYR A 71 13.42 -14.25 9.64
N ASN A 72 12.59 -14.28 8.59
CA ASN A 72 13.05 -14.01 7.25
C ASN A 72 13.14 -12.49 7.03
N ARG A 73 14.33 -11.96 7.24
CA ARG A 73 14.55 -10.54 7.07
C ARG A 73 14.86 -10.21 5.61
N SER A 74 14.34 -9.08 5.16
CA SER A 74 14.55 -8.65 3.79
C SER A 74 14.58 -7.12 3.72
N LEU A 75 14.93 -6.62 2.54
CA LEU A 75 15.00 -5.19 2.33
C LEU A 75 14.17 -4.82 1.10
N LEU A 76 13.73 -3.57 1.08
CA LEU A 76 12.93 -3.07 -0.02
C LEU A 76 13.59 -1.83 -0.61
N LYS A 77 13.24 -1.53 -1.86
CA LYS A 77 13.79 -0.38 -2.54
C LYS A 77 12.66 0.34 -3.30
N GLU A 78 13.04 1.43 -3.95
CA GLU A 78 12.08 2.22 -4.71
C GLU A 78 11.33 1.31 -5.70
N GLY A 79 10.01 1.40 -5.64
CA GLY A 79 9.17 0.61 -6.53
C GLY A 79 8.32 -0.39 -5.73
N ASP A 80 8.89 -0.85 -4.62
CA ASP A 80 8.20 -1.80 -3.77
C ASP A 80 7.13 -1.07 -2.96
N PHE A 81 6.01 -1.75 -2.75
CA PHE A 81 4.92 -1.18 -1.99
C PHE A 81 4.61 -2.02 -0.76
N CYS A 82 3.90 -1.39 0.18
CA CYS A 82 3.53 -2.07 1.41
C CYS A 82 2.00 -2.09 1.51
N GLY A 83 1.51 -2.97 2.37
CA GLY A 83 0.08 -3.08 2.57
C GLY A 83 -0.68 -2.90 1.26
N ASP A 84 -0.19 -3.58 0.23
CA ASP A 84 -0.81 -3.50 -1.08
C ASP A 84 -2.23 -4.05 -1.01
N GLU A 85 -2.39 -5.09 -0.19
CA GLU A 85 -3.68 -5.72 -0.02
C GLU A 85 -4.78 -4.66 0.05
N LEU A 86 -4.49 -3.59 0.76
CA LEU A 86 -5.44 -2.50 0.91
C LEU A 86 -5.93 -2.07 -0.48
N LEU A 87 -4.98 -1.89 -1.38
CA LEU A 87 -5.29 -1.48 -2.73
C LEU A 87 -6.37 -2.40 -3.30
N THR A 88 -6.07 -3.69 -3.30
CA THR A 88 -7.00 -4.69 -3.81
C THR A 88 -8.27 -4.71 -2.96
N TRP A 89 -8.07 -4.64 -1.66
CA TRP A 89 -9.20 -4.66 -0.74
C TRP A 89 -10.28 -3.75 -1.29
N ALA A 90 -9.95 -2.47 -1.39
CA ALA A 90 -10.88 -1.48 -1.91
C ALA A 90 -11.44 -1.97 -3.25
N LEU A 91 -10.52 -2.36 -4.12
CA LEU A 91 -10.91 -2.85 -5.44
C LEU A 91 -11.95 -3.96 -5.28
N ASP A 92 -11.75 -4.77 -4.25
CA ASP A 92 -12.66 -5.86 -3.98
C ASP A 92 -13.35 -5.64 -2.63
N PRO A 93 -14.52 -4.93 -2.70
CA PRO A 93 -15.28 -4.63 -1.50
C PRO A 93 -16.02 -5.87 -1.00
N LYS A 94 -16.26 -6.78 -1.93
CA LYS A 94 -16.96 -8.02 -1.59
C LYS A 94 -16.23 -8.73 -0.45
N SER A 95 -14.92 -8.58 -0.45
CA SER A 95 -14.10 -9.19 0.58
C SER A 95 -14.75 -9.01 1.95
N GLY A 96 -15.01 -7.75 2.28
CA GLY A 96 -15.64 -7.42 3.55
C GLY A 96 -15.26 -6.00 4.00
N SER A 97 -15.77 -5.63 5.16
CA SER A 97 -15.50 -4.32 5.71
C SER A 97 -14.18 -4.34 6.49
N ASN A 98 -14.04 -5.37 7.32
CA ASN A 98 -12.83 -5.51 8.13
C ASN A 98 -11.60 -5.23 7.26
N LEU A 99 -10.86 -4.21 7.65
CA LEU A 99 -9.67 -3.83 6.93
C LEU A 99 -8.82 -5.07 6.66
N PRO A 100 -7.96 -4.96 5.60
CA PRO A 100 -7.10 -6.07 5.24
C PRO A 100 -5.94 -6.20 6.22
N SER A 101 -5.22 -7.32 6.10
CA SER A 101 -4.09 -7.58 6.96
C SER A 101 -2.82 -7.75 6.12
N SER A 102 -1.80 -7.00 6.49
CA SER A 102 -0.53 -7.06 5.78
C SER A 102 0.04 -8.48 5.84
N THR A 103 0.98 -8.75 4.95
CA THR A 103 1.61 -10.06 4.89
C THR A 103 3.08 -9.98 5.33
N ARG A 104 3.48 -8.76 5.67
CA ARG A 104 4.85 -8.52 6.09
C ARG A 104 4.96 -7.17 6.81
N THR A 105 5.86 -7.13 7.78
CA THR A 105 6.07 -5.90 8.55
C THR A 105 7.27 -5.14 8.00
N VAL A 106 7.19 -3.82 8.11
CA VAL A 106 8.26 -2.97 7.63
C VAL A 106 8.52 -1.86 8.66
N LYS A 107 9.79 -1.51 8.79
CA LYS A 107 10.20 -0.48 9.74
C LYS A 107 11.10 0.53 9.02
N ALA A 108 11.14 1.73 9.58
CA ALA A 108 11.95 2.80 9.02
C ALA A 108 13.22 2.97 9.86
N LEU A 109 14.36 2.72 9.24
CA LEU A 109 15.63 2.84 9.92
C LEU A 109 16.26 4.19 9.56
N THR A 110 15.86 4.72 8.41
CA THR A 110 16.38 5.99 7.95
C THR A 110 15.25 6.86 7.39
N GLU A 111 15.56 8.13 7.20
CA GLU A 111 14.59 9.07 6.68
C GLU A 111 13.95 8.52 5.40
N VAL A 112 12.63 8.37 5.46
CA VAL A 112 11.88 7.87 4.32
C VAL A 112 11.00 8.98 3.75
N GLU A 113 10.76 8.89 2.45
CA GLU A 113 9.93 9.87 1.78
C GLU A 113 8.85 9.19 0.95
N ALA A 114 7.62 9.29 1.43
CA ALA A 114 6.49 8.68 0.74
C ALA A 114 5.20 9.35 1.22
N PHE A 115 4.10 8.96 0.59
CA PHE A 115 2.81 9.49 0.94
C PHE A 115 1.90 8.41 1.54
N ALA A 116 0.74 8.85 2.01
CA ALA A 116 -0.21 7.93 2.61
C ALA A 116 -1.44 7.81 1.72
N LEU A 117 -2.24 6.79 1.98
CA LEU A 117 -3.45 6.55 1.21
C LEU A 117 -4.47 5.84 2.09
N ILE A 118 -5.62 6.50 2.25
CA ILE A 118 -6.69 5.95 3.07
C ILE A 118 -7.53 5.00 2.21
N ALA A 119 -7.99 3.93 2.85
CA ALA A 119 -8.80 2.94 2.17
C ALA A 119 -10.13 3.58 1.73
N ASP A 120 -10.77 4.24 2.68
CA ASP A 120 -12.04 4.89 2.40
C ASP A 120 -11.97 5.57 1.04
N GLU A 121 -11.14 6.61 0.97
CA GLU A 121 -10.96 7.35 -0.27
C GLU A 121 -10.72 6.39 -1.44
N LEU A 122 -9.90 5.39 -1.17
CA LEU A 122 -9.58 4.41 -2.19
C LEU A 122 -10.85 3.70 -2.64
N LYS A 123 -11.47 3.00 -1.70
CA LYS A 123 -12.70 2.28 -1.98
C LYS A 123 -13.66 3.20 -2.73
N PHE A 124 -13.84 4.39 -2.19
CA PHE A 124 -14.74 5.37 -2.79
C PHE A 124 -14.43 5.52 -4.29
N VAL A 125 -13.21 5.97 -4.57
CA VAL A 125 -12.78 6.18 -5.94
C VAL A 125 -12.78 4.83 -6.67
N ALA A 126 -12.57 3.77 -5.90
CA ALA A 126 -12.54 2.44 -6.46
C ALA A 126 -13.94 2.07 -6.97
N SER A 127 -14.92 2.31 -6.12
CA SER A 127 -16.31 2.01 -6.47
C SER A 127 -16.83 3.05 -7.46
N GLN A 128 -16.61 4.31 -7.11
CA GLN A 128 -17.05 5.42 -7.96
C GLN A 128 -16.86 5.07 -9.43
N PHE A 129 -15.71 4.47 -9.72
CA PHE A 129 -15.40 4.08 -11.09
C PHE A 129 -16.17 2.82 -11.49
N ARG A 130 -16.02 1.79 -10.68
CA ARG A 130 -16.70 0.53 -10.94
C ARG A 130 -16.62 0.19 -12.43
N ARG A 131 -15.51 -0.43 -12.81
CA ARG A 131 -15.31 -0.82 -14.19
C ARG A 131 -14.28 -1.96 -14.28
N SER A 132 -14.80 -3.17 -14.43
CA SER A 132 -13.95 -4.33 -14.53
C SER A 132 -13.18 -4.53 -13.22
N GLY A 133 -13.25 -5.75 -12.70
CA GLY A 133 -12.56 -6.09 -11.47
C GLY A 133 -11.50 -7.16 -11.70
N PRO A 134 -10.39 -7.05 -10.93
CA PRO A 134 -9.30 -7.99 -11.04
C PRO A 134 -9.66 -9.33 -10.38
N SER A 135 -8.75 -10.28 -10.50
CA SER A 135 -8.97 -11.60 -9.93
C SER A 135 -7.80 -11.96 -9.01
N SER A 136 -8.13 -12.67 -7.94
CA SER A 136 -7.13 -13.07 -6.97
C SER A 136 -6.85 -14.57 -7.12
N GLY A 137 -7.88 -15.36 -6.94
CA GLY A 137 -7.75 -16.81 -7.04
C GLY A 137 -9.06 -17.51 -6.67
N GLY A 1 10.38 15.45 -1.79
CA GLY A 1 10.61 14.57 -2.92
C GLY A 1 9.30 14.19 -3.61
N SER A 2 8.73 15.17 -4.28
CA SER A 2 7.46 14.96 -4.98
C SER A 2 7.64 13.88 -6.05
N SER A 3 8.55 14.14 -6.98
CA SER A 3 8.82 13.20 -8.05
C SER A 3 10.31 12.91 -8.12
N GLY A 4 10.63 11.65 -8.42
CA GLY A 4 12.01 11.23 -8.52
C GLY A 4 12.16 10.04 -9.48
N SER A 5 12.26 8.86 -8.89
CA SER A 5 12.41 7.64 -9.67
C SER A 5 11.02 7.08 -10.00
N SER A 6 10.29 6.74 -8.96
CA SER A 6 8.95 6.18 -9.13
C SER A 6 9.04 4.82 -9.81
N GLY A 7 9.12 3.78 -9.00
CA GLY A 7 9.21 2.42 -9.51
C GLY A 7 7.82 1.90 -9.92
N VAL A 8 7.15 2.69 -10.75
CA VAL A 8 5.83 2.33 -11.22
C VAL A 8 5.92 1.93 -12.70
N ARG A 9 6.79 0.97 -12.97
CA ARG A 9 6.97 0.48 -14.32
C ARG A 9 5.70 -0.22 -14.81
N ARG A 10 5.37 -1.31 -14.13
CA ARG A 10 4.19 -2.08 -14.48
C ARG A 10 3.85 -3.06 -13.36
N VAL A 11 3.48 -2.50 -12.21
CA VAL A 11 3.13 -3.31 -11.06
C VAL A 11 1.78 -3.98 -11.31
N PRO A 12 1.54 -5.08 -10.55
CA PRO A 12 0.30 -5.82 -10.69
C PRO A 12 -0.87 -5.07 -10.03
N LEU A 13 -0.51 -4.19 -9.12
CA LEU A 13 -1.51 -3.39 -8.41
C LEU A 13 -2.39 -2.68 -9.43
N PHE A 14 -1.77 -1.78 -10.18
CA PHE A 14 -2.50 -1.02 -11.18
C PHE A 14 -2.64 -1.82 -12.47
N GLU A 15 -3.25 -2.99 -12.34
CA GLU A 15 -3.46 -3.86 -13.49
C GLU A 15 -4.71 -3.43 -14.26
N ASN A 16 -5.82 -3.33 -13.53
CA ASN A 16 -7.08 -2.94 -14.14
C ASN A 16 -7.41 -1.51 -13.72
N MET A 17 -6.39 -0.81 -13.24
CA MET A 17 -6.55 0.56 -12.80
C MET A 17 -6.55 1.52 -13.99
N ASP A 18 -7.42 2.51 -13.93
CA ASP A 18 -7.53 3.50 -14.99
C ASP A 18 -6.74 4.75 -14.59
N GLU A 19 -6.16 5.39 -15.60
CA GLU A 19 -5.39 6.59 -15.37
C GLU A 19 -6.12 7.53 -14.40
N ARG A 20 -7.43 7.60 -14.58
CA ARG A 20 -8.25 8.44 -13.73
C ARG A 20 -8.12 8.02 -12.27
N LEU A 21 -8.09 6.71 -12.07
CA LEU A 21 -7.96 6.16 -10.73
C LEU A 21 -6.60 6.54 -10.15
N LEU A 22 -5.59 6.49 -11.02
CA LEU A 22 -4.23 6.81 -10.62
C LEU A 22 -4.20 8.24 -10.07
N ASP A 23 -4.46 9.18 -10.96
CA ASP A 23 -4.47 10.58 -10.58
C ASP A 23 -5.22 10.75 -9.26
N ALA A 24 -6.48 10.40 -9.28
CA ALA A 24 -7.31 10.50 -8.08
C ALA A 24 -6.52 10.00 -6.88
N ILE A 25 -6.20 8.72 -6.90
CA ILE A 25 -5.44 8.12 -5.81
C ILE A 25 -4.18 8.96 -5.55
N CYS A 26 -3.67 9.54 -6.61
CA CYS A 26 -2.48 10.37 -6.51
C CYS A 26 -2.83 11.62 -5.70
N GLU A 27 -3.71 12.43 -6.27
CA GLU A 27 -4.13 13.65 -5.61
C GLU A 27 -4.44 13.39 -4.14
N ARG A 28 -4.97 12.20 -3.89
CA ARG A 28 -5.30 11.81 -2.53
C ARG A 28 -4.05 11.77 -1.66
N LEU A 29 -2.97 11.30 -2.25
CA LEU A 29 -1.71 11.19 -1.55
C LEU A 29 -1.55 12.41 -0.63
N LYS A 30 -1.44 12.12 0.67
CA LYS A 30 -1.28 13.17 1.65
C LYS A 30 0.19 13.28 2.04
N PRO A 31 0.58 14.51 2.48
CA PRO A 31 1.95 14.76 2.89
C PRO A 31 2.25 14.14 4.25
N CYS A 32 3.06 13.09 4.23
CA CYS A 32 3.42 12.39 5.46
C CYS A 32 4.84 11.83 5.29
N LEU A 33 5.46 11.53 6.42
CA LEU A 33 6.80 10.99 6.41
C LEU A 33 6.94 9.93 7.51
N PHE A 34 7.81 8.98 7.27
CA PHE A 34 8.03 7.90 8.23
C PHE A 34 9.36 8.11 8.97
N THR A 35 9.23 8.41 10.25
CA THR A 35 10.39 8.63 11.09
C THR A 35 10.92 7.30 11.64
N GLU A 36 11.84 7.40 12.59
CA GLU A 36 12.42 6.23 13.20
C GLU A 36 11.38 5.49 14.04
N LYS A 37 11.41 4.17 13.96
CA LYS A 37 10.48 3.35 14.72
C LYS A 37 9.07 3.54 14.15
N SER A 38 9.03 3.83 12.85
CA SER A 38 7.76 4.03 12.17
C SER A 38 7.34 2.73 11.46
N TYR A 39 6.25 2.16 11.94
CA TYR A 39 5.73 0.93 11.36
C TYR A 39 4.63 1.23 10.34
N LEU A 40 4.92 0.88 9.10
CA LEU A 40 3.97 1.11 8.02
C LEU A 40 2.86 0.06 8.10
N VAL A 41 3.27 -1.20 8.01
CA VAL A 41 2.33 -2.30 8.07
C VAL A 41 2.77 -3.29 9.16
N ARG A 42 1.79 -3.95 9.74
CA ARG A 42 2.07 -4.92 10.80
C ARG A 42 1.36 -6.24 10.49
N GLU A 43 2.12 -7.32 10.53
CA GLU A 43 1.59 -8.64 10.26
C GLU A 43 0.69 -9.09 11.42
N GLY A 44 -0.61 -9.09 11.16
CA GLY A 44 -1.58 -9.50 12.17
C GLY A 44 -2.58 -8.38 12.44
N ASP A 45 -2.15 -7.15 12.16
CA ASP A 45 -3.00 -6.00 12.37
C ASP A 45 -3.63 -5.58 11.04
N PRO A 46 -4.75 -4.82 11.14
CA PRO A 46 -5.45 -4.36 9.95
C PRO A 46 -4.69 -3.20 9.29
N VAL A 47 -5.15 -2.84 8.10
CA VAL A 47 -4.53 -1.76 7.36
C VAL A 47 -5.53 -0.62 7.20
N ASN A 48 -5.33 0.42 7.98
CA ASN A 48 -6.21 1.59 7.94
C ASN A 48 -5.91 2.40 6.67
N GLU A 49 -4.62 2.61 6.43
CA GLU A 49 -4.20 3.36 5.26
C GLU A 49 -2.98 2.69 4.62
N MET A 50 -2.88 2.86 3.31
CA MET A 50 -1.77 2.28 2.56
C MET A 50 -0.65 3.29 2.38
N LEU A 51 0.58 2.78 2.40
CA LEU A 51 1.74 3.63 2.23
C LEU A 51 2.39 3.32 0.88
N PHE A 52 2.64 4.38 0.12
CA PHE A 52 3.27 4.25 -1.18
C PHE A 52 4.69 4.79 -1.17
N ILE A 53 5.65 3.87 -1.14
CA ILE A 53 7.04 4.25 -1.13
C ILE A 53 7.37 5.01 -2.41
N ILE A 54 7.89 6.22 -2.22
CA ILE A 54 8.26 7.07 -3.34
C ILE A 54 9.78 7.01 -3.56
N ARG A 55 10.50 7.11 -2.45
CA ARG A 55 11.95 7.07 -2.49
C ARG A 55 12.53 7.02 -1.08
N GLY A 56 13.21 5.93 -0.79
CA GLY A 56 13.82 5.76 0.52
C GLY A 56 14.23 4.30 0.75
N ARG A 57 14.31 3.92 2.01
CA ARG A 57 14.69 2.57 2.38
C ARG A 57 13.87 2.09 3.58
N LEU A 58 13.78 0.78 3.70
CA LEU A 58 13.03 0.18 4.81
C LEU A 58 13.53 -1.25 5.03
N GLU A 59 13.05 -1.84 6.11
CA GLU A 59 13.42 -3.20 6.44
C GLU A 59 12.18 -4.10 6.52
N SER A 60 12.15 -5.08 5.64
CA SER A 60 11.04 -6.02 5.60
C SER A 60 11.37 -7.27 6.42
N VAL A 61 10.41 -7.65 7.26
CA VAL A 61 10.60 -8.83 8.09
C VAL A 61 9.29 -9.62 8.13
N THR A 62 9.42 -10.92 8.35
CA THR A 62 8.27 -11.79 8.41
C THR A 62 8.25 -12.57 9.73
N THR A 63 7.07 -13.08 10.06
CA THR A 63 6.90 -13.84 11.29
C THR A 63 6.38 -15.24 10.99
N ASP A 64 5.31 -15.28 10.22
CA ASP A 64 4.71 -16.55 9.85
C ASP A 64 5.58 -17.25 8.82
N GLY A 65 6.51 -18.07 9.33
CA GLY A 65 7.42 -18.80 8.48
C GLY A 65 7.46 -20.27 8.86
N GLY A 66 6.81 -21.09 8.05
CA GLY A 66 6.77 -22.52 8.29
C GLY A 66 6.00 -22.83 9.57
N ARG A 67 6.76 -22.99 10.65
CA ARG A 67 6.17 -23.29 11.94
C ARG A 67 6.99 -22.68 13.06
N SER A 68 8.28 -23.01 13.06
CA SER A 68 9.19 -22.50 14.07
C SER A 68 10.55 -22.18 13.44
N GLY A 69 11.24 -21.23 14.05
CA GLY A 69 12.54 -20.82 13.57
C GLY A 69 12.76 -19.32 13.79
N PHE A 70 13.81 -18.80 13.16
CA PHE A 70 14.14 -17.40 13.28
C PHE A 70 13.41 -16.56 12.22
N TYR A 71 13.53 -15.25 12.37
CA TYR A 71 12.89 -14.34 11.44
C TYR A 71 13.77 -14.12 10.20
N ASN A 72 13.12 -14.17 9.04
CA ASN A 72 13.84 -13.98 7.79
C ASN A 72 13.85 -12.49 7.43
N ARG A 73 14.96 -11.85 7.76
CA ARG A 73 15.11 -10.44 7.48
C ARG A 73 15.31 -10.20 5.98
N SER A 74 14.86 -9.04 5.54
CA SER A 74 14.98 -8.69 4.13
C SER A 74 14.93 -7.16 3.98
N LEU A 75 15.23 -6.71 2.76
CA LEU A 75 15.22 -5.30 2.46
C LEU A 75 14.46 -5.05 1.15
N LEU A 76 13.92 -3.84 1.04
CA LEU A 76 13.17 -3.47 -0.14
C LEU A 76 13.93 -2.40 -0.91
N LYS A 77 13.52 -2.21 -2.16
CA LYS A 77 14.16 -1.21 -3.02
C LYS A 77 13.10 -0.22 -3.51
N GLU A 78 13.53 0.64 -4.42
CA GLU A 78 12.64 1.64 -4.98
C GLU A 78 11.60 0.97 -5.88
N GLY A 79 10.34 1.25 -5.59
CA GLY A 79 9.25 0.70 -6.36
C GLY A 79 8.53 -0.41 -5.59
N ASP A 80 8.92 -0.56 -4.33
CA ASP A 80 8.34 -1.57 -3.47
C ASP A 80 7.27 -0.92 -2.58
N PHE A 81 6.06 -1.45 -2.67
CA PHE A 81 4.95 -0.93 -1.89
C PHE A 81 4.63 -1.87 -0.72
N CYS A 82 3.88 -1.33 0.23
CA CYS A 82 3.50 -2.09 1.41
C CYS A 82 1.97 -2.05 1.53
N GLY A 83 1.46 -2.91 2.39
CA GLY A 83 0.03 -2.98 2.61
C GLY A 83 -0.74 -2.81 1.30
N ASP A 84 -0.41 -3.66 0.34
CA ASP A 84 -1.07 -3.62 -0.96
C ASP A 84 -2.45 -4.25 -0.86
N GLU A 85 -2.58 -5.18 0.09
CA GLU A 85 -3.85 -5.85 0.30
C GLU A 85 -4.98 -4.84 0.43
N LEU A 86 -4.61 -3.62 0.78
CA LEU A 86 -5.58 -2.55 0.94
C LEU A 86 -6.09 -2.12 -0.44
N LEU A 87 -5.15 -1.94 -1.36
CA LEU A 87 -5.49 -1.54 -2.71
C LEU A 87 -6.55 -2.48 -3.26
N THR A 88 -6.29 -3.77 -3.11
CA THR A 88 -7.21 -4.79 -3.59
C THR A 88 -8.49 -4.79 -2.76
N TRP A 89 -8.32 -4.61 -1.46
CA TRP A 89 -9.45 -4.58 -0.55
C TRP A 89 -10.52 -3.66 -1.15
N ALA A 90 -10.17 -2.38 -1.24
CA ALA A 90 -11.08 -1.39 -1.79
C ALA A 90 -11.62 -1.89 -3.13
N LEU A 91 -10.69 -2.32 -3.98
CA LEU A 91 -11.06 -2.82 -5.30
C LEU A 91 -12.13 -3.91 -5.14
N ASP A 92 -12.06 -4.60 -4.01
CA ASP A 92 -13.01 -5.66 -3.72
C ASP A 92 -14.15 -5.11 -2.86
N PRO A 93 -15.36 -5.04 -3.48
CA PRO A 93 -16.53 -4.54 -2.78
C PRO A 93 -17.05 -5.57 -1.78
N LYS A 94 -16.83 -6.83 -2.10
CA LYS A 94 -17.27 -7.92 -1.25
C LYS A 94 -16.63 -7.77 0.13
N SER A 95 -15.47 -7.13 0.15
CA SER A 95 -14.74 -6.92 1.39
C SER A 95 -14.95 -5.49 1.88
N GLY A 96 -15.97 -5.32 2.71
CA GLY A 96 -16.28 -4.01 3.27
C GLY A 96 -16.88 -4.14 4.66
N SER A 97 -16.14 -4.81 5.53
CA SER A 97 -16.59 -5.00 6.90
C SER A 97 -15.42 -4.83 7.87
N ASN A 98 -14.34 -5.54 7.56
CA ASN A 98 -13.14 -5.47 8.39
C ASN A 98 -11.94 -5.15 7.51
N LEU A 99 -11.19 -4.13 7.92
CA LEU A 99 -10.02 -3.71 7.19
C LEU A 99 -9.17 -4.94 6.85
N PRO A 100 -8.33 -4.78 5.79
CA PRO A 100 -7.46 -5.86 5.36
C PRO A 100 -6.28 -6.04 6.32
N SER A 101 -5.62 -7.19 6.20
CA SER A 101 -4.49 -7.48 7.05
C SER A 101 -3.24 -7.74 6.18
N SER A 102 -2.20 -6.98 6.48
CA SER A 102 -0.95 -7.11 5.74
C SER A 102 -0.27 -8.45 6.08
N THR A 103 0.34 -9.03 5.07
CA THR A 103 1.02 -10.30 5.24
C THR A 103 2.54 -10.09 5.29
N ARG A 104 2.92 -8.89 5.69
CA ARG A 104 4.33 -8.55 5.79
C ARG A 104 4.52 -7.37 6.76
N THR A 105 5.70 -7.35 7.37
CA THR A 105 6.02 -6.29 8.32
C THR A 105 7.20 -5.46 7.81
N VAL A 106 7.06 -4.15 7.96
CA VAL A 106 8.09 -3.23 7.50
C VAL A 106 8.33 -2.17 8.59
N LYS A 107 9.53 -1.63 8.58
CA LYS A 107 9.90 -0.61 9.55
C LYS A 107 10.77 0.45 8.87
N ALA A 108 10.79 1.63 9.47
CA ALA A 108 11.56 2.74 8.94
C ALA A 108 12.83 2.92 9.77
N LEU A 109 13.96 2.64 9.15
CA LEU A 109 15.24 2.77 9.81
C LEU A 109 15.86 4.12 9.49
N THR A 110 15.39 4.70 8.38
CA THR A 110 15.89 6.00 7.94
C THR A 110 14.73 6.87 7.47
N GLU A 111 15.07 8.09 7.09
CA GLU A 111 14.07 9.04 6.62
C GLU A 111 13.52 8.58 5.27
N VAL A 112 12.24 8.22 5.29
CA VAL A 112 11.58 7.76 4.07
C VAL A 112 10.60 8.84 3.60
N GLU A 113 10.59 9.05 2.29
CA GLU A 113 9.71 10.04 1.70
C GLU A 113 8.62 9.35 0.86
N ALA A 114 7.40 9.43 1.36
CA ALA A 114 6.27 8.82 0.68
C ALA A 114 4.97 9.45 1.19
N PHE A 115 3.87 9.05 0.56
CA PHE A 115 2.57 9.57 0.95
C PHE A 115 1.69 8.46 1.54
N ALA A 116 0.58 8.88 2.12
CA ALA A 116 -0.35 7.93 2.71
C ALA A 116 -1.60 7.81 1.83
N LEU A 117 -2.37 6.78 2.10
CA LEU A 117 -3.59 6.54 1.34
C LEU A 117 -4.63 5.86 2.25
N ILE A 118 -5.77 6.51 2.37
CA ILE A 118 -6.84 5.98 3.20
C ILE A 118 -7.65 4.97 2.39
N ALA A 119 -8.10 3.93 3.08
CA ALA A 119 -8.89 2.89 2.44
C ALA A 119 -10.22 3.48 1.97
N ASP A 120 -10.89 4.17 2.88
CA ASP A 120 -12.17 4.78 2.57
C ASP A 120 -12.12 5.38 1.17
N GLU A 121 -11.30 6.42 1.03
CA GLU A 121 -11.15 7.09 -0.26
C GLU A 121 -10.83 6.07 -1.35
N LEU A 122 -9.91 5.16 -1.02
CA LEU A 122 -9.50 4.14 -1.97
C LEU A 122 -10.75 3.45 -2.52
N LYS A 123 -11.58 2.96 -1.60
CA LYS A 123 -12.80 2.27 -1.98
C LYS A 123 -13.65 3.20 -2.86
N PHE A 124 -13.88 4.40 -2.33
CA PHE A 124 -14.67 5.39 -3.05
C PHE A 124 -14.19 5.55 -4.49
N VAL A 125 -12.97 6.09 -4.61
CA VAL A 125 -12.38 6.30 -5.92
C VAL A 125 -12.45 5.00 -6.73
N ALA A 126 -12.23 3.89 -6.03
CA ALA A 126 -12.27 2.58 -6.66
C ALA A 126 -13.67 2.33 -7.21
N SER A 127 -14.60 2.16 -6.28
CA SER A 127 -15.99 1.91 -6.66
C SER A 127 -16.47 2.96 -7.66
N GLN A 128 -16.15 4.21 -7.34
CA GLN A 128 -16.53 5.32 -8.19
C GLN A 128 -16.41 4.93 -9.67
N PHE A 129 -15.21 4.52 -10.03
CA PHE A 129 -14.94 4.11 -11.40
C PHE A 129 -15.25 2.63 -11.60
N ARG A 130 -14.57 1.81 -10.82
CA ARG A 130 -14.75 0.37 -10.89
C ARG A 130 -16.23 0.04 -11.11
N ARG A 131 -16.48 -0.77 -12.13
CA ARG A 131 -17.84 -1.17 -12.46
C ARG A 131 -17.84 -2.15 -13.63
N SER A 132 -18.02 -3.42 -13.31
CA SER A 132 -18.05 -4.46 -14.33
C SER A 132 -18.24 -5.83 -13.68
N GLY A 133 -19.49 -6.23 -13.59
CA GLY A 133 -19.83 -7.52 -13.00
C GLY A 133 -19.08 -7.73 -11.68
N PRO A 134 -19.12 -8.99 -11.20
CA PRO A 134 -18.43 -9.33 -9.95
C PRO A 134 -16.93 -9.41 -10.15
N SER A 135 -16.22 -9.64 -9.05
CA SER A 135 -14.78 -9.74 -9.08
C SER A 135 -14.35 -11.20 -9.28
N SER A 136 -13.42 -11.40 -10.20
CA SER A 136 -12.91 -12.73 -10.48
C SER A 136 -11.64 -12.99 -9.69
N GLY A 137 -10.64 -12.16 -9.97
CA GLY A 137 -9.36 -12.30 -9.30
C GLY A 137 -8.70 -10.92 -9.08
N GLY A 1 1.72 17.88 -2.73
CA GLY A 1 2.76 17.65 -3.72
C GLY A 1 2.27 17.98 -5.12
N SER A 2 2.86 17.29 -6.09
CA SER A 2 2.50 17.49 -7.48
C SER A 2 2.69 16.20 -8.28
N SER A 3 3.92 15.70 -8.25
CA SER A 3 4.24 14.47 -8.96
C SER A 3 5.69 14.07 -8.67
N GLY A 4 6.04 12.88 -9.11
CA GLY A 4 7.39 12.37 -8.92
C GLY A 4 7.69 11.22 -9.89
N SER A 5 8.94 10.79 -9.87
CA SER A 5 9.36 9.71 -10.75
C SER A 5 10.25 8.72 -9.97
N SER A 6 9.59 7.93 -9.13
CA SER A 6 10.31 6.95 -8.33
C SER A 6 9.31 6.09 -7.54
N GLY A 7 9.73 4.86 -7.27
CA GLY A 7 8.88 3.93 -6.53
C GLY A 7 7.56 3.70 -7.27
N VAL A 8 6.51 4.32 -6.74
CA VAL A 8 5.19 4.18 -7.32
C VAL A 8 5.28 4.45 -8.83
N ARG A 9 4.16 4.22 -9.50
CA ARG A 9 4.10 4.43 -10.94
C ARG A 9 4.74 3.24 -11.68
N ARG A 10 4.05 2.79 -12.72
CA ARG A 10 4.55 1.68 -13.50
C ARG A 10 4.52 0.39 -12.68
N VAL A 11 3.79 0.45 -11.57
CA VAL A 11 3.68 -0.69 -10.70
C VAL A 11 2.63 -1.66 -11.24
N PRO A 12 2.73 -2.95 -10.79
CA PRO A 12 1.80 -3.96 -11.24
C PRO A 12 0.44 -3.79 -10.55
N LEU A 13 0.41 -2.90 -9.58
CA LEU A 13 -0.81 -2.63 -8.84
C LEU A 13 -1.83 -1.97 -9.77
N PHE A 14 -1.47 -0.80 -10.27
CA PHE A 14 -2.34 -0.06 -11.17
C PHE A 14 -2.24 -0.60 -12.60
N GLU A 15 -2.52 -1.89 -12.73
CA GLU A 15 -2.47 -2.54 -14.03
C GLU A 15 -3.82 -2.43 -14.74
N ASN A 16 -4.86 -2.80 -14.02
CA ASN A 16 -6.21 -2.74 -14.56
C ASN A 16 -6.80 -1.37 -14.29
N MET A 17 -6.34 -0.76 -13.21
CA MET A 17 -6.82 0.56 -12.83
C MET A 17 -6.81 1.52 -14.02
N ASP A 18 -7.57 2.60 -13.88
CA ASP A 18 -7.65 3.59 -14.93
C ASP A 18 -6.88 4.84 -14.52
N GLU A 19 -6.46 5.60 -15.52
CA GLU A 19 -5.70 6.82 -15.27
C GLU A 19 -6.45 7.72 -14.29
N ARG A 20 -7.71 7.98 -14.61
CA ARG A 20 -8.55 8.82 -13.77
C ARG A 20 -8.39 8.41 -12.30
N LEU A 21 -8.23 7.11 -12.09
CA LEU A 21 -8.06 6.59 -10.75
C LEU A 21 -6.69 6.95 -10.22
N LEU A 22 -5.71 6.91 -11.11
CA LEU A 22 -4.34 7.24 -10.74
C LEU A 22 -4.28 8.69 -10.28
N ASP A 23 -4.82 9.57 -11.12
CA ASP A 23 -4.84 10.99 -10.81
C ASP A 23 -5.55 11.22 -9.48
N ALA A 24 -6.77 10.67 -9.41
CA ALA A 24 -7.57 10.80 -8.20
C ALA A 24 -6.80 10.21 -7.02
N ILE A 25 -6.47 8.94 -7.15
CA ILE A 25 -5.74 8.24 -6.10
C ILE A 25 -4.47 9.02 -5.76
N CYS A 26 -3.92 9.65 -6.78
CA CYS A 26 -2.71 10.44 -6.62
C CYS A 26 -3.05 11.70 -5.82
N GLU A 27 -3.94 12.50 -6.40
CA GLU A 27 -4.37 13.74 -5.76
C GLU A 27 -4.69 13.48 -4.29
N ARG A 28 -5.11 12.25 -4.01
CA ARG A 28 -5.46 11.86 -2.65
C ARG A 28 -4.20 11.78 -1.78
N LEU A 29 -3.12 11.30 -2.39
CA LEU A 29 -1.86 11.17 -1.69
C LEU A 29 -1.67 12.37 -0.76
N LYS A 30 -1.56 12.06 0.53
CA LYS A 30 -1.37 13.10 1.53
C LYS A 30 0.10 13.14 1.95
N PRO A 31 0.54 14.35 2.37
CA PRO A 31 1.91 14.54 2.80
C PRO A 31 2.15 13.93 4.18
N CYS A 32 3.00 12.90 4.19
CA CYS A 32 3.32 12.22 5.44
C CYS A 32 4.76 11.70 5.34
N LEU A 33 5.33 11.43 6.50
CA LEU A 33 6.69 10.93 6.56
C LEU A 33 6.80 9.88 7.67
N PHE A 34 7.76 8.97 7.50
CA PHE A 34 7.97 7.92 8.48
C PHE A 34 9.32 8.09 9.18
N THR A 35 9.24 8.44 10.45
CA THR A 35 10.44 8.63 11.25
C THR A 35 11.00 7.29 11.72
N GLU A 36 11.94 7.36 12.65
CA GLU A 36 12.56 6.17 13.19
C GLU A 36 11.56 5.39 14.06
N LYS A 37 11.62 4.07 13.93
CA LYS A 37 10.74 3.21 14.69
C LYS A 37 9.31 3.35 14.15
N SER A 38 9.22 3.64 12.85
CA SER A 38 7.93 3.80 12.20
C SER A 38 7.54 2.49 11.51
N TYR A 39 6.39 1.96 11.92
CA TYR A 39 5.89 0.73 11.36
C TYR A 39 4.77 1.00 10.35
N LEU A 40 5.11 0.86 9.07
CA LEU A 40 4.15 1.09 8.02
C LEU A 40 3.04 0.03 8.10
N VAL A 41 3.46 -1.21 8.00
CA VAL A 41 2.53 -2.33 8.06
C VAL A 41 3.09 -3.41 8.98
N ARG A 42 2.18 -4.19 9.54
CA ARG A 42 2.57 -5.27 10.44
C ARG A 42 1.84 -6.56 10.06
N GLU A 43 2.31 -7.65 10.65
CA GLU A 43 1.71 -8.95 10.38
C GLU A 43 0.67 -9.29 11.46
N GLY A 44 -0.59 -9.15 11.07
CA GLY A 44 -1.68 -9.43 11.99
C GLY A 44 -2.57 -8.21 12.17
N ASP A 45 -1.94 -7.04 12.13
CA ASP A 45 -2.67 -5.79 12.29
C ASP A 45 -3.36 -5.43 10.98
N PRO A 46 -4.48 -4.67 11.10
CA PRO A 46 -5.24 -4.26 9.94
C PRO A 46 -4.52 -3.15 9.18
N VAL A 47 -5.04 -2.85 8.00
CA VAL A 47 -4.47 -1.81 7.16
C VAL A 47 -5.49 -0.70 6.96
N ASN A 48 -5.27 0.40 7.68
CA ASN A 48 -6.17 1.54 7.58
C ASN A 48 -5.85 2.33 6.32
N GLU A 49 -4.56 2.55 6.11
CA GLU A 49 -4.11 3.29 4.95
C GLU A 49 -2.83 2.67 4.38
N MET A 50 -2.68 2.80 3.07
CA MET A 50 -1.52 2.25 2.39
C MET A 50 -0.44 3.32 2.22
N LEU A 51 0.81 2.86 2.24
CA LEU A 51 1.94 3.76 2.09
C LEU A 51 2.71 3.39 0.83
N PHE A 52 2.75 4.34 -0.11
CA PHE A 52 3.44 4.12 -1.37
C PHE A 52 4.87 4.66 -1.30
N ILE A 53 5.81 3.74 -1.12
CA ILE A 53 7.21 4.10 -1.03
C ILE A 53 7.62 4.84 -2.31
N ILE A 54 8.08 6.06 -2.12
CA ILE A 54 8.51 6.88 -3.24
C ILE A 54 10.03 6.81 -3.37
N ARG A 55 10.71 7.13 -2.27
CA ARG A 55 12.15 7.11 -2.25
C ARG A 55 12.66 7.05 -0.81
N GLY A 56 13.52 6.07 -0.56
CA GLY A 56 14.09 5.88 0.76
C GLY A 56 14.58 4.45 0.96
N ARG A 57 14.52 4.00 2.20
CA ARG A 57 14.95 2.65 2.54
C ARG A 57 14.17 2.13 3.74
N LEU A 58 13.94 0.83 3.73
CA LEU A 58 13.20 0.20 4.83
C LEU A 58 13.73 -1.23 5.02
N GLU A 59 13.27 -1.85 6.10
CA GLU A 59 13.69 -3.20 6.41
C GLU A 59 12.46 -4.11 6.57
N SER A 60 12.45 -5.18 5.80
CA SER A 60 11.35 -6.13 5.85
C SER A 60 11.72 -7.32 6.74
N VAL A 61 10.80 -7.66 7.63
CA VAL A 61 11.02 -8.77 8.54
C VAL A 61 9.75 -9.62 8.62
N THR A 62 9.93 -10.87 8.98
CA THR A 62 8.81 -11.80 9.09
C THR A 62 8.93 -12.62 10.38
N THR A 63 7.79 -12.87 11.00
CA THR A 63 7.75 -13.64 12.23
C THR A 63 6.31 -14.05 12.56
N ASP A 64 5.74 -14.83 11.66
CA ASP A 64 4.37 -15.29 11.84
C ASP A 64 4.24 -15.94 13.23
N GLY A 65 3.02 -15.92 13.73
CA GLY A 65 2.74 -16.49 15.03
C GLY A 65 2.10 -17.88 14.90
N GLY A 66 2.18 -18.64 15.99
CA GLY A 66 1.62 -19.98 16.00
C GLY A 66 2.71 -21.04 15.84
N ARG A 67 3.44 -20.93 14.74
CA ARG A 67 4.51 -21.87 14.45
C ARG A 67 5.61 -21.18 13.64
N SER A 68 6.63 -20.73 14.34
CA SER A 68 7.75 -20.06 13.70
C SER A 68 9.04 -20.32 14.49
N GLY A 69 10.15 -19.93 13.88
CA GLY A 69 11.45 -20.12 14.51
C GLY A 69 12.26 -18.82 14.49
N PHE A 70 13.16 -18.73 13.52
CA PHE A 70 14.00 -17.56 13.38
C PHE A 70 13.30 -16.48 12.55
N TYR A 71 13.85 -15.27 12.60
CA TYR A 71 13.29 -14.16 11.86
C TYR A 71 14.02 -13.98 10.52
N ASN A 72 13.25 -14.11 9.45
CA ASN A 72 13.79 -13.96 8.11
C ASN A 72 13.81 -12.48 7.73
N ARG A 73 14.98 -11.87 7.91
CA ARG A 73 15.15 -10.46 7.59
C ARG A 73 15.26 -10.27 6.08
N SER A 74 14.79 -9.11 5.62
CA SER A 74 14.84 -8.79 4.20
C SER A 74 14.88 -7.28 4.01
N LEU A 75 15.05 -6.88 2.75
CA LEU A 75 15.11 -5.47 2.43
C LEU A 75 14.24 -5.20 1.19
N LEU A 76 13.78 -3.96 1.08
CA LEU A 76 12.95 -3.56 -0.04
C LEU A 76 13.65 -2.45 -0.82
N LYS A 77 13.25 -2.32 -2.08
CA LYS A 77 13.83 -1.30 -2.94
C LYS A 77 12.71 -0.39 -3.46
N GLU A 78 13.09 0.48 -4.39
CA GLU A 78 12.14 1.41 -4.98
C GLU A 78 11.16 0.66 -5.89
N GLY A 79 9.89 0.79 -5.57
CA GLY A 79 8.85 0.13 -6.35
C GLY A 79 7.98 -0.76 -5.47
N ASP A 80 8.59 -1.29 -4.42
CA ASP A 80 7.89 -2.16 -3.50
C ASP A 80 6.97 -1.31 -2.61
N PHE A 81 5.79 -1.85 -2.35
CA PHE A 81 4.82 -1.15 -1.52
C PHE A 81 4.48 -1.98 -0.28
N CYS A 82 3.51 -1.47 0.48
CA CYS A 82 3.08 -2.15 1.70
C CYS A 82 1.55 -2.21 1.69
N GLY A 83 1.02 -3.08 2.53
CA GLY A 83 -0.42 -3.24 2.65
C GLY A 83 -1.08 -3.13 1.27
N ASP A 84 -0.43 -3.72 0.28
CA ASP A 84 -0.95 -3.70 -1.08
C ASP A 84 -2.33 -4.33 -1.10
N GLU A 85 -2.47 -5.41 -0.35
CA GLU A 85 -3.74 -6.11 -0.27
C GLU A 85 -4.90 -5.13 -0.12
N LEU A 86 -4.57 -3.97 0.43
CA LEU A 86 -5.56 -2.93 0.64
C LEU A 86 -6.16 -2.53 -0.71
N LEU A 87 -5.27 -2.33 -1.68
CA LEU A 87 -5.69 -1.95 -3.01
C LEU A 87 -6.81 -2.88 -3.48
N THR A 88 -6.56 -4.18 -3.35
CA THR A 88 -7.53 -5.17 -3.75
C THR A 88 -8.78 -5.10 -2.86
N TRP A 89 -8.54 -4.88 -1.57
CA TRP A 89 -9.61 -4.78 -0.61
C TRP A 89 -10.62 -3.76 -1.13
N ALA A 90 -10.11 -2.57 -1.43
CA ALA A 90 -10.96 -1.50 -1.93
C ALA A 90 -11.52 -1.91 -3.30
N LEU A 91 -10.72 -2.68 -4.02
CA LEU A 91 -11.13 -3.14 -5.35
C LEU A 91 -12.04 -4.36 -5.20
N ASP A 92 -12.33 -4.70 -3.95
CA ASP A 92 -13.19 -5.83 -3.66
C ASP A 92 -14.23 -5.42 -2.61
N PRO A 93 -15.44 -5.07 -3.10
CA PRO A 93 -16.52 -4.66 -2.21
C PRO A 93 -17.13 -5.87 -1.51
N LYS A 94 -17.03 -7.01 -2.17
CA LYS A 94 -17.57 -8.24 -1.61
C LYS A 94 -16.84 -8.58 -0.31
N SER A 95 -15.58 -8.16 -0.26
CA SER A 95 -14.76 -8.40 0.92
C SER A 95 -15.24 -7.54 2.08
N GLY A 96 -14.69 -7.83 3.25
CA GLY A 96 -15.06 -7.09 4.45
C GLY A 96 -14.29 -7.60 5.67
N SER A 97 -15.04 -8.14 6.62
CA SER A 97 -14.46 -8.67 7.83
C SER A 97 -13.41 -7.69 8.38
N ASN A 98 -13.80 -6.42 8.41
CA ASN A 98 -12.92 -5.38 8.90
C ASN A 98 -11.80 -5.14 7.89
N LEU A 99 -10.98 -4.14 8.18
CA LEU A 99 -9.88 -3.79 7.31
C LEU A 99 -8.99 -5.03 7.10
N PRO A 100 -8.24 -5.02 5.97
CA PRO A 100 -7.35 -6.12 5.65
C PRO A 100 -6.10 -6.10 6.52
N SER A 101 -5.41 -7.22 6.55
CA SER A 101 -4.20 -7.35 7.34
C SER A 101 -3.02 -7.69 6.43
N SER A 102 -1.94 -6.94 6.60
CA SER A 102 -0.74 -7.15 5.81
C SER A 102 -0.13 -8.50 6.15
N THR A 103 0.70 -8.99 5.23
CA THR A 103 1.35 -10.27 5.41
C THR A 103 2.87 -10.08 5.49
N ARG A 104 3.27 -8.95 6.03
CA ARG A 104 4.68 -8.64 6.17
C ARG A 104 4.87 -7.40 7.05
N THR A 105 6.02 -7.36 7.71
CA THR A 105 6.33 -6.25 8.60
C THR A 105 7.43 -5.38 8.00
N VAL A 106 7.43 -4.11 8.38
CA VAL A 106 8.41 -3.17 7.88
C VAL A 106 8.61 -2.05 8.91
N LYS A 107 9.81 -1.49 8.91
CA LYS A 107 10.14 -0.42 9.83
C LYS A 107 11.08 0.57 9.14
N ALA A 108 10.91 1.84 9.51
CA ALA A 108 11.73 2.89 8.92
C ALA A 108 13.01 3.05 9.75
N LEU A 109 14.12 2.71 9.12
CA LEU A 109 15.41 2.81 9.78
C LEU A 109 16.05 4.15 9.43
N THR A 110 15.60 4.72 8.32
CA THR A 110 16.12 6.00 7.88
C THR A 110 14.99 6.89 7.37
N GLU A 111 15.32 8.15 7.15
CA GLU A 111 14.34 9.11 6.67
C GLU A 111 13.69 8.60 5.37
N VAL A 112 12.40 8.30 5.48
CA VAL A 112 11.66 7.80 4.34
C VAL A 112 10.72 8.90 3.83
N GLU A 113 10.60 8.96 2.51
CA GLU A 113 9.73 9.95 1.89
C GLU A 113 8.70 9.28 0.99
N ALA A 114 7.45 9.34 1.42
CA ALA A 114 6.36 8.74 0.67
C ALA A 114 5.04 9.35 1.10
N PHE A 115 3.97 8.96 0.41
CA PHE A 115 2.65 9.46 0.72
C PHE A 115 1.77 8.36 1.33
N ALA A 116 0.66 8.80 1.90
CA ALA A 116 -0.27 7.86 2.52
C ALA A 116 -1.55 7.79 1.68
N LEU A 117 -2.25 6.67 1.81
CA LEU A 117 -3.49 6.47 1.08
C LEU A 117 -4.50 5.75 1.97
N ILE A 118 -5.62 6.42 2.19
CA ILE A 118 -6.67 5.85 3.02
C ILE A 118 -7.55 4.94 2.17
N ALA A 119 -8.00 3.85 2.78
CA ALA A 119 -8.85 2.89 2.10
C ALA A 119 -10.17 3.58 1.71
N ASP A 120 -10.79 4.21 2.71
CA ASP A 120 -12.04 4.90 2.48
C ASP A 120 -11.99 5.62 1.13
N GLU A 121 -11.16 6.65 1.09
CA GLU A 121 -11.01 7.44 -0.13
C GLU A 121 -10.71 6.52 -1.32
N LEU A 122 -9.99 5.45 -1.03
CA LEU A 122 -9.63 4.49 -2.06
C LEU A 122 -10.89 3.80 -2.56
N LYS A 123 -11.46 2.97 -1.70
CA LYS A 123 -12.67 2.24 -2.04
C LYS A 123 -13.62 3.17 -2.79
N PHE A 124 -13.78 4.37 -2.26
CA PHE A 124 -14.65 5.36 -2.86
C PHE A 124 -14.32 5.55 -4.34
N VAL A 125 -13.19 6.19 -4.59
CA VAL A 125 -12.76 6.45 -5.95
C VAL A 125 -12.84 5.14 -6.76
N ALA A 126 -12.46 4.05 -6.10
CA ALA A 126 -12.47 2.75 -6.74
C ALA A 126 -13.91 2.42 -7.17
N SER A 127 -14.83 2.53 -6.22
CA SER A 127 -16.23 2.25 -6.49
C SER A 127 -16.78 3.28 -7.48
N GLN A 128 -16.54 4.54 -7.18
CA GLN A 128 -17.01 5.62 -8.04
C GLN A 128 -16.86 5.23 -9.51
N PHE A 129 -15.68 4.72 -9.84
CA PHE A 129 -15.40 4.31 -11.19
C PHE A 129 -16.03 2.94 -11.50
N ARG A 130 -15.91 2.04 -10.55
CA ARG A 130 -16.48 0.71 -10.70
C ARG A 130 -17.96 0.80 -11.06
N ARG A 131 -18.40 -0.16 -11.87
CA ARG A 131 -19.79 -0.20 -12.28
C ARG A 131 -20.38 -1.59 -12.00
N SER A 132 -19.71 -2.60 -12.51
CA SER A 132 -20.17 -3.97 -12.31
C SER A 132 -21.35 -4.26 -13.23
N GLY A 133 -22.40 -3.48 -13.05
CA GLY A 133 -23.61 -3.65 -13.85
C GLY A 133 -24.34 -4.94 -13.49
N PRO A 134 -24.70 -5.70 -14.55
CA PRO A 134 -25.40 -6.96 -14.36
C PRO A 134 -24.44 -8.05 -13.88
N SER A 135 -24.16 -8.00 -12.58
CA SER A 135 -23.27 -8.97 -11.96
C SER A 135 -23.96 -9.64 -10.76
N SER A 136 -24.20 -10.93 -10.90
CA SER A 136 -24.84 -11.69 -9.84
C SER A 136 -23.88 -12.73 -9.28
N GLY A 137 -24.10 -13.06 -8.02
CA GLY A 137 -23.25 -14.04 -7.35
C GLY A 137 -23.58 -15.46 -7.82
N GLY A 1 -3.02 19.71 -17.94
CA GLY A 1 -1.64 19.75 -18.40
C GLY A 1 -1.32 18.54 -19.29
N SER A 2 -0.03 18.25 -19.39
CA SER A 2 0.41 17.12 -20.20
C SER A 2 0.00 15.80 -19.54
N SER A 3 0.43 15.64 -18.30
CA SER A 3 0.10 14.44 -17.55
C SER A 3 0.66 14.54 -16.13
N GLY A 4 1.94 14.84 -16.05
CA GLY A 4 2.60 14.99 -14.75
C GLY A 4 3.26 13.67 -14.33
N SER A 5 3.90 13.71 -13.17
CA SER A 5 4.57 12.54 -12.65
C SER A 5 3.55 11.47 -12.25
N SER A 6 3.84 10.24 -12.62
CA SER A 6 2.96 9.13 -12.29
C SER A 6 3.63 8.19 -11.30
N GLY A 7 2.88 7.83 -10.26
CA GLY A 7 3.39 6.94 -9.24
C GLY A 7 2.92 5.51 -9.47
N VAL A 8 3.59 4.85 -10.41
CA VAL A 8 3.26 3.48 -10.74
C VAL A 8 4.39 2.86 -11.56
N ARG A 9 4.83 3.61 -12.56
CA ARG A 9 5.90 3.16 -13.43
C ARG A 9 5.48 1.88 -14.16
N ARG A 10 5.80 0.76 -13.53
CA ARG A 10 5.47 -0.53 -14.12
C ARG A 10 4.91 -1.47 -13.04
N VAL A 11 4.13 -0.88 -12.14
CA VAL A 11 3.53 -1.65 -11.06
C VAL A 11 2.33 -2.42 -11.61
N PRO A 12 2.19 -3.69 -11.12
CA PRO A 12 1.10 -4.54 -11.54
C PRO A 12 -0.22 -4.11 -10.89
N LEU A 13 -0.09 -3.57 -9.69
CA LEU A 13 -1.27 -3.11 -8.95
C LEU A 13 -2.22 -2.38 -9.90
N PHE A 14 -1.67 -1.38 -10.59
CA PHE A 14 -2.45 -0.60 -11.53
C PHE A 14 -2.54 -1.31 -12.88
N GLU A 15 -3.01 -2.54 -12.84
CA GLU A 15 -3.15 -3.34 -14.04
C GLU A 15 -4.51 -3.06 -14.70
N ASN A 16 -5.55 -3.21 -13.89
CA ASN A 16 -6.90 -2.99 -14.38
C ASN A 16 -7.41 -1.63 -13.86
N MET A 17 -6.47 -0.84 -13.36
CA MET A 17 -6.81 0.48 -12.84
C MET A 17 -6.62 1.55 -13.91
N ASP A 18 -7.72 2.21 -14.23
CA ASP A 18 -7.70 3.26 -15.23
C ASP A 18 -6.80 4.40 -14.75
N GLU A 19 -6.32 5.18 -15.70
CA GLU A 19 -5.44 6.30 -15.38
C GLU A 19 -6.14 7.25 -14.40
N ARG A 20 -7.39 7.57 -14.71
CA ARG A 20 -8.16 8.46 -13.87
C ARG A 20 -8.09 8.02 -12.41
N LEU A 21 -7.92 6.71 -12.23
CA LEU A 21 -7.84 6.15 -10.90
C LEU A 21 -6.48 6.49 -10.30
N LEU A 22 -5.47 6.49 -11.15
CA LEU A 22 -4.11 6.80 -10.71
C LEU A 22 -4.07 8.24 -10.19
N ASP A 23 -4.38 9.17 -11.07
CA ASP A 23 -4.37 10.58 -10.71
C ASP A 23 -5.22 10.77 -9.46
N ALA A 24 -6.39 10.15 -9.46
CA ALA A 24 -7.30 10.24 -8.34
C ALA A 24 -6.59 9.78 -7.07
N ILE A 25 -6.09 8.55 -7.12
CA ILE A 25 -5.39 7.98 -5.99
C ILE A 25 -4.13 8.81 -5.70
N CYS A 26 -3.68 9.51 -6.72
CA CYS A 26 -2.50 10.34 -6.60
C CYS A 26 -2.87 11.60 -5.83
N GLU A 27 -3.83 12.33 -6.38
CA GLU A 27 -4.29 13.56 -5.75
C GLU A 27 -4.65 13.31 -4.29
N ARG A 28 -5.01 12.06 -4.01
CA ARG A 28 -5.38 11.68 -2.66
C ARG A 28 -4.14 11.65 -1.76
N LEU A 29 -3.05 11.17 -2.32
CA LEU A 29 -1.80 11.08 -1.59
C LEU A 29 -1.66 12.31 -0.69
N LYS A 30 -1.50 12.03 0.59
CA LYS A 30 -1.36 13.10 1.58
C LYS A 30 0.12 13.21 1.99
N PRO A 31 0.52 14.47 2.33
CA PRO A 31 1.89 14.72 2.73
C PRO A 31 2.16 14.22 4.15
N CYS A 32 2.99 13.20 4.24
CA CYS A 32 3.32 12.62 5.53
C CYS A 32 4.75 12.09 5.46
N LEU A 33 5.27 11.73 6.63
CA LEU A 33 6.63 11.21 6.71
C LEU A 33 6.68 10.11 7.78
N PHE A 34 7.74 9.33 7.72
CA PHE A 34 7.93 8.24 8.66
C PHE A 34 9.27 8.36 9.39
N THR A 35 9.18 8.63 10.69
CA THR A 35 10.38 8.78 11.50
C THR A 35 10.94 7.40 11.88
N GLU A 36 11.88 7.42 12.80
CA GLU A 36 12.51 6.17 13.25
C GLU A 36 11.52 5.36 14.09
N LYS A 37 11.63 4.05 13.95
CA LYS A 37 10.76 3.15 14.69
C LYS A 37 9.33 3.29 14.17
N SER A 38 9.22 3.62 12.89
CA SER A 38 7.93 3.80 12.27
C SER A 38 7.53 2.52 11.53
N TYR A 39 6.44 1.93 11.98
CA TYR A 39 5.94 0.70 11.38
C TYR A 39 4.81 0.99 10.41
N LEU A 40 5.13 0.92 9.13
CA LEU A 40 4.15 1.17 8.08
C LEU A 40 3.03 0.13 8.18
N VAL A 41 3.44 -1.13 8.13
CA VAL A 41 2.49 -2.23 8.21
C VAL A 41 3.03 -3.30 9.16
N ARG A 42 2.11 -4.07 9.73
CA ARG A 42 2.48 -5.12 10.65
C ARG A 42 1.82 -6.44 10.23
N GLU A 43 2.33 -7.53 10.81
CA GLU A 43 1.80 -8.85 10.50
C GLU A 43 0.75 -9.25 11.54
N GLY A 44 -0.51 -9.09 11.16
CA GLY A 44 -1.60 -9.44 12.04
C GLY A 44 -2.52 -8.23 12.27
N ASP A 45 -1.91 -7.05 12.22
CA ASP A 45 -2.63 -5.82 12.44
C ASP A 45 -3.34 -5.41 11.13
N PRO A 46 -4.44 -4.63 11.29
CA PRO A 46 -5.20 -4.18 10.14
C PRO A 46 -4.46 -3.05 9.40
N VAL A 47 -5.02 -2.69 8.26
CA VAL A 47 -4.42 -1.64 7.45
C VAL A 47 -5.42 -0.49 7.29
N ASN A 48 -5.21 0.56 8.07
CA ASN A 48 -6.09 1.72 8.03
C ASN A 48 -5.82 2.50 6.74
N GLU A 49 -4.54 2.72 6.47
CA GLU A 49 -4.14 3.46 5.28
C GLU A 49 -2.94 2.77 4.62
N MET A 50 -2.84 2.98 3.31
CA MET A 50 -1.75 2.39 2.55
C MET A 50 -0.61 3.39 2.34
N LEU A 51 0.60 2.88 2.33
CA LEU A 51 1.78 3.72 2.15
C LEU A 51 2.41 3.40 0.79
N PHE A 52 2.67 4.45 0.04
CA PHE A 52 3.28 4.30 -1.28
C PHE A 52 4.71 4.87 -1.28
N ILE A 53 5.67 3.96 -1.20
CA ILE A 53 7.07 4.34 -1.20
C ILE A 53 7.35 5.18 -2.45
N ILE A 54 7.90 6.37 -2.21
CA ILE A 54 8.23 7.28 -3.30
C ILE A 54 9.73 7.20 -3.58
N ARG A 55 10.49 7.22 -2.50
CA ARG A 55 11.95 7.15 -2.62
C ARG A 55 12.59 7.12 -1.23
N GLY A 56 12.93 5.92 -0.80
CA GLY A 56 13.55 5.72 0.50
C GLY A 56 14.01 4.28 0.68
N ARG A 57 13.99 3.83 1.93
CA ARG A 57 14.41 2.48 2.25
C ARG A 57 13.63 1.97 3.48
N LEU A 58 13.60 0.65 3.60
CA LEU A 58 12.91 0.02 4.71
C LEU A 58 13.39 -1.42 4.87
N GLU A 59 12.96 -2.05 5.95
CA GLU A 59 13.33 -3.43 6.21
C GLU A 59 12.09 -4.32 6.27
N SER A 60 12.12 -5.38 5.47
CA SER A 60 11.01 -6.31 5.41
C SER A 60 11.33 -7.56 6.24
N VAL A 61 10.43 -7.89 7.14
CA VAL A 61 10.60 -9.05 8.00
C VAL A 61 9.30 -9.86 8.03
N THR A 62 9.44 -11.15 8.27
CA THR A 62 8.29 -12.04 8.33
C THR A 62 8.40 -12.96 9.55
N THR A 63 7.25 -13.34 10.07
CA THR A 63 7.18 -14.23 11.22
C THR A 63 6.46 -15.52 10.87
N ASP A 64 5.41 -15.38 10.08
CA ASP A 64 4.63 -16.53 9.66
C ASP A 64 5.34 -17.25 8.51
N GLY A 65 5.74 -18.47 8.77
CA GLY A 65 6.44 -19.27 7.78
C GLY A 65 5.83 -20.67 7.67
N GLY A 66 6.04 -21.47 8.71
CA GLY A 66 5.52 -22.81 8.74
C GLY A 66 6.49 -23.76 9.45
N ARG A 67 6.18 -24.01 10.72
CA ARG A 67 7.02 -24.89 11.53
C ARG A 67 8.41 -24.30 11.69
N SER A 68 8.93 -24.39 12.91
CA SER A 68 10.26 -23.88 13.21
C SER A 68 10.26 -22.36 13.06
N GLY A 69 10.73 -21.69 14.10
CA GLY A 69 10.81 -20.24 14.09
C GLY A 69 11.99 -19.75 13.25
N PHE A 70 11.66 -18.95 12.24
CA PHE A 70 12.68 -18.41 11.36
C PHE A 70 12.19 -17.13 10.69
N TYR A 71 12.79 -16.02 11.10
CA TYR A 71 12.44 -14.73 10.54
C TYR A 71 13.32 -14.38 9.35
N ASN A 72 12.73 -14.47 8.16
CA ASN A 72 13.45 -14.17 6.94
C ASN A 72 13.49 -12.66 6.73
N ARG A 73 14.61 -12.06 7.10
CA ARG A 73 14.77 -10.62 6.96
C ARG A 73 15.02 -10.26 5.50
N SER A 74 14.67 -9.02 5.17
CA SER A 74 14.84 -8.54 3.81
C SER A 74 14.82 -7.01 3.79
N LEU A 75 15.18 -6.46 2.64
CA LEU A 75 15.20 -5.01 2.47
C LEU A 75 14.36 -4.63 1.25
N LEU A 76 13.87 -3.40 1.27
CA LEU A 76 13.06 -2.91 0.18
C LEU A 76 13.70 -1.65 -0.40
N LYS A 77 13.37 -1.37 -1.65
CA LYS A 77 13.92 -0.20 -2.33
C LYS A 77 12.80 0.50 -3.11
N GLU A 78 13.18 1.56 -3.79
CA GLU A 78 12.22 2.33 -4.57
C GLU A 78 11.50 1.41 -5.57
N GLY A 79 10.17 1.44 -5.50
CA GLY A 79 9.35 0.61 -6.37
C GLY A 79 8.49 -0.35 -5.56
N ASP A 80 9.02 -0.75 -4.42
CA ASP A 80 8.30 -1.67 -3.55
C ASP A 80 7.26 -0.90 -2.74
N PHE A 81 6.12 -1.53 -2.54
CA PHE A 81 5.04 -0.92 -1.78
C PHE A 81 4.74 -1.70 -0.50
N CYS A 82 3.86 -1.15 0.31
CA CYS A 82 3.48 -1.78 1.56
C CYS A 82 1.96 -1.74 1.69
N GLY A 83 1.45 -2.59 2.57
CA GLY A 83 0.02 -2.65 2.79
C GLY A 83 -0.75 -2.52 1.48
N ASP A 84 -0.44 -3.41 0.55
CA ASP A 84 -1.08 -3.40 -0.75
C ASP A 84 -2.46 -4.05 -0.63
N GLU A 85 -2.57 -4.98 0.31
CA GLU A 85 -3.82 -5.68 0.54
C GLU A 85 -4.99 -4.69 0.56
N LEU A 86 -4.67 -3.45 0.93
CA LEU A 86 -5.67 -2.41 1.01
C LEU A 86 -6.21 -2.12 -0.39
N LEU A 87 -5.29 -1.82 -1.30
CA LEU A 87 -5.65 -1.53 -2.67
C LEU A 87 -6.72 -2.52 -3.13
N THR A 88 -6.39 -3.80 -3.00
CA THR A 88 -7.31 -4.86 -3.40
C THR A 88 -8.57 -4.82 -2.53
N TRP A 89 -8.36 -4.65 -1.24
CA TRP A 89 -9.46 -4.59 -0.30
C TRP A 89 -10.51 -3.64 -0.87
N ALA A 90 -10.12 -2.38 -1.02
CA ALA A 90 -11.01 -1.36 -1.54
C ALA A 90 -11.56 -1.83 -2.89
N LEU A 91 -10.66 -2.29 -3.74
CA LEU A 91 -11.03 -2.77 -5.05
C LEU A 91 -12.13 -3.83 -4.91
N ASP A 92 -12.12 -4.50 -3.77
CA ASP A 92 -13.10 -5.54 -3.49
C ASP A 92 -14.22 -4.96 -2.64
N PRO A 93 -15.43 -4.87 -3.25
CA PRO A 93 -16.59 -4.34 -2.55
C PRO A 93 -17.13 -5.35 -1.55
N LYS A 94 -16.95 -6.62 -1.88
CA LYS A 94 -17.42 -7.69 -1.01
C LYS A 94 -16.70 -7.60 0.34
N SER A 95 -15.41 -7.35 0.27
CA SER A 95 -14.60 -7.24 1.48
C SER A 95 -14.86 -8.43 2.39
N GLY A 96 -14.22 -8.39 3.55
CA GLY A 96 -14.38 -9.47 4.53
C GLY A 96 -15.30 -9.02 5.68
N SER A 97 -14.87 -7.97 6.35
CA SER A 97 -15.63 -7.44 7.48
C SER A 97 -14.93 -6.22 8.06
N ASN A 98 -13.65 -6.39 8.34
CA ASN A 98 -12.86 -5.30 8.90
C ASN A 98 -11.70 -4.99 7.95
N LEU A 99 -10.95 -3.95 8.30
CA LEU A 99 -9.81 -3.53 7.50
C LEU A 99 -8.95 -4.76 7.19
N PRO A 100 -8.16 -4.63 6.09
CA PRO A 100 -7.29 -5.71 5.66
C PRO A 100 -6.07 -5.82 6.57
N SER A 101 -5.46 -7.00 6.55
CA SER A 101 -4.28 -7.24 7.37
C SER A 101 -3.09 -7.62 6.48
N SER A 102 -2.01 -6.89 6.65
CA SER A 102 -0.81 -7.14 5.87
C SER A 102 -0.20 -8.49 6.26
N THR A 103 0.51 -9.08 5.31
CA THR A 103 1.15 -10.36 5.55
C THR A 103 2.66 -10.19 5.69
N ARG A 104 3.06 -8.99 6.09
CA ARG A 104 4.47 -8.69 6.27
C ARG A 104 4.64 -7.42 7.10
N THR A 105 5.77 -7.34 7.78
CA THR A 105 6.06 -6.19 8.62
C THR A 105 7.17 -5.34 8.00
N VAL A 106 7.17 -4.08 8.35
CA VAL A 106 8.17 -3.15 7.84
C VAL A 106 8.37 -2.01 8.85
N LYS A 107 9.62 -1.55 8.92
CA LYS A 107 9.95 -0.47 9.83
C LYS A 107 10.88 0.52 9.13
N ALA A 108 10.74 1.78 9.49
CA ALA A 108 11.56 2.83 8.90
C ALA A 108 12.87 2.93 9.66
N LEU A 109 13.94 2.53 8.98
CA LEU A 109 15.26 2.57 9.59
C LEU A 109 15.96 3.88 9.21
N THR A 110 15.55 4.42 8.06
CA THR A 110 16.12 5.66 7.57
C THR A 110 15.01 6.59 7.08
N GLU A 111 15.32 7.89 7.08
CA GLU A 111 14.36 8.88 6.64
C GLU A 111 13.61 8.39 5.39
N VAL A 112 12.32 8.15 5.58
CA VAL A 112 11.49 7.67 4.49
C VAL A 112 10.63 8.82 3.97
N GLU A 113 10.44 8.83 2.66
CA GLU A 113 9.66 9.87 2.02
C GLU A 113 8.59 9.24 1.12
N ALA A 114 7.35 9.32 1.57
CA ALA A 114 6.24 8.77 0.82
C ALA A 114 4.93 9.40 1.30
N PHE A 115 3.85 9.07 0.61
CA PHE A 115 2.55 9.59 0.95
C PHE A 115 1.64 8.49 1.51
N ALA A 116 0.60 8.92 2.21
CA ALA A 116 -0.34 8.00 2.80
C ALA A 116 -1.59 7.90 1.91
N LEU A 117 -2.33 6.82 2.11
CA LEU A 117 -3.54 6.59 1.33
C LEU A 117 -4.59 5.92 2.22
N ILE A 118 -5.71 6.61 2.38
CA ILE A 118 -6.79 6.10 3.20
C ILE A 118 -7.62 5.11 2.38
N ALA A 119 -8.07 4.06 3.05
CA ALA A 119 -8.87 3.04 2.40
C ALA A 119 -10.20 3.65 1.94
N ASP A 120 -10.81 4.41 2.84
CA ASP A 120 -12.08 5.06 2.54
C ASP A 120 -12.01 5.67 1.15
N GLU A 121 -11.21 6.72 1.03
CA GLU A 121 -11.05 7.40 -0.24
C GLU A 121 -10.74 6.40 -1.35
N LEU A 122 -9.99 5.36 -0.98
CA LEU A 122 -9.62 4.33 -1.93
C LEU A 122 -10.88 3.62 -2.43
N LYS A 123 -11.49 2.87 -1.52
CA LYS A 123 -12.70 2.14 -1.86
C LYS A 123 -13.59 3.01 -2.74
N PHE A 124 -13.78 4.25 -2.31
CA PHE A 124 -14.60 5.19 -3.04
C PHE A 124 -14.16 5.27 -4.51
N VAL A 125 -12.97 5.81 -4.71
CA VAL A 125 -12.43 5.95 -6.05
C VAL A 125 -12.40 4.57 -6.73
N ALA A 126 -12.18 3.55 -5.92
CA ALA A 126 -12.13 2.19 -6.43
C ALA A 126 -13.53 1.75 -6.85
N SER A 127 -14.53 2.41 -6.27
CA SER A 127 -15.91 2.11 -6.58
C SER A 127 -16.39 2.97 -7.74
N GLN A 128 -15.98 4.23 -7.71
CA GLN A 128 -16.36 5.17 -8.74
C GLN A 128 -16.18 4.54 -10.13
N PHE A 129 -14.92 4.24 -10.44
CA PHE A 129 -14.60 3.63 -11.72
C PHE A 129 -14.82 2.12 -11.68
N ARG A 130 -14.08 1.47 -10.79
CA ARG A 130 -14.19 0.03 -10.64
C ARG A 130 -14.27 -0.64 -12.02
N ARG A 131 -13.67 0.02 -13.00
CA ARG A 131 -13.67 -0.49 -14.36
C ARG A 131 -12.67 -1.64 -14.49
N SER A 132 -13.20 -2.83 -14.79
CA SER A 132 -12.36 -4.00 -14.93
C SER A 132 -11.69 -4.34 -13.61
N GLY A 133 -11.49 -5.63 -13.39
CA GLY A 133 -10.85 -6.10 -12.17
C GLY A 133 -9.62 -6.95 -12.48
N PRO A 134 -8.81 -7.19 -11.42
CA PRO A 134 -7.60 -7.99 -11.56
C PRO A 134 -7.94 -9.48 -11.70
N SER A 135 -8.83 -9.92 -10.83
CA SER A 135 -9.24 -11.32 -10.84
C SER A 135 -9.59 -11.76 -12.26
N SER A 136 -8.77 -12.64 -12.79
CA SER A 136 -8.97 -13.14 -14.14
C SER A 136 -8.00 -14.28 -14.43
N GLY A 137 -8.54 -15.36 -14.97
CA GLY A 137 -7.73 -16.52 -15.30
C GLY A 137 -7.57 -17.44 -14.09
N GLY A 1 -0.13 20.42 -4.60
CA GLY A 1 1.31 20.20 -4.75
C GLY A 1 2.11 21.17 -3.90
N SER A 2 3.33 20.77 -3.58
CA SER A 2 4.20 21.59 -2.77
C SER A 2 5.62 21.61 -3.37
N SER A 3 6.19 20.42 -3.48
CA SER A 3 7.53 20.29 -4.04
C SER A 3 7.47 19.59 -5.39
N GLY A 4 6.92 18.39 -5.38
CA GLY A 4 6.78 17.61 -6.60
C GLY A 4 6.67 16.12 -6.29
N SER A 5 5.82 15.45 -7.07
CA SER A 5 5.62 14.02 -6.89
C SER A 5 5.98 13.27 -8.18
N SER A 6 6.62 12.13 -8.00
CA SER A 6 7.02 11.32 -9.13
C SER A 6 7.50 9.95 -8.65
N GLY A 7 6.60 8.97 -8.73
CA GLY A 7 6.92 7.61 -8.31
C GLY A 7 6.06 6.60 -9.05
N VAL A 8 5.65 5.57 -8.31
CA VAL A 8 4.82 4.53 -8.88
C VAL A 8 5.30 4.22 -10.30
N ARG A 9 6.55 3.77 -10.39
CA ARG A 9 7.13 3.43 -11.68
C ARG A 9 6.35 2.30 -12.34
N ARG A 10 5.23 2.67 -12.94
CA ARG A 10 4.38 1.70 -13.62
C ARG A 10 4.34 0.39 -12.82
N VAL A 11 3.77 0.49 -11.63
CA VAL A 11 3.65 -0.67 -10.75
C VAL A 11 2.52 -1.57 -11.27
N PRO A 12 2.60 -2.86 -10.85
CA PRO A 12 1.58 -3.83 -11.26
C PRO A 12 0.28 -3.61 -10.49
N LEU A 13 0.35 -2.77 -9.47
CA LEU A 13 -0.81 -2.47 -8.66
C LEU A 13 -1.89 -1.84 -9.53
N PHE A 14 -1.58 -0.68 -10.07
CA PHE A 14 -2.52 0.03 -10.93
C PHE A 14 -2.45 -0.49 -12.37
N GLU A 15 -2.64 -1.80 -12.50
CA GLU A 15 -2.60 -2.43 -13.80
C GLU A 15 -3.97 -2.33 -14.49
N ASN A 16 -4.99 -2.78 -13.77
CA ASN A 16 -6.34 -2.75 -14.29
C ASN A 16 -6.98 -1.40 -13.95
N MET A 17 -6.42 -0.76 -12.94
CA MET A 17 -6.93 0.54 -12.51
C MET A 17 -7.13 1.47 -13.69
N ASP A 18 -8.00 2.45 -13.50
CA ASP A 18 -8.28 3.42 -14.55
C ASP A 18 -7.32 4.60 -14.42
N GLU A 19 -6.97 5.18 -15.56
CA GLU A 19 -6.07 6.30 -15.60
C GLU A 19 -6.48 7.35 -14.55
N ARG A 20 -7.66 7.92 -14.77
CA ARG A 20 -8.18 8.92 -13.86
C ARG A 20 -8.01 8.47 -12.41
N LEU A 21 -8.04 7.16 -12.23
CA LEU A 21 -7.89 6.58 -10.91
C LEU A 21 -6.50 6.92 -10.36
N LEU A 22 -5.51 6.81 -11.24
CA LEU A 22 -4.13 7.09 -10.86
C LEU A 22 -4.06 8.51 -10.29
N ASP A 23 -4.59 9.46 -11.06
CA ASP A 23 -4.58 10.84 -10.64
C ASP A 23 -5.46 11.01 -9.40
N ALA A 24 -6.59 10.34 -9.42
CA ALA A 24 -7.52 10.40 -8.30
C ALA A 24 -6.82 9.90 -7.04
N ILE A 25 -6.37 8.65 -7.09
CA ILE A 25 -5.68 8.05 -5.97
C ILE A 25 -4.45 8.89 -5.61
N CYS A 26 -3.90 9.53 -6.63
CA CYS A 26 -2.73 10.38 -6.43
C CYS A 26 -3.15 11.61 -5.63
N GLU A 27 -4.17 12.28 -6.13
CA GLU A 27 -4.68 13.48 -5.47
C GLU A 27 -4.94 13.20 -3.99
N ARG A 28 -5.13 11.92 -3.70
CA ARG A 28 -5.40 11.50 -2.32
C ARG A 28 -4.10 11.53 -1.51
N LEU A 29 -3.01 11.21 -2.18
CA LEU A 29 -1.71 11.19 -1.53
C LEU A 29 -1.56 12.44 -0.66
N LYS A 30 -1.32 12.20 0.62
CA LYS A 30 -1.16 13.29 1.57
C LYS A 30 0.31 13.41 1.97
N PRO A 31 0.71 14.64 2.37
CA PRO A 31 2.08 14.89 2.77
C PRO A 31 2.36 14.32 4.16
N CYS A 32 3.16 13.27 4.18
CA CYS A 32 3.51 12.62 5.43
C CYS A 32 4.91 12.00 5.28
N LEU A 33 5.55 11.77 6.42
CA LEU A 33 6.88 11.19 6.43
C LEU A 33 6.99 10.20 7.59
N PHE A 34 7.89 9.24 7.42
CA PHE A 34 8.10 8.23 8.43
C PHE A 34 9.48 8.36 9.06
N THR A 35 9.50 8.77 10.32
CA THR A 35 10.75 8.94 11.04
C THR A 35 11.27 7.60 11.54
N GLU A 36 12.28 7.67 12.39
CA GLU A 36 12.87 6.46 12.94
C GLU A 36 11.87 5.74 13.84
N LYS A 37 11.93 4.41 13.79
CA LYS A 37 11.03 3.60 14.59
C LYS A 37 9.59 3.80 14.12
N SER A 38 9.44 3.94 12.81
CA SER A 38 8.14 4.14 12.21
C SER A 38 7.64 2.84 11.58
N TYR A 39 6.50 2.38 12.07
CA TYR A 39 5.91 1.16 11.56
C TYR A 39 4.82 1.47 10.53
N LEU A 40 5.09 1.08 9.29
CA LEU A 40 4.15 1.30 8.22
C LEU A 40 3.03 0.25 8.29
N VAL A 41 3.45 -1.01 8.26
CA VAL A 41 2.51 -2.11 8.32
C VAL A 41 2.98 -3.13 9.36
N ARG A 42 2.01 -3.85 9.92
CA ARG A 42 2.33 -4.86 10.92
C ARG A 42 1.58 -6.16 10.61
N GLU A 43 2.08 -7.24 11.19
CA GLU A 43 1.47 -8.54 11.00
C GLU A 43 0.47 -8.84 12.10
N GLY A 44 -0.80 -8.76 11.75
CA GLY A 44 -1.87 -9.01 12.71
C GLY A 44 -2.80 -7.79 12.84
N ASP A 45 -2.20 -6.62 12.73
CA ASP A 45 -2.95 -5.39 12.84
C ASP A 45 -3.58 -5.06 11.48
N PRO A 46 -4.71 -4.31 11.52
CA PRO A 46 -5.41 -3.93 10.31
C PRO A 46 -4.66 -2.81 9.58
N VAL A 47 -5.16 -2.50 8.38
CA VAL A 47 -4.55 -1.46 7.57
C VAL A 47 -5.57 -0.35 7.32
N ASN A 48 -5.36 0.77 7.98
CA ASN A 48 -6.25 1.91 7.83
C ASN A 48 -5.91 2.66 6.55
N GLU A 49 -4.61 2.87 6.35
CA GLU A 49 -4.14 3.57 5.17
C GLU A 49 -2.87 2.91 4.64
N MET A 50 -2.70 3.01 3.32
CA MET A 50 -1.54 2.42 2.67
C MET A 50 -0.44 3.46 2.47
N LEU A 51 0.79 2.98 2.54
CA LEU A 51 1.94 3.85 2.36
C LEU A 51 2.69 3.47 1.08
N PHE A 52 2.80 4.43 0.18
CA PHE A 52 3.48 4.21 -1.09
C PHE A 52 4.91 4.75 -1.04
N ILE A 53 5.85 3.83 -0.86
CA ILE A 53 7.25 4.20 -0.79
C ILE A 53 7.65 4.93 -2.09
N ILE A 54 8.16 6.14 -1.92
CA ILE A 54 8.57 6.95 -3.05
C ILE A 54 10.10 6.91 -3.16
N ARG A 55 10.76 7.20 -2.05
CA ARG A 55 12.21 7.20 -2.02
C ARG A 55 12.71 7.01 -0.58
N GLY A 56 13.54 6.00 -0.40
CA GLY A 56 14.09 5.69 0.90
C GLY A 56 14.39 4.21 1.05
N ARG A 57 14.69 3.81 2.28
CA ARG A 57 14.99 2.42 2.56
C ARG A 57 14.15 1.93 3.74
N LEU A 58 13.92 0.62 3.76
CA LEU A 58 13.13 0.01 4.83
C LEU A 58 13.52 -1.47 4.95
N GLU A 59 12.99 -2.09 6.00
CA GLU A 59 13.28 -3.49 6.24
C GLU A 59 11.97 -4.29 6.32
N SER A 60 11.96 -5.42 5.63
CA SER A 60 10.79 -6.28 5.61
C SER A 60 11.07 -7.57 6.39
N VAL A 61 10.11 -7.95 7.22
CA VAL A 61 10.23 -9.15 8.02
C VAL A 61 8.88 -9.86 8.08
N THR A 62 8.96 -11.19 8.10
CA THR A 62 7.75 -12.00 8.16
C THR A 62 8.04 -13.34 8.83
N THR A 63 7.06 -13.81 9.60
CA THR A 63 7.20 -15.07 10.31
C THR A 63 6.18 -16.09 9.79
N ASP A 64 5.36 -15.63 8.85
CA ASP A 64 4.35 -16.48 8.26
C ASP A 64 4.34 -16.29 6.74
N GLY A 65 4.37 -17.42 6.03
CA GLY A 65 4.37 -17.38 4.58
C GLY A 65 5.41 -18.34 4.01
N GLY A 66 4.94 -19.27 3.20
CA GLY A 66 5.82 -20.25 2.58
C GLY A 66 5.94 -21.49 3.45
N ARG A 67 6.62 -21.33 4.58
CA ARG A 67 6.81 -22.43 5.50
C ARG A 67 7.22 -21.90 6.88
N SER A 68 6.90 -22.69 7.90
CA SER A 68 7.22 -22.30 9.27
C SER A 68 8.72 -22.43 9.50
N GLY A 69 9.29 -21.40 10.11
CA GLY A 69 10.71 -21.38 10.40
C GLY A 69 11.11 -20.07 11.08
N PHE A 70 12.35 -19.67 10.83
CA PHE A 70 12.87 -18.44 11.41
C PHE A 70 12.35 -17.22 10.66
N TYR A 71 12.64 -16.05 11.22
CA TYR A 71 12.21 -14.80 10.61
C TYR A 71 12.96 -14.54 9.31
N ASN A 72 12.19 -14.26 8.27
CA ASN A 72 12.76 -13.99 6.96
C ASN A 72 12.84 -12.47 6.75
N ARG A 73 14.03 -11.94 6.96
CA ARG A 73 14.25 -10.51 6.79
C ARG A 73 14.56 -10.18 5.33
N SER A 74 14.23 -8.95 4.96
CA SER A 74 14.46 -8.50 3.58
C SER A 74 14.49 -6.98 3.54
N LEU A 75 14.83 -6.46 2.36
CA LEU A 75 14.90 -5.02 2.17
C LEU A 75 13.99 -4.63 1.00
N LEU A 76 13.38 -3.47 1.13
CA LEU A 76 12.48 -2.96 0.11
C LEU A 76 13.16 -1.79 -0.62
N LYS A 77 13.52 -2.04 -1.87
CA LYS A 77 14.17 -1.02 -2.68
C LYS A 77 13.13 -0.01 -3.16
N GLU A 78 13.61 1.11 -3.65
CA GLU A 78 12.74 2.17 -4.15
C GLU A 78 11.84 1.62 -5.26
N GLY A 79 10.54 1.73 -5.04
CA GLY A 79 9.56 1.26 -6.01
C GLY A 79 8.55 0.30 -5.36
N ASP A 80 9.07 -0.51 -4.44
CA ASP A 80 8.22 -1.47 -3.74
C ASP A 80 7.28 -0.72 -2.80
N PHE A 81 6.24 -1.43 -2.38
CA PHE A 81 5.26 -0.84 -1.48
C PHE A 81 4.96 -1.78 -0.32
N CYS A 82 4.10 -1.31 0.58
CA CYS A 82 3.72 -2.10 1.74
C CYS A 82 2.20 -2.08 1.85
N GLY A 83 1.68 -2.96 2.70
CA GLY A 83 0.24 -3.05 2.90
C GLY A 83 -0.51 -2.86 1.59
N ASP A 84 0.05 -3.42 0.53
CA ASP A 84 -0.55 -3.33 -0.78
C ASP A 84 -1.93 -4.00 -0.77
N GLU A 85 -2.07 -4.95 0.16
CA GLU A 85 -3.31 -5.68 0.29
C GLU A 85 -4.50 -4.71 0.33
N LEU A 86 -4.28 -3.60 1.01
CA LEU A 86 -5.32 -2.58 1.14
C LEU A 86 -5.89 -2.26 -0.25
N LEU A 87 -4.99 -2.16 -1.22
CA LEU A 87 -5.38 -1.86 -2.58
C LEU A 87 -6.36 -2.93 -3.07
N THR A 88 -5.97 -4.18 -2.88
CA THR A 88 -6.82 -5.29 -3.29
C THR A 88 -8.10 -5.31 -2.48
N TRP A 89 -7.96 -4.99 -1.20
CA TRP A 89 -9.11 -4.97 -0.30
C TRP A 89 -10.23 -4.19 -0.99
N ALA A 90 -9.97 -2.91 -1.21
CA ALA A 90 -10.94 -2.04 -1.84
C ALA A 90 -11.42 -2.69 -3.14
N LEU A 91 -10.45 -3.13 -3.94
CA LEU A 91 -10.75 -3.77 -5.21
C LEU A 91 -11.75 -4.90 -4.98
N ASP A 92 -11.77 -5.40 -3.75
CA ASP A 92 -12.66 -6.48 -3.39
C ASP A 92 -13.81 -5.93 -2.54
N PRO A 93 -15.00 -5.84 -3.18
CA PRO A 93 -16.18 -5.33 -2.48
C PRO A 93 -16.74 -6.37 -1.51
N LYS A 94 -16.50 -7.62 -1.84
CA LYS A 94 -16.97 -8.72 -1.00
C LYS A 94 -16.37 -8.57 0.39
N SER A 95 -15.14 -8.10 0.43
CA SER A 95 -14.44 -7.92 1.70
C SER A 95 -14.76 -6.53 2.27
N GLY A 96 -15.93 -6.42 2.87
CA GLY A 96 -16.36 -5.16 3.45
C GLY A 96 -16.95 -5.37 4.85
N SER A 97 -16.05 -5.61 5.80
CA SER A 97 -16.45 -5.83 7.17
C SER A 97 -15.38 -5.32 8.14
N ASN A 98 -14.17 -5.81 7.91
CA ASN A 98 -13.04 -5.41 8.75
C ASN A 98 -11.84 -5.10 7.86
N LEU A 99 -11.15 -4.02 8.19
CA LEU A 99 -9.99 -3.60 7.44
C LEU A 99 -9.09 -4.81 7.17
N PRO A 100 -8.25 -4.68 6.11
CA PRO A 100 -7.35 -5.76 5.73
C PRO A 100 -6.18 -5.85 6.71
N SER A 101 -5.50 -7.00 6.66
CA SER A 101 -4.36 -7.23 7.54
C SER A 101 -3.11 -7.48 6.70
N SER A 102 -2.07 -6.71 7.00
CA SER A 102 -0.81 -6.85 6.28
C SER A 102 -0.05 -8.07 6.78
N THR A 103 0.25 -8.96 5.85
CA THR A 103 0.97 -10.18 6.19
C THR A 103 2.48 -9.94 6.13
N ARG A 104 2.88 -8.81 6.71
CA ARG A 104 4.29 -8.45 6.73
C ARG A 104 4.49 -7.20 7.59
N THR A 105 5.69 -7.10 8.16
CA THR A 105 6.03 -5.96 9.00
C THR A 105 7.20 -5.18 8.38
N VAL A 106 7.07 -3.86 8.43
CA VAL A 106 8.11 -2.99 7.89
C VAL A 106 8.39 -1.86 8.89
N LYS A 107 9.62 -1.37 8.83
CA LYS A 107 10.03 -0.29 9.71
C LYS A 107 10.99 0.64 8.98
N ALA A 108 11.06 1.87 9.45
CA ALA A 108 11.93 2.86 8.85
C ALA A 108 13.23 2.94 9.64
N LEU A 109 14.26 2.32 9.09
CA LEU A 109 15.56 2.31 9.73
C LEU A 109 16.31 3.60 9.37
N THR A 110 15.93 4.17 8.24
CA THR A 110 16.55 5.40 7.78
C THR A 110 15.50 6.35 7.20
N GLU A 111 15.84 7.62 7.16
CA GLU A 111 14.94 8.63 6.64
C GLU A 111 14.26 8.13 5.36
N VAL A 112 12.95 8.32 5.30
CA VAL A 112 12.18 7.90 4.15
C VAL A 112 11.22 9.02 3.74
N GLU A 113 10.79 8.96 2.49
CA GLU A 113 9.87 9.96 1.97
C GLU A 113 8.81 9.29 1.10
N ALA A 114 7.57 9.38 1.56
CA ALA A 114 6.45 8.80 0.83
C ALA A 114 5.15 9.45 1.29
N PHE A 115 4.06 9.07 0.62
CA PHE A 115 2.76 9.61 0.94
C PHE A 115 1.88 8.54 1.60
N ALA A 116 0.70 8.98 2.02
CA ALA A 116 -0.25 8.08 2.66
C ALA A 116 -1.51 7.98 1.80
N LEU A 117 -2.17 6.84 1.90
CA LEU A 117 -3.39 6.61 1.14
C LEU A 117 -4.43 5.94 2.05
N ILE A 118 -5.58 6.59 2.16
CA ILE A 118 -6.65 6.07 2.98
C ILE A 118 -7.48 5.08 2.17
N ALA A 119 -7.96 4.05 2.85
CA ALA A 119 -8.77 3.04 2.20
C ALA A 119 -10.09 3.65 1.74
N ASP A 120 -10.72 4.39 2.65
CA ASP A 120 -11.98 5.04 2.34
C ASP A 120 -11.93 5.62 0.93
N GLU A 121 -11.11 6.66 0.79
CA GLU A 121 -10.96 7.31 -0.51
C GLU A 121 -10.71 6.27 -1.60
N LEU A 122 -10.08 5.17 -1.20
CA LEU A 122 -9.79 4.10 -2.13
C LEU A 122 -11.09 3.44 -2.58
N LYS A 123 -11.72 2.74 -1.65
CA LYS A 123 -12.97 2.07 -1.93
C LYS A 123 -13.85 2.97 -2.79
N PHE A 124 -13.97 4.22 -2.36
CA PHE A 124 -14.78 5.19 -3.09
C PHE A 124 -14.35 5.27 -4.55
N VAL A 125 -13.15 5.82 -4.76
CA VAL A 125 -12.62 5.97 -6.10
C VAL A 125 -12.65 4.61 -6.80
N ALA A 126 -12.54 3.56 -6.00
CA ALA A 126 -12.56 2.21 -6.54
C ALA A 126 -13.96 1.88 -7.05
N SER A 127 -14.94 2.35 -6.30
CA SER A 127 -16.34 2.11 -6.65
C SER A 127 -16.78 3.11 -7.72
N GLN A 128 -16.38 4.36 -7.53
CA GLN A 128 -16.73 5.41 -8.45
C GLN A 128 -16.67 4.89 -9.89
N PHE A 129 -15.44 4.61 -10.32
CA PHE A 129 -15.23 4.10 -11.67
C PHE A 129 -15.53 2.60 -11.76
N ARG A 130 -14.79 1.83 -10.98
CA ARG A 130 -14.97 0.39 -10.95
C ARG A 130 -14.98 -0.17 -12.37
N ARG A 131 -15.19 -1.47 -12.46
CA ARG A 131 -15.22 -2.14 -13.75
C ARG A 131 -13.93 -1.89 -14.52
N SER A 132 -13.11 -2.93 -14.59
CA SER A 132 -11.84 -2.82 -15.29
C SER A 132 -11.47 -4.18 -15.88
N GLY A 133 -10.54 -4.14 -16.83
CA GLY A 133 -10.09 -5.35 -17.48
C GLY A 133 -9.59 -6.39 -16.46
N PRO A 134 -9.53 -7.66 -16.91
CA PRO A 134 -9.08 -8.74 -16.04
C PRO A 134 -7.56 -8.70 -15.86
N SER A 135 -7.13 -9.01 -14.65
CA SER A 135 -5.72 -9.00 -14.33
C SER A 135 -5.42 -10.04 -13.24
N SER A 136 -4.15 -10.41 -13.15
CA SER A 136 -3.73 -11.39 -12.16
C SER A 136 -2.22 -11.28 -11.93
N GLY A 137 -1.86 -11.23 -10.65
CA GLY A 137 -0.45 -11.13 -10.29
C GLY A 137 -0.18 -9.81 -9.57
N GLY A 1 17.86 15.43 -10.75
CA GLY A 1 16.96 16.30 -10.00
C GLY A 1 16.08 15.48 -9.06
N SER A 2 14.79 15.81 -9.07
CA SER A 2 13.83 15.11 -8.23
C SER A 2 12.66 14.63 -9.05
N SER A 3 12.13 13.47 -8.67
CA SER A 3 10.99 12.89 -9.37
C SER A 3 10.37 11.77 -8.52
N GLY A 4 11.19 10.78 -8.22
CA GLY A 4 10.74 9.66 -7.41
C GLY A 4 9.83 8.74 -8.23
N SER A 5 8.76 8.29 -7.58
CA SER A 5 7.81 7.41 -8.24
C SER A 5 8.54 6.21 -8.84
N SER A 6 8.87 5.25 -7.97
CA SER A 6 9.57 4.06 -8.41
C SER A 6 8.62 2.86 -8.39
N GLY A 7 7.78 2.83 -7.36
CA GLY A 7 6.81 1.74 -7.22
C GLY A 7 5.48 2.11 -7.87
N VAL A 8 5.57 2.56 -9.12
CA VAL A 8 4.39 2.94 -9.87
C VAL A 8 4.66 2.75 -11.36
N ARG A 9 5.78 3.29 -11.80
CA ARG A 9 6.16 3.19 -13.20
C ARG A 9 6.03 1.74 -13.69
N ARG A 10 4.94 1.49 -14.39
CA ARG A 10 4.69 0.15 -14.92
C ARG A 10 4.34 -0.81 -13.78
N VAL A 11 3.52 -0.31 -12.86
CA VAL A 11 3.10 -1.10 -11.72
C VAL A 11 1.87 -1.92 -12.11
N PRO A 12 1.84 -3.19 -11.61
CA PRO A 12 0.73 -4.08 -11.90
C PRO A 12 -0.50 -3.70 -11.08
N LEU A 13 -0.24 -3.18 -9.89
CA LEU A 13 -1.32 -2.77 -9.00
C LEU A 13 -2.41 -2.06 -9.82
N PHE A 14 -1.98 -1.09 -10.61
CA PHE A 14 -2.91 -0.35 -11.44
C PHE A 14 -3.11 -1.03 -12.80
N GLU A 15 -3.41 -2.32 -12.73
CA GLU A 15 -3.63 -3.10 -13.94
C GLU A 15 -5.07 -2.93 -14.43
N ASN A 16 -6.00 -3.18 -13.52
CA ASN A 16 -7.41 -3.07 -13.85
C ASN A 16 -7.93 -1.70 -13.39
N MET A 17 -6.98 -0.82 -13.10
CA MET A 17 -7.32 0.52 -12.65
C MET A 17 -7.19 1.53 -13.79
N ASP A 18 -8.17 2.43 -13.86
CA ASP A 18 -8.19 3.44 -14.89
C ASP A 18 -7.25 4.59 -14.49
N GLU A 19 -6.82 5.33 -15.49
CA GLU A 19 -5.93 6.46 -15.26
C GLU A 19 -6.57 7.44 -14.26
N ARG A 20 -7.83 7.76 -14.52
CA ARG A 20 -8.55 8.69 -13.67
C ARG A 20 -8.42 8.26 -12.20
N LEU A 21 -8.18 6.98 -12.01
CA LEU A 21 -8.02 6.44 -10.67
C LEU A 21 -6.62 6.77 -10.15
N LEU A 22 -5.66 6.75 -11.08
CA LEU A 22 -4.28 7.04 -10.74
C LEU A 22 -4.18 8.44 -10.13
N ASP A 23 -4.73 9.40 -10.86
CA ASP A 23 -4.72 10.78 -10.41
C ASP A 23 -5.54 10.90 -9.12
N ALA A 24 -6.77 10.44 -9.20
CA ALA A 24 -7.67 10.48 -8.05
C ALA A 24 -6.93 9.95 -6.82
N ILE A 25 -6.37 8.77 -6.97
CA ILE A 25 -5.64 8.14 -5.88
C ILE A 25 -4.36 8.95 -5.60
N CYS A 26 -3.84 9.57 -6.65
CA CYS A 26 -2.65 10.38 -6.52
C CYS A 26 -2.98 11.60 -5.67
N GLU A 27 -3.82 12.47 -6.22
CA GLU A 27 -4.23 13.67 -5.53
C GLU A 27 -4.55 13.36 -4.06
N ARG A 28 -4.98 12.13 -3.83
CA ARG A 28 -5.32 11.69 -2.49
C ARG A 28 -4.06 11.62 -1.62
N LEU A 29 -2.99 11.10 -2.21
CA LEU A 29 -1.74 10.97 -1.49
C LEU A 29 -1.51 12.22 -0.63
N LYS A 30 -1.44 12.00 0.66
CA LYS A 30 -1.23 13.08 1.60
C LYS A 30 0.27 13.21 1.89
N PRO A 31 0.68 14.47 2.24
CA PRO A 31 2.08 14.74 2.55
C PRO A 31 2.45 14.20 3.93
N CYS A 32 3.25 13.14 3.92
CA CYS A 32 3.68 12.53 5.16
C CYS A 32 5.14 12.09 4.99
N LEU A 33 5.78 11.83 6.13
CA LEU A 33 7.17 11.41 6.12
C LEU A 33 7.39 10.38 7.23
N PHE A 34 8.33 9.48 6.98
CA PHE A 34 8.64 8.44 7.94
C PHE A 34 10.09 8.57 8.44
N THR A 35 10.23 8.45 9.75
CA THR A 35 11.54 8.56 10.37
C THR A 35 11.94 7.23 11.02
N GLU A 36 13.00 7.28 11.80
CA GLU A 36 13.49 6.10 12.48
C GLU A 36 12.46 5.61 13.50
N LYS A 37 12.35 4.29 13.60
CA LYS A 37 11.40 3.70 14.53
C LYS A 37 9.98 3.99 14.06
N SER A 38 9.79 3.93 12.75
CA SER A 38 8.49 4.18 12.16
C SER A 38 7.95 2.90 11.53
N TYR A 39 6.79 2.49 12.01
CA TYR A 39 6.15 1.28 11.50
C TYR A 39 5.06 1.63 10.49
N LEU A 40 5.24 1.14 9.28
CA LEU A 40 4.27 1.39 8.22
C LEU A 40 3.13 0.38 8.33
N VAL A 41 3.49 -0.89 8.25
CA VAL A 41 2.50 -1.95 8.34
C VAL A 41 3.00 -3.02 9.33
N ARG A 42 2.05 -3.77 9.86
CA ARG A 42 2.37 -4.83 10.81
C ARG A 42 1.76 -6.15 10.36
N GLU A 43 2.30 -7.22 10.92
CA GLU A 43 1.82 -8.56 10.57
C GLU A 43 0.80 -9.03 11.62
N GLY A 44 -0.41 -9.26 11.14
CA GLY A 44 -1.48 -9.72 12.01
C GLY A 44 -2.53 -8.63 12.21
N ASP A 45 -2.07 -7.39 12.15
CA ASP A 45 -2.96 -6.25 12.32
C ASP A 45 -3.55 -5.87 10.96
N PRO A 46 -4.72 -5.17 11.02
CA PRO A 46 -5.39 -4.74 9.80
C PRO A 46 -4.66 -3.55 9.17
N VAL A 47 -5.11 -3.20 7.97
CA VAL A 47 -4.53 -2.08 7.25
C VAL A 47 -5.55 -0.94 7.17
N ASN A 48 -5.24 0.15 7.85
CA ASN A 48 -6.10 1.30 7.85
C ASN A 48 -5.81 2.17 6.62
N GLU A 49 -4.53 2.34 6.35
CA GLU A 49 -4.11 3.13 5.20
C GLU A 49 -2.88 2.49 4.54
N MET A 50 -2.82 2.65 3.23
CA MET A 50 -1.71 2.10 2.46
C MET A 50 -0.63 3.15 2.22
N LEU A 51 0.61 2.70 2.28
CA LEU A 51 1.75 3.59 2.07
C LEU A 51 2.41 3.26 0.73
N PHE A 52 2.75 4.31 0.00
CA PHE A 52 3.39 4.15 -1.30
C PHE A 52 4.83 4.66 -1.26
N ILE A 53 5.75 3.71 -1.15
CA ILE A 53 7.17 4.05 -1.11
C ILE A 53 7.52 4.93 -2.31
N ILE A 54 8.07 6.09 -2.02
CA ILE A 54 8.46 7.02 -3.07
C ILE A 54 9.95 6.89 -3.35
N ARG A 55 10.73 6.92 -2.26
CA ARG A 55 12.17 6.81 -2.38
C ARG A 55 12.80 6.65 -0.99
N GLY A 56 13.76 5.74 -0.91
CA GLY A 56 14.45 5.49 0.35
C GLY A 56 14.64 3.99 0.57
N ARG A 57 14.90 3.64 1.83
CA ARG A 57 15.10 2.25 2.19
C ARG A 57 14.20 1.87 3.37
N LEU A 58 14.05 0.56 3.56
CA LEU A 58 13.22 0.05 4.64
C LEU A 58 13.65 -1.37 4.98
N GLU A 59 13.10 -1.89 6.06
CA GLU A 59 13.41 -3.23 6.50
C GLU A 59 12.15 -4.10 6.49
N SER A 60 12.22 -5.18 5.72
CA SER A 60 11.10 -6.10 5.62
C SER A 60 11.30 -7.28 6.57
N VAL A 61 10.25 -7.58 7.31
CA VAL A 61 10.30 -8.69 8.26
C VAL A 61 8.93 -9.38 8.30
N THR A 62 8.98 -10.70 8.43
CA THR A 62 7.76 -11.49 8.47
C THR A 62 7.91 -12.64 9.48
N THR A 63 6.91 -12.77 10.33
CA THR A 63 6.92 -13.81 11.35
C THR A 63 6.06 -14.99 10.90
N ASP A 64 4.79 -14.68 10.62
CA ASP A 64 3.85 -15.70 10.18
C ASP A 64 4.53 -16.60 9.13
N GLY A 65 4.64 -17.87 9.48
CA GLY A 65 5.26 -18.83 8.58
C GLY A 65 4.92 -20.26 9.00
N GLY A 66 5.54 -20.69 10.09
CA GLY A 66 5.31 -22.03 10.61
C GLY A 66 5.15 -22.01 12.13
N ARG A 67 4.01 -21.50 12.57
CA ARG A 67 3.71 -21.42 13.98
C ARG A 67 4.97 -21.01 14.76
N SER A 68 5.12 -19.71 14.93
CA SER A 68 6.27 -19.18 15.64
C SER A 68 7.56 -19.53 14.91
N GLY A 69 8.55 -18.67 15.06
CA GLY A 69 9.84 -18.88 14.42
C GLY A 69 10.48 -17.56 14.03
N PHE A 70 11.81 -17.55 14.06
CA PHE A 70 12.57 -16.36 13.73
C PHE A 70 12.17 -15.83 12.34
N TYR A 71 11.40 -14.76 12.34
CA TYR A 71 10.95 -14.16 11.10
C TYR A 71 12.12 -14.00 10.12
N ASN A 72 11.77 -14.04 8.84
CA ASN A 72 12.77 -13.90 7.79
C ASN A 72 12.96 -12.41 7.48
N ARG A 73 14.11 -11.90 7.89
CA ARG A 73 14.43 -10.49 7.65
C ARG A 73 14.75 -10.26 6.18
N SER A 74 14.34 -9.11 5.70
CA SER A 74 14.58 -8.75 4.30
C SER A 74 14.69 -7.23 4.16
N LEU A 75 15.04 -6.80 2.95
CA LEU A 75 15.18 -5.38 2.67
C LEU A 75 14.40 -5.04 1.40
N LEU A 76 13.94 -3.79 1.35
CA LEU A 76 13.18 -3.32 0.20
C LEU A 76 13.93 -2.15 -0.44
N LYS A 77 13.62 -1.92 -1.72
CA LYS A 77 14.24 -0.85 -2.45
C LYS A 77 13.16 -0.03 -3.16
N GLU A 78 13.62 0.89 -4.00
CA GLU A 78 12.71 1.74 -4.76
C GLU A 78 11.90 0.90 -5.75
N GLY A 79 10.58 0.95 -5.58
CA GLY A 79 9.69 0.20 -6.46
C GLY A 79 8.74 -0.68 -5.65
N ASP A 80 9.23 -1.13 -4.50
CA ASP A 80 8.44 -1.97 -3.62
C ASP A 80 7.43 -1.11 -2.86
N PHE A 81 6.24 -1.66 -2.72
CA PHE A 81 5.17 -0.96 -2.02
C PHE A 81 4.74 -1.72 -0.77
N CYS A 82 3.98 -1.05 0.08
CA CYS A 82 3.49 -1.64 1.30
C CYS A 82 1.96 -1.54 1.32
N GLY A 83 1.36 -2.29 2.22
CA GLY A 83 -0.09 -2.28 2.36
C GLY A 83 -0.77 -2.32 0.98
N ASP A 84 -0.11 -2.98 0.05
CA ASP A 84 -0.63 -3.09 -1.30
C ASP A 84 -1.96 -3.84 -1.27
N GLU A 85 -2.08 -4.73 -0.29
CA GLU A 85 -3.29 -5.51 -0.14
C GLU A 85 -4.52 -4.60 -0.12
N LEU A 86 -4.33 -3.42 0.46
CA LEU A 86 -5.41 -2.45 0.55
C LEU A 86 -5.89 -2.10 -0.85
N LEU A 87 -4.95 -1.66 -1.68
CA LEU A 87 -5.27 -1.29 -3.04
C LEU A 87 -6.20 -2.34 -3.65
N THR A 88 -5.81 -3.59 -3.49
CA THR A 88 -6.60 -4.70 -4.01
C THR A 88 -7.90 -4.85 -3.22
N TRP A 89 -7.76 -4.77 -1.91
CA TRP A 89 -8.91 -4.90 -1.03
C TRP A 89 -10.06 -4.09 -1.64
N ALA A 90 -9.88 -2.78 -1.66
CA ALA A 90 -10.89 -1.90 -2.22
C ALA A 90 -11.33 -2.42 -3.58
N LEU A 91 -10.34 -2.74 -4.41
CA LEU A 91 -10.62 -3.24 -5.74
C LEU A 91 -11.48 -4.51 -5.62
N ASP A 92 -11.34 -5.18 -4.50
CA ASP A 92 -12.11 -6.40 -4.25
C ASP A 92 -13.45 -6.04 -3.62
N PRO A 93 -14.54 -6.37 -4.36
CA PRO A 93 -15.88 -6.09 -3.87
C PRO A 93 -16.29 -7.08 -2.78
N LYS A 94 -15.95 -8.33 -3.00
CA LYS A 94 -16.27 -9.38 -2.04
C LYS A 94 -15.84 -8.93 -0.65
N SER A 95 -14.66 -8.32 -0.59
CA SER A 95 -14.12 -7.84 0.67
C SER A 95 -14.81 -6.53 1.07
N GLY A 96 -15.43 -6.56 2.23
CA GLY A 96 -16.13 -5.39 2.74
C GLY A 96 -16.76 -5.68 4.10
N SER A 97 -15.92 -5.74 5.11
CA SER A 97 -16.38 -6.01 6.47
C SER A 97 -15.26 -5.74 7.47
N ASN A 98 -14.08 -6.22 7.12
CA ASN A 98 -12.91 -6.04 7.98
C ASN A 98 -11.69 -5.68 7.12
N LEU A 99 -11.01 -4.63 7.53
CA LEU A 99 -9.83 -4.19 6.81
C LEU A 99 -8.96 -5.38 6.47
N PRO A 100 -8.10 -5.20 5.43
CA PRO A 100 -7.21 -6.26 5.00
C PRO A 100 -6.03 -6.42 5.96
N SER A 101 -5.19 -7.39 5.67
CA SER A 101 -4.03 -7.66 6.50
C SER A 101 -2.75 -7.52 5.68
N SER A 102 -1.73 -6.94 6.32
CA SER A 102 -0.45 -6.75 5.65
C SER A 102 0.17 -8.11 5.31
N THR A 103 1.15 -8.06 4.42
CA THR A 103 1.83 -9.27 4.00
C THR A 103 3.10 -9.48 4.81
N ARG A 104 3.73 -8.37 5.18
CA ARG A 104 4.95 -8.41 5.97
C ARG A 104 5.11 -7.12 6.78
N THR A 105 5.81 -7.25 7.89
CA THR A 105 6.04 -6.11 8.76
C THR A 105 7.27 -5.32 8.30
N VAL A 106 7.03 -4.11 7.86
CA VAL A 106 8.11 -3.24 7.38
C VAL A 106 8.36 -2.14 8.42
N LYS A 107 9.62 -1.72 8.48
CA LYS A 107 10.01 -0.68 9.42
C LYS A 107 10.99 0.28 8.74
N ALA A 108 11.12 1.45 9.32
CA ALA A 108 12.02 2.46 8.77
C ALA A 108 13.24 2.59 9.69
N LEU A 109 14.40 2.33 9.10
CA LEU A 109 15.64 2.40 9.83
C LEU A 109 16.37 3.70 9.48
N THR A 110 16.11 4.17 8.27
CA THR A 110 16.72 5.40 7.79
C THR A 110 15.66 6.34 7.22
N GLU A 111 15.99 7.62 7.23
CA GLU A 111 15.08 8.64 6.72
C GLU A 111 14.42 8.16 5.42
N VAL A 112 13.11 8.33 5.37
CA VAL A 112 12.36 7.92 4.19
C VAL A 112 11.29 8.98 3.90
N GLU A 113 10.72 8.88 2.70
CA GLU A 113 9.69 9.81 2.28
C GLU A 113 8.65 9.10 1.41
N ALA A 114 7.40 9.20 1.84
CA ALA A 114 6.31 8.57 1.11
C ALA A 114 4.99 9.24 1.50
N PHE A 115 3.93 8.82 0.83
CA PHE A 115 2.61 9.36 1.10
C PHE A 115 1.69 8.30 1.71
N ALA A 116 0.60 8.76 2.29
CA ALA A 116 -0.36 7.87 2.91
C ALA A 116 -1.60 7.75 2.01
N LEU A 117 -2.36 6.69 2.24
CA LEU A 117 -3.56 6.46 1.47
C LEU A 117 -4.58 5.69 2.32
N ILE A 118 -5.72 6.32 2.51
CA ILE A 118 -6.78 5.71 3.30
C ILE A 118 -7.59 4.76 2.44
N ALA A 119 -8.06 3.70 3.06
CA ALA A 119 -8.85 2.69 2.35
C ALA A 119 -10.19 3.31 1.95
N ASP A 120 -10.86 3.88 2.94
CA ASP A 120 -12.16 4.50 2.71
C ASP A 120 -12.13 5.25 1.37
N GLU A 121 -11.39 6.34 1.37
CA GLU A 121 -11.28 7.15 0.16
C GLU A 121 -10.97 6.26 -1.05
N LEU A 122 -10.28 5.16 -0.78
CA LEU A 122 -9.92 4.23 -1.82
C LEU A 122 -11.19 3.58 -2.39
N LYS A 123 -11.85 2.81 -1.54
CA LYS A 123 -13.07 2.14 -1.95
C LYS A 123 -13.95 3.11 -2.73
N PHE A 124 -14.07 4.32 -2.20
CA PHE A 124 -14.87 5.34 -2.83
C PHE A 124 -14.46 5.54 -4.30
N VAL A 125 -13.25 6.05 -4.48
CA VAL A 125 -12.72 6.29 -5.80
C VAL A 125 -12.76 4.98 -6.60
N ALA A 126 -12.65 3.88 -5.88
CA ALA A 126 -12.68 2.57 -6.51
C ALA A 126 -14.07 2.30 -7.06
N SER A 127 -15.04 2.20 -6.15
CA SER A 127 -16.41 1.95 -6.53
C SER A 127 -16.83 2.92 -7.64
N GLN A 128 -16.44 4.17 -7.48
CA GLN A 128 -16.77 5.19 -8.45
C GLN A 128 -16.68 4.62 -9.88
N PHE A 129 -15.57 3.92 -10.12
CA PHE A 129 -15.35 3.33 -11.43
C PHE A 129 -15.76 1.85 -11.42
N ARG A 130 -15.26 1.14 -10.44
CA ARG A 130 -15.56 -0.29 -10.31
C ARG A 130 -17.03 -0.54 -10.64
N ARG A 131 -17.89 0.19 -9.96
CA ARG A 131 -19.33 0.05 -10.17
C ARG A 131 -19.78 -1.37 -9.84
N SER A 132 -21.00 -1.48 -9.38
CA SER A 132 -21.56 -2.77 -9.02
C SER A 132 -22.42 -3.30 -10.18
N GLY A 133 -21.74 -3.90 -11.15
CA GLY A 133 -22.43 -4.45 -12.30
C GLY A 133 -22.18 -5.96 -12.41
N PRO A 134 -22.59 -6.53 -13.59
CA PRO A 134 -22.41 -7.95 -13.84
C PRO A 134 -20.95 -8.27 -14.14
N SER A 135 -20.42 -7.58 -15.13
CA SER A 135 -19.03 -7.79 -15.53
C SER A 135 -18.59 -6.68 -16.48
N SER A 136 -17.78 -5.78 -15.94
CA SER A 136 -17.28 -4.66 -16.73
C SER A 136 -18.41 -4.04 -17.55
N GLY A 137 -19.07 -3.07 -16.94
CA GLY A 137 -20.18 -2.40 -17.59
C GLY A 137 -19.70 -1.11 -18.28
N GLY A 1 8.47 17.96 0.50
CA GLY A 1 9.43 16.87 0.47
C GLY A 1 10.80 17.36 -0.01
N SER A 2 11.56 16.42 -0.55
CA SER A 2 12.89 16.74 -1.05
C SER A 2 12.97 16.44 -2.55
N SER A 3 12.70 15.18 -2.88
CA SER A 3 12.75 14.75 -4.26
C SER A 3 12.02 13.42 -4.42
N GLY A 4 11.14 13.36 -5.41
CA GLY A 4 10.38 12.15 -5.66
C GLY A 4 9.68 12.22 -7.03
N SER A 5 9.34 11.06 -7.54
CA SER A 5 8.67 10.97 -8.83
C SER A 5 8.52 9.51 -9.25
N SER A 6 9.65 8.81 -9.30
CA SER A 6 9.67 7.42 -9.68
C SER A 6 8.84 6.60 -8.68
N GLY A 7 7.61 6.30 -9.08
CA GLY A 7 6.72 5.53 -8.24
C GLY A 7 5.94 4.50 -9.07
N VAL A 8 4.76 4.91 -9.50
CA VAL A 8 3.90 4.04 -10.29
C VAL A 8 4.17 4.29 -11.77
N ARG A 9 5.44 4.53 -12.09
CA ARG A 9 5.84 4.77 -13.46
C ARG A 9 5.66 3.51 -14.31
N ARG A 10 5.41 2.40 -13.62
CA ARG A 10 5.20 1.14 -14.29
C ARG A 10 4.81 0.06 -13.28
N VAL A 11 3.97 0.45 -12.33
CA VAL A 11 3.51 -0.47 -11.30
C VAL A 11 2.36 -1.31 -11.86
N PRO A 12 2.37 -2.61 -11.49
CA PRO A 12 1.33 -3.53 -11.93
C PRO A 12 0.02 -3.28 -11.18
N LEU A 13 0.16 -2.89 -9.93
CA LEU A 13 -1.00 -2.61 -9.09
C LEU A 13 -2.04 -1.85 -9.91
N PHE A 14 -1.68 -0.65 -10.30
CA PHE A 14 -2.57 0.19 -11.09
C PHE A 14 -2.62 -0.28 -12.55
N GLU A 15 -2.93 -1.55 -12.71
CA GLU A 15 -3.02 -2.14 -14.04
C GLU A 15 -4.40 -1.86 -14.65
N ASN A 16 -5.43 -2.23 -13.90
CA ASN A 16 -6.80 -2.04 -14.35
C ASN A 16 -7.22 -0.59 -14.09
N MET A 17 -6.51 0.03 -13.16
CA MET A 17 -6.80 1.42 -12.80
C MET A 17 -6.85 2.31 -14.04
N ASP A 18 -7.61 3.38 -13.94
CA ASP A 18 -7.75 4.32 -15.04
C ASP A 18 -7.03 5.63 -14.69
N GLU A 19 -6.62 6.33 -15.73
CA GLU A 19 -5.92 7.59 -15.54
C GLU A 19 -6.64 8.45 -14.50
N ARG A 20 -7.94 8.63 -14.71
CA ARG A 20 -8.74 9.41 -13.79
C ARG A 20 -8.60 8.87 -12.37
N LEU A 21 -8.39 7.57 -12.27
CA LEU A 21 -8.24 6.92 -10.99
C LEU A 21 -6.84 7.19 -10.45
N LEU A 22 -5.89 7.29 -11.37
CA LEU A 22 -4.51 7.55 -11.00
C LEU A 22 -4.42 8.91 -10.30
N ASP A 23 -4.98 9.91 -10.96
CA ASP A 23 -4.96 11.26 -10.40
C ASP A 23 -5.76 11.27 -9.10
N ALA A 24 -7.01 10.88 -9.20
CA ALA A 24 -7.88 10.85 -8.04
C ALA A 24 -7.10 10.31 -6.83
N ILE A 25 -6.62 9.08 -6.98
CA ILE A 25 -5.86 8.46 -5.92
C ILE A 25 -4.66 9.33 -5.56
N CYS A 26 -4.09 9.95 -6.58
CA CYS A 26 -2.94 10.82 -6.40
C CYS A 26 -3.34 11.95 -5.45
N GLU A 27 -4.41 12.65 -5.82
CA GLU A 27 -4.90 13.75 -5.02
C GLU A 27 -5.08 13.30 -3.57
N ARG A 28 -5.25 11.99 -3.39
CA ARG A 28 -5.43 11.43 -2.07
C ARG A 28 -4.11 11.42 -1.31
N LEU A 29 -3.05 11.06 -2.02
CA LEU A 29 -1.73 11.00 -1.43
C LEU A 29 -1.52 12.24 -0.54
N LYS A 30 -1.29 11.97 0.74
CA LYS A 30 -1.09 13.04 1.70
C LYS A 30 0.41 13.15 2.00
N PRO A 31 0.84 14.41 2.32
CA PRO A 31 2.23 14.67 2.63
C PRO A 31 2.60 14.15 4.01
N CYS A 32 3.11 12.93 4.04
CA CYS A 32 3.50 12.31 5.30
C CYS A 32 4.93 11.81 5.16
N LEU A 33 5.57 11.57 6.31
CA LEU A 33 6.93 11.09 6.32
C LEU A 33 7.09 10.08 7.47
N PHE A 34 7.98 9.13 7.24
CA PHE A 34 8.24 8.10 8.23
C PHE A 34 9.63 8.29 8.87
N THR A 35 9.62 8.64 10.14
CA THR A 35 10.86 8.85 10.88
C THR A 35 11.42 7.51 11.37
N GLU A 36 12.41 7.61 12.24
CA GLU A 36 13.03 6.43 12.80
C GLU A 36 12.06 5.70 13.73
N LYS A 37 12.09 4.37 13.65
CA LYS A 37 11.22 3.56 14.47
C LYS A 37 9.77 3.76 14.03
N SER A 38 9.60 3.93 12.73
CA SER A 38 8.27 4.13 12.17
C SER A 38 7.78 2.85 11.50
N TYR A 39 6.69 2.32 12.03
CA TYR A 39 6.11 1.10 11.50
C TYR A 39 5.02 1.42 10.46
N LEU A 40 5.27 0.98 9.25
CA LEU A 40 4.33 1.21 8.16
C LEU A 40 3.18 0.18 8.26
N VAL A 41 3.58 -1.08 8.25
CA VAL A 41 2.61 -2.16 8.34
C VAL A 41 3.08 -3.18 9.37
N ARG A 42 2.12 -3.90 9.93
CA ARG A 42 2.42 -4.91 10.94
C ARG A 42 1.62 -6.18 10.66
N GLU A 43 2.25 -7.31 10.96
CA GLU A 43 1.61 -8.60 10.75
C GLU A 43 0.70 -8.94 11.92
N GLY A 44 -0.59 -9.08 11.62
CA GLY A 44 -1.57 -9.40 12.63
C GLY A 44 -2.66 -8.33 12.69
N ASP A 45 -2.25 -7.10 12.47
CA ASP A 45 -3.19 -5.98 12.49
C ASP A 45 -3.59 -5.63 11.06
N PRO A 46 -4.78 -4.99 10.93
CA PRO A 46 -5.28 -4.59 9.63
C PRO A 46 -4.54 -3.37 9.11
N VAL A 47 -4.82 -3.04 7.85
CA VAL A 47 -4.19 -1.90 7.22
C VAL A 47 -5.22 -0.79 7.01
N ASN A 48 -5.11 0.25 7.82
CA ASN A 48 -6.02 1.37 7.75
C ASN A 48 -5.72 2.18 6.47
N GLU A 49 -4.44 2.42 6.26
CA GLU A 49 -4.00 3.17 5.09
C GLU A 49 -2.79 2.49 4.44
N MET A 50 -2.67 2.71 3.14
CA MET A 50 -1.56 2.14 2.40
C MET A 50 -0.44 3.15 2.19
N LEU A 51 0.79 2.66 2.23
CA LEU A 51 1.94 3.52 2.05
C LEU A 51 2.63 3.17 0.72
N PHE A 52 2.84 4.21 -0.08
CA PHE A 52 3.49 4.03 -1.37
C PHE A 52 4.90 4.60 -1.37
N ILE A 53 5.87 3.71 -1.27
CA ILE A 53 7.26 4.11 -1.25
C ILE A 53 7.58 4.88 -2.54
N ILE A 54 8.11 6.08 -2.36
CA ILE A 54 8.46 6.92 -3.48
C ILE A 54 9.98 6.88 -3.69
N ARG A 55 10.69 7.13 -2.61
CA ARG A 55 12.15 7.11 -2.67
C ARG A 55 12.73 7.04 -1.25
N GLY A 56 13.30 5.87 -0.94
CA GLY A 56 13.89 5.65 0.37
C GLY A 56 14.29 4.19 0.55
N ARG A 57 14.35 3.78 1.81
CA ARG A 57 14.73 2.41 2.14
C ARG A 57 13.92 1.91 3.34
N LEU A 58 13.81 0.60 3.43
CA LEU A 58 13.08 -0.02 4.52
C LEU A 58 13.57 -1.46 4.71
N GLU A 59 13.10 -2.07 5.79
CA GLU A 59 13.47 -3.44 6.09
C GLU A 59 12.22 -4.31 6.23
N SER A 60 12.29 -5.50 5.65
CA SER A 60 11.19 -6.43 5.71
C SER A 60 11.46 -7.52 6.76
N VAL A 61 10.52 -7.66 7.67
CA VAL A 61 10.65 -8.66 8.72
C VAL A 61 9.33 -9.44 8.85
N THR A 62 9.46 -10.69 9.26
CA THR A 62 8.30 -11.55 9.42
C THR A 62 8.50 -12.50 10.59
N THR A 63 7.38 -12.97 11.13
CA THR A 63 7.43 -13.89 12.25
C THR A 63 6.04 -14.49 12.52
N ASP A 64 5.04 -13.61 12.46
CA ASP A 64 3.67 -14.03 12.69
C ASP A 64 3.19 -14.87 11.51
N GLY A 65 2.41 -15.90 11.81
CA GLY A 65 1.89 -16.78 10.78
C GLY A 65 2.95 -17.79 10.34
N GLY A 66 2.77 -18.28 9.13
CA GLY A 66 3.70 -19.25 8.57
C GLY A 66 4.04 -20.33 9.59
N ARG A 67 5.24 -20.88 9.45
CA ARG A 67 5.69 -21.93 10.34
C ARG A 67 7.21 -21.86 10.52
N SER A 68 7.63 -21.01 11.45
CA SER A 68 9.05 -20.85 11.72
C SER A 68 9.25 -20.18 13.08
N GLY A 69 10.50 -20.17 13.53
CA GLY A 69 10.83 -19.57 14.80
C GLY A 69 11.61 -18.27 14.61
N PHE A 70 12.89 -18.42 14.30
CA PHE A 70 13.74 -17.27 14.09
C PHE A 70 13.14 -16.31 13.06
N TYR A 71 13.35 -15.02 13.31
CA TYR A 71 12.82 -14.00 12.43
C TYR A 71 13.67 -13.88 11.17
N ASN A 72 13.00 -13.98 10.03
CA ASN A 72 13.68 -13.88 8.74
C ASN A 72 13.75 -12.41 8.31
N ARG A 73 14.88 -11.79 8.63
CA ARG A 73 15.08 -10.40 8.28
C ARG A 73 15.44 -10.27 6.80
N SER A 74 15.07 -9.12 6.23
CA SER A 74 15.34 -8.86 4.83
C SER A 74 15.18 -7.37 4.54
N LEU A 75 15.55 -6.99 3.32
CA LEU A 75 15.44 -5.60 2.90
C LEU A 75 14.70 -5.54 1.56
N LEU A 76 14.11 -4.37 1.32
CA LEU A 76 13.36 -4.16 0.08
C LEU A 76 14.13 -3.18 -0.80
N LYS A 77 13.72 -3.12 -2.07
CA LYS A 77 14.36 -2.25 -3.02
C LYS A 77 13.58 -0.93 -3.10
N GLU A 78 13.97 -0.10 -4.05
CA GLU A 78 13.32 1.19 -4.24
C GLU A 78 12.08 1.03 -5.12
N GLY A 79 10.93 1.31 -4.52
CA GLY A 79 9.67 1.20 -5.23
C GLY A 79 8.81 0.07 -4.65
N ASP A 80 9.29 -0.51 -3.56
CA ASP A 80 8.58 -1.60 -2.92
C ASP A 80 7.35 -1.04 -2.19
N PHE A 81 6.25 -1.72 -2.37
CA PHE A 81 5.00 -1.31 -1.74
C PHE A 81 4.52 -2.36 -0.72
N CYS A 82 3.87 -1.86 0.32
CA CYS A 82 3.36 -2.74 1.36
C CYS A 82 1.84 -2.60 1.39
N GLY A 83 1.22 -3.42 2.23
CA GLY A 83 -0.22 -3.40 2.37
C GLY A 83 -0.91 -3.20 1.01
N ASP A 84 -0.32 -3.81 -0.01
CA ASP A 84 -0.85 -3.70 -1.35
C ASP A 84 -2.24 -4.32 -1.39
N GLU A 85 -2.49 -5.22 -0.45
CA GLU A 85 -3.77 -5.89 -0.36
C GLU A 85 -4.90 -4.86 -0.28
N LEU A 86 -4.57 -3.71 0.30
CA LEU A 86 -5.54 -2.64 0.46
C LEU A 86 -6.09 -2.26 -0.92
N LEU A 87 -5.18 -1.92 -1.82
CA LEU A 87 -5.56 -1.53 -3.16
C LEU A 87 -6.62 -2.50 -3.69
N THR A 88 -6.33 -3.79 -3.53
CA THR A 88 -7.24 -4.82 -3.98
C THR A 88 -8.48 -4.85 -3.10
N TRP A 89 -8.27 -4.77 -1.80
CA TRP A 89 -9.36 -4.78 -0.85
C TRP A 89 -10.47 -3.88 -1.39
N ALA A 90 -10.13 -2.62 -1.60
CA ALA A 90 -11.08 -1.65 -2.11
C ALA A 90 -11.67 -2.17 -3.43
N LEU A 91 -10.77 -2.49 -4.35
CA LEU A 91 -11.19 -3.00 -5.65
C LEU A 91 -12.14 -4.18 -5.45
N ASP A 92 -12.06 -4.78 -4.26
CA ASP A 92 -12.91 -5.91 -3.94
C ASP A 92 -14.06 -5.44 -3.04
N PRO A 93 -15.28 -5.40 -3.65
CA PRO A 93 -16.46 -4.97 -2.92
C PRO A 93 -16.93 -6.05 -1.96
N LYS A 94 -16.81 -7.30 -2.41
CA LYS A 94 -17.23 -8.42 -1.60
C LYS A 94 -16.62 -8.29 -0.20
N SER A 95 -15.41 -7.76 -0.16
CA SER A 95 -14.72 -7.58 1.10
C SER A 95 -15.63 -6.85 2.10
N GLY A 96 -16.21 -7.64 2.99
CA GLY A 96 -17.11 -7.10 4.01
C GLY A 96 -16.41 -5.99 4.81
N SER A 97 -17.02 -5.68 5.95
CA SER A 97 -16.46 -4.66 6.82
C SER A 97 -15.31 -5.23 7.64
N ASN A 98 -14.20 -5.45 6.97
CA ASN A 98 -13.02 -5.99 7.62
C ASN A 98 -11.77 -5.63 6.81
N LEU A 99 -11.01 -4.68 7.36
CA LEU A 99 -9.80 -4.24 6.70
C LEU A 99 -8.94 -5.45 6.32
N PRO A 100 -8.03 -5.23 5.34
CA PRO A 100 -7.15 -6.30 4.89
C PRO A 100 -6.03 -6.55 5.90
N SER A 101 -5.12 -7.43 5.51
CA SER A 101 -4.00 -7.77 6.37
C SER A 101 -2.69 -7.47 5.65
N SER A 102 -1.70 -7.07 6.45
CA SER A 102 -0.39 -6.75 5.92
C SER A 102 0.31 -8.03 5.45
N THR A 103 1.34 -7.84 4.63
CA THR A 103 2.11 -8.96 4.10
C THR A 103 3.28 -9.27 5.03
N ARG A 104 3.93 -8.22 5.50
CA ARG A 104 5.08 -8.38 6.38
C ARG A 104 5.27 -7.11 7.22
N THR A 105 6.05 -7.25 8.28
CA THR A 105 6.32 -6.14 9.17
C THR A 105 7.52 -5.32 8.65
N VAL A 106 7.20 -4.16 8.11
CA VAL A 106 8.22 -3.27 7.58
C VAL A 106 8.45 -2.11 8.54
N LYS A 107 9.71 -1.69 8.64
CA LYS A 107 10.05 -0.58 9.52
C LYS A 107 10.94 0.40 8.75
N ALA A 108 11.07 1.59 9.32
CA ALA A 108 11.88 2.63 8.71
C ALA A 108 13.21 2.74 9.46
N LEU A 109 14.28 2.40 8.76
CA LEU A 109 15.60 2.46 9.34
C LEU A 109 16.27 3.78 8.96
N THR A 110 15.85 4.31 7.82
CA THR A 110 16.39 5.57 7.33
C THR A 110 15.27 6.47 6.83
N GLU A 111 15.57 7.76 6.77
CA GLU A 111 14.60 8.73 6.32
C GLU A 111 13.88 8.23 5.08
N VAL A 112 12.56 8.08 5.20
CA VAL A 112 11.76 7.61 4.09
C VAL A 112 10.89 8.75 3.57
N GLU A 113 10.68 8.75 2.26
CA GLU A 113 9.88 9.78 1.62
C GLU A 113 8.79 9.14 0.75
N ALA A 114 7.56 9.20 1.25
CA ALA A 114 6.44 8.64 0.53
C ALA A 114 5.15 9.26 1.06
N PHE A 115 4.05 8.90 0.39
CA PHE A 115 2.74 9.41 0.79
C PHE A 115 1.87 8.30 1.38
N ALA A 116 0.73 8.70 1.91
CA ALA A 116 -0.19 7.76 2.51
C ALA A 116 -1.43 7.64 1.63
N LEU A 117 -2.22 6.61 1.89
CA LEU A 117 -3.44 6.37 1.14
C LEU A 117 -4.46 5.67 2.02
N ILE A 118 -5.63 6.28 2.14
CA ILE A 118 -6.69 5.71 2.95
C ILE A 118 -7.53 4.76 2.09
N ALA A 119 -7.98 3.68 2.73
CA ALA A 119 -8.78 2.69 2.05
C ALA A 119 -10.11 3.31 1.64
N ASP A 120 -10.75 3.98 2.60
CA ASP A 120 -12.03 4.62 2.35
C ASP A 120 -11.99 5.30 0.98
N GLU A 121 -11.21 6.37 0.91
CA GLU A 121 -11.08 7.12 -0.33
C GLU A 121 -10.80 6.18 -1.50
N LEU A 122 -10.00 5.16 -1.21
CA LEU A 122 -9.66 4.17 -2.23
C LEU A 122 -10.92 3.48 -2.72
N LYS A 123 -11.57 2.78 -1.80
CA LYS A 123 -12.79 2.07 -2.13
C LYS A 123 -13.76 3.02 -2.83
N PHE A 124 -13.90 4.20 -2.25
CA PHE A 124 -14.78 5.22 -2.81
C PHE A 124 -14.47 5.48 -4.28
N VAL A 125 -13.24 5.93 -4.52
CA VAL A 125 -12.80 6.22 -5.87
C VAL A 125 -12.82 4.94 -6.69
N ALA A 126 -12.62 3.83 -6.01
CA ALA A 126 -12.62 2.53 -6.66
C ALA A 126 -14.04 2.21 -7.16
N SER A 127 -14.97 2.22 -6.23
CA SER A 127 -16.36 1.94 -6.55
C SER A 127 -16.88 2.97 -7.55
N GLN A 128 -16.66 4.23 -7.22
CA GLN A 128 -17.11 5.32 -8.07
C GLN A 128 -16.90 4.96 -9.55
N PHE A 129 -15.71 4.43 -9.83
CA PHE A 129 -15.38 4.04 -11.19
C PHE A 129 -15.95 2.66 -11.52
N ARG A 130 -15.65 1.71 -10.64
CA ARG A 130 -16.13 0.35 -10.83
C ARG A 130 -17.62 0.25 -10.51
N ARG A 131 -18.43 0.63 -11.47
CA ARG A 131 -19.87 0.59 -11.30
C ARG A 131 -20.43 -0.75 -11.76
N SER A 132 -20.58 -1.66 -10.80
CA SER A 132 -21.10 -2.97 -11.09
C SER A 132 -21.82 -3.54 -9.86
N GLY A 133 -22.94 -4.21 -10.12
CA GLY A 133 -23.73 -4.79 -9.06
C GLY A 133 -23.74 -6.31 -9.15
N PRO A 134 -24.28 -6.96 -8.08
CA PRO A 134 -24.36 -8.41 -8.04
C PRO A 134 -25.47 -8.93 -8.95
N SER A 135 -25.09 -9.21 -10.19
CA SER A 135 -26.04 -9.71 -11.17
C SER A 135 -26.55 -11.09 -10.76
N SER A 136 -27.84 -11.30 -10.94
CA SER A 136 -28.46 -12.57 -10.60
C SER A 136 -27.85 -13.69 -11.43
N GLY A 137 -28.12 -14.91 -11.01
CA GLY A 137 -27.61 -16.08 -11.71
C GLY A 137 -26.64 -16.87 -10.84
N GLY A 1 4.54 20.18 -5.98
CA GLY A 1 5.00 18.92 -6.55
C GLY A 1 3.83 18.07 -7.01
N SER A 2 4.00 16.76 -6.89
CA SER A 2 2.97 15.83 -7.29
C SER A 2 2.71 15.93 -8.79
N SER A 3 3.43 15.10 -9.54
CA SER A 3 3.30 15.10 -10.99
C SER A 3 4.07 13.92 -11.58
N GLY A 4 3.76 13.62 -12.83
CA GLY A 4 4.42 12.52 -13.52
C GLY A 4 4.12 11.18 -12.85
N SER A 5 5.16 10.41 -12.63
CA SER A 5 5.02 9.11 -12.00
C SER A 5 6.40 8.52 -11.70
N SER A 6 6.79 8.64 -10.45
CA SER A 6 8.09 8.11 -10.01
C SER A 6 7.88 6.93 -9.07
N GLY A 7 8.93 6.13 -8.95
CA GLY A 7 8.88 4.97 -8.08
C GLY A 7 8.00 3.86 -8.68
N VAL A 8 6.73 4.16 -8.80
CA VAL A 8 5.77 3.21 -9.35
C VAL A 8 5.85 3.26 -10.88
N ARG A 9 7.05 3.01 -11.39
CA ARG A 9 7.26 3.02 -12.83
C ARG A 9 6.14 2.28 -13.55
N ARG A 10 5.82 1.10 -13.03
CA ARG A 10 4.77 0.29 -13.61
C ARG A 10 4.56 -0.98 -12.77
N VAL A 11 4.16 -0.77 -11.53
CA VAL A 11 3.92 -1.88 -10.62
C VAL A 11 2.69 -2.67 -11.10
N PRO A 12 2.62 -3.95 -10.63
CA PRO A 12 1.51 -4.81 -10.99
C PRO A 12 0.23 -4.42 -10.25
N LEU A 13 0.41 -3.55 -9.26
CA LEU A 13 -0.71 -3.10 -8.47
C LEU A 13 -1.70 -2.33 -9.36
N PHE A 14 -1.19 -1.27 -9.97
CA PHE A 14 -2.00 -0.44 -10.84
C PHE A 14 -2.08 -1.05 -12.25
N GLU A 15 -2.56 -2.28 -12.30
CA GLU A 15 -2.68 -2.99 -13.57
C GLU A 15 -4.05 -2.70 -14.19
N ASN A 16 -5.09 -2.93 -13.41
CA ASN A 16 -6.45 -2.71 -13.88
C ASN A 16 -6.83 -1.25 -13.64
N MET A 17 -6.06 -0.60 -12.78
CA MET A 17 -6.30 0.80 -12.45
C MET A 17 -6.44 1.64 -13.72
N ASP A 18 -7.16 2.74 -13.59
CA ASP A 18 -7.39 3.63 -14.71
C ASP A 18 -6.62 4.94 -14.48
N GLU A 19 -6.33 5.61 -15.58
CA GLU A 19 -5.60 6.87 -15.49
C GLU A 19 -6.28 7.83 -14.51
N ARG A 20 -7.57 7.98 -14.69
CA ARG A 20 -8.35 8.85 -13.82
C ARG A 20 -8.23 8.40 -12.37
N LEU A 21 -8.02 7.10 -12.20
CA LEU A 21 -7.89 6.53 -10.87
C LEU A 21 -6.51 6.88 -10.30
N LEU A 22 -5.54 6.96 -11.21
CA LEU A 22 -4.18 7.28 -10.83
C LEU A 22 -4.13 8.71 -10.27
N ASP A 23 -4.61 9.64 -11.08
CA ASP A 23 -4.64 11.04 -10.69
C ASP A 23 -5.46 11.20 -9.42
N ALA A 24 -6.59 10.49 -9.39
CA ALA A 24 -7.48 10.54 -8.24
C ALA A 24 -6.73 10.05 -7.00
N ILE A 25 -6.27 8.81 -7.08
CA ILE A 25 -5.55 8.20 -5.98
C ILE A 25 -4.28 9.03 -5.69
N CYS A 26 -3.75 9.61 -6.75
CA CYS A 26 -2.55 10.42 -6.63
C CYS A 26 -2.91 11.70 -5.86
N GLU A 27 -3.76 12.51 -6.47
CA GLU A 27 -4.19 13.74 -5.86
C GLU A 27 -4.59 13.50 -4.41
N ARG A 28 -5.05 12.29 -4.14
CA ARG A 28 -5.48 11.91 -2.81
C ARG A 28 -4.28 11.84 -1.87
N LEU A 29 -3.16 11.35 -2.41
CA LEU A 29 -1.94 11.23 -1.64
C LEU A 29 -1.82 12.41 -0.69
N LYS A 30 -1.56 12.11 0.57
CA LYS A 30 -1.41 13.15 1.58
C LYS A 30 0.07 13.27 1.96
N PRO A 31 0.44 14.51 2.39
CA PRO A 31 1.82 14.78 2.78
C PRO A 31 2.12 14.17 4.16
N CYS A 32 2.95 13.14 4.14
CA CYS A 32 3.32 12.46 5.37
C CYS A 32 4.74 11.89 5.20
N LEU A 33 5.40 11.68 6.33
CA LEU A 33 6.75 11.14 6.31
C LEU A 33 6.90 10.13 7.44
N PHE A 34 7.77 9.15 7.20
CA PHE A 34 8.02 8.11 8.19
C PHE A 34 9.39 8.28 8.83
N THR A 35 9.38 8.61 10.11
CA THR A 35 10.62 8.82 10.85
C THR A 35 11.17 7.47 11.32
N GLU A 36 12.15 7.55 12.20
CA GLU A 36 12.78 6.35 12.73
C GLU A 36 11.81 5.61 13.64
N LYS A 37 11.86 4.28 13.55
CA LYS A 37 10.99 3.44 14.36
C LYS A 37 9.55 3.62 13.90
N SER A 38 9.40 3.83 12.60
CA SER A 38 8.08 4.02 12.02
C SER A 38 7.56 2.70 11.46
N TYR A 39 6.43 2.26 12.00
CA TYR A 39 5.81 1.01 11.58
C TYR A 39 4.69 1.27 10.57
N LEU A 40 4.98 0.96 9.32
CA LEU A 40 4.01 1.16 8.26
C LEU A 40 2.91 0.11 8.38
N VAL A 41 3.32 -1.14 8.36
CA VAL A 41 2.38 -2.25 8.47
C VAL A 41 2.92 -3.28 9.48
N ARG A 42 2.00 -4.02 10.07
CA ARG A 42 2.37 -5.03 11.04
C ARG A 42 1.59 -6.32 10.79
N GLU A 43 2.30 -7.44 10.92
CA GLU A 43 1.68 -8.74 10.70
C GLU A 43 0.66 -9.03 11.80
N GLY A 44 -0.55 -9.33 11.36
CA GLY A 44 -1.64 -9.63 12.29
C GLY A 44 -2.62 -8.47 12.39
N ASP A 45 -2.09 -7.26 12.26
CA ASP A 45 -2.90 -6.06 12.32
C ASP A 45 -3.40 -5.72 10.92
N PRO A 46 -4.62 -5.12 10.87
CA PRO A 46 -5.23 -4.74 9.60
C PRO A 46 -4.56 -3.49 9.04
N VAL A 47 -4.93 -3.15 7.81
CA VAL A 47 -4.38 -1.98 7.15
C VAL A 47 -5.45 -0.89 7.06
N ASN A 48 -5.15 0.25 7.66
CA ASN A 48 -6.07 1.37 7.66
C ASN A 48 -5.79 2.26 6.45
N GLU A 49 -4.50 2.44 6.18
CA GLU A 49 -4.07 3.27 5.06
C GLU A 49 -2.84 2.67 4.39
N MET A 50 -2.73 2.90 3.10
CA MET A 50 -1.61 2.39 2.33
C MET A 50 -0.51 3.45 2.17
N LEU A 51 0.72 2.99 2.19
CA LEU A 51 1.86 3.89 2.04
C LEU A 51 2.59 3.58 0.74
N PHE A 52 2.61 4.56 -0.15
CA PHE A 52 3.27 4.40 -1.43
C PHE A 52 4.71 4.93 -1.37
N ILE A 53 5.64 3.99 -1.35
CA ILE A 53 7.05 4.34 -1.29
C ILE A 53 7.42 5.16 -2.53
N ILE A 54 7.91 6.36 -2.28
CA ILE A 54 8.30 7.25 -3.36
C ILE A 54 9.82 7.19 -3.55
N ARG A 55 10.51 7.28 -2.42
CA ARG A 55 11.97 7.24 -2.44
C ARG A 55 12.52 7.11 -1.03
N GLY A 56 13.00 5.91 -0.71
CA GLY A 56 13.56 5.66 0.60
C GLY A 56 13.95 4.18 0.75
N ARG A 57 14.23 3.80 1.99
CA ARG A 57 14.61 2.43 2.28
C ARG A 57 13.86 1.91 3.50
N LEU A 58 13.70 0.60 3.54
CA LEU A 58 13.00 -0.03 4.65
C LEU A 58 13.46 -1.48 4.78
N GLU A 59 13.03 -2.11 5.87
CA GLU A 59 13.38 -3.50 6.12
C GLU A 59 12.13 -4.36 6.25
N SER A 60 12.13 -5.47 5.54
CA SER A 60 11.00 -6.38 5.56
C SER A 60 11.33 -7.60 6.44
N VAL A 61 10.42 -7.91 7.34
CA VAL A 61 10.61 -9.04 8.24
C VAL A 61 9.29 -9.82 8.35
N THR A 62 9.43 -11.12 8.51
CA THR A 62 8.27 -11.99 8.62
C THR A 62 8.23 -12.65 10.01
N THR A 63 7.03 -12.76 10.55
CA THR A 63 6.84 -13.36 11.85
C THR A 63 6.11 -14.71 11.71
N ASP A 64 5.46 -14.88 10.57
CA ASP A 64 4.72 -16.09 10.31
C ASP A 64 5.47 -16.92 9.25
N GLY A 65 5.25 -18.23 9.31
CA GLY A 65 5.90 -19.14 8.37
C GLY A 65 5.40 -20.56 8.57
N GLY A 66 5.93 -21.21 9.59
CA GLY A 66 5.56 -22.58 9.90
C GLY A 66 5.17 -22.73 11.37
N ARG A 67 6.18 -22.69 12.22
CA ARG A 67 5.96 -22.82 13.65
C ARG A 67 7.22 -22.41 14.42
N SER A 68 7.27 -21.14 14.77
CA SER A 68 8.41 -20.61 15.50
C SER A 68 9.71 -21.16 14.92
N GLY A 69 10.15 -20.52 13.84
CA GLY A 69 11.39 -20.93 13.18
C GLY A 69 12.19 -19.71 12.70
N PHE A 70 12.68 -18.96 13.67
CA PHE A 70 13.46 -17.77 13.37
C PHE A 70 12.70 -16.84 12.43
N TYR A 71 13.26 -15.64 12.25
CA TYR A 71 12.64 -14.65 11.39
C TYR A 71 13.48 -14.44 10.13
N ASN A 72 12.80 -14.48 8.99
CA ASN A 72 13.46 -14.29 7.71
C ASN A 72 13.50 -12.80 7.38
N ARG A 73 14.67 -12.21 7.55
CA ARG A 73 14.86 -10.80 7.28
C ARG A 73 15.08 -10.57 5.78
N SER A 74 14.68 -9.39 5.32
CA SER A 74 14.82 -9.05 3.92
C SER A 74 14.80 -7.52 3.75
N LEU A 75 15.08 -7.09 2.54
CA LEU A 75 15.09 -5.66 2.23
C LEU A 75 14.31 -5.43 0.95
N LEU A 76 13.84 -4.19 0.80
CA LEU A 76 13.07 -3.81 -0.37
C LEU A 76 13.86 -2.78 -1.18
N LYS A 77 13.38 -2.51 -2.38
CA LYS A 77 14.02 -1.54 -3.25
C LYS A 77 13.05 -0.39 -3.53
N GLU A 78 13.48 0.50 -4.43
CA GLU A 78 12.67 1.64 -4.80
C GLU A 78 11.50 1.21 -5.68
N GLY A 79 10.31 1.60 -5.27
CA GLY A 79 9.11 1.26 -6.01
C GLY A 79 8.27 0.21 -5.27
N ASP A 80 8.78 -0.17 -4.11
CA ASP A 80 8.10 -1.17 -3.28
C ASP A 80 6.83 -0.54 -2.70
N PHE A 81 6.06 -1.39 -2.02
CA PHE A 81 4.81 -0.93 -1.41
C PHE A 81 4.43 -1.84 -0.24
N CYS A 82 3.88 -1.21 0.79
CA CYS A 82 3.45 -1.95 1.98
C CYS A 82 1.92 -1.98 1.99
N GLY A 83 1.39 -2.95 2.73
CA GLY A 83 -0.05 -3.11 2.84
C GLY A 83 -0.72 -2.88 1.49
N ASP A 84 -0.21 -3.56 0.47
CA ASP A 84 -0.76 -3.43 -0.87
C ASP A 84 -2.15 -4.08 -0.91
N GLU A 85 -2.28 -5.14 -0.14
CA GLU A 85 -3.55 -5.87 -0.07
C GLU A 85 -4.71 -4.88 0.07
N LEU A 86 -4.41 -3.73 0.64
CA LEU A 86 -5.41 -2.71 0.85
C LEU A 86 -5.94 -2.24 -0.52
N LEU A 87 -5.02 -2.06 -1.45
CA LEU A 87 -5.38 -1.62 -2.78
C LEU A 87 -6.47 -2.53 -3.34
N THR A 88 -6.21 -3.83 -3.26
CA THR A 88 -7.16 -4.81 -3.75
C THR A 88 -8.41 -4.83 -2.87
N TRP A 89 -8.19 -4.74 -1.58
CA TRP A 89 -9.28 -4.74 -0.62
C TRP A 89 -10.36 -3.80 -1.15
N ALA A 90 -9.97 -2.55 -1.37
CA ALA A 90 -10.89 -1.55 -1.88
C ALA A 90 -11.49 -2.03 -3.20
N LEU A 91 -10.61 -2.42 -4.11
CA LEU A 91 -11.04 -2.90 -5.41
C LEU A 91 -12.07 -4.01 -5.23
N ASP A 92 -11.89 -4.77 -4.16
CA ASP A 92 -12.80 -5.86 -3.86
C ASP A 92 -14.10 -5.29 -3.27
N PRO A 93 -15.23 -5.69 -3.91
CA PRO A 93 -16.54 -5.22 -3.45
C PRO A 93 -16.96 -5.93 -2.17
N LYS A 94 -16.61 -7.22 -2.10
CA LYS A 94 -16.94 -8.02 -0.93
C LYS A 94 -16.09 -7.56 0.26
N SER A 95 -14.83 -7.29 -0.03
CA SER A 95 -13.91 -6.85 1.01
C SER A 95 -14.10 -7.69 2.27
N GLY A 96 -14.09 -9.01 2.08
CA GLY A 96 -14.27 -9.93 3.19
C GLY A 96 -15.32 -9.41 4.18
N SER A 97 -14.83 -8.73 5.21
CA SER A 97 -15.71 -8.19 6.23
C SER A 97 -15.02 -7.03 6.95
N ASN A 98 -13.78 -7.28 7.35
CA ASN A 98 -13.00 -6.28 8.06
C ASN A 98 -11.75 -5.94 7.23
N LEU A 99 -11.06 -4.89 7.66
CA LEU A 99 -9.86 -4.45 6.98
C LEU A 99 -9.03 -5.68 6.58
N PRO A 100 -8.14 -5.47 5.58
CA PRO A 100 -7.29 -6.53 5.10
C PRO A 100 -6.16 -6.82 6.08
N SER A 101 -5.20 -7.62 5.63
CA SER A 101 -4.07 -7.99 6.46
C SER A 101 -2.76 -7.56 5.79
N SER A 102 -1.80 -7.18 6.62
CA SER A 102 -0.51 -6.75 6.12
C SER A 102 0.25 -7.94 5.54
N THR A 103 1.27 -7.62 4.75
CA THR A 103 2.08 -8.66 4.13
C THR A 103 3.24 -9.05 5.04
N ARG A 104 3.86 -8.04 5.64
CA ARG A 104 4.99 -8.25 6.53
C ARG A 104 5.20 -7.03 7.42
N THR A 105 6.04 -7.21 8.43
CA THR A 105 6.35 -6.13 9.36
C THR A 105 7.51 -5.29 8.83
N VAL A 106 7.16 -4.11 8.33
CA VAL A 106 8.16 -3.20 7.80
C VAL A 106 8.35 -2.04 8.77
N LYS A 107 9.60 -1.57 8.84
CA LYS A 107 9.93 -0.46 9.73
C LYS A 107 10.92 0.47 9.02
N ALA A 108 10.75 1.76 9.29
CA ALA A 108 11.62 2.75 8.69
C ALA A 108 12.92 2.86 9.50
N LEU A 109 14.01 2.47 8.86
CA LEU A 109 15.31 2.52 9.50
C LEU A 109 16.03 3.81 9.12
N THR A 110 15.65 4.33 7.95
CA THR A 110 16.25 5.55 7.45
C THR A 110 15.17 6.49 6.91
N GLU A 111 15.53 7.77 6.85
CA GLU A 111 14.60 8.78 6.36
C GLU A 111 13.84 8.26 5.14
N VAL A 112 12.53 8.25 5.25
CA VAL A 112 11.67 7.78 4.17
C VAL A 112 10.79 8.94 3.68
N GLU A 113 10.48 8.88 2.40
CA GLU A 113 9.65 9.92 1.80
C GLU A 113 8.56 9.28 0.92
N ALA A 114 7.33 9.37 1.40
CA ALA A 114 6.20 8.80 0.68
C ALA A 114 4.91 9.44 1.17
N PHE A 115 3.82 9.09 0.52
CA PHE A 115 2.51 9.61 0.89
C PHE A 115 1.62 8.51 1.48
N ALA A 116 0.58 8.95 2.17
CA ALA A 116 -0.35 8.02 2.78
C ALA A 116 -1.63 7.96 1.94
N LEU A 117 -2.34 6.85 2.08
CA LEU A 117 -3.58 6.65 1.34
C LEU A 117 -4.57 5.89 2.22
N ILE A 118 -5.71 6.53 2.45
CA ILE A 118 -6.76 5.92 3.26
C ILE A 118 -7.60 4.98 2.41
N ALA A 119 -8.01 3.88 3.01
CA ALA A 119 -8.81 2.89 2.31
C ALA A 119 -10.16 3.51 1.93
N ASP A 120 -10.78 4.15 2.92
CA ASP A 120 -12.06 4.79 2.71
C ASP A 120 -12.05 5.53 1.36
N GLU A 121 -11.21 6.56 1.29
CA GLU A 121 -11.09 7.34 0.07
C GLU A 121 -10.78 6.43 -1.11
N LEU A 122 -9.99 5.40 -0.84
CA LEU A 122 -9.60 4.46 -1.87
C LEU A 122 -10.86 3.74 -2.39
N LYS A 123 -11.44 2.94 -1.52
CA LYS A 123 -12.63 2.19 -1.87
C LYS A 123 -13.54 3.07 -2.73
N PHE A 124 -13.82 4.26 -2.22
CA PHE A 124 -14.67 5.20 -2.93
C PHE A 124 -14.28 5.30 -4.40
N VAL A 125 -13.10 5.86 -4.62
CA VAL A 125 -12.59 6.02 -5.98
C VAL A 125 -12.51 4.64 -6.65
N ALA A 126 -12.32 3.62 -5.83
CA ALA A 126 -12.23 2.26 -6.33
C ALA A 126 -13.57 1.85 -6.93
N SER A 127 -14.59 1.88 -6.10
CA SER A 127 -15.93 1.51 -6.54
C SER A 127 -16.41 2.49 -7.61
N GLN A 128 -16.20 3.77 -7.33
CA GLN A 128 -16.61 4.81 -8.26
C GLN A 128 -16.36 4.37 -9.70
N PHE A 129 -15.25 3.67 -9.89
CA PHE A 129 -14.88 3.18 -11.21
C PHE A 129 -15.36 1.75 -11.41
N ARG A 130 -15.12 0.91 -10.42
CA ARG A 130 -15.51 -0.48 -10.48
C ARG A 130 -16.95 -0.59 -10.99
N ARG A 131 -17.82 0.22 -10.42
CA ARG A 131 -19.22 0.22 -10.80
C ARG A 131 -19.85 1.59 -10.53
N SER A 132 -19.84 1.97 -9.26
CA SER A 132 -20.40 3.24 -8.86
C SER A 132 -20.20 3.44 -7.35
N GLY A 133 -20.68 2.47 -6.59
CA GLY A 133 -20.56 2.52 -5.14
C GLY A 133 -20.57 1.12 -4.53
N PRO A 134 -20.01 1.03 -3.30
CA PRO A 134 -19.95 -0.24 -2.60
C PRO A 134 -21.32 -0.63 -2.04
N SER A 135 -21.97 -1.56 -2.73
CA SER A 135 -23.28 -2.01 -2.31
C SER A 135 -23.17 -3.41 -1.67
N SER A 136 -24.24 -3.79 -0.99
CA SER A 136 -24.28 -5.08 -0.33
C SER A 136 -25.39 -5.94 -0.93
N GLY A 137 -24.98 -6.94 -1.70
CA GLY A 137 -25.91 -7.84 -2.34
C GLY A 137 -26.40 -7.27 -3.67
N GLY A 1 17.31 14.43 -14.53
CA GLY A 1 16.03 14.60 -15.19
C GLY A 1 15.82 16.05 -15.63
N SER A 2 14.56 16.43 -15.70
CA SER A 2 14.21 17.78 -16.11
C SER A 2 12.92 18.22 -15.41
N SER A 3 11.87 17.45 -15.62
CA SER A 3 10.58 17.75 -15.03
C SER A 3 9.64 16.56 -15.19
N GLY A 4 8.72 16.43 -14.24
CA GLY A 4 7.76 15.35 -14.28
C GLY A 4 7.99 14.37 -13.12
N SER A 5 7.84 13.09 -13.42
CA SER A 5 8.03 12.06 -12.43
C SER A 5 8.05 10.68 -13.09
N SER A 6 8.91 9.81 -12.55
CA SER A 6 9.03 8.47 -13.08
C SER A 6 8.47 7.45 -12.09
N GLY A 7 7.16 7.24 -12.19
CA GLY A 7 6.48 6.31 -11.30
C GLY A 7 5.43 5.50 -12.06
N VAL A 8 5.10 4.34 -11.50
CA VAL A 8 4.12 3.47 -12.12
C VAL A 8 4.47 3.26 -13.59
N ARG A 9 5.62 2.64 -13.80
CA ARG A 9 6.08 2.38 -15.16
C ARG A 9 5.55 1.02 -15.64
N ARG A 10 5.48 0.08 -14.70
CA ARG A 10 5.00 -1.26 -15.02
C ARG A 10 4.38 -1.90 -13.78
N VAL A 11 3.86 -1.06 -12.91
CA VAL A 11 3.24 -1.53 -11.68
C VAL A 11 1.94 -2.28 -12.03
N PRO A 12 1.85 -3.52 -11.49
CA PRO A 12 0.68 -4.36 -11.73
C PRO A 12 -0.52 -3.86 -10.92
N LEU A 13 -0.23 -3.34 -9.74
CA LEU A 13 -1.26 -2.85 -8.86
C LEU A 13 -2.28 -2.06 -9.68
N PHE A 14 -1.82 -0.97 -10.27
CA PHE A 14 -2.68 -0.13 -11.08
C PHE A 14 -2.78 -0.67 -12.52
N GLU A 15 -3.18 -1.93 -12.61
CA GLU A 15 -3.33 -2.57 -13.91
C GLU A 15 -4.67 -2.20 -14.54
N ASN A 16 -5.73 -2.43 -13.78
CA ASN A 16 -7.07 -2.13 -14.25
C ASN A 16 -7.35 -0.63 -14.07
N MET A 17 -6.75 -0.08 -13.02
CA MET A 17 -6.92 1.34 -12.72
C MET A 17 -6.64 2.20 -13.96
N ASP A 18 -7.43 3.25 -14.10
CA ASP A 18 -7.28 4.15 -15.23
C ASP A 18 -6.62 5.45 -14.74
N GLU A 19 -6.02 6.16 -15.69
CA GLU A 19 -5.36 7.41 -15.37
C GLU A 19 -6.18 8.20 -14.35
N ARG A 20 -7.44 8.44 -14.70
CA ARG A 20 -8.34 9.16 -13.82
C ARG A 20 -8.24 8.64 -12.39
N LEU A 21 -8.19 7.31 -12.29
CA LEU A 21 -8.09 6.66 -10.99
C LEU A 21 -6.74 6.97 -10.36
N LEU A 22 -5.74 7.07 -11.22
CA LEU A 22 -4.38 7.35 -10.77
C LEU A 22 -4.34 8.77 -10.18
N ASP A 23 -4.67 9.74 -11.02
CA ASP A 23 -4.68 11.12 -10.59
C ASP A 23 -5.47 11.26 -9.29
N ALA A 24 -6.64 10.63 -9.29
CA ALA A 24 -7.50 10.66 -8.12
C ALA A 24 -6.73 10.12 -6.90
N ILE A 25 -6.38 8.84 -7.00
CA ILE A 25 -5.63 8.20 -5.93
C ILE A 25 -4.41 9.04 -5.58
N CYS A 26 -3.94 9.79 -6.57
CA CYS A 26 -2.77 10.64 -6.38
C CYS A 26 -3.20 11.87 -5.58
N GLU A 27 -4.14 12.61 -6.15
CA GLU A 27 -4.64 13.82 -5.49
C GLU A 27 -4.98 13.52 -4.04
N ARG A 28 -5.29 12.27 -3.78
CA ARG A 28 -5.65 11.84 -2.43
C ARG A 28 -4.40 11.80 -1.55
N LEU A 29 -3.29 11.41 -2.16
CA LEU A 29 -2.03 11.31 -1.45
C LEU A 29 -1.92 12.49 -0.47
N LYS A 30 -1.66 12.15 0.79
CA LYS A 30 -1.53 13.15 1.82
C LYS A 30 -0.06 13.32 2.18
N PRO A 31 0.29 14.54 2.65
CA PRO A 31 1.66 14.84 3.03
C PRO A 31 2.01 14.19 4.38
N CYS A 32 2.82 13.15 4.30
CA CYS A 32 3.24 12.44 5.49
C CYS A 32 4.63 11.84 5.23
N LEU A 33 5.32 11.56 6.33
CA LEU A 33 6.66 11.00 6.24
C LEU A 33 6.85 9.97 7.36
N PHE A 34 7.75 9.04 7.12
CA PHE A 34 8.04 8.00 8.09
C PHE A 34 9.41 8.22 8.74
N THR A 35 9.38 8.57 10.02
CA THR A 35 10.60 8.80 10.76
C THR A 35 11.14 7.50 11.34
N GLU A 36 12.14 7.64 12.19
CA GLU A 36 12.76 6.48 12.83
C GLU A 36 11.75 5.78 13.73
N LYS A 37 11.75 4.45 13.67
CA LYS A 37 10.85 3.67 14.48
C LYS A 37 9.42 3.85 13.98
N SER A 38 9.32 4.18 12.70
CA SER A 38 8.01 4.40 12.09
C SER A 38 7.51 3.10 11.47
N TYR A 39 6.43 2.58 12.02
CA TYR A 39 5.84 1.35 11.53
C TYR A 39 4.78 1.63 10.47
N LEU A 40 5.09 1.21 9.24
CA LEU A 40 4.18 1.41 8.14
C LEU A 40 3.04 0.39 8.22
N VAL A 41 3.43 -0.87 8.35
CA VAL A 41 2.46 -1.94 8.44
C VAL A 41 2.94 -2.97 9.47
N ARG A 42 1.99 -3.69 10.04
CA ARG A 42 2.30 -4.70 11.03
C ARG A 42 1.59 -6.02 10.70
N GLU A 43 2.30 -7.11 10.91
CA GLU A 43 1.75 -8.42 10.63
C GLU A 43 0.82 -8.86 11.76
N GLY A 44 -0.47 -8.90 11.44
CA GLY A 44 -1.48 -9.29 12.41
C GLY A 44 -2.53 -8.20 12.59
N ASP A 45 -2.07 -6.95 12.48
CA ASP A 45 -2.95 -5.82 12.63
C ASP A 45 -3.57 -5.48 11.27
N PRO A 46 -4.73 -4.77 11.33
CA PRO A 46 -5.43 -4.38 10.11
C PRO A 46 -4.71 -3.22 9.41
N VAL A 47 -5.15 -2.95 8.19
CA VAL A 47 -4.56 -1.87 7.41
C VAL A 47 -5.56 -0.72 7.31
N ASN A 48 -5.17 0.42 7.87
CA ASN A 48 -6.01 1.59 7.84
C ASN A 48 -5.72 2.40 6.58
N GLU A 49 -4.43 2.52 6.26
CA GLU A 49 -4.01 3.26 5.09
C GLU A 49 -2.79 2.60 4.45
N MET A 50 -2.67 2.77 3.15
CA MET A 50 -1.56 2.19 2.42
C MET A 50 -0.45 3.23 2.21
N LEU A 51 0.78 2.75 2.29
CA LEU A 51 1.94 3.62 2.11
C LEU A 51 2.68 3.23 0.83
N PHE A 52 2.74 4.18 -0.09
CA PHE A 52 3.40 3.96 -1.36
C PHE A 52 4.85 4.43 -1.32
N ILE A 53 5.76 3.48 -1.19
CA ILE A 53 7.17 3.78 -1.12
C ILE A 53 7.59 4.49 -2.41
N ILE A 54 8.07 5.71 -2.25
CA ILE A 54 8.51 6.52 -3.38
C ILE A 54 10.03 6.41 -3.51
N ARG A 55 10.70 6.60 -2.39
CA ARG A 55 12.15 6.55 -2.37
C ARG A 55 12.66 6.48 -0.93
N GLY A 56 13.74 5.75 -0.75
CA GLY A 56 14.34 5.59 0.57
C GLY A 56 14.66 4.13 0.87
N ARG A 57 14.71 3.81 2.15
CA ARG A 57 15.00 2.46 2.58
C ARG A 57 14.15 2.09 3.80
N LEU A 58 13.98 0.79 3.99
CA LEU A 58 13.19 0.30 5.10
C LEU A 58 13.64 -1.13 5.45
N GLU A 59 13.15 -1.61 6.59
CA GLU A 59 13.50 -2.95 7.04
C GLU A 59 12.26 -3.85 6.99
N SER A 60 12.32 -4.83 6.10
CA SER A 60 11.22 -5.77 5.94
C SER A 60 11.52 -7.05 6.71
N VAL A 61 10.57 -7.45 7.54
CA VAL A 61 10.71 -8.66 8.34
C VAL A 61 9.39 -9.44 8.31
N THR A 62 9.53 -10.75 8.11
CA THR A 62 8.36 -11.62 8.07
C THR A 62 8.44 -12.67 9.17
N THR A 63 7.26 -13.11 9.60
CA THR A 63 7.18 -14.12 10.65
C THR A 63 5.83 -14.83 10.61
N ASP A 64 4.78 -14.02 10.45
CA ASP A 64 3.43 -14.56 10.39
C ASP A 64 3.17 -15.42 11.63
N GLY A 65 2.98 -14.74 12.76
CA GLY A 65 2.73 -15.43 14.01
C GLY A 65 1.54 -16.38 13.88
N GLY A 66 1.74 -17.60 14.34
CA GLY A 66 0.68 -18.60 14.28
C GLY A 66 0.93 -19.59 13.13
N ARG A 67 2.20 -19.81 12.84
CA ARG A 67 2.57 -20.72 11.77
C ARG A 67 4.09 -20.87 11.72
N SER A 68 4.78 -19.74 11.75
CA SER A 68 6.23 -19.73 11.70
C SER A 68 6.79 -19.04 12.95
N GLY A 69 8.06 -19.32 13.22
CA GLY A 69 8.72 -18.73 14.37
C GLY A 69 9.85 -17.80 13.94
N PHE A 70 10.86 -18.39 13.32
CA PHE A 70 12.00 -17.62 12.85
C PHE A 70 11.54 -16.41 12.03
N TYR A 71 12.38 -15.38 12.03
CA TYR A 71 12.08 -14.17 11.30
C TYR A 71 13.03 -14.00 10.12
N ASN A 72 12.46 -14.04 8.92
CA ASN A 72 13.25 -13.89 7.71
C ASN A 72 13.39 -12.40 7.38
N ARG A 73 14.57 -11.87 7.68
CA ARG A 73 14.85 -10.47 7.42
C ARG A 73 15.15 -10.24 5.93
N SER A 74 14.65 -9.14 5.42
CA SER A 74 14.85 -8.79 4.02
C SER A 74 14.78 -7.28 3.84
N LEU A 75 15.09 -6.85 2.63
CA LEU A 75 15.06 -5.43 2.30
C LEU A 75 14.25 -5.22 1.03
N LEU A 76 13.55 -4.10 1.00
CA LEU A 76 12.71 -3.76 -0.15
C LEU A 76 13.45 -2.73 -1.02
N LYS A 77 13.04 -2.67 -2.27
CA LYS A 77 13.64 -1.74 -3.21
C LYS A 77 12.56 -0.79 -3.75
N GLU A 78 13.00 0.12 -4.62
CA GLU A 78 12.08 1.07 -5.21
C GLU A 78 11.10 0.36 -6.14
N GLY A 79 9.82 0.60 -5.88
CA GLY A 79 8.76 -0.02 -6.67
C GLY A 79 7.89 -0.93 -5.82
N ASP A 80 8.49 -1.47 -4.77
CA ASP A 80 7.78 -2.36 -3.87
C ASP A 80 6.84 -1.54 -2.99
N PHE A 81 5.65 -2.08 -2.79
CA PHE A 81 4.64 -1.42 -1.99
C PHE A 81 4.27 -2.26 -0.77
N CYS A 82 3.82 -1.57 0.28
CA CYS A 82 3.43 -2.25 1.51
C CYS A 82 1.91 -2.25 1.59
N GLY A 83 1.40 -3.11 2.46
CA GLY A 83 -0.04 -3.23 2.65
C GLY A 83 -0.78 -3.07 1.32
N ASP A 84 -0.31 -3.81 0.33
CA ASP A 84 -0.91 -3.77 -0.99
C ASP A 84 -2.33 -4.34 -0.92
N GLU A 85 -2.47 -5.40 -0.13
CA GLU A 85 -3.75 -6.04 0.04
C GLU A 85 -4.87 -5.00 0.07
N LEU A 86 -4.54 -3.84 0.62
CA LEU A 86 -5.51 -2.76 0.73
C LEU A 86 -6.06 -2.44 -0.67
N LEU A 87 -5.15 -2.11 -1.57
CA LEU A 87 -5.52 -1.78 -2.93
C LEU A 87 -6.57 -2.78 -3.42
N THR A 88 -6.25 -4.06 -3.27
CA THR A 88 -7.16 -5.11 -3.68
C THR A 88 -8.42 -5.11 -2.82
N TRP A 89 -8.20 -4.97 -1.51
CA TRP A 89 -9.31 -4.96 -0.57
C TRP A 89 -10.38 -4.03 -1.13
N ALA A 90 -10.02 -2.75 -1.26
CA ALA A 90 -10.95 -1.76 -1.79
C ALA A 90 -11.57 -2.28 -3.08
N LEU A 91 -10.75 -2.95 -3.87
CA LEU A 91 -11.21 -3.50 -5.13
C LEU A 91 -12.22 -4.63 -4.86
N ASP A 92 -12.03 -5.28 -3.72
CA ASP A 92 -12.90 -6.37 -3.33
C ASP A 92 -14.04 -5.82 -2.46
N PRO A 93 -15.28 -5.91 -3.01
CA PRO A 93 -16.44 -5.43 -2.29
C PRO A 93 -16.83 -6.39 -1.17
N LYS A 94 -16.42 -7.64 -1.32
CA LYS A 94 -16.72 -8.66 -0.34
C LYS A 94 -15.92 -8.37 0.94
N SER A 95 -14.68 -7.95 0.75
CA SER A 95 -13.82 -7.64 1.86
C SER A 95 -13.55 -8.90 2.69
N GLY A 96 -12.31 -9.04 3.13
CA GLY A 96 -11.91 -10.19 3.93
C GLY A 96 -12.20 -9.95 5.41
N SER A 97 -13.39 -9.41 5.67
CA SER A 97 -13.81 -9.14 7.04
C SER A 97 -12.93 -8.03 7.63
N ASN A 98 -13.42 -6.81 7.52
CA ASN A 98 -12.70 -5.66 8.02
C ASN A 98 -11.45 -5.43 7.18
N LEU A 99 -10.73 -4.36 7.52
CA LEU A 99 -9.51 -4.02 6.80
C LEU A 99 -8.68 -5.29 6.59
N PRO A 100 -7.80 -5.24 5.56
CA PRO A 100 -6.94 -6.36 5.24
C PRO A 100 -5.80 -6.49 6.26
N SER A 101 -4.90 -7.41 5.96
CA SER A 101 -3.76 -7.65 6.83
C SER A 101 -2.45 -7.41 6.07
N SER A 102 -1.52 -6.76 6.75
CA SER A 102 -0.23 -6.47 6.15
C SER A 102 0.45 -7.77 5.72
N THR A 103 1.45 -7.62 4.86
CA THR A 103 2.19 -8.77 4.37
C THR A 103 3.37 -9.09 5.29
N ARG A 104 3.99 -8.03 5.78
CA ARG A 104 5.13 -8.18 6.68
C ARG A 104 5.28 -6.95 7.57
N THR A 105 6.20 -7.05 8.52
CA THR A 105 6.44 -5.95 9.43
C THR A 105 7.59 -5.08 8.92
N VAL A 106 7.22 -3.93 8.36
CA VAL A 106 8.20 -3.00 7.82
C VAL A 106 8.37 -1.84 8.80
N LYS A 107 9.63 -1.44 8.98
CA LYS A 107 9.94 -0.34 9.87
C LYS A 107 10.94 0.60 9.19
N ALA A 108 10.79 1.88 9.48
CA ALA A 108 11.66 2.89 8.91
C ALA A 108 12.87 3.10 9.83
N LEU A 109 14.06 3.00 9.24
CA LEU A 109 15.28 3.17 9.99
C LEU A 109 15.97 4.47 9.55
N THR A 110 15.71 4.84 8.31
CA THR A 110 16.30 6.05 7.75
C THR A 110 15.21 6.93 7.13
N GLU A 111 15.57 8.19 6.93
CA GLU A 111 14.63 9.15 6.36
C GLU A 111 13.96 8.55 5.12
N VAL A 112 12.66 8.37 5.23
CA VAL A 112 11.88 7.81 4.14
C VAL A 112 11.01 8.91 3.52
N GLU A 113 10.67 8.72 2.25
CA GLU A 113 9.86 9.68 1.53
C GLU A 113 8.78 8.96 0.72
N ALA A 114 7.55 9.08 1.19
CA ALA A 114 6.43 8.45 0.51
C ALA A 114 5.13 9.13 0.96
N PHE A 115 4.04 8.71 0.32
CA PHE A 115 2.73 9.27 0.64
C PHE A 115 1.83 8.21 1.28
N ALA A 116 0.73 8.69 1.85
CA ALA A 116 -0.22 7.81 2.50
C ALA A 116 -1.46 7.67 1.61
N LEU A 117 -2.29 6.70 1.97
CA LEU A 117 -3.52 6.45 1.22
C LEU A 117 -4.52 5.72 2.12
N ILE A 118 -5.66 6.36 2.32
CA ILE A 118 -6.71 5.77 3.15
C ILE A 118 -7.55 4.82 2.30
N ALA A 119 -7.96 3.72 2.94
CA ALA A 119 -8.77 2.74 2.26
C ALA A 119 -10.10 3.36 1.83
N ASP A 120 -10.74 4.02 2.79
CA ASP A 120 -12.01 4.67 2.53
C ASP A 120 -11.96 5.36 1.16
N GLU A 121 -11.15 6.40 1.10
CA GLU A 121 -10.99 7.15 -0.14
C GLU A 121 -10.68 6.21 -1.31
N LEU A 122 -9.89 5.19 -0.98
CA LEU A 122 -9.50 4.20 -1.99
C LEU A 122 -10.75 3.50 -2.53
N LYS A 123 -11.40 2.76 -1.64
CA LYS A 123 -12.60 2.04 -2.02
C LYS A 123 -13.55 2.98 -2.77
N PHE A 124 -13.69 4.18 -2.22
CA PHE A 124 -14.56 5.18 -2.82
C PHE A 124 -14.21 5.38 -4.30
N VAL A 125 -13.00 5.85 -4.53
CA VAL A 125 -12.53 6.09 -5.88
C VAL A 125 -12.60 4.79 -6.68
N ALA A 126 -12.44 3.69 -5.97
CA ALA A 126 -12.48 2.38 -6.59
C ALA A 126 -13.90 2.10 -7.10
N SER A 127 -14.86 2.66 -6.39
CA SER A 127 -16.26 2.48 -6.75
C SER A 127 -16.66 3.49 -7.82
N GLN A 128 -16.29 4.75 -7.57
CA GLN A 128 -16.59 5.82 -8.50
C GLN A 128 -16.47 5.33 -9.95
N PHE A 129 -15.23 5.04 -10.33
CA PHE A 129 -14.96 4.55 -11.67
C PHE A 129 -15.28 3.07 -11.80
N ARG A 130 -14.60 2.27 -11.00
CA ARG A 130 -14.81 0.83 -11.02
C ARG A 130 -14.82 0.31 -12.45
N ARG A 131 -15.12 -0.97 -12.58
CA ARG A 131 -15.16 -1.61 -13.89
C ARG A 131 -13.79 -1.54 -14.56
N SER A 132 -13.45 -2.62 -15.25
CA SER A 132 -12.18 -2.69 -15.94
C SER A 132 -12.38 -2.47 -17.44
N GLY A 133 -11.29 -2.07 -18.10
CA GLY A 133 -11.34 -1.82 -19.52
C GLY A 133 -10.97 -3.08 -20.31
N PRO A 134 -10.58 -2.86 -21.60
CA PRO A 134 -10.19 -3.96 -22.46
C PRO A 134 -8.80 -4.49 -22.10
N SER A 135 -8.79 -5.41 -21.15
CA SER A 135 -7.54 -6.00 -20.70
C SER A 135 -7.75 -7.48 -20.39
N SER A 136 -8.56 -7.74 -19.38
CA SER A 136 -8.85 -9.09 -18.96
C SER A 136 -9.97 -9.10 -17.92
N GLY A 137 -9.70 -8.41 -16.81
CA GLY A 137 -10.68 -8.33 -15.74
C GLY A 137 -10.16 -7.45 -14.60
N GLY A 1 6.31 17.14 -1.00
CA GLY A 1 7.23 17.77 -1.92
C GLY A 1 7.22 17.07 -3.28
N SER A 2 7.96 17.63 -4.22
CA SER A 2 8.05 17.07 -5.55
C SER A 2 6.68 17.17 -6.25
N SER A 3 6.74 17.29 -7.57
CA SER A 3 5.53 17.40 -8.36
C SER A 3 5.71 16.70 -9.71
N GLY A 4 5.43 15.41 -9.71
CA GLY A 4 5.57 14.62 -10.93
C GLY A 4 5.12 13.17 -10.69
N SER A 5 6.06 12.26 -10.85
CA SER A 5 5.77 10.85 -10.67
C SER A 5 7.08 10.06 -10.50
N SER A 6 7.55 10.03 -9.26
CA SER A 6 8.78 9.33 -8.95
C SER A 6 8.51 7.83 -8.82
N GLY A 7 9.55 7.04 -9.04
CA GLY A 7 9.44 5.60 -8.95
C GLY A 7 8.19 5.10 -9.69
N VAL A 8 7.64 4.01 -9.18
CA VAL A 8 6.44 3.44 -9.78
C VAL A 8 6.74 3.06 -11.23
N ARG A 9 7.76 2.23 -11.40
CA ARG A 9 8.15 1.79 -12.72
C ARG A 9 7.11 0.82 -13.29
N ARG A 10 6.02 1.39 -13.80
CA ARG A 10 4.96 0.60 -14.37
C ARG A 10 4.70 -0.65 -13.51
N VAL A 11 4.27 -0.40 -12.29
CA VAL A 11 3.98 -1.49 -11.37
C VAL A 11 2.74 -2.25 -11.84
N PRO A 12 2.61 -3.51 -11.35
CA PRO A 12 1.49 -4.34 -11.72
C PRO A 12 0.22 -3.91 -10.98
N LEU A 13 0.43 -3.20 -9.88
CA LEU A 13 -0.68 -2.71 -9.09
C LEU A 13 -1.64 -1.92 -9.98
N PHE A 14 -1.12 -0.82 -10.51
CA PHE A 14 -1.91 0.03 -11.38
C PHE A 14 -2.03 -0.57 -12.78
N GLU A 15 -2.53 -1.80 -12.83
CA GLU A 15 -2.69 -2.49 -14.10
C GLU A 15 -4.10 -2.28 -14.64
N ASN A 16 -5.08 -2.54 -13.79
CA ASN A 16 -6.46 -2.38 -14.18
C ASN A 16 -6.91 -0.94 -13.87
N MET A 17 -6.26 -0.36 -12.87
CA MET A 17 -6.59 1.00 -12.46
C MET A 17 -6.52 1.96 -13.66
N ASP A 18 -7.52 2.81 -13.73
CA ASP A 18 -7.59 3.79 -14.82
C ASP A 18 -6.91 5.08 -14.38
N GLU A 19 -6.33 5.77 -15.35
CA GLU A 19 -5.65 7.03 -15.07
C GLU A 19 -6.49 7.89 -14.13
N ARG A 20 -7.73 8.11 -14.53
CA ARG A 20 -8.64 8.91 -13.73
C ARG A 20 -8.60 8.48 -12.27
N LEU A 21 -8.45 7.17 -12.08
CA LEU A 21 -8.39 6.61 -10.74
C LEU A 21 -7.02 6.90 -10.13
N LEU A 22 -6.03 6.96 -11.00
CA LEU A 22 -4.67 7.23 -10.56
C LEU A 22 -4.59 8.64 -9.98
N ASP A 23 -5.08 9.59 -10.75
CA ASP A 23 -5.08 10.98 -10.33
C ASP A 23 -5.90 11.11 -9.04
N ALA A 24 -7.14 10.67 -9.11
CA ALA A 24 -8.03 10.73 -7.96
C ALA A 24 -7.31 10.15 -6.74
N ILE A 25 -6.63 9.05 -6.96
CA ILE A 25 -5.90 8.39 -5.89
C ILE A 25 -4.73 9.26 -5.46
N CYS A 26 -4.03 9.79 -6.45
CA CYS A 26 -2.89 10.65 -6.19
C CYS A 26 -3.36 11.82 -5.33
N GLU A 27 -4.42 12.46 -5.78
CA GLU A 27 -4.98 13.59 -5.07
C GLU A 27 -5.12 13.27 -3.58
N ARG A 28 -5.24 11.98 -3.31
CA ARG A 28 -5.39 11.52 -1.93
C ARG A 28 -4.03 11.55 -1.22
N LEU A 29 -3.02 11.07 -1.92
CA LEU A 29 -1.67 11.03 -1.36
C LEU A 29 -1.42 12.31 -0.56
N LYS A 30 -1.47 12.16 0.76
CA LYS A 30 -1.26 13.28 1.65
C LYS A 30 0.23 13.39 1.98
N PRO A 31 0.64 14.61 2.41
CA PRO A 31 2.03 14.85 2.76
C PRO A 31 2.37 14.23 4.13
N CYS A 32 3.16 13.16 4.07
CA CYS A 32 3.56 12.48 5.28
C CYS A 32 4.97 11.92 5.07
N LEU A 33 5.69 11.77 6.18
CA LEU A 33 7.04 11.25 6.13
C LEU A 33 7.28 10.33 7.33
N PHE A 34 8.17 9.37 7.14
CA PHE A 34 8.49 8.42 8.19
C PHE A 34 9.94 8.60 8.66
N THR A 35 10.11 8.50 9.97
CA THR A 35 11.44 8.64 10.55
C THR A 35 11.87 7.33 11.22
N GLU A 36 13.00 7.40 11.91
CA GLU A 36 13.53 6.23 12.60
C GLU A 36 12.52 5.73 13.63
N LYS A 37 12.39 4.41 13.68
CA LYS A 37 11.46 3.79 14.62
C LYS A 37 10.02 4.09 14.19
N SER A 38 9.82 4.03 12.88
CA SER A 38 8.49 4.29 12.33
C SER A 38 7.93 3.03 11.70
N TYR A 39 6.72 2.67 12.12
CA TYR A 39 6.06 1.48 11.60
C TYR A 39 4.99 1.85 10.58
N LEU A 40 5.17 1.34 9.37
CA LEU A 40 4.24 1.61 8.29
C LEU A 40 3.08 0.60 8.36
N VAL A 41 3.44 -0.67 8.21
CA VAL A 41 2.46 -1.74 8.24
C VAL A 41 2.90 -2.79 9.26
N ARG A 42 1.91 -3.50 9.80
CA ARG A 42 2.19 -4.53 10.78
C ARG A 42 1.56 -5.86 10.33
N GLU A 43 2.39 -6.89 10.27
CA GLU A 43 1.93 -8.20 9.87
C GLU A 43 0.94 -8.76 10.90
N GLY A 44 -0.21 -9.19 10.39
CA GLY A 44 -1.25 -9.74 11.24
C GLY A 44 -2.32 -8.69 11.55
N ASP A 45 -1.86 -7.47 11.76
CA ASP A 45 -2.76 -6.37 12.07
C ASP A 45 -3.38 -5.86 10.77
N PRO A 46 -4.55 -5.16 10.92
CA PRO A 46 -5.24 -4.61 9.77
C PRO A 46 -4.53 -3.37 9.24
N VAL A 47 -4.91 -2.98 8.03
CA VAL A 47 -4.32 -1.81 7.39
C VAL A 47 -5.39 -0.74 7.20
N ASN A 48 -5.10 0.44 7.72
CA ASN A 48 -6.03 1.56 7.61
C ASN A 48 -5.71 2.36 6.35
N GLU A 49 -4.42 2.49 6.08
CA GLU A 49 -3.97 3.23 4.90
C GLU A 49 -2.73 2.56 4.30
N MET A 50 -2.61 2.70 3.00
CA MET A 50 -1.49 2.11 2.28
C MET A 50 -0.37 3.15 2.08
N LEU A 51 0.86 2.66 2.18
CA LEU A 51 2.02 3.52 2.01
C LEU A 51 2.74 3.15 0.72
N PHE A 52 2.97 4.17 -0.11
CA PHE A 52 3.64 3.97 -1.38
C PHE A 52 5.08 4.47 -1.31
N ILE A 53 6.01 3.52 -1.17
CA ILE A 53 7.42 3.87 -1.09
C ILE A 53 7.82 4.66 -2.34
N ILE A 54 8.23 5.90 -2.10
CA ILE A 54 8.63 6.77 -3.19
C ILE A 54 10.15 6.66 -3.38
N ARG A 55 10.87 6.91 -2.30
CA ARG A 55 12.32 6.84 -2.34
C ARG A 55 12.88 6.68 -0.92
N GLY A 56 13.74 5.69 -0.77
CA GLY A 56 14.35 5.41 0.52
C GLY A 56 14.50 3.90 0.76
N ARG A 57 14.93 3.57 1.96
CA ARG A 57 15.12 2.18 2.33
C ARG A 57 14.27 1.83 3.55
N LEU A 58 14.05 0.53 3.74
CA LEU A 58 13.26 0.07 4.86
C LEU A 58 13.70 -1.35 5.22
N GLU A 59 13.17 -1.84 6.34
CA GLU A 59 13.50 -3.18 6.81
C GLU A 59 12.24 -4.04 6.84
N SER A 60 12.28 -5.11 6.07
CA SER A 60 11.15 -6.03 5.99
C SER A 60 11.40 -7.24 6.90
N VAL A 61 10.41 -7.54 7.71
CA VAL A 61 10.50 -8.66 8.63
C VAL A 61 9.13 -9.34 8.76
N THR A 62 9.17 -10.61 9.09
CA THR A 62 7.93 -11.38 9.25
C THR A 62 7.88 -12.02 10.64
N THR A 63 6.67 -12.08 11.18
CA THR A 63 6.47 -12.66 12.49
C THR A 63 5.74 -14.00 12.38
N ASP A 64 4.67 -13.98 11.61
CA ASP A 64 3.87 -15.18 11.40
C ASP A 64 4.44 -15.97 10.23
N GLY A 65 4.61 -17.27 10.45
CA GLY A 65 5.15 -18.14 9.41
C GLY A 65 5.62 -19.46 10.01
N GLY A 66 6.93 -19.57 10.16
CA GLY A 66 7.53 -20.78 10.72
C GLY A 66 8.26 -21.57 9.63
N ARG A 67 8.98 -22.60 10.08
CA ARG A 67 9.73 -23.44 9.16
C ARG A 67 11.02 -22.73 8.74
N SER A 68 10.84 -21.53 8.19
CA SER A 68 11.98 -20.76 7.73
C SER A 68 12.97 -20.54 8.89
N GLY A 69 12.42 -20.06 10.00
CA GLY A 69 13.24 -19.82 11.18
C GLY A 69 12.45 -19.07 12.25
N PHE A 70 13.12 -18.14 12.90
CA PHE A 70 12.48 -17.35 13.96
C PHE A 70 12.03 -16.00 13.43
N TYR A 71 12.72 -15.55 12.39
CA TYR A 71 12.41 -14.26 11.77
C TYR A 71 13.12 -14.11 10.44
N ASN A 72 12.35 -14.22 9.36
CA ASN A 72 12.89 -14.09 8.03
C ASN A 72 12.92 -12.61 7.64
N ARG A 73 14.08 -12.00 7.83
CA ARG A 73 14.25 -10.60 7.50
C ARG A 73 14.48 -10.43 5.99
N SER A 74 14.06 -9.27 5.49
CA SER A 74 14.21 -8.98 4.08
C SER A 74 14.45 -7.49 3.88
N LEU A 75 14.76 -7.13 2.64
CA LEU A 75 15.01 -5.74 2.31
C LEU A 75 14.17 -5.34 1.10
N LEU A 76 13.95 -4.04 0.97
CA LEU A 76 13.17 -3.52 -0.14
C LEU A 76 13.90 -2.33 -0.76
N LYS A 77 13.53 -2.04 -2.01
CA LYS A 77 14.14 -0.93 -2.73
C LYS A 77 13.05 -0.11 -3.40
N GLU A 78 13.48 0.94 -4.10
CA GLU A 78 12.56 1.81 -4.79
C GLU A 78 11.72 1.01 -5.80
N GLY A 79 10.41 1.12 -5.65
CA GLY A 79 9.49 0.42 -6.53
C GLY A 79 8.56 -0.50 -5.72
N ASP A 80 9.14 -1.16 -4.73
CA ASP A 80 8.37 -2.06 -3.90
C ASP A 80 7.41 -1.25 -3.02
N PHE A 81 6.26 -1.85 -2.76
CA PHE A 81 5.25 -1.19 -1.94
C PHE A 81 4.93 -2.01 -0.70
N CYS A 82 4.07 -1.45 0.14
CA CYS A 82 3.68 -2.12 1.37
C CYS A 82 2.15 -2.09 1.47
N GLY A 83 1.63 -2.99 2.29
CA GLY A 83 0.19 -3.08 2.48
C GLY A 83 -0.55 -2.99 1.15
N ASP A 84 0.14 -3.42 0.10
CA ASP A 84 -0.44 -3.39 -1.24
C ASP A 84 -1.81 -4.04 -1.22
N GLU A 85 -1.91 -5.10 -0.41
CA GLU A 85 -3.15 -5.83 -0.28
C GLU A 85 -4.33 -4.86 -0.13
N LEU A 86 -4.02 -3.69 0.39
CA LEU A 86 -5.03 -2.66 0.60
C LEU A 86 -5.55 -2.19 -0.76
N LEU A 87 -4.62 -1.99 -1.69
CA LEU A 87 -4.97 -1.54 -3.02
C LEU A 87 -6.00 -2.50 -3.63
N THR A 88 -5.64 -3.78 -3.60
CA THR A 88 -6.52 -4.81 -4.14
C THR A 88 -7.79 -4.93 -3.29
N TRP A 89 -7.61 -4.79 -1.98
CA TRP A 89 -8.73 -4.87 -1.06
C TRP A 89 -9.86 -4.02 -1.63
N ALA A 90 -9.61 -2.73 -1.71
CA ALA A 90 -10.61 -1.80 -2.21
C ALA A 90 -11.12 -2.30 -3.57
N LEU A 91 -10.18 -2.56 -4.46
CA LEU A 91 -10.52 -3.04 -5.79
C LEU A 91 -11.43 -4.27 -5.66
N ASP A 92 -11.27 -4.96 -4.54
CA ASP A 92 -12.06 -6.16 -4.29
C ASP A 92 -13.37 -5.76 -3.61
N PRO A 93 -14.49 -6.06 -4.31
CA PRO A 93 -15.81 -5.73 -3.78
C PRO A 93 -16.21 -6.70 -2.67
N LYS A 94 -15.74 -7.93 -2.80
CA LYS A 94 -16.04 -8.96 -1.81
C LYS A 94 -15.62 -8.46 -0.42
N SER A 95 -14.45 -7.85 -0.38
CA SER A 95 -13.92 -7.33 0.87
C SER A 95 -14.69 -6.07 1.28
N GLY A 96 -15.32 -6.14 2.44
CA GLY A 96 -16.08 -5.02 2.94
C GLY A 96 -16.70 -5.34 4.31
N SER A 97 -15.82 -5.41 5.31
CA SER A 97 -16.25 -5.71 6.66
C SER A 97 -15.07 -5.54 7.64
N ASN A 98 -13.96 -6.17 7.29
CA ASN A 98 -12.78 -6.10 8.11
C ASN A 98 -11.57 -5.76 7.24
N LEU A 99 -10.88 -4.69 7.63
CA LEU A 99 -9.71 -4.26 6.89
C LEU A 99 -8.85 -5.47 6.52
N PRO A 100 -8.01 -5.28 5.46
CA PRO A 100 -7.13 -6.35 5.01
C PRO A 100 -5.96 -6.55 5.96
N SER A 101 -5.02 -7.37 5.53
CA SER A 101 -3.84 -7.65 6.34
C SER A 101 -2.57 -7.27 5.56
N SER A 102 -1.52 -7.01 6.31
CA SER A 102 -0.25 -6.63 5.70
C SER A 102 0.51 -7.88 5.27
N THR A 103 1.50 -7.66 4.42
CA THR A 103 2.31 -8.77 3.91
C THR A 103 3.47 -9.05 4.87
N ARG A 104 4.03 -7.98 5.42
CA ARG A 104 5.14 -8.10 6.33
C ARG A 104 5.30 -6.82 7.15
N THR A 105 5.98 -6.95 8.28
CA THR A 105 6.20 -5.82 9.16
C THR A 105 7.42 -5.01 8.68
N VAL A 106 7.13 -3.87 8.08
CA VAL A 106 8.19 -3.00 7.58
C VAL A 106 8.41 -1.86 8.58
N LYS A 107 9.66 -1.45 8.68
CA LYS A 107 10.03 -0.37 9.57
C LYS A 107 10.97 0.60 8.86
N ALA A 108 11.12 1.79 9.44
CA ALA A 108 11.97 2.80 8.87
C ALA A 108 13.24 2.94 9.72
N LEU A 109 14.37 2.64 9.10
CA LEU A 109 15.65 2.72 9.79
C LEU A 109 16.37 4.00 9.35
N THR A 110 16.05 4.45 8.16
CA THR A 110 16.65 5.66 7.62
C THR A 110 15.58 6.57 7.01
N GLU A 111 15.92 7.85 6.95
CA GLU A 111 15.00 8.83 6.39
C GLU A 111 14.32 8.27 5.14
N VAL A 112 13.01 8.10 5.25
CA VAL A 112 12.23 7.57 4.14
C VAL A 112 11.24 8.63 3.67
N GLU A 113 10.90 8.56 2.40
CA GLU A 113 9.97 9.51 1.81
C GLU A 113 8.89 8.77 1.02
N ALA A 114 7.65 8.95 1.46
CA ALA A 114 6.52 8.30 0.81
C ALA A 114 5.23 9.03 1.19
N PHE A 115 4.14 8.60 0.58
CA PHE A 115 2.84 9.20 0.85
C PHE A 115 1.90 8.20 1.51
N ALA A 116 0.74 8.69 1.91
CA ALA A 116 -0.26 7.85 2.56
C ALA A 116 -1.47 7.70 1.64
N LEU A 117 -2.25 6.68 1.91
CA LEU A 117 -3.44 6.41 1.12
C LEU A 117 -4.46 5.65 1.97
N ILE A 118 -5.62 6.26 2.15
CA ILE A 118 -6.68 5.65 2.93
C ILE A 118 -7.45 4.67 2.06
N ALA A 119 -7.89 3.58 2.68
CA ALA A 119 -8.64 2.56 1.98
C ALA A 119 -10.01 3.12 1.60
N ASP A 120 -10.68 3.71 2.58
CA ASP A 120 -12.00 4.27 2.36
C ASP A 120 -12.02 4.98 1.00
N GLU A 121 -11.33 6.11 0.93
CA GLU A 121 -11.26 6.87 -0.29
C GLU A 121 -11.08 5.95 -1.49
N LEU A 122 -10.15 5.01 -1.35
CA LEU A 122 -9.86 4.06 -2.41
C LEU A 122 -11.16 3.39 -2.85
N LYS A 123 -11.80 2.74 -1.89
CA LYS A 123 -13.05 2.06 -2.17
C LYS A 123 -14.00 3.00 -2.89
N PHE A 124 -14.20 4.17 -2.28
CA PHE A 124 -15.09 5.17 -2.85
C PHE A 124 -14.71 5.46 -4.31
N VAL A 125 -13.52 6.00 -4.48
CA VAL A 125 -13.03 6.32 -5.82
C VAL A 125 -13.07 5.07 -6.69
N ALA A 126 -12.86 3.94 -6.04
CA ALA A 126 -12.87 2.66 -6.75
C ALA A 126 -14.29 2.35 -7.23
N SER A 127 -15.24 2.49 -6.31
CA SER A 127 -16.63 2.24 -6.62
C SER A 127 -17.17 3.33 -7.54
N GLN A 128 -17.02 4.57 -7.08
CA GLN A 128 -17.48 5.71 -7.86
C GLN A 128 -17.22 5.50 -9.34
N PHE A 129 -15.94 5.47 -9.69
CA PHE A 129 -15.55 5.28 -11.07
C PHE A 129 -16.04 3.92 -11.59
N ARG A 130 -15.83 2.90 -10.78
CA ARG A 130 -16.24 1.56 -11.15
C ARG A 130 -17.77 1.47 -11.21
N ARG A 131 -18.29 1.65 -12.41
CA ARG A 131 -19.73 1.60 -12.61
C ARG A 131 -20.14 0.22 -13.12
N SER A 132 -21.15 -0.34 -12.46
CA SER A 132 -21.64 -1.66 -12.82
C SER A 132 -20.57 -2.71 -12.57
N GLY A 133 -20.84 -3.57 -11.60
CA GLY A 133 -19.91 -4.64 -11.25
C GLY A 133 -20.61 -5.76 -10.50
N PRO A 134 -19.79 -6.59 -9.81
CA PRO A 134 -20.32 -7.71 -9.05
C PRO A 134 -20.98 -7.23 -7.76
N SER A 135 -21.83 -8.09 -7.21
CA SER A 135 -22.54 -7.77 -5.98
C SER A 135 -21.54 -7.62 -4.83
N SER A 136 -21.94 -6.85 -3.83
CA SER A 136 -21.10 -6.63 -2.67
C SER A 136 -21.46 -7.62 -1.56
N GLY A 137 -22.71 -7.58 -1.16
CA GLY A 137 -23.19 -8.47 -0.11
C GLY A 137 -23.50 -9.86 -0.67
N GLY A 1 -6.01 22.20 -5.87
CA GLY A 1 -5.62 20.94 -6.48
C GLY A 1 -4.10 20.79 -6.51
N SER A 2 -3.63 19.96 -7.43
CA SER A 2 -2.21 19.72 -7.58
C SER A 2 -1.90 19.19 -8.97
N SER A 3 -1.01 19.88 -9.66
CA SER A 3 -0.63 19.49 -11.01
C SER A 3 -0.25 18.02 -11.04
N GLY A 4 0.76 17.69 -10.24
CA GLY A 4 1.24 16.32 -10.16
C GLY A 4 2.76 16.27 -10.21
N SER A 5 3.35 15.70 -9.16
CA SER A 5 4.79 15.57 -9.09
C SER A 5 5.18 14.13 -8.76
N SER A 6 5.48 13.38 -9.81
CA SER A 6 5.87 11.99 -9.65
C SER A 6 4.71 11.19 -9.05
N GLY A 7 4.49 10.02 -9.60
CA GLY A 7 3.43 9.15 -9.13
C GLY A 7 3.76 7.68 -9.40
N VAL A 8 2.73 6.93 -9.79
CA VAL A 8 2.90 5.52 -10.08
C VAL A 8 4.23 5.30 -10.79
N ARG A 9 4.51 6.18 -11.75
CA ARG A 9 5.73 6.09 -12.52
C ARG A 9 5.72 4.85 -13.41
N ARG A 10 5.72 3.70 -12.76
CA ARG A 10 5.71 2.44 -13.48
C ARG A 10 5.23 1.30 -12.56
N VAL A 11 4.31 1.66 -11.67
CA VAL A 11 3.77 0.69 -10.74
C VAL A 11 2.75 -0.20 -11.46
N PRO A 12 2.94 -1.53 -11.29
CA PRO A 12 2.04 -2.49 -11.92
C PRO A 12 0.70 -2.55 -11.20
N LEU A 13 0.75 -2.29 -9.90
CA LEU A 13 -0.45 -2.31 -9.07
C LEU A 13 -1.60 -1.66 -9.85
N PHE A 14 -1.44 -0.36 -10.11
CA PHE A 14 -2.45 0.38 -10.83
C PHE A 14 -2.35 0.13 -12.34
N GLU A 15 -2.41 -1.14 -12.69
CA GLU A 15 -2.32 -1.54 -14.10
C GLU A 15 -3.69 -1.42 -14.77
N ASN A 16 -4.68 -2.05 -14.14
CA ASN A 16 -6.03 -2.02 -14.67
C ASN A 16 -6.63 -0.63 -14.44
N MET A 17 -6.20 -0.01 -13.35
CA MET A 17 -6.68 1.32 -13.02
C MET A 17 -6.70 2.23 -14.25
N ASP A 18 -7.46 3.32 -14.14
CA ASP A 18 -7.58 4.27 -15.23
C ASP A 18 -6.87 5.56 -14.84
N GLU A 19 -6.48 6.32 -15.86
CA GLU A 19 -5.79 7.58 -15.64
C GLU A 19 -6.50 8.39 -14.56
N ARG A 20 -7.77 8.69 -14.84
CA ARG A 20 -8.58 9.46 -13.91
C ARG A 20 -8.51 8.84 -12.51
N LEU A 21 -8.40 7.52 -12.48
CA LEU A 21 -8.32 6.80 -11.23
C LEU A 21 -6.95 7.04 -10.58
N LEU A 22 -5.95 7.17 -11.44
CA LEU A 22 -4.60 7.40 -10.98
C LEU A 22 -4.53 8.75 -10.28
N ASP A 23 -4.81 9.79 -11.05
CA ASP A 23 -4.78 11.15 -10.52
C ASP A 23 -5.64 11.22 -9.25
N ALA A 24 -6.81 10.60 -9.33
CA ALA A 24 -7.72 10.57 -8.19
C ALA A 24 -6.99 10.01 -6.97
N ILE A 25 -6.39 8.85 -7.16
CA ILE A 25 -5.66 8.19 -6.09
C ILE A 25 -4.41 9.01 -5.76
N CYS A 26 -3.99 9.80 -6.73
CA CYS A 26 -2.81 10.64 -6.57
C CYS A 26 -3.17 11.80 -5.64
N GLU A 27 -4.23 12.51 -6.01
CA GLU A 27 -4.69 13.64 -5.23
C GLU A 27 -4.94 13.22 -3.77
N ARG A 28 -5.23 11.94 -3.60
CA ARG A 28 -5.49 11.39 -2.29
C ARG A 28 -4.20 11.34 -1.47
N LEU A 29 -3.10 11.10 -2.16
CA LEU A 29 -1.80 11.02 -1.53
C LEU A 29 -1.70 12.12 -0.46
N LYS A 30 -1.57 11.68 0.78
CA LYS A 30 -1.47 12.61 1.90
C LYS A 30 0.01 12.86 2.21
N PRO A 31 0.32 14.15 2.51
CA PRO A 31 1.68 14.53 2.83
C PRO A 31 2.08 14.07 4.24
N CYS A 32 2.95 13.07 4.28
CA CYS A 32 3.41 12.52 5.54
C CYS A 32 4.82 11.97 5.34
N LEU A 33 5.46 11.65 6.46
CA LEU A 33 6.81 11.12 6.42
C LEU A 33 6.97 10.06 7.51
N PHE A 34 8.04 9.29 7.40
CA PHE A 34 8.32 8.24 8.36
C PHE A 34 9.73 8.37 8.92
N THR A 35 9.80 8.69 10.20
CA THR A 35 11.08 8.85 10.87
C THR A 35 11.64 7.48 11.28
N GLU A 36 12.68 7.53 12.09
CA GLU A 36 13.31 6.31 12.57
C GLU A 36 12.41 5.60 13.57
N LYS A 37 12.42 4.28 13.51
CA LYS A 37 11.61 3.46 14.39
C LYS A 37 10.14 3.69 14.07
N SER A 38 9.85 3.83 12.78
CA SER A 38 8.49 4.04 12.33
C SER A 38 7.95 2.76 11.68
N TYR A 39 6.93 2.20 12.32
CA TYR A 39 6.32 0.99 11.82
C TYR A 39 5.14 1.32 10.89
N LEU A 40 5.36 1.09 9.60
CA LEU A 40 4.33 1.36 8.61
C LEU A 40 3.19 0.35 8.77
N VAL A 41 3.54 -0.92 8.58
CA VAL A 41 2.57 -1.99 8.70
C VAL A 41 3.12 -3.07 9.63
N ARG A 42 2.21 -3.85 10.20
CA ARG A 42 2.59 -4.92 11.10
C ARG A 42 1.81 -6.19 10.76
N GLU A 43 2.22 -7.28 11.41
CA GLU A 43 1.57 -8.57 11.18
C GLU A 43 0.59 -8.87 12.31
N GLY A 44 -0.69 -8.78 11.97
CA GLY A 44 -1.75 -9.03 12.94
C GLY A 44 -2.67 -7.83 13.08
N ASP A 45 -2.16 -6.68 12.64
CA ASP A 45 -2.94 -5.45 12.70
C ASP A 45 -3.54 -5.16 11.33
N PRO A 46 -4.70 -4.45 11.36
CA PRO A 46 -5.39 -4.09 10.14
C PRO A 46 -4.67 -2.97 9.40
N VAL A 47 -5.12 -2.72 8.17
CA VAL A 47 -4.53 -1.69 7.35
C VAL A 47 -5.54 -0.55 7.16
N ASN A 48 -5.25 0.57 7.80
CA ASN A 48 -6.13 1.73 7.71
C ASN A 48 -5.79 2.52 6.45
N GLU A 49 -4.49 2.70 6.23
CA GLU A 49 -4.03 3.44 5.06
C GLU A 49 -2.80 2.74 4.45
N MET A 50 -2.65 2.91 3.15
CA MET A 50 -1.53 2.31 2.44
C MET A 50 -0.41 3.33 2.23
N LEU A 51 0.82 2.83 2.27
CA LEU A 51 1.98 3.67 2.10
C LEU A 51 2.68 3.29 0.80
N PHE A 52 2.86 4.29 -0.06
CA PHE A 52 3.52 4.07 -1.34
C PHE A 52 4.93 4.64 -1.33
N ILE A 53 5.89 3.75 -1.16
CA ILE A 53 7.29 4.14 -1.14
C ILE A 53 7.64 4.88 -2.43
N ILE A 54 8.13 6.09 -2.27
CA ILE A 54 8.50 6.91 -3.41
C ILE A 54 10.02 6.86 -3.60
N ARG A 55 10.72 7.06 -2.49
CA ARG A 55 12.17 7.04 -2.52
C ARG A 55 12.73 6.95 -1.10
N GLY A 56 13.19 5.75 -0.75
CA GLY A 56 13.74 5.53 0.57
C GLY A 56 14.09 4.05 0.78
N ARG A 57 14.34 3.70 2.02
CA ARG A 57 14.68 2.32 2.36
C ARG A 57 13.85 1.85 3.56
N LEU A 58 13.73 0.54 3.67
CA LEU A 58 12.97 -0.06 4.76
C LEU A 58 13.41 -1.51 4.94
N GLU A 59 12.92 -2.10 6.03
CA GLU A 59 13.25 -3.48 6.33
C GLU A 59 11.97 -4.31 6.49
N SER A 60 11.86 -5.34 5.66
CA SER A 60 10.69 -6.21 5.70
C SER A 60 11.00 -7.45 6.55
N VAL A 61 10.11 -7.73 7.49
CA VAL A 61 10.27 -8.88 8.37
C VAL A 61 8.92 -9.57 8.54
N THR A 62 8.99 -10.88 8.69
CA THR A 62 7.78 -11.67 8.87
C THR A 62 7.81 -12.41 10.21
N THR A 63 6.64 -12.75 10.69
CA THR A 63 6.52 -13.46 11.97
C THR A 63 5.80 -14.80 11.76
N ASP A 64 4.61 -14.71 11.20
CA ASP A 64 3.82 -15.90 10.95
C ASP A 64 4.44 -16.70 9.80
N GLY A 65 4.56 -17.99 10.02
CA GLY A 65 5.14 -18.88 9.02
C GLY A 65 4.40 -20.22 8.98
N GLY A 66 5.19 -21.29 8.90
CA GLY A 66 4.63 -22.63 8.84
C GLY A 66 4.51 -23.22 10.25
N ARG A 67 5.55 -23.92 10.65
CA ARG A 67 5.56 -24.54 11.97
C ARG A 67 6.71 -23.97 12.82
N SER A 68 7.89 -23.97 12.22
CA SER A 68 9.07 -23.46 12.91
C SER A 68 8.96 -21.95 13.06
N GLY A 69 9.49 -21.45 14.17
CA GLY A 69 9.46 -20.04 14.46
C GLY A 69 10.74 -19.36 13.96
N PHE A 70 10.60 -18.61 12.87
CA PHE A 70 11.74 -17.91 12.30
C PHE A 70 11.31 -16.56 11.72
N TYR A 71 12.29 -15.68 11.56
CA TYR A 71 12.03 -14.35 11.02
C TYR A 71 12.82 -14.12 9.73
N ASN A 72 12.10 -14.15 8.62
CA ASN A 72 12.72 -13.94 7.32
C ASN A 72 12.82 -12.45 7.05
N ARG A 73 13.99 -11.90 7.34
CA ARG A 73 14.22 -10.48 7.13
C ARG A 73 14.52 -10.21 5.65
N SER A 74 14.19 -9.00 5.23
CA SER A 74 14.41 -8.60 3.84
C SER A 74 14.46 -7.07 3.74
N LEU A 75 14.78 -6.60 2.55
CA LEU A 75 14.87 -5.18 2.31
C LEU A 75 13.97 -4.81 1.12
N LEU A 76 13.46 -3.59 1.18
CA LEU A 76 12.59 -3.10 0.12
C LEU A 76 13.29 -1.98 -0.64
N LYS A 77 13.58 -2.25 -1.90
CA LYS A 77 14.24 -1.27 -2.75
C LYS A 77 13.24 -0.20 -3.17
N GLU A 78 13.70 0.70 -4.04
CA GLU A 78 12.85 1.77 -4.53
C GLU A 78 11.89 1.25 -5.60
N GLY A 79 10.61 1.40 -5.33
CA GLY A 79 9.58 0.96 -6.25
C GLY A 79 8.62 -0.03 -5.57
N ASP A 80 9.14 -0.70 -4.56
CA ASP A 80 8.35 -1.67 -3.82
C ASP A 80 7.36 -0.93 -2.91
N PHE A 81 6.29 -1.63 -2.56
CA PHE A 81 5.27 -1.06 -1.70
C PHE A 81 4.99 -1.96 -0.50
N CYS A 82 4.11 -1.47 0.37
CA CYS A 82 3.76 -2.22 1.56
C CYS A 82 2.22 -2.24 1.68
N GLY A 83 1.75 -3.15 2.52
CA GLY A 83 0.31 -3.27 2.72
C GLY A 83 -0.45 -3.11 1.41
N ASP A 84 0.06 -3.77 0.38
CA ASP A 84 -0.56 -3.70 -0.93
C ASP A 84 -1.93 -4.39 -0.88
N GLU A 85 -2.17 -5.09 0.22
CA GLU A 85 -3.43 -5.80 0.41
C GLU A 85 -4.60 -4.81 0.34
N LEU A 86 -4.34 -3.61 0.84
CA LEU A 86 -5.36 -2.57 0.85
C LEU A 86 -5.89 -2.37 -0.56
N LEU A 87 -4.98 -2.06 -1.47
CA LEU A 87 -5.35 -1.85 -2.86
C LEU A 87 -6.37 -2.92 -3.29
N THR A 88 -6.00 -4.17 -3.03
CA THR A 88 -6.87 -5.28 -3.39
C THR A 88 -8.15 -5.25 -2.55
N TRP A 89 -7.97 -4.97 -1.26
CA TRP A 89 -9.10 -4.89 -0.36
C TRP A 89 -10.17 -4.01 -0.99
N ALA A 90 -9.77 -2.78 -1.31
CA ALA A 90 -10.68 -1.84 -1.92
C ALA A 90 -11.33 -2.48 -3.16
N LEU A 91 -10.48 -2.88 -4.09
CA LEU A 91 -10.94 -3.51 -5.31
C LEU A 91 -11.85 -4.69 -4.96
N ASP A 92 -11.65 -5.21 -3.75
CA ASP A 92 -12.44 -6.33 -3.29
C ASP A 92 -13.85 -5.86 -2.94
N PRO A 93 -14.83 -6.38 -3.71
CA PRO A 93 -16.23 -6.02 -3.50
C PRO A 93 -16.80 -6.70 -2.25
N LYS A 94 -16.28 -7.90 -2.00
CA LYS A 94 -16.72 -8.68 -0.85
C LYS A 94 -16.50 -7.85 0.42
N SER A 95 -15.37 -7.16 0.46
CA SER A 95 -15.04 -6.35 1.61
C SER A 95 -16.17 -5.34 1.89
N GLY A 96 -16.16 -4.81 3.10
CA GLY A 96 -17.17 -3.84 3.50
C GLY A 96 -16.60 -2.83 4.48
N SER A 97 -16.05 -3.35 5.57
CA SER A 97 -15.47 -2.49 6.59
C SER A 97 -14.17 -3.11 7.12
N ASN A 98 -14.27 -4.38 7.49
CA ASN A 98 -13.12 -5.10 8.00
C ASN A 98 -11.89 -4.75 7.17
N LEU A 99 -11.01 -3.97 7.76
CA LEU A 99 -9.78 -3.55 7.09
C LEU A 99 -8.91 -4.78 6.83
N PRO A 100 -8.02 -4.65 5.81
CA PRO A 100 -7.12 -5.73 5.46
C PRO A 100 -5.99 -5.87 6.48
N SER A 101 -5.25 -6.96 6.35
CA SER A 101 -4.13 -7.22 7.24
C SER A 101 -2.83 -7.32 6.46
N SER A 102 -1.81 -6.65 6.96
CA SER A 102 -0.51 -6.66 6.32
C SER A 102 0.00 -8.09 6.18
N THR A 103 1.00 -8.25 5.32
CA THR A 103 1.58 -9.57 5.08
C THR A 103 2.97 -9.65 5.71
N ARG A 104 3.49 -8.49 6.08
CA ARG A 104 4.81 -8.42 6.69
C ARG A 104 4.94 -7.15 7.52
N THR A 105 5.93 -7.16 8.42
CA THR A 105 6.17 -6.03 9.28
C THR A 105 7.33 -5.19 8.75
N VAL A 106 7.01 -3.98 8.32
CA VAL A 106 8.01 -3.08 7.79
C VAL A 106 8.27 -1.96 8.80
N LYS A 107 9.48 -1.42 8.75
CA LYS A 107 9.87 -0.35 9.65
C LYS A 107 10.86 0.57 8.93
N ALA A 108 10.81 1.84 9.32
CA ALA A 108 11.70 2.83 8.73
C ALA A 108 12.99 2.91 9.54
N LEU A 109 14.07 2.47 8.93
CA LEU A 109 15.37 2.49 9.58
C LEU A 109 16.11 3.77 9.20
N THR A 110 15.77 4.28 8.02
CA THR A 110 16.40 5.50 7.53
C THR A 110 15.34 6.46 6.99
N GLU A 111 15.75 7.71 6.82
CA GLU A 111 14.85 8.74 6.31
C GLU A 111 14.07 8.20 5.10
N VAL A 112 12.76 8.19 5.25
CA VAL A 112 11.90 7.71 4.18
C VAL A 112 11.09 8.88 3.62
N GLU A 113 10.69 8.73 2.37
CA GLU A 113 9.91 9.77 1.70
C GLU A 113 8.83 9.14 0.82
N ALA A 114 7.60 9.24 1.28
CA ALA A 114 6.47 8.69 0.56
C ALA A 114 5.18 9.34 1.04
N PHE A 115 4.09 8.99 0.37
CA PHE A 115 2.79 9.53 0.73
C PHE A 115 1.89 8.45 1.33
N ALA A 116 0.80 8.90 1.94
CA ALA A 116 -0.15 7.98 2.55
C ALA A 116 -1.39 7.88 1.65
N LEU A 117 -2.14 6.81 1.88
CA LEU A 117 -3.35 6.58 1.12
C LEU A 117 -4.40 5.89 2.01
N ILE A 118 -5.54 6.55 2.12
CA ILE A 118 -6.62 6.01 2.93
C ILE A 118 -7.44 5.01 2.11
N ALA A 119 -7.90 3.97 2.79
CA ALA A 119 -8.69 2.95 2.12
C ALA A 119 -10.02 3.54 1.68
N ASP A 120 -10.68 4.22 2.62
CA ASP A 120 -11.96 4.83 2.34
C ASP A 120 -11.91 5.48 0.95
N GLU A 121 -11.08 6.52 0.84
CA GLU A 121 -10.94 7.23 -0.42
C GLU A 121 -10.64 6.25 -1.55
N LEU A 122 -9.83 5.25 -1.22
CA LEU A 122 -9.46 4.23 -2.21
C LEU A 122 -10.73 3.51 -2.69
N LYS A 123 -11.30 2.73 -1.78
CA LYS A 123 -12.50 1.98 -2.11
C LYS A 123 -13.48 2.90 -2.84
N PHE A 124 -13.68 4.07 -2.28
CA PHE A 124 -14.59 5.04 -2.86
C PHE A 124 -14.28 5.25 -4.34
N VAL A 125 -13.11 5.84 -4.60
CA VAL A 125 -12.68 6.10 -5.96
C VAL A 125 -12.66 4.79 -6.74
N ALA A 126 -12.29 3.73 -6.05
CA ALA A 126 -12.23 2.42 -6.66
C ALA A 126 -13.62 2.03 -7.18
N SER A 127 -14.54 1.91 -6.26
CA SER A 127 -15.91 1.55 -6.60
C SER A 127 -16.51 2.59 -7.54
N GLN A 128 -16.36 3.85 -7.15
CA GLN A 128 -16.87 4.94 -7.96
C GLN A 128 -16.65 4.66 -9.45
N PHE A 129 -15.41 4.33 -9.77
CA PHE A 129 -15.06 4.03 -11.15
C PHE A 129 -15.52 2.63 -11.55
N ARG A 130 -15.24 1.68 -10.68
CA ARG A 130 -15.63 0.30 -10.92
C ARG A 130 -17.08 0.07 -10.51
N ARG A 131 -17.98 0.37 -11.42
CA ARG A 131 -19.40 0.20 -11.17
C ARG A 131 -19.78 -1.28 -11.23
N SER A 132 -19.88 -1.87 -10.05
CA SER A 132 -20.24 -3.28 -9.95
C SER A 132 -21.42 -3.59 -10.88
N GLY A 133 -21.54 -4.86 -11.22
CA GLY A 133 -22.61 -5.30 -12.09
C GLY A 133 -23.99 -5.14 -11.41
N PRO A 134 -24.91 -4.48 -12.16
CA PRO A 134 -26.25 -4.25 -11.64
C PRO A 134 -27.08 -5.53 -11.68
N SER A 135 -26.71 -6.47 -10.82
CA SER A 135 -27.40 -7.74 -10.75
C SER A 135 -26.80 -8.61 -9.63
N SER A 136 -25.52 -8.87 -9.76
CA SER A 136 -24.82 -9.68 -8.78
C SER A 136 -23.30 -9.56 -8.99
N GLY A 137 -22.60 -9.36 -7.88
CA GLY A 137 -21.15 -9.23 -7.91
C GLY A 137 -20.50 -10.56 -8.29
N GLY A 1 -3.09 23.69 -4.62
CA GLY A 1 -2.64 22.33 -4.88
C GLY A 1 -1.12 22.23 -4.78
N SER A 2 -0.57 21.29 -5.52
CA SER A 2 0.87 21.07 -5.53
C SER A 2 1.28 20.28 -6.76
N SER A 3 2.55 20.41 -7.11
CA SER A 3 3.08 19.71 -8.27
C SER A 3 3.42 18.27 -7.91
N GLY A 4 3.71 17.48 -8.94
CA GLY A 4 4.06 16.09 -8.74
C GLY A 4 4.06 15.33 -10.07
N SER A 5 3.05 14.47 -10.23
CA SER A 5 2.92 13.69 -11.44
C SER A 5 4.28 13.07 -11.81
N SER A 6 4.65 12.05 -11.06
CA SER A 6 5.91 11.37 -11.30
C SER A 6 6.00 10.11 -10.43
N GLY A 7 6.26 9.00 -11.09
CA GLY A 7 6.37 7.73 -10.39
C GLY A 7 5.74 6.59 -11.20
N VAL A 8 5.45 5.51 -10.50
CA VAL A 8 4.83 4.35 -11.14
C VAL A 8 5.81 3.78 -12.18
N ARG A 9 6.85 3.13 -11.68
CA ARG A 9 7.85 2.53 -12.53
C ARG A 9 7.44 1.11 -12.92
N ARG A 10 6.53 1.03 -13.88
CA ARG A 10 6.04 -0.26 -14.35
C ARG A 10 5.33 -1.00 -13.21
N VAL A 11 4.68 -0.23 -12.35
CA VAL A 11 3.97 -0.80 -11.23
C VAL A 11 2.75 -1.56 -11.74
N PRO A 12 2.65 -2.85 -11.32
CA PRO A 12 1.54 -3.70 -11.73
C PRO A 12 0.27 -3.32 -10.97
N LEU A 13 0.45 -2.89 -9.74
CA LEU A 13 -0.67 -2.50 -8.90
C LEU A 13 -1.69 -1.73 -9.74
N PHE A 14 -1.25 -0.57 -10.22
CA PHE A 14 -2.10 0.28 -11.04
C PHE A 14 -2.19 -0.26 -12.46
N GLU A 15 -2.61 -1.50 -12.58
CA GLU A 15 -2.74 -2.14 -13.88
C GLU A 15 -4.16 -1.94 -14.43
N ASN A 16 -5.13 -2.23 -13.59
CA ASN A 16 -6.52 -2.10 -13.98
C ASN A 16 -6.95 -0.65 -13.79
N MET A 17 -6.37 -0.01 -12.79
CA MET A 17 -6.68 1.38 -12.49
C MET A 17 -6.56 2.24 -13.74
N ASP A 18 -7.42 3.25 -13.83
CA ASP A 18 -7.41 4.16 -14.96
C ASP A 18 -6.80 5.49 -14.53
N GLU A 19 -6.31 6.23 -15.52
CA GLU A 19 -5.71 7.52 -15.27
C GLU A 19 -6.56 8.33 -14.29
N ARG A 20 -7.81 8.54 -14.68
CA ARG A 20 -8.74 9.30 -13.86
C ARG A 20 -8.69 8.79 -12.41
N LEU A 21 -8.48 7.49 -12.28
CA LEU A 21 -8.41 6.88 -10.97
C LEU A 21 -7.05 7.19 -10.33
N LEU A 22 -6.06 7.34 -11.18
CA LEU A 22 -4.70 7.64 -10.72
C LEU A 22 -4.70 9.03 -10.07
N ASP A 23 -5.12 10.01 -10.86
CA ASP A 23 -5.15 11.39 -10.37
C ASP A 23 -6.01 11.45 -9.11
N ALA A 24 -7.20 10.88 -9.20
CA ALA A 24 -8.11 10.86 -8.07
C ALA A 24 -7.38 10.34 -6.83
N ILE A 25 -6.74 9.19 -6.99
CA ILE A 25 -6.00 8.59 -5.90
C ILE A 25 -4.82 9.49 -5.52
N CYS A 26 -4.15 10.01 -6.55
CA CYS A 26 -3.02 10.88 -6.35
C CYS A 26 -3.44 12.01 -5.42
N GLU A 27 -4.55 12.65 -5.78
CA GLU A 27 -5.07 13.75 -5.00
C GLU A 27 -5.24 13.32 -3.54
N ARG A 28 -5.41 12.03 -3.35
CA ARG A 28 -5.58 11.48 -2.01
C ARG A 28 -4.26 11.50 -1.25
N LEU A 29 -3.20 11.18 -1.98
CA LEU A 29 -1.86 11.16 -1.38
C LEU A 29 -1.68 12.39 -0.50
N LYS A 30 -1.54 12.14 0.79
CA LYS A 30 -1.36 13.22 1.74
C LYS A 30 0.13 13.36 2.09
N PRO A 31 0.51 14.59 2.50
CA PRO A 31 1.89 14.86 2.86
C PRO A 31 2.24 14.25 4.22
N CYS A 32 3.05 13.21 4.17
CA CYS A 32 3.47 12.53 5.39
C CYS A 32 4.86 11.92 5.15
N LEU A 33 5.51 11.57 6.25
CA LEU A 33 6.84 10.98 6.17
C LEU A 33 6.97 9.90 7.25
N PHE A 34 8.00 9.08 7.10
CA PHE A 34 8.25 8.01 8.05
C PHE A 34 9.62 8.17 8.70
N THR A 35 9.59 8.49 10.00
CA THR A 35 10.82 8.67 10.75
C THR A 35 11.31 7.33 11.31
N GLU A 36 12.27 7.43 12.22
CA GLU A 36 12.83 6.24 12.83
C GLU A 36 11.81 5.59 13.76
N LYS A 37 11.80 4.27 13.76
CA LYS A 37 10.88 3.52 14.60
C LYS A 37 9.47 3.66 14.04
N SER A 38 9.39 4.14 12.81
CA SER A 38 8.11 4.32 12.15
C SER A 38 7.74 3.06 11.37
N TYR A 39 6.68 2.41 11.83
CA TYR A 39 6.21 1.19 11.18
C TYR A 39 5.10 1.50 10.16
N LEU A 40 5.33 1.05 8.94
CA LEU A 40 4.37 1.27 7.88
C LEU A 40 3.25 0.25 7.99
N VAL A 41 3.64 -1.02 8.00
CA VAL A 41 2.68 -2.10 8.10
C VAL A 41 3.18 -3.12 9.13
N ARG A 42 2.22 -3.79 9.77
CA ARG A 42 2.55 -4.78 10.77
C ARG A 42 1.81 -6.09 10.49
N GLU A 43 2.25 -7.15 11.15
CA GLU A 43 1.64 -8.46 10.98
C GLU A 43 0.67 -8.74 12.13
N GLY A 44 -0.57 -9.01 11.76
CA GLY A 44 -1.61 -9.30 12.74
C GLY A 44 -2.61 -8.16 12.84
N ASP A 45 -2.09 -6.94 12.70
CA ASP A 45 -2.93 -5.76 12.77
C ASP A 45 -3.47 -5.44 11.38
N PRO A 46 -4.67 -4.78 11.37
CA PRO A 46 -5.31 -4.42 10.11
C PRO A 46 -4.59 -3.23 9.46
N VAL A 47 -4.99 -2.95 8.23
CA VAL A 47 -4.41 -1.85 7.48
C VAL A 47 -5.45 -0.74 7.33
N ASN A 48 -5.14 0.42 7.89
CA ASN A 48 -6.04 1.56 7.81
C ASN A 48 -5.73 2.36 6.55
N GLU A 49 -4.44 2.51 6.28
CA GLU A 49 -4.00 3.25 5.11
C GLU A 49 -2.79 2.56 4.46
N MET A 50 -2.64 2.79 3.17
CA MET A 50 -1.53 2.20 2.43
C MET A 50 -0.47 3.26 2.11
N LEU A 51 0.78 2.83 2.22
CA LEU A 51 1.89 3.72 1.95
C LEU A 51 2.60 3.27 0.66
N PHE A 52 2.81 4.22 -0.23
CA PHE A 52 3.47 3.94 -1.50
C PHE A 52 4.89 4.49 -1.51
N ILE A 53 5.85 3.59 -1.29
CA ILE A 53 7.24 3.97 -1.28
C ILE A 53 7.58 4.72 -2.57
N ILE A 54 8.05 5.94 -2.39
CA ILE A 54 8.41 6.78 -3.53
C ILE A 54 9.92 6.68 -3.76
N ARG A 55 10.66 6.77 -2.66
CA ARG A 55 12.12 6.70 -2.73
C ARG A 55 12.70 6.66 -1.32
N GLY A 56 13.14 5.48 -0.93
CA GLY A 56 13.74 5.29 0.38
C GLY A 56 14.13 3.82 0.60
N ARG A 57 14.27 3.46 1.87
CA ARG A 57 14.63 2.11 2.22
C ARG A 57 13.89 1.67 3.48
N LEU A 58 13.77 0.35 3.63
CA LEU A 58 13.09 -0.22 4.78
C LEU A 58 13.51 -1.67 4.97
N GLU A 59 13.09 -2.24 6.08
CA GLU A 59 13.41 -3.63 6.38
C GLU A 59 12.14 -4.43 6.64
N SER A 60 12.04 -5.56 5.95
CA SER A 60 10.88 -6.43 6.11
C SER A 60 11.21 -7.58 7.08
N VAL A 61 10.26 -7.85 7.95
CA VAL A 61 10.43 -8.91 8.93
C VAL A 61 9.09 -9.63 9.14
N THR A 62 9.17 -10.94 9.31
CA THR A 62 7.99 -11.74 9.52
C THR A 62 8.10 -12.54 10.82
N THR A 63 6.98 -12.65 11.51
CA THR A 63 6.93 -13.37 12.77
C THR A 63 6.21 -14.72 12.58
N ASP A 64 5.17 -14.68 11.77
CA ASP A 64 4.38 -15.88 11.50
C ASP A 64 3.82 -16.42 12.82
N GLY A 65 2.95 -15.63 13.42
CA GLY A 65 2.34 -16.02 14.69
C GLY A 65 3.05 -15.37 15.87
N GLY A 66 4.15 -16.00 16.27
CA GLY A 66 4.94 -15.51 17.38
C GLY A 66 5.31 -16.64 18.35
N ARG A 67 5.60 -16.25 19.57
CA ARG A 67 5.97 -17.22 20.59
C ARG A 67 7.38 -17.75 20.34
N SER A 68 7.51 -18.48 19.24
CA SER A 68 8.80 -19.05 18.88
C SER A 68 8.79 -19.44 17.39
N GLY A 69 9.98 -19.44 16.81
CA GLY A 69 10.12 -19.79 15.41
C GLY A 69 11.40 -19.16 14.82
N PHE A 70 11.25 -18.61 13.63
CA PHE A 70 12.36 -17.97 12.95
C PHE A 70 11.94 -16.65 12.31
N TYR A 71 12.83 -15.67 12.40
CA TYR A 71 12.57 -14.37 11.84
C TYR A 71 13.31 -14.18 10.51
N ASN A 72 12.53 -14.01 9.45
CA ASN A 72 13.09 -13.82 8.12
C ASN A 72 13.17 -12.33 7.81
N ARG A 73 14.36 -11.78 8.05
CA ARG A 73 14.59 -10.36 7.81
C ARG A 73 14.95 -10.14 6.34
N SER A 74 14.57 -8.96 5.85
CA SER A 74 14.84 -8.60 4.46
C SER A 74 14.84 -7.09 4.30
N LEU A 75 15.21 -6.64 3.11
CA LEU A 75 15.26 -5.22 2.82
C LEU A 75 14.51 -4.96 1.51
N LEU A 76 14.01 -3.74 1.38
CA LEU A 76 13.28 -3.34 0.19
C LEU A 76 13.98 -2.13 -0.45
N LYS A 77 13.58 -1.85 -1.68
CA LYS A 77 14.15 -0.73 -2.41
C LYS A 77 13.02 0.10 -3.03
N GLU A 78 13.41 1.06 -3.86
CA GLU A 78 12.45 1.92 -4.51
C GLU A 78 11.63 1.12 -5.53
N GLY A 79 10.32 1.18 -5.35
CA GLY A 79 9.41 0.47 -6.24
C GLY A 79 8.48 -0.46 -5.45
N ASP A 80 9.06 -1.13 -4.47
CA ASP A 80 8.30 -2.04 -3.63
C ASP A 80 7.33 -1.25 -2.76
N PHE A 81 6.15 -1.83 -2.56
CA PHE A 81 5.13 -1.18 -1.75
C PHE A 81 4.76 -2.05 -0.55
N CYS A 82 4.08 -1.44 0.40
CA CYS A 82 3.66 -2.13 1.60
C CYS A 82 2.13 -2.13 1.65
N GLY A 83 1.59 -3.06 2.42
CA GLY A 83 0.15 -3.16 2.57
C GLY A 83 -0.55 -2.98 1.22
N ASP A 84 -0.04 -3.67 0.21
CA ASP A 84 -0.61 -3.59 -1.11
C ASP A 84 -2.00 -4.21 -1.11
N GLU A 85 -2.16 -5.23 -0.28
CA GLU A 85 -3.44 -5.92 -0.17
C GLU A 85 -4.59 -4.90 -0.08
N LEU A 86 -4.32 -3.82 0.64
CA LEU A 86 -5.32 -2.77 0.82
C LEU A 86 -5.81 -2.31 -0.56
N LEU A 87 -4.85 -2.05 -1.43
CA LEU A 87 -5.17 -1.61 -2.78
C LEU A 87 -6.22 -2.54 -3.39
N THR A 88 -5.96 -3.84 -3.24
CA THR A 88 -6.87 -4.84 -3.77
C THR A 88 -8.14 -4.91 -2.94
N TRP A 89 -7.97 -4.76 -1.62
CA TRP A 89 -9.10 -4.79 -0.71
C TRP A 89 -10.19 -3.87 -1.27
N ALA A 90 -9.82 -2.61 -1.45
CA ALA A 90 -10.75 -1.62 -1.97
C ALA A 90 -11.21 -2.05 -3.36
N LEU A 91 -10.25 -2.49 -4.16
CA LEU A 91 -10.54 -2.93 -5.52
C LEU A 91 -11.49 -4.14 -5.46
N ASP A 92 -11.59 -4.71 -4.27
CA ASP A 92 -12.45 -5.86 -4.07
C ASP A 92 -13.69 -5.44 -3.29
N PRO A 93 -14.85 -5.43 -4.01
CA PRO A 93 -16.12 -5.06 -3.40
C PRO A 93 -16.64 -6.16 -2.48
N LYS A 94 -16.30 -7.39 -2.85
CA LYS A 94 -16.74 -8.54 -2.08
C LYS A 94 -16.23 -8.41 -0.64
N SER A 95 -15.03 -7.86 -0.53
CA SER A 95 -14.41 -7.67 0.78
C SER A 95 -15.05 -6.47 1.49
N GLY A 96 -16.23 -6.72 2.03
CA GLY A 96 -16.95 -5.67 2.74
C GLY A 96 -16.59 -5.67 4.23
N SER A 97 -16.25 -4.48 4.71
CA SER A 97 -15.88 -4.33 6.10
C SER A 97 -14.62 -5.13 6.41
N ASN A 98 -14.16 -5.02 7.65
CA ASN A 98 -12.97 -5.74 8.08
C ASN A 98 -11.80 -5.34 7.18
N LEU A 99 -10.91 -4.53 7.76
CA LEU A 99 -9.74 -4.07 7.02
C LEU A 99 -8.85 -5.27 6.69
N PRO A 100 -8.00 -5.07 5.65
CA PRO A 100 -7.09 -6.12 5.21
C PRO A 100 -5.92 -6.27 6.18
N SER A 101 -5.09 -7.26 5.91
CA SER A 101 -3.92 -7.52 6.75
C SER A 101 -2.65 -7.42 5.91
N SER A 102 -1.60 -6.90 6.53
CA SER A 102 -0.32 -6.75 5.86
C SER A 102 0.27 -8.13 5.56
N THR A 103 1.25 -8.12 4.66
CA THR A 103 1.90 -9.37 4.27
C THR A 103 3.15 -9.60 5.14
N ARG A 104 3.79 -8.50 5.52
CA ARG A 104 4.98 -8.57 6.33
C ARG A 104 5.13 -7.30 7.16
N THR A 105 5.99 -7.38 8.17
CA THR A 105 6.24 -6.24 9.05
C THR A 105 7.43 -5.43 8.53
N VAL A 106 7.14 -4.22 8.07
CA VAL A 106 8.17 -3.34 7.56
C VAL A 106 8.34 -2.16 8.51
N LYS A 107 9.60 -1.73 8.67
CA LYS A 107 9.90 -0.61 9.54
C LYS A 107 10.82 0.36 8.80
N ALA A 108 10.91 1.57 9.35
CA ALA A 108 11.75 2.59 8.76
C ALA A 108 13.04 2.72 9.57
N LEU A 109 14.13 2.34 8.94
CA LEU A 109 15.44 2.41 9.59
C LEU A 109 16.17 3.67 9.12
N THR A 110 15.77 4.14 7.94
CA THR A 110 16.38 5.33 7.37
C THR A 110 15.31 6.26 6.81
N GLU A 111 15.65 7.53 6.74
CA GLU A 111 14.72 8.53 6.23
C GLU A 111 14.02 8.01 4.97
N VAL A 112 12.69 7.96 5.05
CA VAL A 112 11.90 7.48 3.94
C VAL A 112 11.06 8.64 3.39
N GLU A 113 10.74 8.54 2.09
CA GLU A 113 9.95 9.57 1.44
C GLU A 113 8.84 8.92 0.62
N ALA A 114 7.62 9.05 1.14
CA ALA A 114 6.46 8.49 0.47
C ALA A 114 5.19 9.16 0.99
N PHE A 115 4.07 8.81 0.38
CA PHE A 115 2.79 9.38 0.77
C PHE A 115 1.90 8.31 1.40
N ALA A 116 0.76 8.76 1.91
CA ALA A 116 -0.20 7.86 2.54
C ALA A 116 -1.42 7.71 1.63
N LEU A 117 -2.25 6.74 1.97
CA LEU A 117 -3.46 6.48 1.20
C LEU A 117 -4.47 5.74 2.09
N ILE A 118 -5.64 6.36 2.25
CA ILE A 118 -6.68 5.77 3.06
C ILE A 118 -7.51 4.81 2.20
N ALA A 119 -7.93 3.73 2.82
CA ALA A 119 -8.72 2.73 2.13
C ALA A 119 -10.05 3.34 1.70
N ASP A 120 -10.69 4.01 2.64
CA ASP A 120 -11.97 4.65 2.38
C ASP A 120 -11.90 5.35 1.02
N GLU A 121 -11.15 6.43 0.98
CA GLU A 121 -10.99 7.21 -0.24
C GLU A 121 -10.67 6.27 -1.42
N LEU A 122 -9.93 5.22 -1.11
CA LEU A 122 -9.54 4.26 -2.12
C LEU A 122 -10.79 3.53 -2.64
N LYS A 123 -11.37 2.71 -1.76
CA LYS A 123 -12.56 1.97 -2.12
C LYS A 123 -13.54 2.89 -2.83
N PHE A 124 -13.69 4.09 -2.28
CA PHE A 124 -14.59 5.07 -2.86
C PHE A 124 -14.27 5.31 -4.33
N VAL A 125 -13.07 5.83 -4.57
CA VAL A 125 -12.63 6.11 -5.93
C VAL A 125 -12.62 4.81 -6.74
N ALA A 126 -12.46 3.70 -6.02
CA ALA A 126 -12.44 2.40 -6.66
C ALA A 126 -13.86 2.01 -7.09
N SER A 127 -14.81 2.36 -6.24
CA SER A 127 -16.21 2.06 -6.53
C SER A 127 -16.67 2.86 -7.74
N GLN A 128 -16.45 4.16 -7.68
CA GLN A 128 -16.84 5.04 -8.77
C GLN A 128 -16.62 4.35 -10.11
N PHE A 129 -15.54 3.58 -10.18
CA PHE A 129 -15.20 2.87 -11.40
C PHE A 129 -15.70 1.42 -11.35
N ARG A 130 -15.28 0.72 -10.31
CA ARG A 130 -15.68 -0.67 -10.13
C ARG A 130 -15.59 -1.42 -11.45
N ARG A 131 -14.44 -2.02 -11.68
CA ARG A 131 -14.21 -2.77 -12.90
C ARG A 131 -14.87 -4.16 -12.80
N SER A 132 -14.54 -4.85 -11.72
CA SER A 132 -15.10 -6.18 -11.49
C SER A 132 -14.90 -7.04 -12.75
N GLY A 133 -13.80 -7.77 -12.75
CA GLY A 133 -13.49 -8.65 -13.88
C GLY A 133 -13.94 -10.08 -13.60
N PRO A 134 -13.53 -11.00 -14.51
CA PRO A 134 -13.88 -12.40 -14.38
C PRO A 134 -13.06 -13.07 -13.28
N SER A 135 -13.75 -13.44 -12.21
CA SER A 135 -13.09 -14.09 -11.08
C SER A 135 -14.10 -14.96 -10.32
N SER A 136 -13.91 -16.27 -10.45
CA SER A 136 -14.79 -17.21 -9.78
C SER A 136 -14.12 -17.74 -8.51
N GLY A 137 -14.94 -17.95 -7.50
CA GLY A 137 -14.45 -18.45 -6.22
C GLY A 137 -13.81 -19.83 -6.39
N GLY A 1 -6.91 19.90 -9.00
CA GLY A 1 -7.97 19.39 -9.87
C GLY A 1 -7.64 19.64 -11.34
N SER A 2 -6.77 18.79 -11.86
CA SER A 2 -6.36 18.91 -13.25
C SER A 2 -5.32 17.83 -13.59
N SER A 3 -4.21 17.88 -12.87
CA SER A 3 -3.14 16.92 -13.07
C SER A 3 -2.22 16.90 -11.85
N GLY A 4 -1.55 15.77 -11.68
CA GLY A 4 -0.64 15.60 -10.56
C GLY A 4 0.55 14.71 -10.95
N SER A 5 1.22 14.20 -9.94
CA SER A 5 2.37 13.34 -10.15
C SER A 5 2.90 12.82 -8.82
N SER A 6 3.91 11.96 -8.91
CA SER A 6 4.51 11.39 -7.71
C SER A 6 3.47 10.56 -6.95
N GLY A 7 3.92 9.39 -6.50
CA GLY A 7 3.04 8.49 -5.76
C GLY A 7 3.10 7.07 -6.34
N VAL A 8 2.55 6.93 -7.53
CA VAL A 8 2.54 5.64 -8.21
C VAL A 8 3.63 5.61 -9.27
N ARG A 9 4.87 5.68 -8.81
CA ARG A 9 6.01 5.66 -9.71
C ARG A 9 6.03 4.35 -10.51
N ARG A 10 5.56 4.45 -11.74
CA ARG A 10 5.52 3.29 -12.62
C ARG A 10 5.04 2.07 -11.85
N VAL A 11 3.99 2.26 -11.07
CA VAL A 11 3.43 1.18 -10.28
C VAL A 11 2.54 0.31 -11.17
N PRO A 12 2.81 -1.01 -11.14
CA PRO A 12 2.05 -1.96 -11.94
C PRO A 12 0.67 -2.20 -11.32
N LEU A 13 0.61 -2.05 -10.01
CA LEU A 13 -0.64 -2.25 -9.28
C LEU A 13 -1.78 -1.62 -10.07
N PHE A 14 -1.72 -0.31 -10.21
CA PHE A 14 -2.75 0.42 -10.94
C PHE A 14 -2.57 0.24 -12.44
N GLU A 15 -2.59 -1.00 -12.87
CA GLU A 15 -2.43 -1.32 -14.28
C GLU A 15 -3.78 -1.18 -15.00
N ASN A 16 -4.82 -1.70 -14.37
CA ASN A 16 -6.15 -1.64 -14.93
C ASN A 16 -6.75 -0.26 -14.67
N MET A 17 -6.30 0.36 -13.58
CA MET A 17 -6.78 1.67 -13.22
C MET A 17 -6.78 2.62 -14.42
N ASP A 18 -7.60 3.65 -14.33
CA ASP A 18 -7.70 4.63 -15.40
C ASP A 18 -7.03 5.93 -14.95
N GLU A 19 -6.63 6.72 -15.94
CA GLU A 19 -5.98 7.98 -15.67
C GLU A 19 -6.73 8.75 -14.57
N ARG A 20 -8.01 8.97 -14.83
CA ARG A 20 -8.85 9.68 -13.87
C ARG A 20 -8.72 9.05 -12.49
N LEU A 21 -8.52 7.75 -12.48
CA LEU A 21 -8.39 7.02 -11.23
C LEU A 21 -6.98 7.24 -10.67
N LEU A 22 -6.03 7.43 -11.58
CA LEU A 22 -4.65 7.65 -11.19
C LEU A 22 -4.55 8.98 -10.45
N ASP A 23 -4.97 10.04 -11.12
CA ASP A 23 -4.94 11.37 -10.53
C ASP A 23 -5.72 11.37 -9.22
N ALA A 24 -6.93 10.83 -9.29
CA ALA A 24 -7.79 10.77 -8.11
C ALA A 24 -6.99 10.18 -6.95
N ILE A 25 -6.58 8.93 -7.12
CA ILE A 25 -5.82 8.24 -6.08
C ILE A 25 -4.60 9.10 -5.71
N CYS A 26 -4.08 9.79 -6.70
CA CYS A 26 -2.92 10.64 -6.50
C CYS A 26 -3.32 11.77 -5.53
N GLU A 27 -4.29 12.56 -5.97
CA GLU A 27 -4.78 13.67 -5.17
C GLU A 27 -4.97 13.22 -3.72
N ARG A 28 -5.36 11.96 -3.56
CA ARG A 28 -5.59 11.40 -2.24
C ARG A 28 -4.30 11.45 -1.42
N LEU A 29 -3.20 11.14 -2.09
CA LEU A 29 -1.90 11.13 -1.44
C LEU A 29 -1.80 12.33 -0.49
N LYS A 30 -1.57 12.03 0.77
CA LYS A 30 -1.46 13.06 1.79
C LYS A 30 0.01 13.28 2.13
N PRO A 31 0.34 14.55 2.49
CA PRO A 31 1.71 14.90 2.83
C PRO A 31 2.07 14.37 4.22
N CYS A 32 2.96 13.38 4.23
CA CYS A 32 3.40 12.78 5.48
C CYS A 32 4.78 12.16 5.25
N LEU A 33 5.46 11.86 6.35
CA LEU A 33 6.78 11.26 6.28
C LEU A 33 6.93 10.25 7.42
N PHE A 34 7.79 9.27 7.17
CA PHE A 34 8.03 8.23 8.16
C PHE A 34 9.36 8.46 8.88
N THR A 35 9.25 8.63 10.19
CA THR A 35 10.43 8.86 11.01
C THR A 35 10.94 7.55 11.62
N GLU A 36 11.86 7.68 12.55
CA GLU A 36 12.43 6.52 13.21
C GLU A 36 11.39 5.86 14.12
N LYS A 37 11.41 4.53 14.12
CA LYS A 37 10.48 3.77 14.94
C LYS A 37 9.06 3.94 14.38
N SER A 38 9.00 4.13 13.07
CA SER A 38 7.71 4.30 12.40
C SER A 38 7.36 3.03 11.63
N TYR A 39 6.30 2.38 12.08
CA TYR A 39 5.83 1.16 11.45
C TYR A 39 4.76 1.45 10.40
N LEU A 40 5.06 1.06 9.17
CA LEU A 40 4.13 1.27 8.07
C LEU A 40 3.03 0.22 8.12
N VAL A 41 3.45 -1.03 8.21
CA VAL A 41 2.51 -2.14 8.28
C VAL A 41 3.05 -3.20 9.24
N ARG A 42 2.12 -3.90 9.86
CA ARG A 42 2.48 -4.94 10.81
C ARG A 42 1.72 -6.23 10.50
N GLU A 43 2.24 -7.33 11.00
CA GLU A 43 1.61 -8.63 10.79
C GLU A 43 0.62 -8.93 11.91
N GLY A 44 -0.66 -8.82 11.57
CA GLY A 44 -1.71 -9.08 12.54
C GLY A 44 -2.61 -7.86 12.72
N ASP A 45 -2.02 -6.70 12.52
CA ASP A 45 -2.75 -5.45 12.65
C ASP A 45 -3.46 -5.14 11.32
N PRO A 46 -4.54 -4.32 11.42
CA PRO A 46 -5.31 -3.94 10.24
C PRO A 46 -4.56 -2.90 9.41
N VAL A 47 -5.12 -2.60 8.25
CA VAL A 47 -4.52 -1.63 7.35
C VAL A 47 -5.47 -0.46 7.16
N ASN A 48 -5.17 0.63 7.84
CA ASN A 48 -5.99 1.83 7.76
C ASN A 48 -5.69 2.56 6.45
N GLU A 49 -4.40 2.71 6.17
CA GLU A 49 -3.97 3.39 4.96
C GLU A 49 -2.72 2.71 4.40
N MET A 50 -2.54 2.85 3.09
CA MET A 50 -1.39 2.26 2.42
C MET A 50 -0.27 3.30 2.25
N LEU A 51 0.95 2.81 2.27
CA LEU A 51 2.11 3.67 2.11
C LEU A 51 2.89 3.26 0.87
N PHE A 52 2.97 4.19 -0.07
CA PHE A 52 3.68 3.94 -1.31
C PHE A 52 5.13 4.44 -1.24
N ILE A 53 6.05 3.49 -1.16
CA ILE A 53 7.46 3.82 -1.09
C ILE A 53 7.88 4.54 -2.37
N ILE A 54 8.38 5.76 -2.18
CA ILE A 54 8.82 6.56 -3.30
C ILE A 54 10.34 6.49 -3.42
N ARG A 55 10.99 6.70 -2.27
CA ARG A 55 12.44 6.66 -2.23
C ARG A 55 12.93 6.70 -0.77
N GLY A 56 13.84 5.80 -0.46
CA GLY A 56 14.39 5.72 0.88
C GLY A 56 14.87 4.30 1.20
N ARG A 57 14.75 3.95 2.48
CA ARG A 57 15.17 2.62 2.92
C ARG A 57 14.28 2.16 4.08
N LEU A 58 14.03 0.86 4.10
CA LEU A 58 13.21 0.28 5.15
C LEU A 58 13.70 -1.14 5.45
N GLU A 59 13.15 -1.71 6.51
CA GLU A 59 13.53 -3.06 6.92
C GLU A 59 12.29 -3.96 6.96
N SER A 60 12.34 -5.00 6.13
CA SER A 60 11.24 -5.94 6.07
C SER A 60 11.55 -7.18 6.91
N VAL A 61 10.55 -7.62 7.65
CA VAL A 61 10.69 -8.79 8.51
C VAL A 61 9.39 -9.59 8.50
N THR A 62 9.54 -10.89 8.75
CA THR A 62 8.39 -11.77 8.79
C THR A 62 8.41 -12.64 10.05
N THR A 63 7.23 -12.99 10.51
CA THR A 63 7.11 -13.82 11.70
C THR A 63 5.64 -14.25 11.90
N ASP A 64 5.14 -14.96 10.90
CA ASP A 64 3.76 -15.44 10.95
C ASP A 64 3.64 -16.49 12.05
N GLY A 65 2.39 -16.78 12.41
CA GLY A 65 2.12 -17.77 13.44
C GLY A 65 2.23 -17.14 14.83
N GLY A 66 3.43 -16.67 15.15
CA GLY A 66 3.68 -16.06 16.43
C GLY A 66 4.25 -17.06 17.43
N ARG A 67 4.28 -16.66 18.69
CA ARG A 67 4.80 -17.51 19.74
C ARG A 67 6.33 -17.54 19.70
N SER A 68 6.85 -18.13 18.63
CA SER A 68 8.29 -18.22 18.45
C SER A 68 8.61 -18.76 17.05
N GLY A 69 9.77 -18.34 16.55
CA GLY A 69 10.20 -18.76 15.23
C GLY A 69 11.23 -17.79 14.66
N PHE A 70 12.20 -18.36 13.95
CA PHE A 70 13.25 -17.56 13.35
C PHE A 70 12.66 -16.48 12.45
N TYR A 71 13.05 -15.24 12.73
CA TYR A 71 12.57 -14.11 11.96
C TYR A 71 13.41 -13.92 10.70
N ASN A 72 12.73 -14.03 9.56
CA ASN A 72 13.40 -13.88 8.27
C ASN A 72 13.50 -12.39 7.94
N ARG A 73 14.71 -11.88 8.02
CA ARG A 73 14.96 -10.47 7.73
C ARG A 73 15.23 -10.28 6.23
N SER A 74 14.66 -9.22 5.70
CA SER A 74 14.83 -8.92 4.29
C SER A 74 14.87 -7.41 4.08
N LEU A 75 15.17 -7.01 2.85
CA LEU A 75 15.25 -5.60 2.51
C LEU A 75 14.44 -5.35 1.24
N LEU A 76 14.03 -4.09 1.08
CA LEU A 76 13.25 -3.70 -0.08
C LEU A 76 13.95 -2.55 -0.80
N LYS A 77 13.44 -2.23 -1.99
CA LYS A 77 14.01 -1.15 -2.78
C LYS A 77 12.90 -0.17 -3.18
N GLU A 78 13.26 0.77 -4.03
CA GLU A 78 12.31 1.77 -4.50
C GLU A 78 11.36 1.15 -5.53
N GLY A 79 10.07 1.22 -5.21
CA GLY A 79 9.05 0.68 -6.10
C GLY A 79 8.20 -0.38 -5.38
N ASP A 80 8.80 -0.99 -4.36
CA ASP A 80 8.12 -2.01 -3.60
C ASP A 80 7.18 -1.33 -2.59
N PHE A 81 6.00 -1.92 -2.44
CA PHE A 81 5.01 -1.39 -1.52
C PHE A 81 4.73 -2.38 -0.39
N CYS A 82 3.99 -1.91 0.60
CA CYS A 82 3.65 -2.74 1.74
C CYS A 82 2.11 -2.83 1.82
N GLY A 83 1.65 -3.88 2.46
CA GLY A 83 0.22 -4.10 2.62
C GLY A 83 -0.54 -3.72 1.35
N ASP A 84 -0.10 -4.29 0.24
CA ASP A 84 -0.72 -4.01 -1.04
C ASP A 84 -2.13 -4.58 -1.05
N GLU A 85 -2.37 -5.52 -0.14
CA GLU A 85 -3.67 -6.15 -0.03
C GLU A 85 -4.77 -5.08 0.01
N LEU A 86 -4.47 -4.00 0.72
CA LEU A 86 -5.42 -2.91 0.86
C LEU A 86 -5.94 -2.52 -0.53
N LEU A 87 -5.01 -2.38 -1.46
CA LEU A 87 -5.37 -2.01 -2.82
C LEU A 87 -6.46 -2.95 -3.34
N THR A 88 -6.21 -4.24 -3.16
CA THR A 88 -7.17 -5.25 -3.59
C THR A 88 -8.44 -5.19 -2.75
N TRP A 89 -8.23 -5.00 -1.45
CA TRP A 89 -9.35 -4.93 -0.52
C TRP A 89 -10.41 -4.01 -1.12
N ALA A 90 -9.99 -2.78 -1.42
CA ALA A 90 -10.88 -1.81 -2.01
C ALA A 90 -11.50 -2.38 -3.29
N LEU A 91 -10.63 -2.89 -4.15
CA LEU A 91 -11.07 -3.48 -5.40
C LEU A 91 -12.08 -4.58 -5.12
N ASP A 92 -11.96 -5.17 -3.93
CA ASP A 92 -12.85 -6.24 -3.52
C ASP A 92 -14.07 -5.63 -2.81
N PRO A 93 -15.26 -5.80 -3.45
CA PRO A 93 -16.49 -5.28 -2.89
C PRO A 93 -16.98 -6.15 -1.73
N LYS A 94 -16.81 -7.46 -1.90
CA LYS A 94 -17.22 -8.40 -0.88
C LYS A 94 -16.58 -8.02 0.45
N SER A 95 -15.33 -7.60 0.37
CA SER A 95 -14.60 -7.20 1.56
C SER A 95 -15.01 -5.79 1.97
N GLY A 96 -15.03 -5.57 3.28
CA GLY A 96 -15.40 -4.27 3.82
C GLY A 96 -15.62 -4.35 5.32
N SER A 97 -16.01 -3.21 5.90
CA SER A 97 -16.26 -3.13 7.33
C SER A 97 -14.94 -3.27 8.09
N ASN A 98 -14.44 -4.50 8.13
CA ASN A 98 -13.20 -4.77 8.83
C ASN A 98 -12.03 -4.58 7.86
N LEU A 99 -11.12 -3.69 8.25
CA LEU A 99 -9.96 -3.40 7.42
C LEU A 99 -9.13 -4.69 7.26
N PRO A 100 -8.32 -4.71 6.16
CA PRO A 100 -7.48 -5.86 5.88
C PRO A 100 -6.28 -5.91 6.83
N SER A 101 -5.58 -7.03 6.79
CA SER A 101 -4.41 -7.22 7.63
C SER A 101 -3.18 -7.48 6.76
N SER A 102 -2.09 -6.80 7.10
CA SER A 102 -0.85 -6.96 6.37
C SER A 102 -0.19 -8.29 6.73
N THR A 103 0.62 -8.78 5.80
CA THR A 103 1.31 -10.04 6.01
C THR A 103 2.82 -9.79 6.19
N ARG A 104 3.22 -8.56 5.89
CA ARG A 104 4.62 -8.19 6.02
C ARG A 104 4.78 -7.09 7.08
N THR A 105 5.92 -7.14 7.76
CA THR A 105 6.21 -6.16 8.80
C THR A 105 7.41 -5.30 8.40
N VAL A 106 7.12 -4.09 7.99
CA VAL A 106 8.17 -3.16 7.58
C VAL A 106 8.35 -2.10 8.66
N LYS A 107 9.54 -1.53 8.69
CA LYS A 107 9.86 -0.51 9.67
C LYS A 107 10.74 0.56 9.01
N ALA A 108 10.78 1.72 9.66
CA ALA A 108 11.58 2.83 9.15
C ALA A 108 12.79 3.05 10.05
N LEU A 109 13.96 2.81 9.48
CA LEU A 109 15.20 2.98 10.22
C LEU A 109 15.83 4.33 9.87
N THR A 110 15.47 4.82 8.70
CA THR A 110 15.99 6.09 8.22
C THR A 110 14.87 6.94 7.60
N GLU A 111 15.16 8.20 7.41
CA GLU A 111 14.19 9.12 6.83
C GLU A 111 13.68 8.58 5.50
N VAL A 112 12.40 8.24 5.47
CA VAL A 112 11.78 7.71 4.27
C VAL A 112 10.87 8.78 3.65
N GLU A 113 10.84 8.78 2.33
CA GLU A 113 10.02 9.75 1.60
C GLU A 113 8.97 9.02 0.77
N ALA A 114 7.72 9.13 1.23
CA ALA A 114 6.62 8.49 0.54
C ALA A 114 5.31 9.15 0.97
N PHE A 115 4.23 8.72 0.33
CA PHE A 115 2.91 9.26 0.63
C PHE A 115 1.99 8.18 1.20
N ALA A 116 0.91 8.63 1.81
CA ALA A 116 -0.05 7.71 2.40
C ALA A 116 -1.30 7.65 1.51
N LEU A 117 -2.11 6.63 1.77
CA LEU A 117 -3.34 6.45 1.00
C LEU A 117 -4.36 5.72 1.87
N ILE A 118 -5.48 6.40 2.08
CA ILE A 118 -6.56 5.84 2.89
C ILE A 118 -7.39 4.89 2.04
N ALA A 119 -7.84 3.82 2.67
CA ALA A 119 -8.64 2.83 1.98
C ALA A 119 -9.98 3.45 1.56
N ASP A 120 -10.62 4.10 2.53
CA ASP A 120 -11.89 4.75 2.28
C ASP A 120 -11.84 5.47 0.92
N GLU A 121 -11.08 6.55 0.90
CA GLU A 121 -10.93 7.34 -0.32
C GLU A 121 -10.65 6.42 -1.51
N LEU A 122 -9.97 5.33 -1.22
CA LEU A 122 -9.61 4.37 -2.25
C LEU A 122 -10.88 3.66 -2.73
N LYS A 123 -11.44 2.84 -1.85
CA LYS A 123 -12.65 2.10 -2.18
C LYS A 123 -13.65 3.05 -2.87
N PHE A 124 -13.82 4.22 -2.27
CA PHE A 124 -14.73 5.20 -2.82
C PHE A 124 -14.47 5.43 -4.31
N VAL A 125 -13.27 5.95 -4.60
CA VAL A 125 -12.89 6.22 -5.97
C VAL A 125 -12.91 4.91 -6.76
N ALA A 126 -12.69 3.81 -6.05
CA ALA A 126 -12.68 2.50 -6.68
C ALA A 126 -14.08 2.19 -7.21
N SER A 127 -15.04 2.21 -6.29
CA SER A 127 -16.42 1.92 -6.65
C SER A 127 -16.98 3.05 -7.52
N GLN A 128 -16.77 4.27 -7.04
CA GLN A 128 -17.24 5.44 -7.76
C GLN A 128 -17.06 5.25 -9.27
N PHE A 129 -15.88 4.78 -9.64
CA PHE A 129 -15.58 4.55 -11.04
C PHE A 129 -16.17 3.22 -11.52
N ARG A 130 -16.04 2.21 -10.67
CA ARG A 130 -16.56 0.89 -10.99
C ARG A 130 -18.06 0.96 -11.27
N ARG A 131 -18.54 -0.02 -12.01
CA ARG A 131 -19.95 -0.08 -12.36
C ARG A 131 -20.56 -1.39 -11.86
N SER A 132 -19.92 -2.49 -12.22
CA SER A 132 -20.40 -3.81 -11.80
C SER A 132 -19.45 -4.88 -12.32
N GLY A 133 -18.84 -5.60 -11.39
CA GLY A 133 -17.92 -6.67 -11.74
C GLY A 133 -17.66 -7.58 -10.54
N PRO A 134 -17.83 -8.91 -10.79
CA PRO A 134 -17.62 -9.90 -9.75
C PRO A 134 -16.12 -10.10 -9.48
N SER A 135 -15.84 -10.99 -8.55
CA SER A 135 -14.46 -11.29 -8.19
C SER A 135 -14.35 -12.72 -7.67
N SER A 136 -13.23 -13.35 -8.00
CA SER A 136 -12.99 -14.72 -7.58
C SER A 136 -11.49 -14.98 -7.46
N GLY A 137 -10.80 -14.77 -8.57
CA GLY A 137 -9.36 -14.98 -8.61
C GLY A 137 -8.75 -14.35 -9.86
N GLY A 1 0.69 20.01 -0.30
CA GLY A 1 0.84 18.69 -0.89
C GLY A 1 1.32 18.80 -2.33
N SER A 2 2.23 17.90 -2.68
CA SER A 2 2.79 17.88 -4.02
C SER A 2 2.96 16.43 -4.49
N SER A 3 3.00 16.28 -5.81
CA SER A 3 3.16 14.96 -6.40
C SER A 3 3.70 15.09 -7.83
N GLY A 4 4.27 13.99 -8.30
CA GLY A 4 4.82 13.97 -9.66
C GLY A 4 4.79 12.56 -10.24
N SER A 5 5.78 12.26 -11.06
CA SER A 5 5.88 10.96 -11.69
C SER A 5 7.23 10.32 -11.36
N SER A 6 7.20 9.34 -10.47
CA SER A 6 8.41 8.64 -10.08
C SER A 6 8.05 7.39 -9.25
N GLY A 7 8.99 6.47 -9.21
CA GLY A 7 8.79 5.23 -8.47
C GLY A 7 7.75 4.35 -9.15
N VAL A 8 6.51 4.82 -9.13
CA VAL A 8 5.42 4.09 -9.74
C VAL A 8 5.46 4.28 -11.26
N ARG A 9 6.60 3.93 -11.84
CA ARG A 9 6.79 4.06 -13.27
C ARG A 9 5.78 3.19 -14.02
N ARG A 10 5.40 2.08 -13.39
CA ARG A 10 4.44 1.16 -13.97
C ARG A 10 4.34 -0.11 -13.13
N VAL A 11 3.79 0.05 -11.94
CA VAL A 11 3.63 -1.07 -11.03
C VAL A 11 2.47 -1.94 -11.50
N PRO A 12 2.49 -3.23 -11.04
CA PRO A 12 1.44 -4.16 -11.41
C PRO A 12 0.14 -3.87 -10.66
N LEU A 13 0.26 -3.02 -9.64
CA LEU A 13 -0.89 -2.65 -8.84
C LEU A 13 -1.92 -1.94 -9.72
N PHE A 14 -1.49 -0.81 -10.27
CA PHE A 14 -2.35 -0.02 -11.14
C PHE A 14 -2.36 -0.58 -12.56
N GLU A 15 -2.65 -1.88 -12.65
CA GLU A 15 -2.70 -2.55 -13.94
C GLU A 15 -4.04 -2.28 -14.62
N ASN A 16 -5.11 -2.57 -13.88
CA ASN A 16 -6.45 -2.37 -14.41
C ASN A 16 -6.88 -0.93 -14.16
N MET A 17 -6.18 -0.28 -13.25
CA MET A 17 -6.47 1.10 -12.91
C MET A 17 -6.53 1.98 -14.16
N ASP A 18 -7.29 3.05 -14.07
CA ASP A 18 -7.43 3.97 -15.17
C ASP A 18 -6.74 5.28 -14.83
N GLU A 19 -6.27 5.96 -15.87
CA GLU A 19 -5.59 7.23 -15.69
C GLU A 19 -6.32 8.09 -14.66
N ARG A 20 -7.62 8.22 -14.86
CA ARG A 20 -8.44 9.01 -13.96
C ARG A 20 -8.27 8.51 -12.52
N LEU A 21 -8.12 7.20 -12.39
CA LEU A 21 -7.96 6.59 -11.08
C LEU A 21 -6.57 6.94 -10.55
N LEU A 22 -5.61 7.01 -11.45
CA LEU A 22 -4.24 7.33 -11.08
C LEU A 22 -4.21 8.72 -10.45
N ASP A 23 -4.66 9.70 -11.22
CA ASP A 23 -4.68 11.07 -10.75
C ASP A 23 -5.45 11.14 -9.43
N ALA A 24 -6.66 10.63 -9.45
CA ALA A 24 -7.50 10.62 -8.26
C ALA A 24 -6.71 10.07 -7.08
N ILE A 25 -6.41 8.77 -7.16
CA ILE A 25 -5.66 8.11 -6.12
C ILE A 25 -4.42 8.94 -5.78
N CYS A 26 -3.91 9.64 -6.79
CA CYS A 26 -2.74 10.47 -6.62
C CYS A 26 -3.12 11.67 -5.74
N GLU A 27 -4.10 12.42 -6.20
CA GLU A 27 -4.56 13.59 -5.47
C GLU A 27 -4.75 13.24 -4.00
N ARG A 28 -5.09 11.98 -3.75
CA ARG A 28 -5.31 11.51 -2.40
C ARG A 28 -4.00 11.55 -1.61
N LEU A 29 -2.93 11.12 -2.28
CA LEU A 29 -1.62 11.09 -1.66
C LEU A 29 -1.45 12.34 -0.79
N LYS A 30 -1.41 12.11 0.51
CA LYS A 30 -1.25 13.20 1.47
C LYS A 30 0.23 13.30 1.88
N PRO A 31 0.64 14.54 2.23
CA PRO A 31 2.01 14.79 2.65
C PRO A 31 2.26 14.27 4.06
N CYS A 32 3.03 13.19 4.14
CA CYS A 32 3.35 12.58 5.41
C CYS A 32 4.77 12.03 5.34
N LEU A 33 5.33 11.74 6.51
CA LEU A 33 6.68 11.21 6.59
C LEU A 33 6.75 10.18 7.72
N PHE A 34 7.82 9.40 7.70
CA PHE A 34 8.01 8.38 8.70
C PHE A 34 9.37 8.54 9.40
N THR A 35 9.31 8.94 10.66
CA THR A 35 10.52 9.15 11.44
C THR A 35 11.10 7.80 11.89
N GLU A 36 12.06 7.88 12.80
CA GLU A 36 12.69 6.68 13.33
C GLU A 36 11.72 5.92 14.23
N LYS A 37 11.85 4.60 14.22
CA LYS A 37 10.99 3.76 15.03
C LYS A 37 9.54 3.93 14.59
N SER A 38 9.36 4.16 13.29
CA SER A 38 8.04 4.35 12.74
C SER A 38 7.61 3.10 11.96
N TYR A 39 6.60 2.43 12.47
CA TYR A 39 6.09 1.23 11.83
C TYR A 39 4.95 1.56 10.87
N LEU A 40 5.18 1.23 9.60
CA LEU A 40 4.18 1.48 8.57
C LEU A 40 3.09 0.42 8.65
N VAL A 41 3.52 -0.83 8.50
CA VAL A 41 2.59 -1.95 8.55
C VAL A 41 3.17 -3.04 9.45
N ARG A 42 2.27 -3.74 10.13
CA ARG A 42 2.67 -4.81 11.02
C ARG A 42 1.93 -6.10 10.67
N GLU A 43 2.28 -7.16 11.39
CA GLU A 43 1.66 -8.45 11.16
C GLU A 43 0.63 -8.74 12.26
N GLY A 44 -0.63 -8.68 11.86
CA GLY A 44 -1.73 -8.93 12.79
C GLY A 44 -2.61 -7.70 12.95
N ASP A 45 -2.03 -6.54 12.63
CA ASP A 45 -2.76 -5.30 12.73
C ASP A 45 -3.43 -4.99 11.40
N PRO A 46 -4.56 -4.24 11.49
CA PRO A 46 -5.31 -3.87 10.29
C PRO A 46 -4.59 -2.77 9.51
N VAL A 47 -5.04 -2.58 8.28
CA VAL A 47 -4.45 -1.56 7.41
C VAL A 47 -5.43 -0.41 7.24
N ASN A 48 -5.13 0.68 7.92
CA ASN A 48 -5.98 1.86 7.86
C ASN A 48 -5.69 2.62 6.56
N GLU A 49 -4.41 2.76 6.26
CA GLU A 49 -4.00 3.45 5.05
C GLU A 49 -2.81 2.73 4.40
N MET A 50 -2.74 2.86 3.09
CA MET A 50 -1.67 2.22 2.34
C MET A 50 -0.52 3.19 2.09
N LEU A 51 0.69 2.68 2.24
CA LEU A 51 1.88 3.48 2.04
C LEU A 51 2.55 3.09 0.72
N PHE A 52 2.88 4.09 -0.07
CA PHE A 52 3.51 3.86 -1.36
C PHE A 52 4.94 4.41 -1.37
N ILE A 53 5.89 3.50 -1.20
CA ILE A 53 7.29 3.87 -1.20
C ILE A 53 7.62 4.67 -2.46
N ILE A 54 8.06 5.90 -2.24
CA ILE A 54 8.41 6.77 -3.35
C ILE A 54 9.93 6.75 -3.56
N ARG A 55 10.65 6.96 -2.46
CA ARG A 55 12.10 6.96 -2.51
C ARG A 55 12.68 6.96 -1.09
N GLY A 56 13.08 5.78 -0.65
CA GLY A 56 13.65 5.64 0.69
C GLY A 56 14.06 4.19 0.95
N ARG A 57 14.08 3.84 2.22
CA ARG A 57 14.46 2.49 2.63
C ARG A 57 13.68 2.08 3.87
N LEU A 58 13.61 0.77 4.08
CA LEU A 58 12.90 0.23 5.22
C LEU A 58 13.38 -1.20 5.48
N GLU A 59 12.96 -1.74 6.62
CA GLU A 59 13.33 -3.09 7.00
C GLU A 59 12.09 -3.97 7.11
N SER A 60 12.03 -4.98 6.26
CA SER A 60 10.90 -5.89 6.26
C SER A 60 11.32 -7.24 6.86
N VAL A 61 10.38 -7.86 7.56
CA VAL A 61 10.64 -9.14 8.19
C VAL A 61 9.37 -9.99 8.14
N THR A 62 9.57 -11.28 7.89
CA THR A 62 8.45 -12.21 7.82
C THR A 62 8.54 -13.25 8.93
N THR A 63 7.39 -13.77 9.31
CA THR A 63 7.33 -14.77 10.36
C THR A 63 6.79 -16.09 9.81
N ASP A 64 5.67 -16.00 9.12
CA ASP A 64 5.05 -17.18 8.54
C ASP A 64 6.09 -17.94 7.71
N GLY A 65 6.69 -17.23 6.77
CA GLY A 65 7.69 -17.82 5.90
C GLY A 65 7.27 -19.22 5.45
N GLY A 66 7.84 -20.22 6.09
CA GLY A 66 7.54 -21.60 5.75
C GLY A 66 6.97 -22.34 6.97
N ARG A 67 7.74 -22.33 8.04
CA ARG A 67 7.33 -22.99 9.26
C ARG A 67 7.91 -22.26 10.48
N SER A 68 7.05 -22.10 11.48
CA SER A 68 7.46 -21.43 12.71
C SER A 68 8.87 -21.87 13.10
N GLY A 69 9.75 -20.88 13.18
CA GLY A 69 11.14 -21.14 13.55
C GLY A 69 11.96 -19.86 13.53
N PHE A 70 12.73 -19.70 12.45
CA PHE A 70 13.57 -18.52 12.31
C PHE A 70 12.91 -17.49 11.40
N TYR A 71 13.47 -16.29 11.41
CA TYR A 71 12.95 -15.21 10.59
C TYR A 71 13.82 -14.98 9.36
N ASN A 72 13.26 -14.29 8.39
CA ASN A 72 13.97 -13.99 7.16
C ASN A 72 13.94 -12.48 6.91
N ARG A 73 15.03 -11.84 7.26
CA ARG A 73 15.15 -10.39 7.07
C ARG A 73 15.29 -10.06 5.59
N SER A 74 14.63 -8.97 5.20
CA SER A 74 14.67 -8.54 3.81
C SER A 74 14.67 -7.01 3.75
N LEU A 75 14.83 -6.50 2.53
CA LEU A 75 14.84 -5.06 2.33
C LEU A 75 13.97 -4.72 1.12
N LEU A 76 13.35 -3.55 1.20
CA LEU A 76 12.47 -3.09 0.13
C LEU A 76 13.10 -1.87 -0.54
N LYS A 77 13.32 -1.98 -1.84
CA LYS A 77 13.91 -0.89 -2.60
C LYS A 77 12.79 -0.08 -3.26
N GLU A 78 13.20 0.85 -4.12
CA GLU A 78 12.25 1.69 -4.82
C GLU A 78 11.42 0.85 -5.80
N GLY A 79 10.11 0.98 -5.66
CA GLY A 79 9.19 0.25 -6.52
C GLY A 79 8.29 -0.67 -5.69
N ASP A 80 8.86 -1.19 -4.62
CA ASP A 80 8.12 -2.09 -3.75
C ASP A 80 7.12 -1.28 -2.91
N PHE A 81 6.09 -1.96 -2.46
CA PHE A 81 5.06 -1.32 -1.66
C PHE A 81 4.63 -2.21 -0.50
N CYS A 82 3.91 -1.61 0.44
CA CYS A 82 3.44 -2.34 1.61
C CYS A 82 1.92 -2.18 1.68
N GLY A 83 1.32 -2.97 2.56
CA GLY A 83 -0.12 -2.94 2.74
C GLY A 83 -0.84 -2.84 1.39
N ASP A 84 -0.38 -3.65 0.45
CA ASP A 84 -0.96 -3.67 -0.88
C ASP A 84 -2.36 -4.28 -0.81
N GLU A 85 -2.51 -5.23 0.11
CA GLU A 85 -3.79 -5.90 0.29
C GLU A 85 -4.92 -4.88 0.32
N LEU A 86 -4.61 -3.71 0.86
CA LEU A 86 -5.59 -2.65 0.95
C LEU A 86 -6.15 -2.34 -0.44
N LEU A 87 -5.23 -2.14 -1.37
CA LEU A 87 -5.61 -1.83 -2.74
C LEU A 87 -6.67 -2.84 -3.20
N THR A 88 -6.38 -4.11 -2.96
CA THR A 88 -7.29 -5.17 -3.34
C THR A 88 -8.56 -5.12 -2.50
N TRP A 89 -8.37 -4.82 -1.22
CA TRP A 89 -9.49 -4.72 -0.30
C TRP A 89 -10.53 -3.78 -0.90
N ALA A 90 -10.06 -2.60 -1.27
CA ALA A 90 -10.94 -1.60 -1.87
C ALA A 90 -11.49 -2.14 -3.19
N LEU A 91 -10.58 -2.64 -4.01
CA LEU A 91 -10.96 -3.19 -5.31
C LEU A 91 -12.08 -4.21 -5.11
N ASP A 92 -11.98 -4.96 -4.03
CA ASP A 92 -12.97 -5.97 -3.73
C ASP A 92 -14.15 -5.32 -2.99
N PRO A 93 -15.35 -5.41 -3.62
CA PRO A 93 -16.54 -4.83 -3.04
C PRO A 93 -17.06 -5.70 -1.88
N LYS A 94 -17.01 -7.00 -2.10
CA LYS A 94 -17.46 -7.94 -1.08
C LYS A 94 -16.78 -7.61 0.25
N SER A 95 -15.58 -7.06 0.15
CA SER A 95 -14.82 -6.70 1.33
C SER A 95 -15.46 -5.48 2.01
N GLY A 96 -16.15 -5.76 3.11
CA GLY A 96 -16.80 -4.69 3.86
C GLY A 96 -17.15 -5.17 5.27
N SER A 97 -16.32 -4.77 6.23
CA SER A 97 -16.53 -5.14 7.61
C SER A 97 -15.39 -4.61 8.47
N ASN A 98 -14.21 -5.16 8.26
CA ASN A 98 -13.04 -4.75 9.01
C ASN A 98 -11.86 -4.58 8.05
N LEU A 99 -11.05 -3.57 8.34
CA LEU A 99 -9.89 -3.29 7.51
C LEU A 99 -9.08 -4.58 7.33
N PRO A 100 -8.29 -4.60 6.21
CA PRO A 100 -7.46 -5.76 5.91
C PRO A 100 -6.24 -5.83 6.83
N SER A 101 -5.56 -6.97 6.78
CA SER A 101 -4.38 -7.17 7.60
C SER A 101 -3.16 -7.44 6.71
N SER A 102 -2.11 -6.68 6.94
CA SER A 102 -0.89 -6.82 6.17
C SER A 102 -0.11 -8.06 6.65
N THR A 103 0.27 -8.88 5.69
CA THR A 103 1.02 -10.09 6.00
C THR A 103 2.52 -9.83 5.92
N ARG A 104 2.95 -8.78 6.61
CA ARG A 104 4.36 -8.41 6.62
C ARG A 104 4.59 -7.26 7.59
N THR A 105 5.81 -7.22 8.12
CA THR A 105 6.18 -6.16 9.05
C THR A 105 7.30 -5.30 8.48
N VAL A 106 7.10 -3.99 8.57
CA VAL A 106 8.09 -3.06 8.05
C VAL A 106 8.36 -1.99 9.12
N LYS A 107 9.57 -1.45 9.07
CA LYS A 107 9.97 -0.43 10.02
C LYS A 107 10.87 0.58 9.31
N ALA A 108 10.92 1.78 9.88
CA ALA A 108 11.73 2.85 9.33
C ALA A 108 13.00 3.02 10.17
N LEU A 109 14.13 2.71 9.55
CA LEU A 109 15.41 2.82 10.23
C LEU A 109 16.13 4.09 9.75
N THR A 110 15.73 4.53 8.57
CA THR A 110 16.33 5.73 7.98
C THR A 110 15.23 6.63 7.40
N GLU A 111 15.54 7.92 7.38
CA GLU A 111 14.60 8.89 6.84
C GLU A 111 13.88 8.33 5.62
N VAL A 112 12.57 8.18 5.76
CA VAL A 112 11.76 7.66 4.68
C VAL A 112 10.97 8.80 4.03
N GLU A 113 10.62 8.61 2.77
CA GLU A 113 9.87 9.60 2.03
C GLU A 113 8.85 8.93 1.12
N ALA A 114 7.59 9.05 1.52
CA ALA A 114 6.50 8.46 0.75
C ALA A 114 5.19 9.13 1.12
N PHE A 115 4.14 8.75 0.41
CA PHE A 115 2.82 9.32 0.66
C PHE A 115 1.91 8.28 1.32
N ALA A 116 0.76 8.77 1.78
CA ALA A 116 -0.22 7.90 2.44
C ALA A 116 -1.43 7.73 1.52
N LEU A 117 -2.27 6.78 1.90
CA LEU A 117 -3.48 6.50 1.11
C LEU A 117 -4.51 5.83 2.03
N ILE A 118 -5.65 6.48 2.15
CA ILE A 118 -6.73 5.96 2.98
C ILE A 118 -7.55 4.95 2.16
N ALA A 119 -7.99 3.91 2.85
CA ALA A 119 -8.78 2.87 2.21
C ALA A 119 -10.11 3.47 1.74
N ASP A 120 -10.78 4.14 2.66
CA ASP A 120 -12.06 4.76 2.36
C ASP A 120 -12.00 5.39 0.97
N GLU A 121 -11.22 6.47 0.88
CA GLU A 121 -11.08 7.17 -0.39
C GLU A 121 -10.77 6.17 -1.51
N LEU A 122 -9.93 5.20 -1.19
CA LEU A 122 -9.54 4.19 -2.16
C LEU A 122 -10.80 3.47 -2.66
N LYS A 123 -11.49 2.83 -1.72
CA LYS A 123 -12.69 2.10 -2.06
C LYS A 123 -13.63 3.01 -2.86
N PHE A 124 -13.82 4.21 -2.35
CA PHE A 124 -14.68 5.18 -3.01
C PHE A 124 -14.30 5.35 -4.48
N VAL A 125 -13.15 5.98 -4.70
CA VAL A 125 -12.68 6.20 -6.05
C VAL A 125 -12.75 4.89 -6.84
N ALA A 126 -12.62 3.80 -6.11
CA ALA A 126 -12.68 2.48 -6.73
C ALA A 126 -14.11 2.19 -7.18
N SER A 127 -15.03 2.34 -6.23
CA SER A 127 -16.44 2.09 -6.51
C SER A 127 -16.97 3.16 -7.47
N GLN A 128 -16.75 4.42 -7.10
CA GLN A 128 -17.20 5.53 -7.91
C GLN A 128 -16.97 5.22 -9.40
N PHE A 129 -15.79 4.71 -9.69
CA PHE A 129 -15.43 4.38 -11.06
C PHE A 129 -16.11 3.07 -11.49
N ARG A 130 -15.87 2.03 -10.71
CA ARG A 130 -16.44 0.72 -11.01
C ARG A 130 -16.40 0.45 -12.51
N ARG A 131 -15.26 -0.05 -12.96
CA ARG A 131 -15.07 -0.35 -14.37
C ARG A 131 -14.73 -1.83 -14.55
N SER A 132 -15.64 -2.54 -15.19
CA SER A 132 -15.45 -3.96 -15.44
C SER A 132 -14.00 -4.24 -15.83
N GLY A 133 -13.29 -4.92 -14.94
CA GLY A 133 -11.90 -5.25 -15.18
C GLY A 133 -11.53 -6.58 -14.52
N PRO A 134 -10.23 -6.95 -14.65
CA PRO A 134 -9.74 -8.18 -14.06
C PRO A 134 -9.58 -8.04 -12.54
N SER A 135 -9.14 -9.13 -11.92
CA SER A 135 -8.94 -9.15 -10.49
C SER A 135 -8.00 -10.29 -10.10
N SER A 136 -7.00 -9.94 -9.29
CA SER A 136 -6.03 -10.92 -8.84
C SER A 136 -5.05 -11.24 -9.98
N GLY A 137 -5.61 -11.72 -11.08
CA GLY A 137 -4.81 -12.07 -12.24
C GLY A 137 -4.60 -13.58 -12.32
N GLY A 1 2.14 22.82 -2.51
CA GLY A 1 2.25 21.45 -2.97
C GLY A 1 3.37 21.31 -4.02
N SER A 2 3.29 20.24 -4.78
CA SER A 2 4.28 19.98 -5.82
C SER A 2 3.61 20.02 -7.20
N SER A 3 4.45 20.18 -8.21
CA SER A 3 3.96 20.24 -9.58
C SER A 3 4.44 19.02 -10.37
N GLY A 4 3.49 18.32 -10.96
CA GLY A 4 3.81 17.14 -11.74
C GLY A 4 3.03 15.92 -11.23
N SER A 5 2.88 14.94 -12.12
CA SER A 5 2.17 13.73 -11.76
C SER A 5 2.96 12.50 -12.23
N SER A 6 3.94 12.15 -11.42
CA SER A 6 4.78 11.00 -11.73
C SER A 6 5.22 10.31 -10.43
N GLY A 7 4.54 9.21 -10.12
CA GLY A 7 4.85 8.45 -8.92
C GLY A 7 4.24 7.06 -8.98
N VAL A 8 4.56 6.36 -10.07
CA VAL A 8 4.06 5.01 -10.26
C VAL A 8 4.92 4.29 -11.29
N ARG A 9 5.78 3.42 -10.79
CA ARG A 9 6.66 2.65 -11.66
C ARG A 9 5.91 1.48 -12.29
N ARG A 10 4.83 1.82 -12.98
CA ARG A 10 4.01 0.81 -13.63
C ARG A 10 3.88 -0.43 -12.74
N VAL A 11 3.53 -0.18 -11.49
CA VAL A 11 3.36 -1.25 -10.53
C VAL A 11 2.12 -2.07 -10.90
N PRO A 12 2.09 -3.33 -10.38
CA PRO A 12 0.98 -4.23 -10.65
C PRO A 12 -0.26 -3.82 -9.85
N LEU A 13 0.00 -3.27 -8.67
CA LEU A 13 -1.08 -2.84 -7.80
C LEU A 13 -2.14 -2.11 -8.62
N PHE A 14 -1.74 -0.99 -9.20
CA PHE A 14 -2.64 -0.20 -10.02
C PHE A 14 -2.72 -0.75 -11.44
N GLU A 15 -3.01 -2.04 -11.53
CA GLU A 15 -3.11 -2.69 -12.83
C GLU A 15 -4.48 -2.43 -13.45
N ASN A 16 -5.51 -2.72 -12.67
CA ASN A 16 -6.87 -2.53 -13.13
C ASN A 16 -7.24 -1.04 -13.03
N MET A 17 -6.43 -0.33 -12.26
CA MET A 17 -6.65 1.10 -12.07
C MET A 17 -6.69 1.83 -13.41
N ASP A 18 -7.51 2.87 -13.45
CA ASP A 18 -7.65 3.66 -14.66
C ASP A 18 -6.90 4.98 -14.49
N GLU A 19 -6.55 5.57 -15.63
CA GLU A 19 -5.83 6.84 -15.62
C GLU A 19 -6.47 7.81 -14.62
N ARG A 20 -7.77 8.02 -14.79
CA ARG A 20 -8.51 8.92 -13.92
C ARG A 20 -8.31 8.51 -12.46
N LEU A 21 -8.12 7.21 -12.26
CA LEU A 21 -7.91 6.68 -10.92
C LEU A 21 -6.51 7.05 -10.44
N LEU A 22 -5.58 7.05 -11.38
CA LEU A 22 -4.20 7.37 -11.06
C LEU A 22 -4.13 8.80 -10.53
N ASP A 23 -4.78 9.70 -11.25
CA ASP A 23 -4.80 11.10 -10.86
C ASP A 23 -5.55 11.25 -9.53
N ALA A 24 -6.76 10.71 -9.51
CA ALA A 24 -7.58 10.78 -8.32
C ALA A 24 -6.77 10.28 -7.11
N ILE A 25 -6.32 9.04 -7.23
CA ILE A 25 -5.54 8.43 -6.16
C ILE A 25 -4.36 9.34 -5.82
N CYS A 26 -3.92 10.09 -6.83
CA CYS A 26 -2.80 10.99 -6.65
C CYS A 26 -3.22 12.09 -5.68
N GLU A 27 -4.23 12.86 -6.09
CA GLU A 27 -4.74 13.94 -5.27
C GLU A 27 -4.96 13.46 -3.84
N ARG A 28 -5.17 12.16 -3.70
CA ARG A 28 -5.40 11.56 -2.41
C ARG A 28 -4.11 11.57 -1.59
N LEU A 29 -3.00 11.39 -2.28
CA LEU A 29 -1.69 11.37 -1.63
C LEU A 29 -1.64 12.47 -0.58
N LYS A 30 -1.52 12.04 0.67
CA LYS A 30 -1.46 12.97 1.78
C LYS A 30 -0.01 13.15 2.22
N PRO A 31 0.28 14.34 2.81
CA PRO A 31 1.62 14.65 3.27
C PRO A 31 1.94 13.90 4.57
N CYS A 32 2.82 12.92 4.45
CA CYS A 32 3.22 12.13 5.60
C CYS A 32 4.68 11.71 5.42
N LEU A 33 5.34 11.43 6.53
CA LEU A 33 6.73 11.02 6.51
C LEU A 33 6.95 9.93 7.56
N PHE A 34 8.01 9.17 7.35
CA PHE A 34 8.35 8.10 8.27
C PHE A 34 9.73 8.32 8.90
N THR A 35 9.75 8.34 10.22
CA THR A 35 10.98 8.55 10.95
C THR A 35 11.47 7.23 11.56
N GLU A 36 12.55 7.33 12.32
CA GLU A 36 13.13 6.17 12.96
C GLU A 36 12.08 5.47 13.83
N LYS A 37 12.03 4.16 13.72
CA LYS A 37 11.09 3.36 14.49
C LYS A 37 9.67 3.60 13.96
N SER A 38 9.59 3.78 12.65
CA SER A 38 8.32 4.02 12.00
C SER A 38 7.80 2.72 11.38
N TYR A 39 6.69 2.24 11.92
CA TYR A 39 6.08 1.02 11.42
C TYR A 39 4.94 1.32 10.46
N LEU A 40 5.18 1.02 9.19
CA LEU A 40 4.18 1.26 8.16
C LEU A 40 3.10 0.19 8.25
N VAL A 41 3.54 -1.06 8.37
CA VAL A 41 2.63 -2.18 8.47
C VAL A 41 3.12 -3.14 9.55
N ARG A 42 2.16 -3.71 10.27
CA ARG A 42 2.48 -4.64 11.33
C ARG A 42 1.58 -5.88 11.24
N GLU A 43 2.19 -7.03 11.48
CA GLU A 43 1.47 -8.29 11.42
C GLU A 43 0.58 -8.43 12.66
N GLY A 44 -0.72 -8.57 12.42
CA GLY A 44 -1.68 -8.72 13.49
C GLY A 44 -2.73 -7.62 13.46
N ASP A 45 -2.26 -6.41 13.18
CA ASP A 45 -3.14 -5.25 13.11
C ASP A 45 -3.60 -5.06 11.66
N PRO A 46 -4.84 -4.50 11.52
CA PRO A 46 -5.40 -4.26 10.21
C PRO A 46 -4.73 -3.06 9.54
N VAL A 47 -5.02 -2.91 8.25
CA VAL A 47 -4.45 -1.81 7.48
C VAL A 47 -5.52 -0.73 7.28
N ASN A 48 -5.21 0.45 7.80
CA ASN A 48 -6.13 1.58 7.68
C ASN A 48 -5.84 2.34 6.39
N GLU A 49 -4.56 2.51 6.12
CA GLU A 49 -4.14 3.21 4.91
C GLU A 49 -2.86 2.58 4.35
N MET A 50 -2.66 2.80 3.07
CA MET A 50 -1.49 2.26 2.39
C MET A 50 -0.42 3.34 2.20
N LEU A 51 0.83 2.92 2.32
CA LEU A 51 1.95 3.83 2.17
C LEU A 51 2.75 3.45 0.92
N PHE A 52 2.81 4.39 -0.01
CA PHE A 52 3.53 4.17 -1.25
C PHE A 52 4.95 4.76 -1.18
N ILE A 53 5.92 3.87 -1.23
CA ILE A 53 7.31 4.29 -1.17
C ILE A 53 7.66 5.06 -2.44
N ILE A 54 8.21 6.26 -2.24
CA ILE A 54 8.59 7.10 -3.35
C ILE A 54 10.11 7.10 -3.50
N ARG A 55 10.78 7.35 -2.38
CA ARG A 55 12.23 7.39 -2.37
C ARG A 55 12.75 7.22 -0.93
N GLY A 56 13.36 6.08 -0.68
CA GLY A 56 13.91 5.80 0.64
C GLY A 56 14.24 4.32 0.79
N ARG A 57 14.33 3.89 2.05
CA ARG A 57 14.64 2.50 2.34
C ARG A 57 13.88 2.04 3.58
N LEU A 58 13.77 0.73 3.72
CA LEU A 58 13.08 0.15 4.86
C LEU A 58 13.56 -1.29 5.06
N GLU A 59 13.13 -1.87 6.17
CA GLU A 59 13.50 -3.23 6.50
C GLU A 59 12.25 -4.11 6.63
N SER A 60 12.18 -5.11 5.77
CA SER A 60 11.04 -6.02 5.77
C SER A 60 11.38 -7.27 6.61
N VAL A 61 10.42 -7.67 7.41
CA VAL A 61 10.59 -8.85 8.26
C VAL A 61 9.28 -9.61 8.36
N THR A 62 9.39 -10.91 8.55
CA THR A 62 8.22 -11.75 8.66
C THR A 62 8.55 -13.02 9.46
N THR A 63 7.60 -13.43 10.28
CA THR A 63 7.78 -14.62 11.10
C THR A 63 7.01 -15.80 10.49
N ASP A 64 5.80 -15.50 10.05
CA ASP A 64 4.95 -16.52 9.46
C ASP A 64 4.45 -17.46 10.55
N GLY A 65 3.61 -18.40 10.14
CA GLY A 65 3.06 -19.37 11.07
C GLY A 65 3.18 -20.79 10.52
N GLY A 66 2.75 -21.74 11.33
CA GLY A 66 2.80 -23.15 10.94
C GLY A 66 3.38 -24.00 12.07
N ARG A 67 4.71 -24.03 12.14
CA ARG A 67 5.39 -24.81 13.16
C ARG A 67 6.83 -24.31 13.32
N SER A 68 7.01 -23.43 14.29
CA SER A 68 8.33 -22.88 14.56
C SER A 68 8.86 -22.17 13.31
N GLY A 69 9.98 -21.49 13.50
CA GLY A 69 10.61 -20.78 12.40
C GLY A 69 11.31 -19.52 12.91
N PHE A 70 12.28 -19.06 12.11
CA PHE A 70 13.04 -17.87 12.47
C PHE A 70 12.54 -16.65 11.69
N TYR A 71 12.97 -15.48 12.14
CA TYR A 71 12.58 -14.24 11.50
C TYR A 71 13.33 -14.04 10.18
N ASN A 72 12.58 -14.09 9.10
CA ASN A 72 13.15 -13.93 7.77
C ASN A 72 13.26 -12.43 7.45
N ARG A 73 14.48 -11.94 7.47
CA ARG A 73 14.73 -10.54 7.18
C ARG A 73 14.98 -10.34 5.69
N SER A 74 14.51 -9.21 5.19
CA SER A 74 14.67 -8.88 3.78
C SER A 74 14.63 -7.37 3.58
N LEU A 75 14.94 -6.95 2.36
CA LEU A 75 14.95 -5.54 2.03
C LEU A 75 14.05 -5.30 0.81
N LEU A 76 13.56 -4.08 0.71
CA LEU A 76 12.70 -3.71 -0.41
C LEU A 76 13.44 -2.73 -1.32
N LYS A 77 12.90 -2.56 -2.51
CA LYS A 77 13.49 -1.67 -3.48
C LYS A 77 12.71 -0.35 -3.50
N GLU A 78 13.12 0.54 -4.39
CA GLU A 78 12.48 1.84 -4.51
C GLU A 78 11.14 1.70 -5.25
N GLY A 79 10.09 2.16 -4.59
CA GLY A 79 8.76 2.10 -5.17
C GLY A 79 8.00 0.87 -4.66
N ASP A 80 8.54 0.28 -3.60
CA ASP A 80 7.92 -0.89 -3.01
C ASP A 80 6.64 -0.46 -2.29
N PHE A 81 5.88 -1.47 -1.85
CA PHE A 81 4.63 -1.21 -1.16
C PHE A 81 4.37 -2.29 -0.10
N CYS A 82 3.61 -1.91 0.91
CA CYS A 82 3.27 -2.82 1.98
C CYS A 82 1.74 -2.91 2.09
N GLY A 83 1.28 -3.91 2.83
CA GLY A 83 -0.14 -4.10 3.01
C GLY A 83 -0.92 -3.79 1.73
N ASP A 84 -0.46 -4.40 0.64
CA ASP A 84 -1.09 -4.20 -0.65
C ASP A 84 -2.51 -4.77 -0.61
N GLU A 85 -2.77 -5.54 0.44
CA GLU A 85 -4.08 -6.15 0.60
C GLU A 85 -5.17 -5.07 0.67
N LEU A 86 -4.72 -3.84 0.90
CA LEU A 86 -5.63 -2.72 0.98
C LEU A 86 -6.21 -2.42 -0.40
N LEU A 87 -5.30 -2.23 -1.35
CA LEU A 87 -5.71 -1.94 -2.72
C LEU A 87 -6.80 -2.93 -3.15
N THR A 88 -6.42 -4.19 -3.18
CA THR A 88 -7.35 -5.25 -3.56
C THR A 88 -8.62 -5.16 -2.73
N TRP A 89 -8.43 -5.04 -1.43
CA TRP A 89 -9.56 -4.95 -0.51
C TRP A 89 -10.57 -3.96 -1.09
N ALA A 90 -10.07 -2.78 -1.42
CA ALA A 90 -10.93 -1.75 -1.99
C ALA A 90 -11.58 -2.27 -3.26
N LEU A 91 -10.73 -2.73 -4.19
CA LEU A 91 -11.21 -3.26 -5.44
C LEU A 91 -12.28 -4.32 -5.18
N ASP A 92 -12.10 -5.02 -4.06
CA ASP A 92 -13.03 -6.07 -3.68
C ASP A 92 -14.27 -5.43 -3.05
N PRO A 93 -15.43 -5.59 -3.75
CA PRO A 93 -16.68 -5.05 -3.27
C PRO A 93 -17.24 -5.87 -2.11
N LYS A 94 -16.84 -7.13 -2.09
CA LYS A 94 -17.29 -8.04 -1.04
C LYS A 94 -16.62 -7.66 0.28
N SER A 95 -15.35 -7.29 0.17
CA SER A 95 -14.59 -6.90 1.35
C SER A 95 -14.58 -8.04 2.37
N GLY A 96 -13.67 -7.92 3.33
CA GLY A 96 -13.55 -8.94 4.36
C GLY A 96 -14.09 -8.42 5.70
N SER A 97 -15.32 -7.93 5.65
CA SER A 97 -15.96 -7.40 6.84
C SER A 97 -15.32 -6.06 7.24
N ASN A 98 -14.04 -6.14 7.59
CA ASN A 98 -13.31 -4.95 7.99
C ASN A 98 -12.07 -4.81 7.10
N LEU A 99 -11.11 -4.06 7.60
CA LEU A 99 -9.88 -3.83 6.86
C LEU A 99 -9.07 -5.12 6.81
N PRO A 100 -8.16 -5.19 5.80
CA PRO A 100 -7.32 -6.37 5.63
C PRO A 100 -6.21 -6.41 6.68
N SER A 101 -5.53 -7.55 6.75
CA SER A 101 -4.46 -7.73 7.69
C SER A 101 -3.14 -7.97 6.96
N SER A 102 -2.15 -7.15 7.29
CA SER A 102 -0.84 -7.26 6.67
C SER A 102 -0.24 -8.65 6.95
N THR A 103 0.59 -9.09 6.03
CA THR A 103 1.23 -10.39 6.16
C THR A 103 2.75 -10.22 6.30
N ARG A 104 3.15 -8.98 6.56
CA ARG A 104 4.57 -8.67 6.72
C ARG A 104 4.73 -7.38 7.52
N THR A 105 5.87 -7.30 8.21
CA THR A 105 6.16 -6.12 9.02
C THR A 105 7.31 -5.33 8.40
N VAL A 106 7.26 -4.02 8.63
CA VAL A 106 8.28 -3.13 8.09
C VAL A 106 8.58 -2.04 9.11
N LYS A 107 9.75 -1.42 8.95
CA LYS A 107 10.17 -0.36 9.84
C LYS A 107 11.10 0.59 9.10
N ALA A 108 11.02 1.86 9.49
CA ALA A 108 11.84 2.89 8.86
C ALA A 108 13.16 3.03 9.64
N LEU A 109 14.25 2.70 8.97
CA LEU A 109 15.56 2.79 9.59
C LEU A 109 16.21 4.13 9.23
N THR A 110 15.69 4.72 8.16
CA THR A 110 16.21 6.00 7.69
C THR A 110 15.06 6.89 7.20
N GLU A 111 15.41 8.13 6.89
CA GLU A 111 14.43 9.08 6.40
C GLU A 111 13.80 8.57 5.10
N VAL A 112 12.49 8.39 5.16
CA VAL A 112 11.76 7.91 4.00
C VAL A 112 10.67 8.93 3.63
N GLU A 113 10.65 9.31 2.37
CA GLU A 113 9.68 10.27 1.87
C GLU A 113 8.69 9.59 0.95
N ALA A 114 7.43 9.56 1.37
CA ALA A 114 6.38 8.94 0.59
C ALA A 114 5.02 9.48 1.04
N PHE A 115 3.98 9.07 0.33
CA PHE A 115 2.64 9.50 0.65
C PHE A 115 1.81 8.34 1.22
N ALA A 116 0.66 8.70 1.78
CA ALA A 116 -0.23 7.70 2.36
C ALA A 116 -1.53 7.69 1.59
N LEU A 117 -2.18 6.53 1.60
CA LEU A 117 -3.44 6.36 0.90
C LEU A 117 -4.45 5.69 1.84
N ILE A 118 -5.54 6.39 2.10
CA ILE A 118 -6.59 5.87 2.96
C ILE A 118 -7.49 4.94 2.16
N ALA A 119 -7.94 3.88 2.82
CA ALA A 119 -8.82 2.91 2.18
C ALA A 119 -10.08 3.62 1.70
N ASP A 120 -10.72 4.33 2.63
CA ASP A 120 -11.94 5.05 2.32
C ASP A 120 -11.81 5.67 0.93
N GLU A 121 -10.94 6.66 0.83
CA GLU A 121 -10.71 7.34 -0.43
C GLU A 121 -10.43 6.33 -1.54
N LEU A 122 -9.69 5.29 -1.18
CA LEU A 122 -9.34 4.25 -2.13
C LEU A 122 -10.62 3.58 -2.63
N LYS A 123 -11.25 2.83 -1.74
CA LYS A 123 -12.48 2.13 -2.07
C LYS A 123 -13.43 3.09 -2.79
N PHE A 124 -13.51 4.30 -2.25
CA PHE A 124 -14.37 5.33 -2.83
C PHE A 124 -14.08 5.51 -4.32
N VAL A 125 -12.87 5.98 -4.59
CA VAL A 125 -12.46 6.21 -5.97
C VAL A 125 -12.54 4.89 -6.75
N ALA A 126 -12.21 3.81 -6.07
CA ALA A 126 -12.24 2.49 -6.68
C ALA A 126 -13.67 2.18 -7.12
N SER A 127 -14.54 2.05 -6.12
CA SER A 127 -15.94 1.75 -6.39
C SER A 127 -16.50 2.73 -7.43
N GLN A 128 -16.28 4.01 -7.16
CA GLN A 128 -16.75 5.05 -8.06
C GLN A 128 -16.54 4.63 -9.51
N PHE A 129 -15.36 4.10 -9.79
CA PHE A 129 -15.03 3.64 -11.13
C PHE A 129 -15.52 2.22 -11.37
N ARG A 130 -15.09 1.32 -10.49
CA ARG A 130 -15.48 -0.08 -10.60
C ARG A 130 -16.95 -0.19 -11.00
N ARG A 131 -17.18 -0.90 -12.09
CA ARG A 131 -18.52 -1.10 -12.59
C ARG A 131 -18.54 -2.17 -13.69
N SER A 132 -18.68 -3.41 -13.26
CA SER A 132 -18.71 -4.53 -14.19
C SER A 132 -19.15 -5.81 -13.47
N GLY A 133 -18.34 -6.20 -12.50
CA GLY A 133 -18.63 -7.40 -11.73
C GLY A 133 -17.36 -7.98 -11.11
N PRO A 134 -17.56 -8.72 -9.99
CA PRO A 134 -16.44 -9.33 -9.29
C PRO A 134 -15.92 -10.55 -10.05
N SER A 135 -15.12 -10.29 -11.07
CA SER A 135 -14.56 -11.35 -11.88
C SER A 135 -15.68 -12.14 -12.56
N SER A 136 -15.40 -12.61 -13.76
CA SER A 136 -16.36 -13.38 -14.51
C SER A 136 -16.38 -14.84 -14.04
N GLY A 137 -15.21 -15.47 -14.14
CA GLY A 137 -15.07 -16.85 -13.72
C GLY A 137 -15.92 -17.77 -14.59
N GLY A 1 7.62 19.13 -4.90
CA GLY A 1 7.29 19.03 -6.31
C GLY A 1 6.15 18.03 -6.54
N SER A 2 5.00 18.56 -6.94
CA SER A 2 3.84 17.72 -7.18
C SER A 2 4.20 16.61 -8.18
N SER A 3 3.64 15.44 -7.93
CA SER A 3 3.88 14.30 -8.79
C SER A 3 5.37 13.97 -8.80
N GLY A 4 5.69 12.77 -8.33
CA GLY A 4 7.07 12.32 -8.28
C GLY A 4 7.52 11.79 -9.65
N SER A 5 8.82 11.52 -9.74
CA SER A 5 9.39 11.00 -10.98
C SER A 5 8.44 9.98 -11.60
N SER A 6 8.02 10.26 -12.82
CA SER A 6 7.11 9.38 -13.53
C SER A 6 7.67 7.95 -13.53
N GLY A 7 7.10 7.13 -12.65
CA GLY A 7 7.53 5.75 -12.54
C GLY A 7 6.52 4.92 -11.74
N VAL A 8 5.33 4.80 -12.30
CA VAL A 8 4.28 4.04 -11.64
C VAL A 8 3.71 3.02 -12.62
N ARG A 9 3.34 3.51 -13.80
CA ARG A 9 2.78 2.64 -14.82
C ARG A 9 3.75 1.51 -15.15
N ARG A 10 3.60 0.41 -14.42
CA ARG A 10 4.46 -0.75 -14.62
C ARG A 10 4.15 -1.83 -13.58
N VAL A 11 3.82 -1.36 -12.38
CA VAL A 11 3.49 -2.27 -11.30
C VAL A 11 2.18 -2.98 -11.60
N PRO A 12 1.98 -4.15 -10.92
CA PRO A 12 0.77 -4.93 -11.11
C PRO A 12 -0.42 -4.28 -10.40
N LEU A 13 -0.11 -3.62 -9.30
CA LEU A 13 -1.15 -2.95 -8.51
C LEU A 13 -2.07 -2.18 -9.45
N PHE A 14 -1.50 -1.18 -10.11
CA PHE A 14 -2.26 -0.37 -11.03
C PHE A 14 -2.43 -1.06 -12.38
N GLU A 15 -3.06 -2.24 -12.33
CA GLU A 15 -3.29 -3.01 -13.53
C GLU A 15 -4.66 -2.66 -14.13
N ASN A 16 -5.68 -2.77 -13.31
CA ASN A 16 -7.04 -2.47 -13.74
C ASN A 16 -7.30 -0.98 -13.60
N MET A 17 -6.63 -0.39 -12.61
CA MET A 17 -6.78 1.03 -12.35
C MET A 17 -6.58 1.84 -13.63
N ASP A 18 -7.35 2.92 -13.73
CA ASP A 18 -7.27 3.79 -14.90
C ASP A 18 -6.57 5.09 -14.51
N GLU A 19 -5.98 5.73 -15.50
CA GLU A 19 -5.27 6.98 -15.27
C GLU A 19 -6.10 7.90 -14.37
N ARG A 20 -7.29 8.24 -14.85
CA ARG A 20 -8.19 9.10 -14.10
C ARG A 20 -8.27 8.64 -12.65
N LEU A 21 -8.19 7.34 -12.46
CA LEU A 21 -8.25 6.75 -11.13
C LEU A 21 -6.92 6.99 -10.41
N LEU A 22 -5.85 6.98 -11.20
CA LEU A 22 -4.53 7.19 -10.65
C LEU A 22 -4.43 8.60 -10.07
N ASP A 23 -4.75 9.57 -10.93
CA ASP A 23 -4.71 10.96 -10.51
C ASP A 23 -5.55 11.15 -9.25
N ALA A 24 -6.79 10.70 -9.34
CA ALA A 24 -7.71 10.80 -8.22
C ALA A 24 -7.04 10.24 -6.96
N ILE A 25 -6.54 9.01 -7.10
CA ILE A 25 -5.88 8.35 -5.99
C ILE A 25 -4.68 9.17 -5.56
N CYS A 26 -4.04 9.80 -6.53
CA CYS A 26 -2.87 10.62 -6.26
C CYS A 26 -3.32 11.85 -5.48
N GLU A 27 -4.34 12.51 -6.03
CA GLU A 27 -4.87 13.71 -5.39
C GLU A 27 -5.16 13.45 -3.91
N ARG A 28 -5.32 12.17 -3.59
CA ARG A 28 -5.59 11.78 -2.22
C ARG A 28 -4.30 11.77 -1.39
N LEU A 29 -3.23 11.37 -2.06
CA LEU A 29 -1.93 11.31 -1.40
C LEU A 29 -1.77 12.53 -0.49
N LYS A 30 -1.44 12.25 0.76
CA LYS A 30 -1.25 13.30 1.74
C LYS A 30 0.23 13.41 2.10
N PRO A 31 0.64 14.64 2.50
CA PRO A 31 2.02 14.88 2.87
C PRO A 31 2.34 14.29 4.25
N CYS A 32 3.11 13.22 4.23
CA CYS A 32 3.48 12.56 5.47
C CYS A 32 4.88 11.94 5.28
N LEU A 33 5.51 11.64 6.41
CA LEU A 33 6.84 11.06 6.38
C LEU A 33 6.97 10.04 7.51
N PHE A 34 7.83 9.06 7.28
CA PHE A 34 8.05 8.02 8.27
C PHE A 34 9.41 8.19 8.96
N THR A 35 9.35 8.48 10.25
CA THR A 35 10.56 8.67 11.04
C THR A 35 11.04 7.34 11.61
N GLU A 36 12.03 7.43 12.49
CA GLU A 36 12.58 6.25 13.13
C GLU A 36 11.53 5.59 14.03
N LYS A 37 11.51 4.26 13.98
CA LYS A 37 10.57 3.51 14.77
C LYS A 37 9.15 3.74 14.25
N SER A 38 9.05 3.80 12.93
CA SER A 38 7.77 4.03 12.29
C SER A 38 7.32 2.75 11.56
N TYR A 39 6.19 2.23 12.00
CA TYR A 39 5.64 1.02 11.41
C TYR A 39 4.61 1.36 10.33
N LEU A 40 4.94 0.98 9.10
CA LEU A 40 4.05 1.23 7.97
C LEU A 40 2.88 0.25 8.01
N VAL A 41 3.23 -1.03 8.02
CA VAL A 41 2.23 -2.08 8.05
C VAL A 41 2.65 -3.16 9.06
N ARG A 42 1.67 -3.92 9.51
CA ARG A 42 1.92 -4.98 10.47
C ARG A 42 1.18 -6.25 10.07
N GLU A 43 1.93 -7.35 10.05
CA GLU A 43 1.35 -8.64 9.68
C GLU A 43 0.30 -9.06 10.70
N GLY A 44 -0.90 -9.30 10.21
CA GLY A 44 -2.00 -9.71 11.06
C GLY A 44 -2.87 -8.52 11.44
N ASP A 45 -2.21 -7.39 11.65
CA ASP A 45 -2.91 -6.17 12.02
C ASP A 45 -3.65 -5.62 10.80
N PRO A 46 -4.69 -4.79 11.09
CA PRO A 46 -5.49 -4.19 10.03
C PRO A 46 -4.71 -3.07 9.33
N VAL A 47 -5.22 -2.68 8.17
CA VAL A 47 -4.60 -1.61 7.40
C VAL A 47 -5.58 -0.46 7.23
N ASN A 48 -5.26 0.65 7.86
CA ASN A 48 -6.11 1.84 7.79
C ASN A 48 -5.79 2.60 6.51
N GLU A 49 -4.51 2.75 6.24
CA GLU A 49 -4.06 3.45 5.05
C GLU A 49 -2.80 2.79 4.47
N MET A 50 -2.67 2.91 3.17
CA MET A 50 -1.52 2.33 2.48
C MET A 50 -0.42 3.37 2.27
N LEU A 51 0.82 2.89 2.25
CA LEU A 51 1.96 3.76 2.06
C LEU A 51 2.69 3.38 0.77
N PHE A 52 2.83 4.36 -0.10
CA PHE A 52 3.51 4.13 -1.37
C PHE A 52 4.94 4.66 -1.33
N ILE A 53 5.88 3.74 -1.17
CA ILE A 53 7.29 4.10 -1.12
C ILE A 53 7.66 4.85 -2.39
N ILE A 54 8.07 6.10 -2.21
CA ILE A 54 8.46 6.94 -3.33
C ILE A 54 9.98 6.87 -3.51
N ARG A 55 10.68 7.04 -2.40
CA ARG A 55 12.13 7.00 -2.42
C ARG A 55 12.68 6.87 -1.00
N GLY A 56 13.55 5.90 -0.82
CA GLY A 56 14.15 5.65 0.48
C GLY A 56 14.50 4.18 0.66
N ARG A 57 14.51 3.75 1.92
CA ARG A 57 14.82 2.37 2.24
C ARG A 57 14.04 1.92 3.48
N LEU A 58 13.82 0.62 3.56
CA LEU A 58 13.09 0.05 4.68
C LEU A 58 13.54 -1.39 4.90
N GLU A 59 13.08 -1.96 6.02
CA GLU A 59 13.43 -3.32 6.35
C GLU A 59 12.17 -4.17 6.53
N SER A 60 12.15 -5.29 5.83
CA SER A 60 11.00 -6.19 5.89
C SER A 60 11.32 -7.37 6.80
N VAL A 61 10.34 -7.71 7.64
CA VAL A 61 10.50 -8.82 8.57
C VAL A 61 9.17 -9.54 8.73
N THR A 62 9.25 -10.80 9.14
CA THR A 62 8.06 -11.61 9.34
C THR A 62 8.23 -12.51 10.57
N THR A 63 7.10 -12.97 11.08
CA THR A 63 7.10 -13.84 12.25
C THR A 63 5.67 -14.23 12.62
N ASP A 64 4.76 -13.29 12.45
CA ASP A 64 3.36 -13.53 12.76
C ASP A 64 2.61 -13.84 11.48
N GLY A 65 1.57 -14.66 11.63
CA GLY A 65 0.76 -15.06 10.49
C GLY A 65 0.35 -16.52 10.59
N GLY A 66 0.25 -17.16 9.43
CA GLY A 66 -0.14 -18.57 9.38
C GLY A 66 1.09 -19.48 9.48
N ARG A 67 1.95 -19.15 10.42
CA ARG A 67 3.16 -19.93 10.63
C ARG A 67 4.04 -19.28 11.71
N SER A 68 4.74 -20.11 12.44
CA SER A 68 5.62 -19.63 13.51
C SER A 68 7.01 -20.26 13.36
N GLY A 69 8.01 -19.40 13.33
CA GLY A 69 9.39 -19.86 13.21
C GLY A 69 10.35 -18.68 13.12
N PHE A 70 11.56 -18.97 12.66
CA PHE A 70 12.58 -17.95 12.53
C PHE A 70 12.05 -16.74 11.76
N TYR A 71 12.64 -15.60 12.04
CA TYR A 71 12.24 -14.37 11.38
C TYR A 71 12.97 -14.20 10.04
N ASN A 72 12.19 -14.24 8.97
CA ASN A 72 12.75 -14.09 7.63
C ASN A 72 12.99 -12.60 7.34
N ARG A 73 14.22 -12.17 7.60
CA ARG A 73 14.58 -10.79 7.37
C ARG A 73 14.79 -10.54 5.88
N SER A 74 14.43 -9.33 5.46
CA SER A 74 14.58 -8.95 4.06
C SER A 74 14.70 -7.43 3.94
N LEU A 75 15.00 -6.99 2.74
CA LEU A 75 15.14 -5.56 2.48
C LEU A 75 14.35 -5.20 1.22
N LEU A 76 13.99 -3.91 1.14
CA LEU A 76 13.23 -3.43 0.00
C LEU A 76 14.00 -2.28 -0.67
N LYS A 77 13.58 -1.97 -1.88
CA LYS A 77 14.21 -0.90 -2.63
C LYS A 77 13.14 -0.04 -3.30
N GLU A 78 13.60 0.96 -4.03
CA GLU A 78 12.69 1.86 -4.73
C GLU A 78 11.84 1.08 -5.73
N GLY A 79 10.53 1.17 -5.54
CA GLY A 79 9.60 0.47 -6.42
C GLY A 79 8.64 -0.41 -5.63
N ASP A 80 9.20 -1.07 -4.62
CA ASP A 80 8.41 -1.95 -3.78
C ASP A 80 7.43 -1.11 -2.95
N PHE A 81 6.26 -1.68 -2.71
CA PHE A 81 5.23 -1.00 -1.93
C PHE A 81 4.90 -1.79 -0.66
N CYS A 82 4.05 -1.19 0.16
CA CYS A 82 3.65 -1.82 1.39
C CYS A 82 2.12 -1.76 1.49
N GLY A 83 1.58 -2.47 2.46
CA GLY A 83 0.15 -2.50 2.67
C GLY A 83 -0.60 -2.51 1.34
N ASP A 84 0.03 -3.13 0.35
CA ASP A 84 -0.56 -3.21 -0.98
C ASP A 84 -1.91 -3.93 -0.88
N GLU A 85 -1.93 -4.98 -0.06
CA GLU A 85 -3.14 -5.75 0.13
C GLU A 85 -4.36 -4.82 0.28
N LEU A 86 -4.08 -3.62 0.77
CA LEU A 86 -5.13 -2.64 0.97
C LEU A 86 -5.72 -2.24 -0.39
N LEU A 87 -4.83 -2.02 -1.34
CA LEU A 87 -5.24 -1.63 -2.67
C LEU A 87 -6.29 -2.63 -3.18
N THR A 88 -5.92 -3.90 -3.17
CA THR A 88 -6.81 -4.95 -3.63
C THR A 88 -8.09 -4.96 -2.77
N TRP A 89 -7.89 -4.90 -1.46
CA TRP A 89 -9.02 -4.89 -0.54
C TRP A 89 -10.11 -4.00 -1.12
N ALA A 90 -9.75 -2.74 -1.33
CA ALA A 90 -10.69 -1.78 -1.88
C ALA A 90 -11.30 -2.34 -3.17
N LEU A 91 -10.42 -2.67 -4.10
CA LEU A 91 -10.86 -3.22 -5.37
C LEU A 91 -11.80 -4.40 -5.12
N ASP A 92 -11.60 -5.05 -3.98
CA ASP A 92 -12.42 -6.18 -3.61
C ASP A 92 -13.65 -5.69 -2.84
N PRO A 93 -14.84 -5.89 -3.50
CA PRO A 93 -16.09 -5.47 -2.89
C PRO A 93 -16.51 -6.42 -1.77
N LYS A 94 -16.18 -7.69 -1.97
CA LYS A 94 -16.51 -8.71 -0.98
C LYS A 94 -15.97 -8.29 0.38
N SER A 95 -14.75 -7.78 0.37
CA SER A 95 -14.11 -7.33 1.60
C SER A 95 -15.01 -6.33 2.33
N GLY A 96 -15.32 -5.25 1.64
CA GLY A 96 -16.17 -4.21 2.21
C GLY A 96 -15.66 -3.78 3.58
N SER A 97 -16.23 -4.41 4.61
CA SER A 97 -15.85 -4.10 5.98
C SER A 97 -14.59 -4.89 6.36
N ASN A 98 -14.11 -4.64 7.57
CA ASN A 98 -12.93 -5.32 8.06
C ASN A 98 -11.73 -4.95 7.18
N LEU A 99 -10.79 -4.23 7.77
CA LEU A 99 -9.60 -3.81 7.06
C LEU A 99 -8.75 -5.04 6.73
N PRO A 100 -7.88 -4.88 5.69
CA PRO A 100 -7.02 -5.97 5.28
C PRO A 100 -5.85 -6.13 6.25
N SER A 101 -5.06 -7.18 6.01
CA SER A 101 -3.92 -7.46 6.86
C SER A 101 -2.64 -7.46 6.03
N SER A 102 -1.56 -7.00 6.65
CA SER A 102 -0.28 -6.94 5.99
C SER A 102 0.31 -8.35 5.84
N THR A 103 1.22 -8.47 4.89
CA THR A 103 1.86 -9.75 4.63
C THR A 103 3.26 -9.78 5.24
N ARG A 104 3.78 -8.60 5.54
CA ARG A 104 5.10 -8.47 6.12
C ARG A 104 5.17 -7.23 7.02
N THR A 105 6.14 -7.25 7.93
CA THR A 105 6.33 -6.14 8.84
C THR A 105 7.50 -5.26 8.37
N VAL A 106 7.15 -4.10 7.84
CA VAL A 106 8.15 -3.16 7.36
C VAL A 106 8.39 -2.09 8.42
N LYS A 107 9.64 -1.65 8.50
CA LYS A 107 10.01 -0.63 9.46
C LYS A 107 10.89 0.41 8.78
N ALA A 108 10.91 1.60 9.37
CA ALA A 108 11.70 2.69 8.82
C ALA A 108 13.01 2.81 9.61
N LEU A 109 14.12 2.59 8.92
CA LEU A 109 15.42 2.67 9.54
C LEU A 109 16.07 4.01 9.19
N THR A 110 15.66 4.55 8.05
CA THR A 110 16.19 5.82 7.59
C THR A 110 15.06 6.71 7.06
N GLU A 111 15.36 8.00 6.98
CA GLU A 111 14.38 8.96 6.50
C GLU A 111 13.72 8.45 5.22
N VAL A 112 12.44 8.12 5.34
CA VAL A 112 11.69 7.61 4.21
C VAL A 112 10.80 8.73 3.65
N GLU A 113 10.70 8.76 2.33
CA GLU A 113 9.89 9.77 1.67
C GLU A 113 8.79 9.11 0.84
N ALA A 114 7.57 9.21 1.34
CA ALA A 114 6.43 8.63 0.65
C ALA A 114 5.15 9.31 1.14
N PHE A 115 4.04 8.94 0.51
CA PHE A 115 2.75 9.49 0.87
C PHE A 115 1.84 8.43 1.48
N ALA A 116 0.71 8.89 1.99
CA ALA A 116 -0.25 7.99 2.61
C ALA A 116 -1.49 7.90 1.72
N LEU A 117 -2.25 6.83 1.94
CA LEU A 117 -3.46 6.59 1.17
C LEU A 117 -4.48 5.86 2.03
N ILE A 118 -5.62 6.50 2.22
CA ILE A 118 -6.68 5.91 3.02
C ILE A 118 -7.49 4.94 2.17
N ALA A 119 -7.95 3.87 2.81
CA ALA A 119 -8.72 2.86 2.12
C ALA A 119 -10.05 3.47 1.65
N ASP A 120 -10.74 4.09 2.59
CA ASP A 120 -12.01 4.72 2.29
C ASP A 120 -11.93 5.41 0.93
N GLU A 121 -11.19 6.51 0.90
CA GLU A 121 -11.02 7.26 -0.32
C GLU A 121 -10.68 6.33 -1.49
N LEU A 122 -9.89 5.31 -1.18
CA LEU A 122 -9.49 4.33 -2.18
C LEU A 122 -10.73 3.58 -2.68
N LYS A 123 -11.31 2.80 -1.78
CA LYS A 123 -12.49 2.02 -2.11
C LYS A 123 -13.51 2.93 -2.80
N PHE A 124 -13.65 4.13 -2.26
CA PHE A 124 -14.59 5.09 -2.80
C PHE A 124 -14.36 5.29 -4.31
N VAL A 125 -13.20 5.81 -4.64
CA VAL A 125 -12.86 6.05 -6.03
C VAL A 125 -12.91 4.72 -6.80
N ALA A 126 -12.65 3.65 -6.07
CA ALA A 126 -12.67 2.32 -6.66
C ALA A 126 -14.11 1.97 -7.06
N SER A 127 -14.99 2.00 -6.08
CA SER A 127 -16.38 1.68 -6.31
C SER A 127 -16.98 2.67 -7.31
N GLN A 128 -16.88 3.94 -6.96
CA GLN A 128 -17.40 5.00 -7.82
C GLN A 128 -17.17 4.65 -9.30
N PHE A 129 -15.90 4.53 -9.65
CA PHE A 129 -15.53 4.20 -11.02
C PHE A 129 -16.41 3.06 -11.56
N ARG A 130 -16.52 2.01 -10.77
CA ARG A 130 -17.32 0.87 -11.15
C ARG A 130 -18.80 1.25 -11.25
N ARG A 131 -19.23 1.52 -12.48
CA ARG A 131 -20.62 1.90 -12.71
C ARG A 131 -21.09 1.37 -14.06
N SER A 132 -20.36 1.75 -15.10
CA SER A 132 -20.68 1.32 -16.45
C SER A 132 -19.70 0.25 -16.92
N GLY A 133 -20.03 -0.98 -16.61
CA GLY A 133 -19.18 -2.11 -16.99
C GLY A 133 -17.77 -1.93 -16.45
N PRO A 134 -16.90 -2.93 -16.75
CA PRO A 134 -15.52 -2.90 -16.30
C PRO A 134 -14.70 -1.90 -17.12
N SER A 135 -13.48 -1.67 -16.66
CA SER A 135 -12.59 -0.75 -17.34
C SER A 135 -11.77 -1.49 -18.40
N SER A 136 -12.38 -1.70 -19.55
CA SER A 136 -11.72 -2.39 -20.64
C SER A 136 -11.42 -3.83 -20.23
N GLY A 137 -12.44 -4.67 -20.33
CA GLY A 137 -12.29 -6.07 -19.98
C GLY A 137 -13.59 -6.84 -20.24
N GLY A 1 2.59 13.91 -15.29
CA GLY A 1 4.03 13.65 -15.27
C GLY A 1 4.31 12.15 -15.16
N SER A 2 3.97 11.43 -16.23
CA SER A 2 4.18 10.00 -16.26
C SER A 2 5.68 9.69 -16.28
N SER A 3 6.09 8.87 -15.33
CA SER A 3 7.50 8.49 -15.23
C SER A 3 7.61 7.09 -14.60
N GLY A 4 8.81 6.53 -14.71
CA GLY A 4 9.07 5.21 -14.17
C GLY A 4 10.27 4.57 -14.83
N SER A 5 11.38 4.54 -14.10
CA SER A 5 12.60 3.95 -14.62
C SER A 5 12.54 2.43 -14.50
N SER A 6 12.23 1.97 -13.30
CA SER A 6 12.14 0.54 -13.04
C SER A 6 10.89 0.23 -12.22
N GLY A 7 10.31 -0.93 -12.48
CA GLY A 7 9.11 -1.35 -11.77
C GLY A 7 8.08 -0.23 -11.72
N VAL A 8 7.14 -0.36 -10.79
CA VAL A 8 6.10 0.63 -10.62
C VAL A 8 5.15 0.58 -11.82
N ARG A 9 5.72 0.83 -12.99
CA ARG A 9 4.94 0.81 -14.22
C ARG A 9 4.81 -0.63 -14.75
N ARG A 10 4.50 -1.53 -13.84
CA ARG A 10 4.35 -2.93 -14.21
C ARG A 10 4.01 -3.76 -12.96
N VAL A 11 3.22 -3.16 -12.09
CA VAL A 11 2.81 -3.84 -10.87
C VAL A 11 1.43 -4.48 -11.08
N PRO A 12 1.13 -5.49 -10.23
CA PRO A 12 -0.14 -6.19 -10.31
C PRO A 12 -1.28 -5.33 -9.75
N LEU A 13 -0.89 -4.34 -8.96
CA LEU A 13 -1.87 -3.45 -8.36
C LEU A 13 -2.56 -2.63 -9.47
N PHE A 14 -1.77 -1.84 -10.16
CA PHE A 14 -2.28 -1.01 -11.23
C PHE A 14 -2.44 -1.83 -12.52
N GLU A 15 -3.22 -2.89 -12.41
CA GLU A 15 -3.46 -3.76 -13.55
C GLU A 15 -4.65 -3.25 -14.37
N ASN A 16 -5.76 -3.03 -13.68
CA ASN A 16 -6.96 -2.54 -14.33
C ASN A 16 -7.16 -1.07 -13.97
N MET A 17 -6.11 -0.47 -13.43
CA MET A 17 -6.15 0.92 -13.04
C MET A 17 -6.45 1.82 -14.24
N ASP A 18 -7.26 2.85 -13.99
CA ASP A 18 -7.62 3.79 -15.04
C ASP A 18 -6.95 5.14 -14.77
N GLU A 19 -6.51 5.76 -15.85
CA GLU A 19 -5.86 7.05 -15.74
C GLU A 19 -6.55 7.92 -14.69
N ARG A 20 -7.82 8.21 -14.95
CA ARG A 20 -8.60 9.02 -14.04
C ARG A 20 -8.45 8.50 -12.61
N LEU A 21 -8.33 7.19 -12.49
CA LEU A 21 -8.19 6.56 -11.19
C LEU A 21 -6.78 6.85 -10.65
N LEU A 22 -5.82 6.83 -11.56
CA LEU A 22 -4.44 7.09 -11.18
C LEU A 22 -4.34 8.45 -10.50
N ASP A 23 -4.81 9.47 -11.19
CA ASP A 23 -4.78 10.82 -10.66
C ASP A 23 -5.59 10.86 -9.35
N ALA A 24 -6.80 10.34 -9.43
CA ALA A 24 -7.68 10.31 -8.27
C ALA A 24 -6.90 9.80 -7.06
N ILE A 25 -6.41 8.57 -7.18
CA ILE A 25 -5.65 7.95 -6.11
C ILE A 25 -4.46 8.84 -5.75
N CYS A 26 -3.98 9.56 -6.77
CA CYS A 26 -2.85 10.44 -6.58
C CYS A 26 -3.30 11.61 -5.70
N GLU A 27 -4.44 12.18 -6.06
CA GLU A 27 -4.98 13.31 -5.31
C GLU A 27 -5.24 12.89 -3.86
N ARG A 28 -5.32 11.59 -3.65
CA ARG A 28 -5.56 11.07 -2.32
C ARG A 28 -4.28 11.13 -1.48
N LEU A 29 -3.16 10.90 -2.14
CA LEU A 29 -1.87 10.93 -1.47
C LEU A 29 -1.79 12.19 -0.60
N LYS A 30 -1.46 11.98 0.66
CA LYS A 30 -1.34 13.09 1.60
C LYS A 30 0.13 13.24 2.00
N PRO A 31 0.47 14.48 2.46
CA PRO A 31 1.83 14.78 2.87
C PRO A 31 2.13 14.17 4.25
N CYS A 32 2.95 13.13 4.23
CA CYS A 32 3.31 12.45 5.46
C CYS A 32 4.72 11.86 5.28
N LEU A 33 5.36 11.59 6.42
CA LEU A 33 6.70 11.03 6.40
C LEU A 33 6.83 10.01 7.53
N PHE A 34 7.77 9.09 7.34
CA PHE A 34 8.00 8.06 8.34
C PHE A 34 9.35 8.28 9.05
N THR A 35 9.25 8.65 10.32
CA THR A 35 10.43 8.89 11.11
C THR A 35 10.96 7.59 11.70
N GLU A 36 11.93 7.72 12.59
CA GLU A 36 12.53 6.56 13.23
C GLU A 36 11.51 5.85 14.11
N LYS A 37 11.55 4.53 14.06
CA LYS A 37 10.64 3.72 14.85
C LYS A 37 9.23 3.85 14.28
N SER A 38 9.17 3.89 12.96
CA SER A 38 7.89 4.01 12.27
C SER A 38 7.56 2.71 11.53
N TYR A 39 6.50 2.05 11.98
CA TYR A 39 6.08 0.81 11.38
C TYR A 39 4.91 1.03 10.41
N LEU A 40 5.23 0.97 9.13
CA LEU A 40 4.23 1.17 8.10
C LEU A 40 3.07 0.21 8.33
N VAL A 41 3.38 -1.08 8.19
CA VAL A 41 2.37 -2.11 8.37
C VAL A 41 2.90 -3.15 9.35
N ARG A 42 2.01 -3.61 10.23
CA ARG A 42 2.37 -4.61 11.22
C ARG A 42 1.42 -5.80 11.14
N GLU A 43 2.00 -6.99 11.15
CA GLU A 43 1.22 -8.21 11.08
C GLU A 43 0.43 -8.41 12.38
N GLY A 44 -0.88 -8.52 12.22
CA GLY A 44 -1.76 -8.71 13.37
C GLY A 44 -2.75 -7.55 13.50
N ASP A 45 -2.27 -6.37 13.14
CA ASP A 45 -3.09 -5.17 13.21
C ASP A 45 -3.72 -4.91 11.85
N PRO A 46 -4.85 -4.16 11.86
CA PRO A 46 -5.56 -3.83 10.64
C PRO A 46 -4.82 -2.74 9.86
N VAL A 47 -5.30 -2.49 8.65
CA VAL A 47 -4.69 -1.48 7.80
C VAL A 47 -5.68 -0.34 7.59
N ASN A 48 -5.36 0.80 8.18
CA ASN A 48 -6.19 1.98 8.07
C ASN A 48 -5.86 2.73 6.77
N GLU A 49 -4.57 2.86 6.53
CA GLU A 49 -4.10 3.55 5.33
C GLU A 49 -2.88 2.83 4.75
N MET A 50 -2.73 2.97 3.44
CA MET A 50 -1.60 2.34 2.75
C MET A 50 -0.46 3.32 2.55
N LEU A 51 0.75 2.79 2.57
CA LEU A 51 1.94 3.60 2.40
C LEU A 51 2.64 3.22 1.10
N PHE A 52 2.90 4.23 0.29
CA PHE A 52 3.56 4.01 -0.99
C PHE A 52 4.99 4.57 -0.97
N ILE A 53 5.95 3.67 -0.85
CA ILE A 53 7.35 4.06 -0.82
C ILE A 53 7.69 4.80 -2.12
N ILE A 54 8.17 6.02 -1.95
CA ILE A 54 8.55 6.84 -3.10
C ILE A 54 10.07 6.79 -3.27
N ARG A 55 10.76 7.03 -2.17
CA ARG A 55 12.22 7.03 -2.19
C ARG A 55 12.76 6.97 -0.76
N GLY A 56 13.63 5.99 -0.53
CA GLY A 56 14.22 5.81 0.78
C GLY A 56 14.59 4.35 1.02
N ARG A 57 14.76 4.01 2.28
CA ARG A 57 15.11 2.65 2.67
C ARG A 57 14.21 2.17 3.80
N LEU A 58 14.08 0.86 3.91
CA LEU A 58 13.26 0.25 4.94
C LEU A 58 13.69 -1.19 5.15
N GLU A 59 13.13 -1.80 6.19
CA GLU A 59 13.45 -3.19 6.51
C GLU A 59 12.19 -4.04 6.49
N SER A 60 12.21 -5.06 5.65
CA SER A 60 11.08 -5.96 5.53
C SER A 60 11.34 -7.25 6.32
N VAL A 61 10.32 -7.68 7.04
CA VAL A 61 10.43 -8.90 7.83
C VAL A 61 9.14 -9.70 7.68
N THR A 62 9.29 -11.02 7.81
CA THR A 62 8.16 -11.92 7.70
C THR A 62 8.23 -13.01 8.76
N THR A 63 7.08 -13.30 9.35
CA THR A 63 7.00 -14.32 10.39
C THR A 63 6.62 -15.67 9.78
N ASP A 64 5.48 -15.67 9.10
CA ASP A 64 4.99 -16.89 8.47
C ASP A 64 5.03 -18.03 9.48
N GLY A 65 3.90 -18.24 10.14
CA GLY A 65 3.80 -19.30 11.12
C GLY A 65 3.03 -20.50 10.56
N GLY A 66 3.65 -21.66 10.69
CA GLY A 66 3.05 -22.90 10.20
C GLY A 66 4.02 -23.67 9.31
N ARG A 67 5.24 -23.81 9.80
CA ARG A 67 6.27 -24.52 9.06
C ARG A 67 7.61 -24.45 9.80
N SER A 68 8.05 -23.22 10.02
CA SER A 68 9.31 -23.00 10.72
C SER A 68 9.18 -21.80 11.65
N GLY A 69 10.15 -21.68 12.56
CA GLY A 69 10.16 -20.59 13.51
C GLY A 69 11.41 -19.73 13.35
N PHE A 70 11.46 -19.00 12.24
CA PHE A 70 12.60 -18.14 11.96
C PHE A 70 12.17 -16.91 11.16
N TYR A 71 12.62 -15.75 11.61
CA TYR A 71 12.30 -14.51 10.94
C TYR A 71 13.28 -14.22 9.81
N ASN A 72 12.76 -14.26 8.58
CA ASN A 72 13.57 -14.02 7.41
C ASN A 72 13.56 -12.52 7.09
N ARG A 73 14.65 -11.85 7.49
CA ARG A 73 14.77 -10.43 7.26
C ARG A 73 15.15 -10.16 5.80
N SER A 74 14.54 -9.12 5.24
CA SER A 74 14.81 -8.75 3.86
C SER A 74 14.78 -7.23 3.72
N LEU A 75 15.17 -6.77 2.53
CA LEU A 75 15.20 -5.34 2.26
C LEU A 75 14.34 -5.06 1.02
N LEU A 76 13.81 -3.85 0.98
CA LEU A 76 12.97 -3.44 -0.14
C LEU A 76 13.63 -2.25 -0.86
N LYS A 77 13.17 -2.02 -2.08
CA LYS A 77 13.71 -0.93 -2.88
C LYS A 77 12.55 -0.12 -3.46
N GLU A 78 12.91 0.87 -4.27
CA GLU A 78 11.92 1.73 -4.89
C GLU A 78 11.02 0.91 -5.83
N GLY A 79 9.73 0.93 -5.53
CA GLY A 79 8.77 0.19 -6.34
C GLY A 79 7.93 -0.75 -5.47
N ASP A 80 8.58 -1.27 -4.44
CA ASP A 80 7.90 -2.19 -3.52
C ASP A 80 6.88 -1.41 -2.70
N PHE A 81 5.72 -2.02 -2.53
CA PHE A 81 4.65 -1.40 -1.77
C PHE A 81 4.27 -2.26 -0.56
N CYS A 82 3.71 -1.60 0.45
CA CYS A 82 3.31 -2.29 1.65
C CYS A 82 1.78 -2.23 1.76
N GLY A 83 1.25 -2.94 2.73
CA GLY A 83 -0.19 -2.97 2.94
C GLY A 83 -0.95 -2.93 1.61
N ASP A 84 -0.35 -3.58 0.62
CA ASP A 84 -0.96 -3.63 -0.70
C ASP A 84 -2.34 -4.28 -0.61
N GLU A 85 -2.50 -5.11 0.42
CA GLU A 85 -3.76 -5.80 0.64
C GLU A 85 -4.89 -4.79 0.77
N LEU A 86 -4.52 -3.57 1.09
CA LEU A 86 -5.50 -2.50 1.26
C LEU A 86 -5.99 -2.06 -0.13
N LEU A 87 -5.06 -1.96 -1.06
CA LEU A 87 -5.38 -1.56 -2.41
C LEU A 87 -6.45 -2.50 -2.99
N THR A 88 -6.17 -3.79 -2.86
CA THR A 88 -7.09 -4.80 -3.36
C THR A 88 -8.34 -4.85 -2.49
N TRP A 89 -8.13 -4.69 -1.19
CA TRP A 89 -9.23 -4.71 -0.24
C TRP A 89 -10.40 -3.94 -0.85
N ALA A 90 -10.17 -2.65 -1.03
CA ALA A 90 -11.19 -1.79 -1.60
C ALA A 90 -11.78 -2.45 -2.85
N LEU A 91 -10.89 -2.90 -3.72
CA LEU A 91 -11.31 -3.55 -4.95
C LEU A 91 -12.29 -4.68 -4.61
N ASP A 92 -12.00 -5.36 -3.51
CA ASP A 92 -12.85 -6.45 -3.06
C ASP A 92 -14.09 -5.89 -2.38
N PRO A 93 -15.27 -6.14 -3.01
CA PRO A 93 -16.53 -5.67 -2.48
C PRO A 93 -16.96 -6.51 -1.27
N LYS A 94 -16.67 -7.79 -1.36
CA LYS A 94 -17.03 -8.72 -0.29
C LYS A 94 -16.47 -8.19 1.03
N SER A 95 -15.26 -7.64 0.96
CA SER A 95 -14.61 -7.10 2.14
C SER A 95 -15.58 -6.18 2.89
N GLY A 96 -15.26 -5.96 4.16
CA GLY A 96 -16.09 -5.11 5.00
C GLY A 96 -15.92 -5.48 6.48
N SER A 97 -16.91 -5.09 7.27
CA SER A 97 -16.89 -5.37 8.70
C SER A 97 -15.75 -4.59 9.37
N ASN A 98 -14.54 -5.07 9.15
CA ASN A 98 -13.37 -4.44 9.71
C ASN A 98 -12.22 -4.48 8.70
N LEU A 99 -11.38 -3.46 8.78
CA LEU A 99 -10.24 -3.37 7.87
C LEU A 99 -9.52 -4.72 7.82
N PRO A 100 -8.78 -4.94 6.70
CA PRO A 100 -8.05 -6.18 6.52
C PRO A 100 -6.80 -6.21 7.39
N SER A 101 -6.06 -7.31 7.29
CA SER A 101 -4.84 -7.47 8.06
C SER A 101 -3.66 -7.65 7.13
N SER A 102 -2.67 -6.78 7.29
CA SER A 102 -1.46 -6.84 6.47
C SER A 102 -0.52 -7.91 7.00
N THR A 103 -0.11 -8.79 6.09
CA THR A 103 0.79 -9.87 6.47
C THR A 103 2.24 -9.44 6.27
N ARG A 104 2.44 -8.13 6.28
CA ARG A 104 3.77 -7.57 6.10
C ARG A 104 4.21 -6.85 7.38
N THR A 105 5.52 -6.70 7.52
CA THR A 105 6.08 -6.04 8.67
C THR A 105 7.31 -5.22 8.29
N VAL A 106 7.10 -3.92 8.11
CA VAL A 106 8.18 -3.03 7.74
C VAL A 106 8.35 -1.96 8.82
N LYS A 107 9.48 -1.29 8.77
CA LYS A 107 9.77 -0.24 9.73
C LYS A 107 10.78 0.75 9.12
N ALA A 108 10.68 2.00 9.56
CA ALA A 108 11.57 3.03 9.06
C ALA A 108 12.79 3.12 9.97
N LEU A 109 13.92 2.71 9.43
CA LEU A 109 15.17 2.73 10.18
C LEU A 109 15.95 4.00 9.83
N THR A 110 15.65 4.53 8.64
CA THR A 110 16.31 5.74 8.18
C THR A 110 15.30 6.66 7.50
N GLU A 111 15.63 7.95 7.49
CA GLU A 111 14.77 8.94 6.87
C GLU A 111 14.21 8.42 5.56
N VAL A 112 12.89 8.53 5.42
CA VAL A 112 12.23 8.08 4.21
C VAL A 112 11.25 9.16 3.73
N GLU A 113 10.83 9.02 2.48
CA GLU A 113 9.91 9.96 1.89
C GLU A 113 8.86 9.23 1.06
N ALA A 114 7.61 9.35 1.52
CA ALA A 114 6.50 8.71 0.83
C ALA A 114 5.20 9.37 1.25
N PHE A 115 4.12 8.95 0.60
CA PHE A 115 2.81 9.49 0.90
C PHE A 115 1.92 8.45 1.58
N ALA A 116 0.75 8.90 2.01
CA ALA A 116 -0.19 8.02 2.67
C ALA A 116 -1.45 7.88 1.81
N LEU A 117 -2.13 6.75 1.97
CA LEU A 117 -3.34 6.49 1.22
C LEU A 117 -4.40 5.88 2.16
N ILE A 118 -5.51 6.59 2.28
CA ILE A 118 -6.60 6.13 3.12
C ILE A 118 -7.46 5.13 2.35
N ALA A 119 -7.95 4.13 3.08
CA ALA A 119 -8.78 3.11 2.47
C ALA A 119 -10.11 3.73 2.04
N ASP A 120 -10.69 4.50 2.94
CA ASP A 120 -11.96 5.16 2.68
C ASP A 120 -11.92 5.76 1.27
N GLU A 121 -11.12 6.81 1.12
CA GLU A 121 -10.99 7.47 -0.16
C GLU A 121 -10.76 6.45 -1.27
N LEU A 122 -10.16 5.33 -0.89
CA LEU A 122 -9.87 4.27 -1.84
C LEU A 122 -11.20 3.68 -2.34
N LYS A 123 -11.88 2.99 -1.44
CA LYS A 123 -13.15 2.38 -1.77
C LYS A 123 -13.96 3.33 -2.67
N PHE A 124 -14.01 4.58 -2.24
CA PHE A 124 -14.74 5.59 -2.98
C PHE A 124 -14.34 5.59 -4.46
N VAL A 125 -13.06 5.79 -4.69
CA VAL A 125 -12.53 5.81 -6.05
C VAL A 125 -12.62 4.40 -6.64
N ALA A 126 -12.54 3.42 -5.75
CA ALA A 126 -12.59 2.03 -6.17
C ALA A 126 -13.80 1.83 -7.09
N SER A 127 -14.88 2.54 -6.77
CA SER A 127 -16.09 2.45 -7.55
C SER A 127 -15.98 3.32 -8.80
N GLN A 128 -15.10 4.32 -8.71
CA GLN A 128 -14.88 5.23 -9.83
C GLN A 128 -14.03 4.56 -10.90
N PHE A 129 -13.48 3.41 -10.55
CA PHE A 129 -12.64 2.66 -11.47
C PHE A 129 -13.28 2.60 -12.86
N ARG A 130 -14.56 2.22 -12.87
CA ARG A 130 -15.29 2.12 -14.12
C ARG A 130 -15.05 3.35 -14.98
N ARG A 131 -15.26 3.18 -16.28
CA ARG A 131 -15.07 4.27 -17.23
C ARG A 131 -16.38 5.02 -17.44
N SER A 132 -16.24 6.31 -17.74
CA SER A 132 -17.41 7.15 -17.96
C SER A 132 -17.23 7.93 -19.27
N GLY A 133 -18.33 8.06 -19.99
CA GLY A 133 -18.31 8.78 -21.26
C GLY A 133 -18.34 7.82 -22.44
N PRO A 134 -18.21 8.41 -23.66
CA PRO A 134 -18.22 7.60 -24.87
C PRO A 134 -16.91 6.85 -25.05
N SER A 135 -16.91 5.92 -25.99
CA SER A 135 -15.73 5.12 -26.26
C SER A 135 -15.15 5.49 -27.63
N SER A 136 -15.99 5.34 -28.65
CA SER A 136 -15.58 5.65 -30.01
C SER A 136 -15.34 7.16 -30.15
N GLY A 137 -16.38 7.92 -29.85
CA GLY A 137 -16.30 9.37 -29.93
C GLY A 137 -17.47 9.93 -30.74
N GLY A 1 10.07 18.02 -8.06
CA GLY A 1 9.67 16.99 -9.00
C GLY A 1 9.52 17.55 -10.42
N SER A 2 8.56 17.02 -11.13
CA SER A 2 8.29 17.46 -12.49
C SER A 2 7.12 18.45 -12.51
N SER A 3 5.98 17.97 -12.02
CA SER A 3 4.79 18.80 -11.97
C SER A 3 3.84 18.26 -10.90
N GLY A 4 3.45 17.01 -11.07
CA GLY A 4 2.55 16.37 -10.12
C GLY A 4 2.50 14.86 -10.34
N SER A 5 1.93 14.47 -11.48
CA SER A 5 1.81 13.06 -11.81
C SER A 5 3.20 12.40 -11.76
N SER A 6 3.45 11.70 -10.66
CA SER A 6 4.71 11.03 -10.48
C SER A 6 4.54 9.84 -9.52
N GLY A 7 4.47 8.66 -10.11
CA GLY A 7 4.31 7.45 -9.33
C GLY A 7 3.73 6.32 -10.18
N VAL A 8 3.66 5.13 -9.58
CA VAL A 8 3.15 3.97 -10.27
C VAL A 8 4.02 3.69 -11.50
N ARG A 9 5.26 3.33 -11.23
CA ARG A 9 6.20 3.04 -12.29
C ARG A 9 5.90 1.67 -12.90
N ARG A 10 5.01 1.67 -13.89
CA ARG A 10 4.62 0.44 -14.56
C ARG A 10 4.28 -0.63 -13.52
N VAL A 11 3.55 -0.21 -12.50
CA VAL A 11 3.15 -1.13 -11.44
C VAL A 11 1.96 -1.96 -11.92
N PRO A 12 1.98 -3.27 -11.54
CA PRO A 12 0.92 -4.19 -11.93
C PRO A 12 -0.35 -3.94 -11.11
N LEU A 13 -0.13 -3.55 -9.86
CA LEU A 13 -1.25 -3.27 -8.97
C LEU A 13 -2.33 -2.51 -9.73
N PHE A 14 -1.98 -1.30 -10.15
CA PHE A 14 -2.91 -0.46 -10.89
C PHE A 14 -2.97 -0.87 -12.36
N GLU A 15 -3.36 -2.12 -12.58
CA GLU A 15 -3.46 -2.64 -13.93
C GLU A 15 -4.80 -2.25 -14.55
N ASN A 16 -5.87 -2.51 -13.81
CA ASN A 16 -7.20 -2.19 -14.28
C ASN A 16 -7.44 -0.68 -14.11
N MET A 17 -6.89 -0.14 -13.04
CA MET A 17 -7.04 1.28 -12.77
C MET A 17 -6.99 2.10 -14.05
N ASP A 18 -7.70 3.22 -14.03
CA ASP A 18 -7.74 4.09 -15.18
C ASP A 18 -6.97 5.38 -14.87
N GLU A 19 -6.48 6.01 -15.92
CA GLU A 19 -5.72 7.25 -15.78
C GLU A 19 -6.39 8.15 -14.73
N ARG A 20 -7.64 8.48 -14.99
CA ARG A 20 -8.38 9.34 -14.07
C ARG A 20 -8.29 8.79 -12.65
N LEU A 21 -8.28 7.47 -12.55
CA LEU A 21 -8.21 6.81 -11.26
C LEU A 21 -6.81 7.02 -10.68
N LEU A 22 -5.82 6.99 -11.55
CA LEU A 22 -4.44 7.17 -11.14
C LEU A 22 -4.29 8.54 -10.47
N ASP A 23 -4.76 9.55 -11.17
CA ASP A 23 -4.68 10.91 -10.66
C ASP A 23 -5.52 11.02 -9.38
N ALA A 24 -6.74 10.51 -9.46
CA ALA A 24 -7.65 10.53 -8.32
C ALA A 24 -6.91 10.02 -7.09
N ILE A 25 -6.32 8.85 -7.23
CA ILE A 25 -5.58 8.24 -6.14
C ILE A 25 -4.34 9.08 -5.84
N CYS A 26 -3.90 9.81 -6.84
CA CYS A 26 -2.73 10.65 -6.70
C CYS A 26 -3.10 11.86 -5.84
N GLU A 27 -4.10 12.59 -6.30
CA GLU A 27 -4.57 13.76 -5.58
C GLU A 27 -4.87 13.40 -4.12
N ARG A 28 -5.20 12.15 -3.90
CA ARG A 28 -5.50 11.67 -2.56
C ARG A 28 -4.24 11.67 -1.69
N LEU A 29 -3.11 11.41 -2.34
CA LEU A 29 -1.84 11.39 -1.65
C LEU A 29 -1.78 12.54 -0.65
N LYS A 30 -1.61 12.19 0.61
CA LYS A 30 -1.54 13.19 1.67
C LYS A 30 -0.08 13.34 2.12
N PRO A 31 0.23 14.56 2.65
CA PRO A 31 1.57 14.85 3.12
C PRO A 31 1.84 14.16 4.45
N CYS A 32 2.69 13.14 4.40
CA CYS A 32 3.04 12.39 5.60
C CYS A 32 4.46 11.85 5.42
N LEU A 33 5.12 11.63 6.54
CA LEU A 33 6.47 11.10 6.52
C LEU A 33 6.65 10.12 7.69
N PHE A 34 7.58 9.20 7.50
CA PHE A 34 7.86 8.20 8.52
C PHE A 34 9.25 8.42 9.14
N THR A 35 9.29 8.39 10.46
CA THR A 35 10.54 8.58 11.18
C THR A 35 11.03 7.25 11.74
N GLU A 36 12.03 7.34 12.60
CA GLU A 36 12.61 6.16 13.21
C GLU A 36 11.57 5.46 14.10
N LYS A 37 11.58 4.13 14.02
CA LYS A 37 10.64 3.33 14.80
C LYS A 37 9.24 3.49 14.22
N SER A 38 9.19 3.63 12.89
CA SER A 38 7.92 3.79 12.21
C SER A 38 7.53 2.48 11.51
N TYR A 39 6.44 1.90 11.98
CA TYR A 39 5.95 0.66 11.41
C TYR A 39 4.81 0.92 10.42
N LEU A 40 5.13 0.76 9.16
CA LEU A 40 4.15 0.97 8.10
C LEU A 40 3.07 -0.11 8.20
N VAL A 41 3.50 -1.36 8.02
CA VAL A 41 2.58 -2.48 8.08
C VAL A 41 3.20 -3.58 8.95
N ARG A 42 2.32 -4.36 9.57
CA ARG A 42 2.76 -5.45 10.43
C ARG A 42 1.99 -6.73 10.09
N GLU A 43 2.45 -7.82 10.69
CA GLU A 43 1.81 -9.11 10.46
C GLU A 43 0.78 -9.40 11.55
N GLY A 44 -0.48 -9.23 11.17
CA GLY A 44 -1.58 -9.47 12.10
C GLY A 44 -2.44 -8.22 12.26
N ASP A 45 -1.79 -7.07 12.21
CA ASP A 45 -2.48 -5.80 12.35
C ASP A 45 -3.16 -5.45 11.02
N PRO A 46 -4.32 -4.74 11.13
CA PRO A 46 -5.07 -4.34 9.96
C PRO A 46 -4.39 -3.18 9.23
N VAL A 47 -4.93 -2.86 8.07
CA VAL A 47 -4.38 -1.77 7.27
C VAL A 47 -5.43 -0.68 7.12
N ASN A 48 -5.11 0.48 7.67
CA ASN A 48 -6.02 1.62 7.61
C ASN A 48 -5.73 2.43 6.34
N GLU A 49 -4.44 2.58 6.06
CA GLU A 49 -4.01 3.32 4.89
C GLU A 49 -2.78 2.67 4.26
N MET A 50 -2.65 2.86 2.96
CA MET A 50 -1.52 2.29 2.23
C MET A 50 -0.41 3.33 2.06
N LEU A 51 0.82 2.83 2.05
CA LEU A 51 1.98 3.69 1.90
C LEU A 51 2.73 3.32 0.62
N PHE A 52 2.79 4.27 -0.30
CA PHE A 52 3.47 4.04 -1.56
C PHE A 52 4.91 4.57 -1.51
N ILE A 53 5.84 3.65 -1.37
CA ILE A 53 7.25 4.00 -1.30
C ILE A 53 7.63 4.79 -2.56
N ILE A 54 8.04 6.03 -2.32
CA ILE A 54 8.44 6.90 -3.42
C ILE A 54 9.96 6.86 -3.58
N ARG A 55 10.64 7.11 -2.46
CA ARG A 55 12.10 7.11 -2.47
C ARG A 55 12.62 7.06 -1.03
N GLY A 56 12.94 5.85 -0.59
CA GLY A 56 13.46 5.66 0.75
C GLY A 56 13.96 4.23 0.95
N ARG A 57 14.05 3.82 2.20
CA ARG A 57 14.51 2.49 2.55
C ARG A 57 13.77 1.96 3.77
N LEU A 58 13.73 0.64 3.88
CA LEU A 58 13.06 0.00 5.00
C LEU A 58 13.53 -1.45 5.12
N GLU A 59 13.13 -2.08 6.20
CA GLU A 59 13.49 -3.47 6.44
C GLU A 59 12.25 -4.30 6.75
N SER A 60 12.10 -5.39 6.01
CA SER A 60 10.97 -6.28 6.20
C SER A 60 11.40 -7.51 6.99
N VAL A 61 10.54 -7.91 7.91
CA VAL A 61 10.82 -9.07 8.75
C VAL A 61 9.54 -9.90 8.89
N THR A 62 9.74 -11.20 9.10
CA THR A 62 8.61 -12.11 9.26
C THR A 62 8.71 -12.84 10.60
N THR A 63 7.55 -13.21 11.11
CA THR A 63 7.49 -13.92 12.38
C THR A 63 6.73 -15.24 12.22
N ASP A 64 5.55 -15.14 11.64
CA ASP A 64 4.71 -16.31 11.43
C ASP A 64 5.53 -17.39 10.72
N GLY A 65 5.03 -18.61 10.79
CA GLY A 65 5.69 -19.73 10.15
C GLY A 65 5.86 -19.50 8.65
N GLY A 66 6.04 -20.61 7.94
CA GLY A 66 6.21 -20.54 6.50
C GLY A 66 7.69 -20.46 6.12
N ARG A 67 8.51 -21.19 6.87
CA ARG A 67 9.93 -21.22 6.63
C ARG A 67 10.64 -22.08 7.68
N SER A 68 10.46 -21.68 8.93
CA SER A 68 11.07 -22.40 10.03
C SER A 68 12.59 -22.28 9.95
N GLY A 69 13.14 -21.38 10.75
CA GLY A 69 14.57 -21.17 10.77
C GLY A 69 14.91 -19.68 11.01
N PHE A 70 14.82 -19.28 12.26
CA PHE A 70 15.10 -17.90 12.63
C PHE A 70 14.28 -16.93 11.78
N TYR A 71 14.34 -15.66 12.17
CA TYR A 71 13.61 -14.63 11.46
C TYR A 71 14.24 -14.37 10.09
N ASN A 72 13.38 -14.20 9.10
CA ASN A 72 13.83 -13.95 7.74
C ASN A 72 13.83 -12.43 7.49
N ARG A 73 15.02 -11.84 7.66
CA ARG A 73 15.17 -10.42 7.46
C ARG A 73 15.37 -10.11 5.98
N SER A 74 14.87 -8.95 5.57
CA SER A 74 14.99 -8.53 4.18
C SER A 74 14.92 -7.01 4.09
N LEU A 75 15.20 -6.50 2.89
CA LEU A 75 15.17 -5.07 2.66
C LEU A 75 14.36 -4.77 1.40
N LEU A 76 13.80 -3.57 1.35
CA LEU A 76 13.02 -3.16 0.21
C LEU A 76 13.66 -1.94 -0.46
N LYS A 77 13.31 -1.73 -1.72
CA LYS A 77 13.86 -0.62 -2.47
C LYS A 77 12.72 0.15 -3.14
N GLU A 78 13.09 1.03 -4.05
CA GLU A 78 12.12 1.82 -4.78
C GLU A 78 11.32 0.94 -5.74
N GLY A 79 10.02 0.94 -5.55
CA GLY A 79 9.14 0.14 -6.40
C GLY A 79 8.28 -0.81 -5.56
N ASP A 80 8.84 -1.22 -4.43
CA ASP A 80 8.14 -2.13 -3.54
C ASP A 80 7.09 -1.36 -2.75
N PHE A 81 5.94 -1.99 -2.57
CA PHE A 81 4.86 -1.37 -1.83
C PHE A 81 4.49 -2.19 -0.59
N CYS A 82 3.95 -1.49 0.40
CA CYS A 82 3.56 -2.14 1.64
C CYS A 82 2.03 -2.14 1.72
N GLY A 83 1.51 -3.01 2.56
CA GLY A 83 0.07 -3.12 2.74
C GLY A 83 -0.66 -2.93 1.41
N ASP A 84 -0.34 -3.82 0.47
CA ASP A 84 -0.96 -3.76 -0.84
C ASP A 84 -2.38 -4.33 -0.76
N GLU A 85 -2.54 -5.30 0.13
CA GLU A 85 -3.83 -5.93 0.32
C GLU A 85 -4.95 -4.88 0.34
N LEU A 86 -4.57 -3.69 0.78
CA LEU A 86 -5.52 -2.59 0.85
C LEU A 86 -6.08 -2.30 -0.54
N LEU A 87 -5.16 -2.12 -1.48
CA LEU A 87 -5.56 -1.84 -2.86
C LEU A 87 -6.66 -2.81 -3.28
N THR A 88 -6.33 -4.09 -3.23
CA THR A 88 -7.28 -5.12 -3.60
C THR A 88 -8.54 -5.03 -2.73
N TRP A 89 -8.32 -4.89 -1.43
CA TRP A 89 -9.41 -4.79 -0.49
C TRP A 89 -10.44 -3.81 -1.06
N ALA A 90 -9.98 -2.59 -1.29
CA ALA A 90 -10.84 -1.56 -1.84
C ALA A 90 -11.42 -2.03 -3.18
N LEU A 91 -10.55 -2.65 -3.97
CA LEU A 91 -10.95 -3.16 -5.27
C LEU A 91 -11.93 -4.31 -5.09
N ASP A 92 -12.05 -4.74 -3.85
CA ASP A 92 -12.96 -5.84 -3.52
C ASP A 92 -14.09 -5.31 -2.64
N PRO A 93 -15.30 -5.22 -3.26
CA PRO A 93 -16.48 -4.74 -2.55
C PRO A 93 -17.00 -5.79 -1.58
N LYS A 94 -16.80 -7.05 -1.95
CA LYS A 94 -17.24 -8.16 -1.13
C LYS A 94 -16.61 -8.06 0.26
N SER A 95 -15.35 -7.63 0.26
CA SER A 95 -14.62 -7.48 1.52
C SER A 95 -14.48 -6.01 1.86
N GLY A 96 -15.56 -5.45 2.40
CA GLY A 96 -15.57 -4.05 2.78
C GLY A 96 -15.27 -3.89 4.28
N SER A 97 -16.12 -4.50 5.08
CA SER A 97 -15.97 -4.43 6.52
C SER A 97 -14.68 -5.14 6.95
N ASN A 98 -14.12 -4.68 8.05
CA ASN A 98 -12.90 -5.26 8.57
C ASN A 98 -11.75 -4.97 7.60
N LEU A 99 -10.84 -4.11 8.04
CA LEU A 99 -9.69 -3.75 7.23
C LEU A 99 -8.82 -4.99 6.99
N PRO A 100 -8.02 -4.92 5.90
CA PRO A 100 -7.14 -6.02 5.54
C PRO A 100 -5.93 -6.08 6.48
N SER A 101 -5.29 -7.24 6.52
CA SER A 101 -4.13 -7.44 7.36
C SER A 101 -2.90 -7.75 6.50
N SER A 102 -1.86 -6.98 6.72
CA SER A 102 -0.62 -7.17 5.98
C SER A 102 0.01 -8.52 6.32
N THR A 103 0.61 -9.13 5.31
CA THR A 103 1.23 -10.43 5.49
C THR A 103 2.75 -10.26 5.62
N ARG A 104 3.16 -9.08 6.02
CA ARG A 104 4.57 -8.78 6.19
C ARG A 104 4.75 -7.53 7.05
N THR A 105 5.88 -7.49 7.75
CA THR A 105 6.17 -6.36 8.62
C THR A 105 7.27 -5.49 8.00
N VAL A 106 7.29 -4.23 8.41
CA VAL A 106 8.27 -3.30 7.90
C VAL A 106 8.43 -2.14 8.90
N LYS A 107 9.66 -1.63 8.98
CA LYS A 107 9.96 -0.54 9.88
C LYS A 107 10.91 0.44 9.20
N ALA A 108 10.79 1.70 9.58
CA ALA A 108 11.63 2.74 9.01
C ALA A 108 12.92 2.85 9.82
N LEU A 109 14.02 2.51 9.17
CA LEU A 109 15.33 2.57 9.82
C LEU A 109 16.02 3.87 9.43
N THR A 110 15.64 4.39 8.28
CA THR A 110 16.22 5.63 7.79
C THR A 110 15.13 6.56 7.25
N GLU A 111 15.50 7.81 7.06
CA GLU A 111 14.57 8.80 6.54
C GLU A 111 13.82 8.24 5.34
N VAL A 112 12.51 8.14 5.48
CA VAL A 112 11.67 7.62 4.41
C VAL A 112 10.83 8.77 3.83
N GLU A 113 10.60 8.69 2.53
CA GLU A 113 9.82 9.71 1.84
C GLU A 113 8.78 9.04 0.93
N ALA A 114 7.52 9.13 1.36
CA ALA A 114 6.44 8.56 0.59
C ALA A 114 5.12 9.21 1.03
N PHE A 115 4.05 8.83 0.33
CA PHE A 115 2.74 9.37 0.63
C PHE A 115 1.86 8.31 1.28
N ALA A 116 0.71 8.76 1.77
CA ALA A 116 -0.23 7.86 2.43
C ALA A 116 -1.51 7.79 1.59
N LEU A 117 -2.20 6.66 1.72
CA LEU A 117 -3.43 6.45 0.99
C LEU A 117 -4.46 5.77 1.91
N ILE A 118 -5.57 6.47 2.12
CA ILE A 118 -6.63 5.95 2.97
C ILE A 118 -7.52 5.00 2.16
N ALA A 119 -7.94 3.93 2.81
CA ALA A 119 -8.78 2.95 2.17
C ALA A 119 -10.09 3.61 1.75
N ASP A 120 -10.66 4.37 2.67
CA ASP A 120 -11.91 5.06 2.42
C ASP A 120 -11.86 5.70 1.04
N GLU A 121 -11.03 6.73 0.93
CA GLU A 121 -10.88 7.44 -0.33
C GLU A 121 -10.62 6.46 -1.47
N LEU A 122 -9.85 5.44 -1.16
CA LEU A 122 -9.51 4.42 -2.15
C LEU A 122 -10.80 3.73 -2.61
N LYS A 123 -11.38 2.96 -1.69
CA LYS A 123 -12.62 2.25 -1.99
C LYS A 123 -13.58 3.18 -2.71
N PHE A 124 -13.73 4.38 -2.15
CA PHE A 124 -14.61 5.37 -2.73
C PHE A 124 -14.34 5.56 -4.22
N VAL A 125 -13.11 5.97 -4.52
CA VAL A 125 -12.71 6.19 -5.89
C VAL A 125 -12.72 4.86 -6.64
N ALA A 126 -12.52 3.79 -5.87
CA ALA A 126 -12.50 2.45 -6.45
C ALA A 126 -13.91 2.09 -6.94
N SER A 127 -14.89 2.38 -6.10
CA SER A 127 -16.27 2.09 -6.43
C SER A 127 -16.85 3.20 -7.31
N GLN A 128 -16.74 4.42 -6.81
CA GLN A 128 -17.24 5.58 -7.53
C GLN A 128 -17.00 5.41 -9.03
N PHE A 129 -15.73 5.20 -9.37
CA PHE A 129 -15.35 5.02 -10.75
C PHE A 129 -16.04 3.79 -11.36
N ARG A 130 -15.82 2.66 -10.70
CA ARG A 130 -16.41 1.41 -11.17
C ARG A 130 -17.83 1.65 -11.68
N ARG A 131 -18.24 0.80 -12.62
CA ARG A 131 -19.56 0.91 -13.19
C ARG A 131 -19.69 2.19 -14.02
N SER A 132 -20.14 2.04 -15.24
CA SER A 132 -20.31 3.17 -16.13
C SER A 132 -18.94 3.71 -16.56
N GLY A 133 -18.39 3.09 -17.58
CA GLY A 133 -17.09 3.49 -18.10
C GLY A 133 -16.83 2.88 -19.48
N PRO A 134 -15.51 2.80 -19.83
CA PRO A 134 -15.12 2.24 -21.11
C PRO A 134 -15.25 0.71 -21.10
N SER A 135 -14.59 0.09 -20.13
CA SER A 135 -14.62 -1.36 -20.01
C SER A 135 -13.88 -1.79 -18.75
N SER A 136 -14.52 -2.69 -18.01
CA SER A 136 -13.93 -3.19 -16.77
C SER A 136 -13.77 -2.06 -15.76
N GLY A 137 -14.23 -2.33 -14.54
CA GLY A 137 -14.14 -1.33 -13.49
C GLY A 137 -12.72 -1.25 -12.92
#